data_2YU7
#
_entry.id   2YU7
#
loop_
_entity.id
_entity.type
_entity.pdbx_description
1 polymer 'Tyrosine-protein phosphatase non-receptor type 6'
2 polymer 'natural killer group 2A'
#
loop_
_entity_poly.entity_id
_entity_poly.type
_entity_poly.pdbx_seq_one_letter_code
_entity_poly.pdbx_strand_id
1 'polypeptide(L)'
;GSSGSSGWYHGHMSGGQAETLLQAKGEPWTFLVRESLSQPGDFVLSVLSDQPKAGPGSPLRVTHIKVMCEGGRYTVGGLE
TFDSLTDLVEHFKKTGIEEASGAFVYLRQPYYSGPSSG
;
A
2 'polypeptide(L)' ATEQEIT(PTR)AELNLQK B
#
# COMPACT_ATOMS: atom_id res chain seq x y z
N GLY A 1 16.99 -4.52 22.81
CA GLY A 1 17.56 -4.60 21.48
C GLY A 1 16.66 -3.99 20.43
N SER A 2 16.70 -2.66 20.32
CA SER A 2 15.89 -1.95 19.35
C SER A 2 14.41 -2.01 19.74
N SER A 3 14.14 -1.79 21.02
CA SER A 3 12.77 -1.83 21.52
C SER A 3 12.21 -0.42 21.67
N GLY A 4 11.21 -0.09 20.87
CA GLY A 4 10.61 1.23 20.92
C GLY A 4 9.27 1.29 20.23
N SER A 5 8.98 2.42 19.59
CA SER A 5 7.72 2.61 18.89
C SER A 5 7.85 2.20 17.43
N SER A 6 7.47 0.97 17.11
CA SER A 6 7.54 0.46 15.75
C SER A 6 6.17 0.46 15.09
N GLY A 7 6.15 0.20 13.78
CA GLY A 7 4.90 0.18 13.05
C GLY A 7 5.09 -0.09 11.58
N TRP A 8 4.03 0.10 10.80
CA TRP A 8 4.09 -0.13 9.36
C TRP A 8 4.55 1.13 8.63
N TYR A 9 4.26 2.29 9.20
CA TYR A 9 4.64 3.56 8.60
C TYR A 9 6.13 3.57 8.26
N HIS A 10 6.43 3.81 6.99
CA HIS A 10 7.82 3.84 6.53
C HIS A 10 8.35 5.27 6.53
N GLY A 11 7.82 6.10 5.64
CA GLY A 11 8.25 7.48 5.56
C GLY A 11 8.52 7.92 4.13
N HIS A 12 9.62 7.44 3.57
CA HIS A 12 9.99 7.79 2.20
C HIS A 12 10.18 6.53 1.36
N MET A 13 9.49 6.48 0.23
CA MET A 13 9.56 5.33 -0.67
C MET A 13 8.87 5.63 -2.00
N SER A 14 9.29 4.95 -3.05
CA SER A 14 8.71 5.15 -4.38
C SER A 14 8.07 3.85 -4.88
N GLY A 15 6.97 3.99 -5.62
CA GLY A 15 6.29 2.83 -6.14
C GLY A 15 7.23 1.81 -6.73
N GLY A 16 8.42 2.26 -7.12
CA GLY A 16 9.41 1.37 -7.69
C GLY A 16 10.16 0.57 -6.65
N GLN A 17 10.40 1.20 -5.50
CA GLN A 17 11.11 0.54 -4.41
C GLN A 17 10.20 -0.43 -3.67
N ALA A 18 8.97 -0.02 -3.44
CA ALA A 18 7.99 -0.85 -2.75
C ALA A 18 7.91 -2.24 -3.38
N GLU A 19 7.52 -2.28 -4.65
CA GLU A 19 7.40 -3.53 -5.38
C GLU A 19 8.59 -4.43 -5.11
N THR A 20 9.78 -3.83 -5.02
CA THR A 20 11.00 -4.57 -4.77
C THR A 20 11.09 -5.03 -3.32
N LEU A 21 10.78 -4.12 -2.40
CA LEU A 21 10.82 -4.43 -0.97
C LEU A 21 9.76 -5.48 -0.62
N LEU A 22 8.50 -5.12 -0.78
CA LEU A 22 7.40 -6.03 -0.48
C LEU A 22 7.70 -7.43 -0.98
N GLN A 23 8.08 -7.54 -2.26
CA GLN A 23 8.40 -8.83 -2.85
C GLN A 23 9.58 -9.47 -2.15
N ALA A 24 10.60 -8.66 -1.85
CA ALA A 24 11.79 -9.16 -1.18
C ALA A 24 11.43 -10.04 0.01
N LYS A 25 10.53 -9.54 0.85
CA LYS A 25 10.10 -10.29 2.03
C LYS A 25 9.38 -11.57 1.63
N GLY A 26 8.51 -11.48 0.65
CA GLY A 26 7.77 -12.65 0.18
C GLY A 26 6.60 -12.98 1.07
N GLU A 27 5.94 -11.96 1.59
CA GLU A 27 4.78 -12.14 2.47
C GLU A 27 3.51 -11.64 1.81
N PRO A 28 2.53 -12.55 1.63
CA PRO A 28 1.25 -12.22 1.02
C PRO A 28 0.39 -11.33 1.91
N TRP A 29 -0.41 -10.47 1.27
CA TRP A 29 -1.28 -9.56 2.01
C TRP A 29 -0.47 -8.59 2.86
N THR A 30 0.67 -8.15 2.33
CA THR A 30 1.53 -7.22 3.03
C THR A 30 1.38 -5.80 2.51
N PHE A 31 0.88 -4.91 3.36
CA PHE A 31 0.68 -3.52 2.99
C PHE A 31 1.74 -2.62 3.62
N LEU A 32 2.01 -1.49 2.97
CA LEU A 32 3.01 -0.55 3.46
C LEU A 32 2.66 0.87 3.05
N VAL A 33 2.69 1.79 4.02
CA VAL A 33 2.37 3.19 3.75
C VAL A 33 3.64 3.99 3.49
N ARG A 34 3.63 4.77 2.41
CA ARG A 34 4.77 5.59 2.05
C ARG A 34 4.33 6.96 1.55
N GLU A 35 5.26 7.91 1.55
CA GLU A 35 4.96 9.26 1.10
C GLU A 35 4.93 9.33 -0.43
N SER A 36 4.08 10.21 -0.95
CA SER A 36 3.94 10.38 -2.40
C SER A 36 5.27 10.80 -3.02
N LEU A 37 5.25 11.05 -4.33
CA LEU A 37 6.45 11.46 -5.04
C LEU A 37 6.19 12.74 -5.85
N SER A 38 5.02 12.81 -6.49
CA SER A 38 4.66 13.97 -7.29
C SER A 38 3.31 14.52 -6.86
N GLN A 39 2.77 13.97 -5.76
CA GLN A 39 1.48 14.41 -5.24
C GLN A 39 1.67 15.32 -4.03
N PRO A 40 0.80 16.32 -3.89
CA PRO A 40 0.84 17.27 -2.79
C PRO A 40 0.44 16.63 -1.45
N GLY A 41 1.39 16.61 -0.52
CA GLY A 41 1.13 16.02 0.79
C GLY A 41 0.24 14.80 0.70
N ASP A 42 0.58 13.88 -0.20
CA ASP A 42 -0.21 12.66 -0.39
C ASP A 42 0.65 11.43 -0.10
N PHE A 43 0.00 10.26 -0.06
CA PHE A 43 0.70 9.01 0.21
C PHE A 43 0.28 7.93 -0.78
N VAL A 44 0.93 6.78 -0.70
CA VAL A 44 0.62 5.66 -1.58
C VAL A 44 0.51 4.35 -0.80
N LEU A 45 -0.58 3.64 -1.01
CA LEU A 45 -0.81 2.37 -0.32
C LEU A 45 -0.40 1.19 -1.21
N SER A 46 0.71 0.54 -0.84
CA SER A 46 1.21 -0.59 -1.60
C SER A 46 0.97 -1.90 -0.85
N VAL A 47 0.26 -2.83 -1.49
CA VAL A 47 -0.03 -4.12 -0.88
C VAL A 47 0.42 -5.27 -1.77
N LEU A 48 1.01 -6.29 -1.16
CA LEU A 48 1.49 -7.45 -1.91
C LEU A 48 0.43 -8.54 -1.94
N SER A 49 -0.07 -8.85 -3.13
CA SER A 49 -1.09 -9.88 -3.30
C SER A 49 -0.46 -11.27 -3.25
N ASP A 50 -1.26 -12.25 -2.84
CA ASP A 50 -0.79 -13.63 -2.74
C ASP A 50 -0.85 -14.32 -4.10
N GLN A 51 -0.98 -13.52 -5.16
CA GLN A 51 -1.04 -14.06 -6.51
C GLN A 51 0.16 -13.60 -7.34
N PRO A 52 0.89 -14.58 -7.90
CA PRO A 52 2.08 -14.30 -8.71
C PRO A 52 1.72 -13.67 -10.05
N LYS A 53 2.65 -12.89 -10.60
CA LYS A 53 2.43 -12.23 -11.88
C LYS A 53 2.38 -13.24 -13.02
N ALA A 54 3.20 -14.27 -12.92
CA ALA A 54 3.24 -15.32 -13.94
C ALA A 54 2.88 -16.68 -13.35
N GLY A 55 3.75 -17.20 -12.48
CA GLY A 55 3.49 -18.49 -11.86
C GLY A 55 4.53 -18.83 -10.82
N PRO A 56 4.89 -20.13 -10.75
CA PRO A 56 5.88 -20.63 -9.79
C PRO A 56 7.29 -20.15 -10.13
N GLY A 57 7.67 -18.99 -9.60
CA GLY A 57 8.99 -18.44 -9.85
C GLY A 57 8.97 -16.95 -10.09
N SER A 58 7.77 -16.38 -10.10
CA SER A 58 7.61 -14.93 -10.33
C SER A 58 7.20 -14.23 -9.05
N PRO A 59 7.53 -12.93 -8.96
CA PRO A 59 7.21 -12.10 -7.79
C PRO A 59 5.71 -11.84 -7.66
N LEU A 60 5.28 -11.56 -6.44
CA LEU A 60 3.86 -11.30 -6.17
C LEU A 60 3.48 -9.91 -6.67
N ARG A 61 2.35 -9.83 -7.37
CA ARG A 61 1.87 -8.56 -7.90
C ARG A 61 1.53 -7.59 -6.77
N VAL A 62 1.86 -6.31 -6.96
CA VAL A 62 1.59 -5.29 -5.97
C VAL A 62 0.45 -4.38 -6.40
N THR A 63 -0.19 -3.73 -5.43
CA THR A 63 -1.29 -2.82 -5.72
C THR A 63 -1.05 -1.45 -5.11
N HIS A 64 -0.88 -0.45 -5.97
CA HIS A 64 -0.63 0.92 -5.52
C HIS A 64 -1.93 1.72 -5.54
N ILE A 65 -2.49 1.95 -4.35
CA ILE A 65 -3.73 2.71 -4.23
C ILE A 65 -3.46 4.13 -3.74
N LYS A 66 -3.54 5.09 -4.64
CA LYS A 66 -3.31 6.50 -4.30
C LYS A 66 -4.09 6.88 -3.05
N VAL A 67 -3.37 7.29 -2.01
CA VAL A 67 -3.99 7.70 -0.76
C VAL A 67 -4.04 9.22 -0.64
N MET A 68 -5.25 9.76 -0.61
CA MET A 68 -5.44 11.20 -0.49
C MET A 68 -5.49 11.63 0.97
N CYS A 69 -4.86 12.76 1.28
CA CYS A 69 -4.82 13.27 2.64
C CYS A 69 -5.42 14.68 2.70
N GLU A 70 -6.53 14.81 3.42
CA GLU A 70 -7.19 16.10 3.56
C GLU A 70 -6.85 16.75 4.89
N GLY A 71 -5.77 17.55 4.90
CA GLY A 71 -5.35 18.22 6.12
C GLY A 71 -4.83 17.26 7.16
N GLY A 72 -5.75 16.56 7.83
CA GLY A 72 -5.35 15.61 8.86
C GLY A 72 -6.08 14.29 8.73
N ARG A 73 -6.72 14.08 7.58
CA ARG A 73 -7.46 12.84 7.34
C ARG A 73 -6.89 12.09 6.14
N TYR A 74 -7.49 10.96 5.81
CA TYR A 74 -7.04 10.14 4.69
C TYR A 74 -8.23 9.49 3.98
N THR A 75 -8.08 9.25 2.68
CA THR A 75 -9.13 8.63 1.89
C THR A 75 -8.57 8.01 0.62
N VAL A 76 -9.39 7.21 -0.06
CA VAL A 76 -8.98 6.55 -1.28
C VAL A 76 -10.17 6.32 -2.21
N GLY A 77 -10.18 7.01 -3.34
CA GLY A 77 -11.26 6.86 -4.30
C GLY A 77 -12.53 7.56 -3.84
N GLY A 78 -12.94 7.29 -2.61
CA GLY A 78 -14.15 7.90 -2.08
C GLY A 78 -13.85 9.11 -1.22
N LEU A 79 -14.89 9.68 -0.63
CA LEU A 79 -14.74 10.86 0.24
C LEU A 79 -14.43 10.44 1.67
N GLU A 80 -14.84 9.23 2.04
CA GLU A 80 -14.61 8.72 3.38
C GLU A 80 -13.23 9.14 3.89
N THR A 81 -13.19 10.21 4.67
CA THR A 81 -11.95 10.72 5.22
C THR A 81 -11.74 10.24 6.66
N PHE A 82 -10.90 9.21 6.82
CA PHE A 82 -10.63 8.66 8.15
C PHE A 82 -9.82 9.65 8.99
N ASP A 83 -9.95 9.53 10.31
CA ASP A 83 -9.22 10.41 11.22
C ASP A 83 -7.72 10.30 11.00
N SER A 84 -7.27 9.10 10.63
CA SER A 84 -5.84 8.86 10.40
C SER A 84 -5.62 7.56 9.65
N LEU A 85 -4.42 7.38 9.12
CA LEU A 85 -4.08 6.17 8.38
C LEU A 85 -4.30 4.92 9.24
N THR A 86 -4.13 5.08 10.55
CA THR A 86 -4.31 3.97 11.48
C THR A 86 -5.73 3.41 11.38
N ASP A 87 -6.70 4.29 11.19
CA ASP A 87 -8.10 3.88 11.09
C ASP A 87 -8.43 3.46 9.67
N LEU A 88 -8.03 4.27 8.70
CA LEU A 88 -8.29 3.98 7.30
C LEU A 88 -7.74 2.61 6.91
N VAL A 89 -6.53 2.31 7.40
CA VAL A 89 -5.90 1.03 7.11
C VAL A 89 -6.55 -0.10 7.88
N GLU A 90 -6.70 0.09 9.19
CA GLU A 90 -7.31 -0.91 10.05
C GLU A 90 -8.65 -1.38 9.47
N HIS A 91 -9.50 -0.42 9.12
CA HIS A 91 -10.81 -0.73 8.55
C HIS A 91 -10.69 -1.69 7.38
N PHE A 92 -9.65 -1.49 6.56
CA PHE A 92 -9.42 -2.34 5.40
C PHE A 92 -8.80 -3.68 5.81
N LYS A 93 -8.04 -3.65 6.91
CA LYS A 93 -7.40 -4.86 7.42
C LYS A 93 -8.43 -5.92 7.78
N LYS A 94 -9.63 -5.47 8.12
CA LYS A 94 -10.72 -6.38 8.48
C LYS A 94 -11.71 -6.53 7.34
N THR A 95 -12.04 -5.42 6.70
CA THR A 95 -12.99 -5.43 5.59
C THR A 95 -12.28 -5.71 4.26
N GLY A 96 -11.17 -5.00 4.02
CA GLY A 96 -10.42 -5.20 2.80
C GLY A 96 -10.68 -4.11 1.78
N ILE A 97 -9.93 -4.12 0.69
CA ILE A 97 -10.09 -3.14 -0.37
C ILE A 97 -10.55 -3.78 -1.67
N GLU A 98 -11.46 -3.12 -2.37
CA GLU A 98 -11.99 -3.62 -3.63
C GLU A 98 -11.50 -2.78 -4.81
N GLU A 99 -10.78 -3.41 -5.72
CA GLU A 99 -10.26 -2.70 -6.90
C GLU A 99 -11.29 -2.67 -8.01
N ALA A 100 -11.31 -1.58 -8.78
CA ALA A 100 -12.24 -1.42 -9.88
C ALA A 100 -12.51 -2.75 -10.56
N SER A 101 -11.45 -3.40 -11.04
CA SER A 101 -11.58 -4.69 -11.72
C SER A 101 -12.30 -5.70 -10.84
N GLY A 102 -12.01 -5.66 -9.54
CA GLY A 102 -12.65 -6.58 -8.61
C GLY A 102 -11.68 -7.15 -7.61
N ALA A 103 -10.39 -7.11 -7.94
CA ALA A 103 -9.35 -7.63 -7.05
C ALA A 103 -9.59 -7.18 -5.61
N PHE A 104 -9.42 -8.10 -4.67
CA PHE A 104 -9.62 -7.81 -3.26
C PHE A 104 -8.29 -7.79 -2.52
N VAL A 105 -7.79 -6.60 -2.23
CA VAL A 105 -6.52 -6.43 -1.52
C VAL A 105 -6.72 -6.54 -0.02
N TYR A 106 -6.10 -7.54 0.60
CA TYR A 106 -6.20 -7.74 2.04
C TYR A 106 -4.91 -7.34 2.74
N LEU A 107 -5.05 -6.63 3.85
CA LEU A 107 -3.89 -6.19 4.62
C LEU A 107 -3.87 -6.84 6.00
N ARG A 108 -2.94 -7.77 6.19
CA ARG A 108 -2.81 -8.48 7.46
C ARG A 108 -1.41 -8.30 8.04
N GLN A 109 -0.44 -8.12 7.17
CA GLN A 109 0.95 -7.93 7.59
C GLN A 109 1.39 -6.49 7.42
N PRO A 110 1.47 -5.76 8.54
CA PRO A 110 1.87 -4.35 8.54
C PRO A 110 3.35 -4.18 8.21
N TYR A 111 3.66 -4.16 6.92
CA TYR A 111 5.04 -4.00 6.46
C TYR A 111 5.77 -2.94 7.28
N TYR A 112 6.72 -3.38 8.10
CA TYR A 112 7.49 -2.47 8.94
C TYR A 112 8.66 -1.87 8.17
N SER A 113 9.12 -0.71 8.61
CA SER A 113 10.24 -0.03 7.95
C SER A 113 11.42 -0.98 7.77
N GLY A 114 11.91 -1.53 8.88
CA GLY A 114 13.04 -2.44 8.82
C GLY A 114 14.37 -1.72 8.87
N PRO A 115 15.37 -2.36 9.50
CA PRO A 115 16.71 -1.80 9.63
C PRO A 115 17.45 -1.76 8.30
N SER A 116 17.41 -0.62 7.63
CA SER A 116 18.07 -0.46 6.34
C SER A 116 19.58 -0.61 6.48
N SER A 117 20.08 -1.80 6.16
CA SER A 117 21.52 -2.08 6.27
C SER A 117 22.05 -2.63 4.95
N GLY A 118 23.35 -2.43 4.71
CA GLY A 118 23.97 -2.90 3.49
C GLY A 118 24.27 -1.78 2.52
N ALA B 1 12.75 7.36 -20.86
CA ALA B 1 13.08 6.15 -21.61
C ALA B 1 13.12 4.93 -20.69
N THR B 2 12.48 3.85 -21.12
CA THR B 2 12.45 2.61 -20.36
C THR B 2 12.30 2.91 -18.86
N GLU B 3 11.56 3.97 -18.55
CA GLU B 3 11.35 4.36 -17.16
C GLU B 3 10.43 3.37 -16.45
N GLN B 4 10.29 3.53 -15.13
CA GLN B 4 9.44 2.65 -14.34
C GLN B 4 8.36 3.44 -13.61
N GLU B 5 7.25 3.68 -14.30
CA GLU B 5 6.14 4.44 -13.71
C GLU B 5 4.99 3.50 -13.36
N ILE B 6 5.14 2.77 -12.26
CA ILE B 6 4.11 1.84 -11.81
C ILE B 6 2.73 2.48 -11.88
N THR B 7 1.71 1.69 -12.20
CA THR B 7 0.35 2.17 -12.29
C THR B 7 -0.42 1.92 -11.00
N PTR B 8 -1.34 2.81 -10.67
CA PTR B 8 -2.14 2.68 -9.46
C PTR B 8 -3.50 2.06 -9.77
O PTR B 8 -4.02 2.21 -10.87
CB PTR B 8 -2.32 4.04 -8.79
CG PTR B 8 -1.04 4.62 -8.24
CD1 PTR B 8 -0.91 4.90 -6.89
CD2 PTR B 8 0.04 4.88 -9.07
CE1 PTR B 8 0.26 5.44 -6.38
CE2 PTR B 8 1.21 5.41 -8.57
CZ PTR B 8 1.32 5.69 -7.22
OH PTR B 8 2.49 6.22 -6.72
P PTR B 8 3.17 7.57 -7.22
O1P PTR B 8 3.83 8.25 -6.09
O2P PTR B 8 4.19 7.26 -8.26
O3P PTR B 8 2.16 8.47 -7.81
H PTR B 8 -1.49 3.58 -11.26
HA PTR B 8 -1.61 2.03 -8.78
HB2 PTR B 8 -2.72 4.74 -9.51
HB3 PTR B 8 -3.02 3.94 -7.97
HD1 PTR B 8 -1.74 4.71 -6.22
HD2 PTR B 8 -0.05 4.67 -10.12
HE1 PTR B 8 0.34 5.65 -5.32
HE2 PTR B 8 2.04 5.60 -9.23
N ALA B 9 -4.08 1.38 -8.78
CA ALA B 9 -5.38 0.75 -8.95
C ALA B 9 -6.51 1.76 -8.79
N GLU B 10 -7.52 1.65 -9.64
CA GLU B 10 -8.66 2.56 -9.60
C GLU B 10 -9.81 1.95 -8.81
N LEU B 11 -9.65 1.88 -7.49
CA LEU B 11 -10.67 1.31 -6.63
C LEU B 11 -12.06 1.77 -7.05
N ASN B 12 -13.08 1.05 -6.61
CA ASN B 12 -14.46 1.38 -6.94
C ASN B 12 -15.28 1.67 -5.68
N LEU B 13 -16.07 2.72 -5.73
CA LEU B 13 -16.91 3.11 -4.59
C LEU B 13 -18.22 3.73 -5.06
N GLN B 14 -19.02 4.20 -4.12
CA GLN B 14 -20.31 4.81 -4.43
C GLN B 14 -20.20 5.65 -5.70
N LYS B 15 -19.13 6.43 -5.81
CA LYS B 15 -18.92 7.28 -6.98
C LYS B 15 -19.35 6.57 -8.26
N GLY A 1 8.93 3.71 23.66
CA GLY A 1 8.56 2.51 24.39
C GLY A 1 7.09 2.50 24.78
N SER A 2 6.49 1.32 24.79
CA SER A 2 5.09 1.18 25.14
C SER A 2 4.25 2.27 24.48
N SER A 3 4.55 2.56 23.22
CA SER A 3 3.83 3.58 22.48
C SER A 3 3.31 3.03 21.16
N GLY A 4 2.46 3.82 20.49
CA GLY A 4 1.91 3.39 19.22
C GLY A 4 2.51 4.14 18.04
N SER A 5 3.83 4.11 17.93
CA SER A 5 4.52 4.80 16.85
C SER A 5 5.63 3.91 16.27
N SER A 6 6.20 4.37 15.15
CA SER A 6 7.27 3.61 14.50
C SER A 6 6.76 2.26 14.01
N GLY A 7 5.54 2.24 13.47
CA GLY A 7 4.97 1.01 12.99
C GLY A 7 5.19 0.81 11.49
N TRP A 8 4.12 0.51 10.77
CA TRP A 8 4.21 0.28 9.33
C TRP A 8 4.72 1.54 8.62
N TYR A 9 4.18 2.68 9.01
CA TYR A 9 4.57 3.96 8.40
C TYR A 9 6.07 3.98 8.13
N HIS A 10 6.44 4.16 6.87
CA HIS A 10 7.84 4.21 6.47
C HIS A 10 8.40 5.61 6.65
N GLY A 11 7.91 6.54 5.84
CA GLY A 11 8.38 7.92 5.92
C GLY A 11 8.81 8.47 4.57
N HIS A 12 9.51 7.65 3.80
CA HIS A 12 9.98 8.06 2.47
C HIS A 12 10.24 6.85 1.60
N MET A 13 9.42 6.68 0.57
CA MET A 13 9.56 5.56 -0.36
C MET A 13 8.75 5.79 -1.63
N SER A 14 9.30 5.37 -2.77
CA SER A 14 8.64 5.55 -4.05
C SER A 14 8.11 4.20 -4.56
N GLY A 15 7.14 4.27 -5.47
CA GLY A 15 6.55 3.06 -6.01
C GLY A 15 7.58 2.18 -6.69
N GLY A 16 8.79 2.71 -6.85
CA GLY A 16 9.85 1.94 -7.49
C GLY A 16 10.59 1.06 -6.51
N GLN A 17 10.57 1.43 -5.24
CA GLN A 17 11.24 0.67 -4.20
C GLN A 17 10.30 -0.33 -3.55
N ALA A 18 9.07 0.12 -3.29
CA ALA A 18 8.06 -0.74 -2.67
C ALA A 18 8.01 -2.10 -3.34
N GLU A 19 7.60 -2.12 -4.60
CA GLU A 19 7.50 -3.36 -5.35
C GLU A 19 8.67 -4.28 -5.03
N THR A 20 9.86 -3.70 -4.90
CA THR A 20 11.06 -4.47 -4.59
C THR A 20 11.02 -5.01 -3.16
N LEU A 21 10.80 -4.12 -2.21
CA LEU A 21 10.75 -4.52 -0.80
C LEU A 21 9.69 -5.61 -0.59
N LEU A 22 8.44 -5.28 -0.86
CA LEU A 22 7.35 -6.23 -0.71
C LEU A 22 7.71 -7.58 -1.31
N GLN A 23 7.86 -7.62 -2.63
CA GLN A 23 8.21 -8.85 -3.33
C GLN A 23 9.45 -9.49 -2.72
N ALA A 24 10.40 -8.65 -2.31
CA ALA A 24 11.64 -9.13 -1.71
C ALA A 24 11.36 -9.91 -0.43
N LYS A 25 10.47 -9.37 0.40
CA LYS A 25 10.11 -10.02 1.66
C LYS A 25 9.46 -11.37 1.42
N GLY A 26 8.52 -11.41 0.48
CA GLY A 26 7.84 -12.65 0.17
C GLY A 26 6.70 -12.95 1.12
N GLU A 27 5.95 -11.92 1.48
CA GLU A 27 4.82 -12.08 2.41
C GLU A 27 3.53 -11.63 1.76
N PRO A 28 2.58 -12.58 1.61
CA PRO A 28 1.27 -12.30 1.01
C PRO A 28 0.39 -11.41 1.90
N TRP A 29 -0.35 -10.52 1.27
CA TRP A 29 -1.24 -9.61 2.00
C TRP A 29 -0.43 -8.64 2.85
N THR A 30 0.73 -8.23 2.35
CA THR A 30 1.59 -7.30 3.06
C THR A 30 1.40 -5.87 2.55
N PHE A 31 0.91 -5.01 3.43
CA PHE A 31 0.68 -3.61 3.07
C PHE A 31 1.71 -2.71 3.73
N LEU A 32 2.05 -1.61 3.05
CA LEU A 32 3.03 -0.66 3.57
C LEU A 32 2.68 0.77 3.15
N VAL A 33 2.68 1.68 4.11
CA VAL A 33 2.36 3.08 3.83
C VAL A 33 3.63 3.89 3.58
N ARG A 34 3.61 4.71 2.55
CA ARG A 34 4.75 5.54 2.19
C ARG A 34 4.30 6.92 1.70
N GLU A 35 5.23 7.87 1.68
CA GLU A 35 4.92 9.22 1.24
C GLU A 35 4.85 9.28 -0.29
N SER A 36 4.05 10.22 -0.80
CA SER A 36 3.89 10.37 -2.23
C SER A 36 4.90 11.37 -2.79
N LEU A 37 5.68 10.92 -3.78
CA LEU A 37 6.69 11.77 -4.39
C LEU A 37 6.05 12.73 -5.40
N SER A 38 5.23 12.19 -6.29
CA SER A 38 4.56 13.00 -7.30
C SER A 38 3.91 14.22 -6.67
N GLN A 39 3.08 13.99 -5.66
CA GLN A 39 2.38 15.08 -4.97
C GLN A 39 2.86 15.19 -3.53
N PRO A 40 3.21 16.43 -3.12
CA PRO A 40 3.68 16.70 -1.76
C PRO A 40 2.57 16.56 -0.72
N GLY A 41 2.80 15.70 0.28
CA GLY A 41 1.81 15.49 1.31
C GLY A 41 0.99 14.23 1.09
N ASP A 42 0.71 13.93 -0.16
CA ASP A 42 -0.07 12.74 -0.51
C ASP A 42 0.61 11.48 -0.01
N PHE A 43 -0.05 10.34 -0.19
CA PHE A 43 0.49 9.06 0.25
C PHE A 43 0.04 7.93 -0.68
N VAL A 44 0.80 6.84 -0.67
CA VAL A 44 0.49 5.68 -1.51
C VAL A 44 0.39 4.42 -0.68
N LEU A 45 -0.71 3.69 -0.85
CA LEU A 45 -0.94 2.44 -0.11
C LEU A 45 -0.53 1.24 -0.96
N SER A 46 0.62 0.68 -0.66
CA SER A 46 1.13 -0.49 -1.38
C SER A 46 0.77 -1.78 -0.64
N VAL A 47 0.42 -2.81 -1.42
CA VAL A 47 0.06 -4.10 -0.85
C VAL A 47 0.50 -5.24 -1.75
N LEU A 48 0.95 -6.33 -1.14
CA LEU A 48 1.40 -7.50 -1.89
C LEU A 48 0.31 -8.55 -1.97
N SER A 49 -0.14 -8.86 -3.18
CA SER A 49 -1.18 -9.86 -3.38
C SER A 49 -0.62 -11.28 -3.24
N ASP A 50 -1.50 -12.20 -2.87
CA ASP A 50 -1.09 -13.60 -2.69
C ASP A 50 -1.08 -14.34 -4.04
N GLN A 51 -1.04 -13.57 -5.12
CA GLN A 51 -1.03 -14.15 -6.46
C GLN A 51 0.14 -13.62 -7.28
N PRO A 52 1.00 -14.54 -7.75
CA PRO A 52 2.18 -14.19 -8.55
C PRO A 52 1.81 -13.69 -9.94
N LYS A 53 2.62 -12.78 -10.47
CA LYS A 53 2.38 -12.22 -11.80
C LYS A 53 2.43 -13.30 -12.86
N ALA A 54 3.43 -14.18 -12.77
CA ALA A 54 3.58 -15.27 -13.73
C ALA A 54 2.77 -16.48 -13.31
N GLY A 55 3.24 -17.17 -12.26
CA GLY A 55 2.54 -18.35 -11.78
C GLY A 55 3.50 -19.41 -11.26
N PRO A 56 4.39 -19.89 -12.14
CA PRO A 56 5.37 -20.91 -11.78
C PRO A 56 6.46 -20.38 -10.84
N GLY A 57 7.05 -19.25 -11.21
CA GLY A 57 8.10 -18.67 -10.39
C GLY A 57 8.24 -17.17 -10.61
N SER A 58 7.37 -16.39 -9.96
CA SER A 58 7.39 -14.95 -10.09
C SER A 58 7.03 -14.27 -8.78
N PRO A 59 7.50 -13.03 -8.59
CA PRO A 59 7.23 -12.25 -7.38
C PRO A 59 5.77 -11.82 -7.28
N LEU A 60 5.18 -11.99 -6.10
CA LEU A 60 3.80 -11.62 -5.87
C LEU A 60 3.51 -10.23 -6.42
N ARG A 61 2.44 -10.11 -7.21
CA ARG A 61 2.07 -8.83 -7.80
C ARG A 61 1.73 -7.81 -6.72
N VAL A 62 2.23 -6.59 -6.90
CA VAL A 62 1.99 -5.52 -5.94
C VAL A 62 0.86 -4.60 -6.40
N THR A 63 0.23 -3.92 -5.46
CA THR A 63 -0.87 -3.01 -5.77
C THR A 63 -0.67 -1.65 -5.11
N HIS A 64 -0.67 -0.59 -5.91
CA HIS A 64 -0.49 0.76 -5.40
C HIS A 64 -1.80 1.54 -5.42
N ILE A 65 -2.34 1.81 -4.24
CA ILE A 65 -3.60 2.55 -4.14
C ILE A 65 -3.35 3.98 -3.66
N LYS A 66 -3.54 4.93 -4.57
CA LYS A 66 -3.34 6.34 -4.23
C LYS A 66 -4.18 6.75 -3.03
N VAL A 67 -3.52 7.33 -2.03
CA VAL A 67 -4.21 7.76 -0.82
C VAL A 67 -4.30 9.29 -0.75
N MET A 68 -5.51 9.81 -0.87
CA MET A 68 -5.73 11.24 -0.82
C MET A 68 -5.81 11.74 0.62
N CYS A 69 -5.02 12.75 0.93
CA CYS A 69 -5.02 13.31 2.29
C CYS A 69 -5.65 14.70 2.30
N GLU A 70 -6.75 14.83 3.05
CA GLU A 70 -7.45 16.10 3.15
C GLU A 70 -6.94 16.92 4.33
N GLY A 71 -5.63 17.18 4.35
CA GLY A 71 -5.04 17.95 5.42
C GLY A 71 -5.58 17.56 6.78
N GLY A 72 -5.33 16.31 7.17
CA GLY A 72 -5.81 15.83 8.46
C GLY A 72 -6.58 14.54 8.35
N ARG A 73 -7.11 14.27 7.16
CA ARG A 73 -7.88 13.05 6.91
C ARG A 73 -7.32 12.26 5.74
N TYR A 74 -7.87 11.09 5.50
CA TYR A 74 -7.41 10.23 4.40
C TYR A 74 -8.60 9.54 3.72
N THR A 75 -8.48 9.35 2.41
CA THR A 75 -9.54 8.71 1.64
C THR A 75 -8.98 8.03 0.40
N VAL A 76 -9.78 7.16 -0.21
CA VAL A 76 -9.36 6.45 -1.41
C VAL A 76 -10.56 6.12 -2.30
N GLY A 77 -10.62 6.74 -3.46
CA GLY A 77 -11.71 6.51 -4.38
C GLY A 77 -13.00 7.18 -3.94
N GLY A 78 -13.41 6.92 -2.70
CA GLY A 78 -14.62 7.50 -2.19
C GLY A 78 -14.35 8.70 -1.30
N LEU A 79 -15.38 9.14 -0.58
CA LEU A 79 -15.25 10.30 0.31
C LEU A 79 -14.83 9.86 1.71
N GLU A 80 -15.10 8.60 2.04
CA GLU A 80 -14.75 8.06 3.34
C GLU A 80 -13.44 8.66 3.86
N THR A 81 -13.56 9.72 4.64
CA THR A 81 -12.40 10.40 5.19
C THR A 81 -12.11 9.94 6.62
N PHE A 82 -11.11 9.08 6.77
CA PHE A 82 -10.74 8.55 8.08
C PHE A 82 -9.90 9.57 8.85
N ASP A 83 -10.06 9.57 10.17
CA ASP A 83 -9.31 10.49 11.02
C ASP A 83 -7.83 10.46 10.70
N SER A 84 -7.30 9.26 10.47
CA SER A 84 -5.89 9.08 10.15
C SER A 84 -5.65 7.77 9.41
N LEU A 85 -4.43 7.56 8.95
CA LEU A 85 -4.07 6.35 8.23
C LEU A 85 -4.25 5.12 9.11
N THR A 86 -4.05 5.30 10.41
CA THR A 86 -4.19 4.19 11.35
C THR A 86 -5.61 3.65 11.36
N ASP A 87 -6.57 4.52 11.04
CA ASP A 87 -7.97 4.12 11.01
C ASP A 87 -8.36 3.63 9.62
N LEU A 88 -8.00 4.39 8.60
CA LEU A 88 -8.31 4.03 7.21
C LEU A 88 -7.73 2.65 6.88
N VAL A 89 -6.57 2.35 7.43
CA VAL A 89 -5.92 1.07 7.19
C VAL A 89 -6.51 -0.04 8.07
N GLU A 90 -6.78 0.31 9.33
CA GLU A 90 -7.34 -0.64 10.28
C GLU A 90 -8.73 -1.10 9.82
N HIS A 91 -9.39 -0.26 9.03
CA HIS A 91 -10.72 -0.57 8.52
C HIS A 91 -10.65 -1.56 7.36
N PHE A 92 -9.57 -1.46 6.58
CA PHE A 92 -9.38 -2.33 5.43
C PHE A 92 -8.68 -3.63 5.85
N LYS A 93 -7.96 -3.59 6.96
CA LYS A 93 -7.26 -4.76 7.46
C LYS A 93 -8.24 -5.84 7.89
N LYS A 94 -9.47 -5.43 8.22
CA LYS A 94 -10.50 -6.36 8.65
C LYS A 94 -11.48 -6.64 7.52
N THR A 95 -11.78 -5.61 6.73
CA THR A 95 -12.71 -5.75 5.62
C THR A 95 -11.96 -6.00 4.31
N GLY A 96 -10.95 -5.18 4.05
CA GLY A 96 -10.17 -5.34 2.82
C GLY A 96 -10.50 -4.28 1.79
N ILE A 97 -9.68 -4.20 0.75
CA ILE A 97 -9.88 -3.22 -0.31
C ILE A 97 -10.27 -3.90 -1.62
N GLU A 98 -11.34 -3.40 -2.24
CA GLU A 98 -11.81 -3.97 -3.51
C GLU A 98 -11.48 -3.04 -4.67
N GLU A 99 -10.71 -3.54 -5.62
CA GLU A 99 -10.32 -2.76 -6.79
C GLU A 99 -11.50 -2.60 -7.76
N ALA A 100 -11.58 -1.44 -8.39
CA ALA A 100 -12.65 -1.17 -9.35
C ALA A 100 -12.90 -2.37 -10.25
N SER A 101 -11.84 -3.12 -10.53
CA SER A 101 -11.95 -4.29 -11.39
C SER A 101 -12.62 -5.46 -10.65
N GLY A 102 -12.23 -5.64 -9.39
CA GLY A 102 -12.79 -6.70 -8.58
C GLY A 102 -11.80 -7.27 -7.60
N ALA A 103 -10.52 -7.28 -7.97
CA ALA A 103 -9.47 -7.79 -7.10
C ALA A 103 -9.70 -7.37 -5.66
N PHE A 104 -9.33 -8.24 -4.73
CA PHE A 104 -9.49 -7.97 -3.30
C PHE A 104 -8.15 -7.95 -2.60
N VAL A 105 -7.70 -6.76 -2.21
CA VAL A 105 -6.43 -6.61 -1.52
C VAL A 105 -6.61 -6.68 0.00
N TYR A 106 -6.03 -7.71 0.61
CA TYR A 106 -6.14 -7.88 2.05
C TYR A 106 -4.83 -7.48 2.75
N LEU A 107 -4.96 -6.69 3.82
CA LEU A 107 -3.80 -6.24 4.57
C LEU A 107 -3.76 -6.89 5.95
N ARG A 108 -2.81 -7.81 6.13
CA ARG A 108 -2.67 -8.50 7.41
C ARG A 108 -1.26 -8.34 7.96
N GLN A 109 -0.29 -8.18 7.05
CA GLN A 109 1.10 -8.02 7.44
C GLN A 109 1.56 -6.57 7.24
N PRO A 110 1.52 -5.79 8.32
CA PRO A 110 1.93 -4.38 8.30
C PRO A 110 3.43 -4.21 8.10
N TYR A 111 3.84 -3.96 6.87
CA TYR A 111 5.25 -3.77 6.56
C TYR A 111 5.83 -2.56 7.29
N TYR A 112 6.92 -2.78 7.99
CA TYR A 112 7.57 -1.70 8.74
C TYR A 112 8.79 -1.18 8.00
N SER A 113 9.80 -2.05 7.86
CA SER A 113 11.04 -1.68 7.17
C SER A 113 11.73 -2.92 6.60
N GLY A 114 12.79 -2.69 5.84
CA GLY A 114 13.52 -3.80 5.24
C GLY A 114 15.02 -3.54 5.20
N PRO A 115 15.81 -4.58 5.49
CA PRO A 115 17.27 -4.49 5.50
C PRO A 115 17.84 -4.33 4.09
N SER A 116 18.34 -3.14 3.80
CA SER A 116 18.91 -2.85 2.49
C SER A 116 19.81 -4.00 2.02
N SER A 117 20.59 -4.55 2.95
CA SER A 117 21.50 -5.65 2.64
C SER A 117 22.24 -5.38 1.34
N GLY A 118 22.55 -4.11 1.09
CA GLY A 118 23.27 -3.75 -0.13
C GLY A 118 22.33 -3.25 -1.21
N ALA B 1 9.32 -0.10 -25.03
CA ALA B 1 9.21 1.20 -24.36
C ALA B 1 9.42 1.07 -22.86
N THR B 2 10.14 2.02 -22.29
CA THR B 2 10.42 2.02 -20.85
C THR B 2 9.78 3.21 -20.17
N GLU B 3 9.55 3.09 -18.87
CA GLU B 3 8.93 4.17 -18.09
C GLU B 3 9.36 4.09 -16.63
N GLN B 4 9.09 5.16 -15.89
CA GLN B 4 9.45 5.23 -14.47
C GLN B 4 8.21 5.44 -13.60
N GLU B 5 7.10 5.79 -14.25
CA GLU B 5 5.85 6.02 -13.52
C GLU B 5 5.15 4.70 -13.22
N ILE B 6 4.85 4.49 -11.95
CA ILE B 6 4.17 3.26 -11.51
C ILE B 6 2.65 3.39 -11.66
N THR B 7 2.02 2.31 -12.10
CA THR B 7 0.57 2.30 -12.29
C THR B 7 -0.15 1.89 -11.00
N PTR B 8 -1.13 2.68 -10.59
CA PTR B 8 -1.88 2.40 -9.38
C PTR B 8 -3.06 1.46 -9.68
O PTR B 8 -3.23 1.00 -10.81
CB PTR B 8 -2.41 3.70 -8.76
CG PTR B 8 -1.31 4.57 -8.20
CD1 PTR B 8 -1.11 4.67 -6.82
CD2 PTR B 8 -0.48 5.31 -9.03
CE1 PTR B 8 -0.11 5.48 -6.30
CE2 PTR B 8 0.53 6.10 -8.52
CZ PTR B 8 0.70 6.19 -7.15
OH PTR B 8 1.70 6.98 -6.64
P PTR B 8 3.20 7.04 -7.17
O1P PTR B 8 3.29 7.92 -8.35
O2P PTR B 8 4.10 7.55 -6.12
O3P PTR B 8 3.65 5.68 -7.57
H PTR B 8 -1.35 3.48 -11.13
HA PTR B 8 -1.22 1.91 -8.69
HB2 PTR B 8 -2.93 4.27 -9.51
HB3 PTR B 8 -3.09 3.45 -7.96
HD1 PTR B 8 -1.76 4.11 -6.16
HD2 PTR B 8 -0.62 5.24 -10.10
HE1 PTR B 8 0.02 5.54 -5.23
HE2 PTR B 8 1.17 6.66 -9.18
N ALA B 9 -3.87 1.19 -8.66
CA ALA B 9 -5.01 0.32 -8.80
C ALA B 9 -6.28 0.97 -8.26
N GLU B 10 -7.07 1.57 -9.15
CA GLU B 10 -8.31 2.23 -8.74
C GLU B 10 -9.15 1.32 -7.86
N LEU B 11 -9.96 1.93 -7.00
CA LEU B 11 -10.82 1.17 -6.10
C LEU B 11 -12.29 1.44 -6.40
N ASN B 12 -13.17 0.69 -5.72
CA ASN B 12 -14.61 0.85 -5.93
C ASN B 12 -15.26 1.51 -4.72
N LEU B 13 -15.57 2.79 -4.85
CA LEU B 13 -16.19 3.55 -3.77
C LEU B 13 -17.69 3.25 -3.69
N GLN B 14 -18.32 3.71 -2.62
CA GLN B 14 -19.75 3.50 -2.42
C GLN B 14 -20.54 3.96 -3.65
N LYS B 15 -20.24 5.17 -4.12
CA LYS B 15 -20.92 5.72 -5.28
C LYS B 15 -21.07 4.68 -6.37
N GLY A 1 17.22 -4.18 25.13
CA GLY A 1 17.56 -2.81 25.43
C GLY A 1 17.09 -1.84 24.37
N SER A 2 17.56 -2.02 23.14
CA SER A 2 17.18 -1.15 22.04
C SER A 2 15.76 -1.46 21.56
N SER A 3 14.92 -0.43 21.52
CA SER A 3 13.54 -0.58 21.09
C SER A 3 13.04 0.67 20.36
N GLY A 4 12.69 0.50 19.09
CA GLY A 4 12.21 1.61 18.30
C GLY A 4 10.75 1.48 17.93
N SER A 5 10.16 2.56 17.43
CA SER A 5 8.76 2.55 17.03
C SER A 5 8.48 1.46 16.01
N SER A 6 7.56 0.57 16.34
CA SER A 6 7.22 -0.54 15.44
C SER A 6 5.93 -0.22 14.69
N GLY A 7 6.04 0.56 13.63
CA GLY A 7 4.89 0.92 12.83
C GLY A 7 4.99 0.43 11.40
N TRP A 8 3.91 0.60 10.64
CA TRP A 8 3.89 0.16 9.24
C TRP A 8 4.28 1.31 8.31
N TYR A 9 4.61 2.45 8.90
CA TYR A 9 5.01 3.62 8.12
C TYR A 9 6.48 3.55 7.74
N HIS A 10 6.78 3.99 6.52
CA HIS A 10 8.15 3.98 6.03
C HIS A 10 8.64 5.40 5.73
N GLY A 11 7.99 6.03 4.74
CA GLY A 11 8.37 7.39 4.37
C GLY A 11 8.89 7.47 2.95
N HIS A 12 9.90 8.31 2.74
CA HIS A 12 10.49 8.48 1.41
C HIS A 12 10.68 7.13 0.72
N MET A 13 9.81 6.83 -0.24
CA MET A 13 9.88 5.58 -0.97
C MET A 13 9.06 5.64 -2.25
N SER A 14 9.67 5.27 -3.37
CA SER A 14 8.99 5.29 -4.66
C SER A 14 8.44 3.91 -5.01
N GLY A 15 7.45 3.88 -5.90
CA GLY A 15 6.86 2.61 -6.30
C GLY A 15 7.90 1.56 -6.62
N GLY A 16 8.97 1.97 -7.31
CA GLY A 16 10.02 1.04 -7.67
C GLY A 16 10.64 0.37 -6.45
N GLN A 17 10.85 1.15 -5.39
CA GLN A 17 11.45 0.63 -4.18
C GLN A 17 10.47 -0.29 -3.45
N ALA A 18 9.20 0.12 -3.41
CA ALA A 18 8.17 -0.66 -2.74
C ALA A 18 8.05 -2.05 -3.36
N GLU A 19 7.74 -2.09 -4.65
CA GLU A 19 7.58 -3.35 -5.37
C GLU A 19 8.76 -4.29 -5.07
N THR A 20 9.97 -3.72 -5.07
CA THR A 20 11.17 -4.50 -4.81
C THR A 20 11.17 -5.05 -3.38
N LEU A 21 11.04 -4.15 -2.41
CA LEU A 21 11.03 -4.53 -1.00
C LEU A 21 9.91 -5.54 -0.73
N LEU A 22 8.67 -5.09 -0.89
CA LEU A 22 7.52 -5.94 -0.66
C LEU A 22 7.78 -7.37 -1.15
N GLN A 23 8.07 -7.49 -2.44
CA GLN A 23 8.34 -8.80 -3.03
C GLN A 23 9.50 -9.49 -2.33
N ALA A 24 10.46 -8.69 -1.86
CA ALA A 24 11.62 -9.23 -1.16
C ALA A 24 11.21 -10.06 0.04
N LYS A 25 10.33 -9.50 0.87
CA LYS A 25 9.85 -10.19 2.05
C LYS A 25 9.22 -11.54 1.69
N GLY A 26 8.39 -11.53 0.65
CA GLY A 26 7.73 -12.75 0.22
C GLY A 26 6.56 -13.13 1.09
N GLU A 27 5.86 -12.11 1.60
CA GLU A 27 4.71 -12.35 2.46
C GLU A 27 3.43 -11.78 1.83
N PRO A 28 2.45 -12.66 1.59
CA PRO A 28 1.18 -12.27 0.98
C PRO A 28 0.32 -11.42 1.92
N TRP A 29 -0.46 -10.52 1.36
CA TRP A 29 -1.32 -9.65 2.14
C TRP A 29 -0.50 -8.68 2.99
N THR A 30 0.61 -8.20 2.43
CA THR A 30 1.49 -7.28 3.13
C THR A 30 1.30 -5.86 2.63
N PHE A 31 0.82 -4.99 3.51
CA PHE A 31 0.58 -3.58 3.16
C PHE A 31 1.65 -2.68 3.79
N LEU A 32 1.88 -1.54 3.17
CA LEU A 32 2.86 -0.59 3.66
C LEU A 32 2.55 0.83 3.17
N VAL A 33 2.62 1.80 4.08
CA VAL A 33 2.36 3.19 3.73
C VAL A 33 3.65 3.95 3.47
N ARG A 34 3.62 4.83 2.48
CA ARG A 34 4.80 5.63 2.13
C ARG A 34 4.39 6.98 1.56
N GLU A 35 5.35 7.90 1.50
CA GLU A 35 5.08 9.23 0.97
C GLU A 35 5.02 9.22 -0.55
N SER A 36 4.08 9.96 -1.11
CA SER A 36 3.92 10.03 -2.56
C SER A 36 5.10 10.73 -3.20
N LEU A 37 5.29 10.49 -4.49
CA LEU A 37 6.39 11.10 -5.24
C LEU A 37 5.87 12.11 -6.25
N SER A 38 4.59 12.00 -6.60
CA SER A 38 3.98 12.91 -7.55
C SER A 38 2.90 13.76 -6.88
N GLN A 39 1.97 13.10 -6.20
CA GLN A 39 0.89 13.80 -5.50
C GLN A 39 1.44 14.70 -4.41
N PRO A 40 0.84 15.89 -4.27
CA PRO A 40 1.24 16.87 -3.25
C PRO A 40 0.90 16.41 -1.83
N GLY A 41 1.89 16.46 -0.95
CA GLY A 41 1.68 16.05 0.43
C GLY A 41 0.72 14.89 0.54
N ASP A 42 0.95 13.85 -0.26
CA ASP A 42 0.09 12.67 -0.24
C ASP A 42 0.90 11.42 0.08
N PHE A 43 0.23 10.28 0.08
CA PHE A 43 0.88 9.00 0.37
C PHE A 43 0.36 7.90 -0.54
N VAL A 44 1.11 6.81 -0.64
CA VAL A 44 0.73 5.69 -1.49
C VAL A 44 0.60 4.40 -0.67
N LEU A 45 -0.53 3.73 -0.80
CA LEU A 45 -0.78 2.49 -0.07
C LEU A 45 -0.36 1.27 -0.91
N SER A 46 0.77 0.69 -0.56
CA SER A 46 1.28 -0.47 -1.28
C SER A 46 0.88 -1.77 -0.57
N VAL A 47 0.45 -2.75 -1.35
CA VAL A 47 0.03 -4.03 -0.80
C VAL A 47 0.48 -5.18 -1.69
N LEU A 48 0.99 -6.25 -1.08
CA LEU A 48 1.46 -7.41 -1.83
C LEU A 48 0.37 -8.47 -1.91
N SER A 49 0.02 -8.86 -3.13
CA SER A 49 -1.01 -9.87 -3.36
C SER A 49 -0.42 -11.27 -3.32
N ASP A 50 -1.21 -12.23 -2.87
CA ASP A 50 -0.77 -13.62 -2.78
C ASP A 50 -0.71 -14.26 -4.16
N GLN A 51 -1.01 -13.46 -5.18
CA GLN A 51 -0.99 -13.95 -6.56
C GLN A 51 0.25 -13.48 -7.30
N PRO A 52 1.01 -14.45 -7.85
CA PRO A 52 2.24 -14.16 -8.59
C PRO A 52 1.97 -13.46 -9.92
N LYS A 53 2.95 -12.68 -10.37
CA LYS A 53 2.82 -11.95 -11.63
C LYS A 53 2.98 -12.89 -12.82
N ALA A 54 3.90 -13.84 -12.69
CA ALA A 54 4.15 -14.81 -13.76
C ALA A 54 4.24 -16.23 -13.20
N GLY A 55 3.08 -16.84 -13.00
CA GLY A 55 3.04 -18.20 -12.46
C GLY A 55 3.99 -18.39 -11.29
N PRO A 56 4.31 -19.65 -10.99
CA PRO A 56 5.22 -20.00 -9.89
C PRO A 56 6.66 -19.60 -10.18
N GLY A 57 7.33 -19.07 -9.16
CA GLY A 57 8.72 -18.65 -9.32
C GLY A 57 8.86 -17.15 -9.40
N SER A 58 7.80 -16.47 -9.82
CA SER A 58 7.82 -15.02 -9.94
C SER A 58 7.39 -14.36 -8.63
N PRO A 59 7.82 -13.10 -8.43
CA PRO A 59 7.49 -12.34 -7.22
C PRO A 59 6.02 -11.95 -7.17
N LEU A 60 5.42 -12.05 -5.99
CA LEU A 60 4.02 -11.70 -5.81
C LEU A 60 3.73 -10.30 -6.35
N ARG A 61 2.60 -10.16 -7.04
CA ARG A 61 2.21 -8.87 -7.60
C ARG A 61 1.89 -7.87 -6.50
N VAL A 62 2.18 -6.60 -6.77
CA VAL A 62 1.93 -5.53 -5.80
C VAL A 62 0.84 -4.58 -6.30
N THR A 63 0.22 -3.86 -5.37
CA THR A 63 -0.84 -2.92 -5.71
C THR A 63 -0.57 -1.55 -5.09
N HIS A 64 -0.68 -0.51 -5.90
CA HIS A 64 -0.46 0.86 -5.43
C HIS A 64 -1.76 1.66 -5.43
N ILE A 65 -2.24 2.02 -4.24
CA ILE A 65 -3.47 2.78 -4.11
C ILE A 65 -3.19 4.21 -3.67
N LYS A 66 -3.51 5.17 -4.54
CA LYS A 66 -3.29 6.58 -4.25
C LYS A 66 -4.11 7.02 -3.03
N VAL A 67 -3.42 7.32 -1.94
CA VAL A 67 -4.09 7.75 -0.71
C VAL A 67 -4.18 9.27 -0.65
N MET A 68 -5.40 9.77 -0.56
CA MET A 68 -5.62 11.21 -0.48
C MET A 68 -5.80 11.67 0.96
N CYS A 69 -4.98 12.63 1.38
CA CYS A 69 -5.05 13.15 2.74
C CYS A 69 -5.62 14.56 2.76
N GLU A 70 -6.43 14.85 3.77
CA GLU A 70 -7.04 16.17 3.90
C GLU A 70 -6.79 16.75 5.29
N GLY A 71 -5.52 16.95 5.62
CA GLY A 71 -5.18 17.51 6.92
C GLY A 71 -5.81 16.74 8.07
N GLY A 72 -5.08 15.76 8.60
CA GLY A 72 -5.59 14.97 9.69
C GLY A 72 -6.63 13.96 9.24
N ARG A 73 -6.71 13.73 7.94
CA ARG A 73 -7.66 12.79 7.38
C ARG A 73 -7.08 12.06 6.18
N TYR A 74 -7.74 10.98 5.76
CA TYR A 74 -7.28 10.19 4.63
C TYR A 74 -8.46 9.53 3.92
N THR A 75 -8.31 9.34 2.61
CA THR A 75 -9.36 8.71 1.81
C THR A 75 -8.78 8.05 0.57
N VAL A 76 -9.57 7.17 -0.05
CA VAL A 76 -9.13 6.47 -1.26
C VAL A 76 -10.31 6.15 -2.17
N GLY A 77 -10.34 6.79 -3.33
CA GLY A 77 -11.43 6.57 -4.27
C GLY A 77 -12.72 7.23 -3.84
N GLY A 78 -13.14 6.96 -2.62
CA GLY A 78 -14.37 7.56 -2.11
C GLY A 78 -14.12 8.81 -1.31
N LEU A 79 -15.12 9.23 -0.53
CA LEU A 79 -15.01 10.43 0.29
C LEU A 79 -14.74 10.06 1.75
N GLU A 80 -15.07 8.83 2.11
CA GLU A 80 -14.86 8.35 3.48
C GLU A 80 -13.51 8.81 4.02
N THR A 81 -13.52 9.93 4.74
CA THR A 81 -12.30 10.48 5.32
C THR A 81 -12.09 9.98 6.74
N PHE A 82 -11.11 9.10 6.91
CA PHE A 82 -10.80 8.55 8.22
C PHE A 82 -9.98 9.54 9.05
N ASP A 83 -10.16 9.47 10.37
CA ASP A 83 -9.44 10.37 11.28
C ASP A 83 -7.94 10.31 11.02
N SER A 84 -7.46 9.14 10.62
CA SER A 84 -6.04 8.95 10.34
C SER A 84 -5.80 7.63 9.61
N LEU A 85 -4.59 7.46 9.09
CA LEU A 85 -4.22 6.25 8.36
C LEU A 85 -4.45 5.01 9.23
N THR A 86 -4.22 5.15 10.53
CA THR A 86 -4.40 4.05 11.46
C THR A 86 -5.82 3.48 11.38
N ASP A 87 -6.78 4.35 11.10
CA ASP A 87 -8.17 3.94 11.00
C ASP A 87 -8.51 3.54 9.56
N LEU A 88 -8.09 4.37 8.61
CA LEU A 88 -8.35 4.10 7.20
C LEU A 88 -7.82 2.73 6.79
N VAL A 89 -6.66 2.37 7.35
CA VAL A 89 -6.05 1.08 7.05
C VAL A 89 -6.67 -0.03 7.87
N GLU A 90 -6.89 0.23 9.16
CA GLU A 90 -7.47 -0.74 10.06
C GLU A 90 -8.82 -1.23 9.53
N HIS A 91 -9.60 -0.31 8.97
CA HIS A 91 -10.91 -0.65 8.42
C HIS A 91 -10.76 -1.60 7.23
N PHE A 92 -9.69 -1.44 6.47
CA PHE A 92 -9.44 -2.29 5.30
C PHE A 92 -8.82 -3.62 5.72
N LYS A 93 -8.13 -3.61 6.85
CA LYS A 93 -7.50 -4.82 7.36
C LYS A 93 -8.53 -5.88 7.72
N LYS A 94 -9.75 -5.43 8.03
CA LYS A 94 -10.83 -6.34 8.38
C LYS A 94 -11.81 -6.50 7.23
N THR A 95 -12.06 -5.40 6.52
CA THR A 95 -12.98 -5.42 5.38
C THR A 95 -12.23 -5.68 4.08
N GLY A 96 -11.14 -4.96 3.87
CA GLY A 96 -10.36 -5.12 2.65
C GLY A 96 -10.65 -4.06 1.62
N ILE A 97 -9.71 -3.85 0.71
CA ILE A 97 -9.87 -2.85 -0.34
C ILE A 97 -10.34 -3.49 -1.64
N GLU A 98 -11.36 -2.89 -2.24
CA GLU A 98 -11.91 -3.39 -3.49
C GLU A 98 -11.51 -2.49 -4.66
N GLU A 99 -10.85 -3.08 -5.65
CA GLU A 99 -10.41 -2.34 -6.83
C GLU A 99 -11.57 -2.09 -7.77
N ALA A 100 -11.49 -1.00 -8.54
CA ALA A 100 -12.53 -0.63 -9.48
C ALA A 100 -12.88 -1.81 -10.39
N SER A 101 -11.88 -2.64 -10.69
CA SER A 101 -12.08 -3.80 -11.55
C SER A 101 -12.80 -4.91 -10.80
N GLY A 102 -12.40 -5.12 -9.54
CA GLY A 102 -13.02 -6.16 -8.74
C GLY A 102 -12.06 -6.77 -7.74
N ALA A 103 -10.79 -6.88 -8.14
CA ALA A 103 -9.76 -7.45 -7.27
C ALA A 103 -9.97 -7.03 -5.83
N PHE A 104 -9.63 -7.91 -4.90
CA PHE A 104 -9.78 -7.62 -3.48
C PHE A 104 -8.43 -7.70 -2.76
N VAL A 105 -7.96 -6.56 -2.29
CA VAL A 105 -6.68 -6.50 -1.58
C VAL A 105 -6.87 -6.67 -0.07
N TYR A 106 -6.09 -7.57 0.52
CA TYR A 106 -6.18 -7.82 1.96
C TYR A 106 -4.89 -7.41 2.65
N LEU A 107 -5.04 -6.70 3.78
CA LEU A 107 -3.88 -6.24 4.54
C LEU A 107 -3.87 -6.88 5.93
N ARG A 108 -2.94 -7.81 6.13
CA ARG A 108 -2.82 -8.50 7.42
C ARG A 108 -1.41 -8.35 7.98
N GLN A 109 -0.44 -8.13 7.09
CA GLN A 109 0.95 -7.98 7.51
C GLN A 109 1.41 -6.54 7.31
N PRO A 110 1.38 -5.75 8.39
CA PRO A 110 1.78 -4.35 8.37
C PRO A 110 3.29 -4.18 8.19
N TYR A 111 3.73 -4.15 6.94
CA TYR A 111 5.15 -4.00 6.63
C TYR A 111 5.79 -2.92 7.50
N TYR A 112 6.67 -3.33 8.40
CA TYR A 112 7.35 -2.41 9.30
C TYR A 112 8.65 -1.90 8.68
N SER A 113 9.00 -0.65 8.99
CA SER A 113 10.21 -0.05 8.46
C SER A 113 11.45 -0.78 8.96
N GLY A 114 11.35 -1.35 10.16
CA GLY A 114 12.46 -2.07 10.74
C GLY A 114 13.61 -1.16 11.11
N PRO A 115 14.74 -1.32 10.40
CA PRO A 115 15.94 -0.51 10.64
C PRO A 115 15.77 0.94 10.21
N SER A 116 16.24 1.86 11.04
CA SER A 116 16.12 3.29 10.76
C SER A 116 17.49 3.93 10.67
N SER A 117 18.43 3.25 10.03
CA SER A 117 19.80 3.75 9.89
C SER A 117 20.41 3.27 8.58
N GLY A 118 21.14 4.17 7.91
CA GLY A 118 21.77 3.83 6.65
C GLY A 118 20.82 3.95 5.48
N ALA B 1 12.34 -3.41 -15.61
CA ALA B 1 12.10 -2.11 -16.25
C ALA B 1 10.95 -1.38 -15.58
N THR B 2 11.23 -0.19 -15.05
CA THR B 2 10.21 0.61 -14.38
C THR B 2 10.00 1.94 -15.09
N GLU B 3 8.87 2.57 -14.83
CA GLU B 3 8.55 3.85 -15.45
C GLU B 3 8.37 4.95 -14.40
N GLN B 4 8.86 6.14 -14.72
CA GLN B 4 8.77 7.27 -13.78
C GLN B 4 7.42 7.28 -13.08
N GLU B 5 6.35 7.40 -13.86
CA GLU B 5 4.99 7.43 -13.31
C GLU B 5 4.44 6.01 -13.18
N ILE B 6 4.48 5.46 -11.97
CA ILE B 6 3.97 4.12 -11.72
C ILE B 6 2.47 4.05 -11.95
N THR B 7 1.98 2.87 -12.31
CA THR B 7 0.56 2.67 -12.55
C THR B 7 -0.15 2.13 -11.31
N PTR B 8 -1.04 2.95 -10.75
CA PTR B 8 -1.78 2.55 -9.57
C PTR B 8 -2.96 1.66 -9.92
O PTR B 8 -3.14 1.28 -11.08
CB PTR B 8 -2.28 3.79 -8.82
CG PTR B 8 -1.17 4.61 -8.21
CD1 PTR B 8 -1.08 4.79 -6.83
CD2 PTR B 8 -0.21 5.22 -9.00
CE1 PTR B 8 -0.07 5.54 -6.27
CE2 PTR B 8 0.81 5.98 -8.45
CZ PTR B 8 0.88 6.13 -7.08
OH PTR B 8 1.89 6.89 -6.52
P PTR B 8 3.37 6.97 -7.08
O1P PTR B 8 3.68 5.79 -7.92
O2P PTR B 8 3.54 8.19 -7.91
O3P PTR B 8 4.34 7.02 -5.96
H PTR B 8 -1.21 3.83 -11.15
HA PTR B 8 -1.11 2.00 -8.92
HB2 PTR B 8 -2.81 4.42 -9.50
HB3 PTR B 8 -2.95 3.48 -8.02
HD1 PTR B 8 -1.82 4.32 -6.20
HD2 PTR B 8 -0.26 5.10 -10.08
HE1 PTR B 8 -0.02 5.66 -5.19
HE2 PTR B 8 1.55 6.44 -9.08
N ALA B 9 -3.77 1.32 -8.92
CA ALA B 9 -4.93 0.47 -9.13
C ALA B 9 -6.20 1.12 -8.59
N GLU B 10 -6.87 1.89 -9.44
CA GLU B 10 -8.09 2.58 -9.05
C GLU B 10 -8.94 1.70 -8.13
N LEU B 11 -9.78 2.34 -7.32
CA LEU B 11 -10.64 1.62 -6.39
C LEU B 11 -12.11 1.93 -6.65
N ASN B 12 -13.00 1.16 -6.04
CA ASN B 12 -14.43 1.36 -6.21
C ASN B 12 -15.02 2.12 -5.02
N LEU B 13 -15.99 2.98 -5.30
CA LEU B 13 -16.63 3.76 -4.26
C LEU B 13 -17.92 3.10 -3.78
N GLN B 14 -18.53 3.66 -2.74
CA GLN B 14 -19.76 3.11 -2.20
C GLN B 14 -20.75 2.77 -3.31
N LYS B 15 -20.91 3.68 -4.25
CA LYS B 15 -21.82 3.47 -5.37
C LYS B 15 -21.64 2.08 -5.97
N GLY A 1 9.51 -5.12 22.09
CA GLY A 1 8.50 -4.34 22.80
C GLY A 1 7.95 -3.20 21.97
N SER A 2 6.64 -3.03 21.99
CA SER A 2 5.99 -1.97 21.23
C SER A 2 5.30 -0.98 22.16
N SER A 3 5.67 0.30 22.04
CA SER A 3 5.09 1.34 22.88
C SER A 3 4.06 2.15 22.10
N GLY A 4 4.49 2.70 20.96
CA GLY A 4 3.60 3.49 20.14
C GLY A 4 2.69 2.64 19.27
N SER A 5 1.93 3.29 18.40
CA SER A 5 1.01 2.58 17.52
C SER A 5 1.62 2.38 16.13
N SER A 6 1.93 3.49 15.47
CA SER A 6 2.51 3.45 14.13
C SER A 6 3.62 2.41 14.06
N GLY A 7 3.95 1.99 12.85
CA GLY A 7 5.00 1.01 12.66
C GLY A 7 5.16 0.58 11.21
N TRP A 8 4.08 0.71 10.45
CA TRP A 8 4.10 0.34 9.04
C TRP A 8 4.44 1.54 8.16
N TYR A 9 4.63 2.68 8.80
CA TYR A 9 4.95 3.91 8.07
C TYR A 9 6.39 3.88 7.56
N HIS A 10 6.55 3.73 6.25
CA HIS A 10 7.87 3.69 5.64
C HIS A 10 8.33 5.09 5.22
N GLY A 11 8.00 6.07 6.05
CA GLY A 11 8.39 7.44 5.75
C GLY A 11 8.34 7.74 4.27
N HIS A 12 9.52 7.86 3.66
CA HIS A 12 9.61 8.15 2.23
C HIS A 12 9.99 6.89 1.44
N MET A 13 9.33 6.69 0.31
CA MET A 13 9.59 5.54 -0.54
C MET A 13 8.80 5.62 -1.83
N SER A 14 9.45 5.26 -2.94
CA SER A 14 8.80 5.29 -4.25
C SER A 14 8.25 3.92 -4.62
N GLY A 15 7.18 3.92 -5.40
CA GLY A 15 6.56 2.67 -5.82
C GLY A 15 7.58 1.71 -6.44
N GLY A 16 8.74 2.23 -6.79
CA GLY A 16 9.78 1.40 -7.38
C GLY A 16 10.52 0.58 -6.35
N GLN A 17 10.76 1.17 -5.18
CA GLN A 17 11.46 0.48 -4.10
C GLN A 17 10.55 -0.51 -3.39
N ALA A 18 9.31 -0.10 -3.17
CA ALA A 18 8.33 -0.95 -2.51
C ALA A 18 8.23 -2.32 -3.19
N GLU A 19 7.82 -2.31 -4.45
CA GLU A 19 7.67 -3.54 -5.22
C GLU A 19 8.85 -4.49 -4.96
N THR A 20 10.05 -3.92 -4.94
CA THR A 20 11.26 -4.70 -4.71
C THR A 20 11.33 -5.19 -3.26
N LEU A 21 10.97 -4.32 -2.34
CA LEU A 21 10.98 -4.65 -0.91
C LEU A 21 9.91 -5.69 -0.60
N LEU A 22 8.66 -5.31 -0.73
CA LEU A 22 7.53 -6.21 -0.45
C LEU A 22 7.82 -7.59 -1.02
N GLN A 23 8.22 -7.65 -2.28
CA GLN A 23 8.52 -8.92 -2.94
C GLN A 23 9.74 -9.59 -2.31
N ALA A 24 10.63 -8.77 -1.73
CA ALA A 24 11.83 -9.28 -1.08
C ALA A 24 11.49 -10.26 0.03
N LYS A 25 10.59 -9.85 0.92
CA LYS A 25 10.17 -10.70 2.02
C LYS A 25 9.42 -11.93 1.53
N GLY A 26 8.53 -11.72 0.57
CA GLY A 26 7.76 -12.83 0.02
C GLY A 26 6.57 -13.19 0.88
N GLU A 27 5.96 -12.18 1.49
CA GLU A 27 4.79 -12.41 2.35
C GLU A 27 3.54 -11.77 1.74
N PRO A 28 2.53 -12.61 1.46
CA PRO A 28 1.27 -12.16 0.89
C PRO A 28 0.44 -11.33 1.87
N TRP A 29 -0.35 -10.41 1.33
CA TRP A 29 -1.19 -9.55 2.16
C TRP A 29 -0.35 -8.58 2.98
N THR A 30 0.80 -8.18 2.42
CA THR A 30 1.69 -7.25 3.10
C THR A 30 1.48 -5.83 2.60
N PHE A 31 0.99 -4.98 3.50
CA PHE A 31 0.73 -3.58 3.16
C PHE A 31 1.79 -2.66 3.78
N LEU A 32 2.02 -1.51 3.15
CA LEU A 32 3.00 -0.56 3.64
C LEU A 32 2.64 0.86 3.20
N VAL A 33 2.68 1.79 4.15
CA VAL A 33 2.36 3.18 3.86
C VAL A 33 3.63 3.99 3.58
N ARG A 34 3.60 4.77 2.51
CA ARG A 34 4.74 5.59 2.13
C ARG A 34 4.29 6.93 1.57
N GLU A 35 5.21 7.89 1.52
CA GLU A 35 4.91 9.22 1.01
C GLU A 35 4.89 9.22 -0.52
N SER A 36 3.87 9.87 -1.09
CA SER A 36 3.74 9.94 -2.54
C SER A 36 4.92 10.69 -3.16
N LEU A 37 5.20 10.40 -4.42
CA LEU A 37 6.31 11.04 -5.13
C LEU A 37 5.79 12.09 -6.10
N SER A 38 4.92 11.67 -7.02
CA SER A 38 4.36 12.58 -8.00
C SER A 38 3.49 13.64 -7.33
N GLN A 39 2.56 13.20 -6.49
CA GLN A 39 1.68 14.11 -5.77
C GLN A 39 2.26 14.49 -4.41
N PRO A 40 2.74 15.74 -4.31
CA PRO A 40 3.33 16.25 -3.06
C PRO A 40 2.29 16.45 -1.97
N GLY A 41 2.45 15.74 -0.86
CA GLY A 41 1.52 15.87 0.24
C GLY A 41 0.68 14.61 0.44
N ASP A 42 0.30 13.98 -0.66
CA ASP A 42 -0.51 12.77 -0.61
C ASP A 42 0.35 11.56 -0.26
N PHE A 43 -0.28 10.43 -0.01
CA PHE A 43 0.42 9.20 0.33
C PHE A 43 -0.03 8.05 -0.56
N VAL A 44 0.76 6.98 -0.58
CA VAL A 44 0.45 5.81 -1.39
C VAL A 44 0.34 4.55 -0.52
N LEU A 45 -0.68 3.74 -0.79
CA LEU A 45 -0.90 2.51 -0.03
C LEU A 45 -0.52 1.29 -0.86
N SER A 46 0.65 0.72 -0.57
CA SER A 46 1.13 -0.45 -1.30
C SER A 46 0.75 -1.73 -0.56
N VAL A 47 0.34 -2.75 -1.33
CA VAL A 47 -0.05 -4.03 -0.75
C VAL A 47 0.35 -5.19 -1.66
N LEU A 48 0.98 -6.19 -1.07
CA LEU A 48 1.41 -7.37 -1.83
C LEU A 48 0.30 -8.40 -1.93
N SER A 49 -0.08 -8.75 -3.15
CA SER A 49 -1.14 -9.73 -3.37
C SER A 49 -0.58 -11.15 -3.35
N ASP A 50 -1.43 -12.11 -3.04
CA ASP A 50 -1.03 -13.51 -2.97
C ASP A 50 -0.97 -14.12 -4.36
N GLN A 51 -1.18 -13.28 -5.38
CA GLN A 51 -1.16 -13.74 -6.77
C GLN A 51 0.15 -13.34 -7.45
N PRO A 52 0.90 -14.35 -7.93
CA PRO A 52 2.18 -14.12 -8.61
C PRO A 52 2.00 -13.46 -9.97
N LYS A 53 3.03 -12.74 -10.42
CA LYS A 53 3.00 -12.06 -11.70
C LYS A 53 3.28 -13.03 -12.84
N ALA A 54 3.86 -14.18 -12.50
CA ALA A 54 4.18 -15.20 -13.50
C ALA A 54 3.78 -16.59 -13.02
N GLY A 55 3.66 -17.52 -13.96
CA GLY A 55 3.28 -18.88 -13.61
C GLY A 55 4.26 -19.53 -12.66
N PRO A 56 5.52 -19.65 -13.10
CA PRO A 56 6.60 -20.26 -12.30
C PRO A 56 6.99 -19.40 -11.10
N GLY A 57 8.08 -19.78 -10.44
CA GLY A 57 8.55 -19.03 -9.29
C GLY A 57 8.74 -17.56 -9.59
N SER A 58 7.68 -16.77 -9.41
CA SER A 58 7.73 -15.33 -9.67
C SER A 58 7.29 -14.54 -8.44
N PRO A 59 7.70 -13.26 -8.40
CA PRO A 59 7.36 -12.37 -7.29
C PRO A 59 5.87 -12.00 -7.27
N LEU A 60 5.33 -11.84 -6.07
CA LEU A 60 3.93 -11.49 -5.91
C LEU A 60 3.64 -10.09 -6.48
N ARG A 61 2.50 -9.95 -7.13
CA ARG A 61 2.10 -8.67 -7.71
C ARG A 61 1.83 -7.64 -6.63
N VAL A 62 2.18 -6.38 -6.90
CA VAL A 62 1.97 -5.31 -5.95
C VAL A 62 0.87 -4.35 -6.43
N THR A 63 0.19 -3.72 -5.49
CA THR A 63 -0.88 -2.78 -5.81
C THR A 63 -0.66 -1.44 -5.14
N HIS A 64 -0.70 -0.37 -5.93
CA HIS A 64 -0.51 0.97 -5.41
C HIS A 64 -1.83 1.75 -5.40
N ILE A 65 -2.30 2.07 -4.19
CA ILE A 65 -3.54 2.82 -4.04
C ILE A 65 -3.28 4.24 -3.57
N LYS A 66 -3.52 5.21 -4.45
CA LYS A 66 -3.30 6.61 -4.11
C LYS A 66 -4.21 7.03 -2.97
N VAL A 67 -3.59 7.41 -1.85
CA VAL A 67 -4.34 7.85 -0.67
C VAL A 67 -4.37 9.37 -0.56
N MET A 68 -5.57 9.93 -0.57
CA MET A 68 -5.73 11.38 -0.47
C MET A 68 -5.87 11.81 0.98
N CYS A 69 -5.14 12.87 1.34
CA CYS A 69 -5.17 13.37 2.71
C CYS A 69 -5.60 14.84 2.72
N GLU A 70 -6.73 15.12 3.35
CA GLU A 70 -7.25 16.48 3.43
C GLU A 70 -6.76 17.18 4.69
N GLY A 71 -5.45 17.06 4.95
CA GLY A 71 -4.87 17.68 6.13
C GLY A 71 -5.58 17.27 7.41
N GLY A 72 -5.34 16.03 7.84
CA GLY A 72 -5.96 15.54 9.06
C GLY A 72 -6.71 14.25 8.84
N ARG A 73 -7.29 14.10 7.65
CA ARG A 73 -8.05 12.89 7.32
C ARG A 73 -7.50 12.23 6.05
N TYR A 74 -7.96 11.02 5.78
CA TYR A 74 -7.52 10.29 4.59
C TYR A 74 -8.70 9.65 3.88
N THR A 75 -8.62 9.57 2.56
CA THR A 75 -9.68 8.98 1.75
C THR A 75 -9.13 8.43 0.43
N VAL A 76 -9.90 7.55 -0.20
CA VAL A 76 -9.49 6.96 -1.47
C VAL A 76 -10.70 6.72 -2.37
N GLY A 77 -10.77 7.45 -3.47
CA GLY A 77 -11.88 7.30 -4.39
C GLY A 77 -13.16 7.92 -3.88
N GLY A 78 -13.57 7.51 -2.67
CA GLY A 78 -14.78 8.03 -2.09
C GLY A 78 -14.52 9.17 -1.12
N LEU A 79 -15.56 9.60 -0.41
CA LEU A 79 -15.43 10.68 0.55
C LEU A 79 -14.96 10.16 1.90
N GLU A 80 -15.16 8.87 2.14
CA GLU A 80 -14.75 8.25 3.39
C GLU A 80 -13.45 8.87 3.90
N THR A 81 -13.58 9.86 4.79
CA THR A 81 -12.43 10.53 5.36
C THR A 81 -12.16 10.06 6.78
N PHE A 82 -11.19 9.18 6.94
CA PHE A 82 -10.84 8.65 8.26
C PHE A 82 -10.00 9.67 9.04
N ASP A 83 -9.84 9.41 10.33
CA ASP A 83 -9.07 10.30 11.20
C ASP A 83 -7.58 10.20 10.88
N SER A 84 -7.14 9.01 10.52
CA SER A 84 -5.73 8.79 10.20
C SER A 84 -5.55 7.47 9.44
N LEU A 85 -4.31 7.15 9.10
CA LEU A 85 -4.00 5.93 8.37
C LEU A 85 -4.34 4.70 9.22
N THR A 86 -4.15 4.81 10.53
CA THR A 86 -4.43 3.72 11.44
C THR A 86 -5.90 3.30 11.36
N ASP A 87 -6.77 4.29 11.19
CA ASP A 87 -8.21 4.02 11.10
C ASP A 87 -8.58 3.58 9.69
N LEU A 88 -8.19 4.37 8.70
CA LEU A 88 -8.49 4.05 7.31
C LEU A 88 -7.92 2.69 6.92
N VAL A 89 -6.76 2.35 7.47
CA VAL A 89 -6.13 1.07 7.19
C VAL A 89 -6.76 -0.04 8.02
N GLU A 90 -6.93 0.20 9.31
CA GLU A 90 -7.52 -0.78 10.21
C GLU A 90 -8.82 -1.32 9.64
N HIS A 91 -9.65 -0.42 9.12
CA HIS A 91 -10.94 -0.81 8.55
C HIS A 91 -10.74 -1.78 7.39
N PHE A 92 -9.79 -1.47 6.51
CA PHE A 92 -9.51 -2.32 5.36
C PHE A 92 -8.83 -3.62 5.79
N LYS A 93 -8.15 -3.57 6.92
CA LYS A 93 -7.45 -4.74 7.46
C LYS A 93 -8.44 -5.85 7.78
N LYS A 94 -9.69 -5.48 8.06
CA LYS A 94 -10.72 -6.45 8.38
C LYS A 94 -11.67 -6.64 7.19
N THR A 95 -12.07 -5.55 6.57
CA THR A 95 -12.98 -5.61 5.42
C THR A 95 -12.21 -5.84 4.13
N GLY A 96 -11.15 -5.05 3.92
CA GLY A 96 -10.35 -5.18 2.72
C GLY A 96 -10.68 -4.13 1.69
N ILE A 97 -9.70 -3.80 0.85
CA ILE A 97 -9.89 -2.80 -0.20
C ILE A 97 -10.36 -3.44 -1.49
N GLU A 98 -11.44 -2.90 -2.06
CA GLU A 98 -11.99 -3.42 -3.30
C GLU A 98 -11.55 -2.57 -4.49
N GLU A 99 -10.88 -3.20 -5.45
CA GLU A 99 -10.41 -2.49 -6.64
C GLU A 99 -11.52 -2.40 -7.69
N ALA A 100 -11.59 -1.26 -8.36
CA ALA A 100 -12.59 -1.04 -9.40
C ALA A 100 -12.75 -2.27 -10.27
N SER A 101 -11.62 -2.89 -10.63
CA SER A 101 -11.64 -4.08 -11.47
C SER A 101 -12.49 -5.18 -10.83
N GLY A 102 -12.38 -5.32 -9.52
CA GLY A 102 -13.13 -6.34 -8.81
C GLY A 102 -12.26 -7.18 -7.91
N ALA A 103 -11.06 -6.68 -7.60
CA ALA A 103 -10.13 -7.40 -6.74
C ALA A 103 -10.30 -6.98 -5.28
N PHE A 104 -9.73 -7.77 -4.38
CA PHE A 104 -9.82 -7.49 -2.95
C PHE A 104 -8.45 -7.60 -2.30
N VAL A 105 -7.94 -6.46 -1.82
CA VAL A 105 -6.63 -6.43 -1.17
C VAL A 105 -6.77 -6.60 0.34
N TYR A 106 -6.04 -7.55 0.89
CA TYR A 106 -6.08 -7.82 2.32
C TYR A 106 -4.78 -7.40 2.99
N LEU A 107 -4.89 -6.55 4.01
CA LEU A 107 -3.73 -6.07 4.74
C LEU A 107 -3.63 -6.72 6.12
N ARG A 108 -2.66 -7.62 6.29
CA ARG A 108 -2.48 -8.31 7.55
C ARG A 108 -1.04 -8.15 8.05
N GLN A 109 -0.11 -8.04 7.11
CA GLN A 109 1.31 -7.87 7.45
C GLN A 109 1.76 -6.44 7.22
N PRO A 110 1.72 -5.62 8.29
CA PRO A 110 2.13 -4.22 8.23
C PRO A 110 3.63 -4.06 8.03
N TYR A 111 4.07 -4.12 6.78
CA TYR A 111 5.49 -3.98 6.47
C TYR A 111 6.13 -2.87 7.31
N TYR A 112 6.90 -3.28 8.31
CA TYR A 112 7.57 -2.33 9.19
C TYR A 112 8.70 -1.60 8.45
N SER A 113 9.15 -0.49 9.02
CA SER A 113 10.21 0.30 8.42
C SER A 113 11.47 -0.55 8.24
N GLY A 114 11.75 -1.41 9.22
CA GLY A 114 12.92 -2.26 9.15
C GLY A 114 12.98 -3.08 7.87
N PRO A 115 14.19 -3.30 7.36
CA PRO A 115 14.40 -4.08 6.13
C PRO A 115 14.10 -5.56 6.32
N SER A 116 14.49 -6.36 5.34
CA SER A 116 14.25 -7.80 5.38
C SER A 116 15.57 -8.56 5.42
N SER A 117 16.43 -8.27 4.44
CA SER A 117 17.73 -8.94 4.34
C SER A 117 18.74 -8.28 5.28
N GLY A 118 19.87 -8.96 5.50
CA GLY A 118 20.89 -8.44 6.37
C GLY A 118 21.05 -9.24 7.64
N ALA B 1 16.43 11.82 -15.58
CA ALA B 1 16.13 10.41 -15.73
C ALA B 1 14.68 10.20 -16.17
N THR B 2 14.49 10.09 -17.48
CA THR B 2 13.16 9.88 -18.04
C THR B 2 12.82 8.39 -18.14
N GLU B 3 11.88 7.96 -17.31
CA GLU B 3 11.46 6.56 -17.30
C GLU B 3 9.98 6.43 -16.99
N GLN B 4 9.33 5.46 -17.62
CA GLN B 4 7.91 5.23 -17.40
C GLN B 4 7.53 5.47 -15.95
N GLU B 5 6.27 5.83 -15.71
CA GLU B 5 5.79 6.09 -14.36
C GLU B 5 5.09 4.87 -13.79
N ILE B 6 4.89 4.86 -12.47
CA ILE B 6 4.24 3.75 -11.80
C ILE B 6 2.74 3.77 -12.04
N THR B 7 2.15 2.59 -12.21
CA THR B 7 0.71 2.47 -12.45
C THR B 7 -0.02 2.09 -11.17
N PTR B 8 -1.00 2.91 -10.80
CA PTR B 8 -1.79 2.65 -9.60
C PTR B 8 -3.03 1.83 -9.92
O PTR B 8 -3.30 1.52 -11.09
CB PTR B 8 -2.21 3.98 -8.96
CG PTR B 8 -1.07 4.69 -8.26
CD1 PTR B 8 0.01 5.18 -8.98
CD2 PTR B 8 -1.07 4.89 -6.88
CE1 PTR B 8 1.05 5.84 -8.35
CE2 PTR B 8 -0.04 5.54 -6.25
CZ PTR B 8 1.03 6.01 -6.98
OH PTR B 8 2.06 6.67 -6.35
P PTR B 8 3.61 6.41 -6.64
O1P PTR B 8 4.00 7.03 -7.93
O2P PTR B 8 4.43 7.01 -5.56
O3P PTR B 8 3.88 4.96 -6.70
H PTR B 8 -1.20 3.69 -11.34
HA PTR B 8 -1.17 2.11 -8.91
HB2 PTR B 8 -2.60 4.64 -9.71
HB3 PTR B 8 -2.97 3.78 -8.21
HD1 PTR B 8 0.04 5.04 -10.05
HD2 PTR B 8 -1.91 4.51 -6.30
HE1 PTR B 8 1.88 6.21 -8.93
HE2 PTR B 8 -0.07 5.67 -5.17
N ALA B 9 -3.77 1.46 -8.88
CA ALA B 9 -4.99 0.66 -9.05
C ALA B 9 -6.22 1.43 -8.59
N GLU B 10 -7.22 1.51 -9.45
CA GLU B 10 -8.46 2.22 -9.12
C GLU B 10 -9.24 1.48 -8.05
N LEU B 11 -10.22 2.15 -7.45
CA LEU B 11 -11.04 1.55 -6.41
C LEU B 11 -12.52 1.78 -6.70
N ASN B 12 -13.38 1.04 -5.99
CA ASN B 12 -14.82 1.15 -6.17
C ASN B 12 -15.44 1.96 -5.03
N LEU B 13 -16.46 2.74 -5.37
CA LEU B 13 -17.15 3.57 -4.38
C LEU B 13 -18.57 3.06 -4.14
N GLN B 14 -19.27 3.70 -3.21
CA GLN B 14 -20.65 3.32 -2.89
C GLN B 14 -21.44 3.03 -4.16
N LYS B 15 -21.27 3.89 -5.16
CA LYS B 15 -21.97 3.74 -6.43
C LYS B 15 -21.10 3.01 -7.45
N GLY A 1 10.48 -10.63 25.60
CA GLY A 1 9.53 -9.53 25.58
C GLY A 1 9.68 -8.67 24.33
N SER A 2 9.01 -9.07 23.26
CA SER A 2 9.07 -8.33 21.99
C SER A 2 7.97 -7.28 21.92
N SER A 3 8.36 -6.02 21.99
CA SER A 3 7.41 -4.91 21.95
C SER A 3 7.16 -4.48 20.50
N GLY A 4 8.24 -4.33 19.75
CA GLY A 4 8.12 -3.91 18.36
C GLY A 4 7.41 -2.58 18.20
N SER A 5 7.98 -1.54 18.81
CA SER A 5 7.40 -0.21 18.74
C SER A 5 7.18 0.22 17.30
N SER A 6 8.19 0.02 16.46
CA SER A 6 8.12 0.39 15.06
C SER A 6 6.76 0.01 14.47
N GLY A 7 6.31 0.76 13.47
CA GLY A 7 5.02 0.48 12.85
C GLY A 7 5.14 0.31 11.35
N TRP A 8 4.02 0.00 10.71
CA TRP A 8 4.00 -0.19 9.26
C TRP A 8 4.54 1.04 8.54
N TYR A 9 4.34 2.21 9.14
CA TYR A 9 4.81 3.45 8.56
C TYR A 9 6.30 3.37 8.21
N HIS A 10 6.63 3.71 6.97
CA HIS A 10 8.01 3.67 6.51
C HIS A 10 8.59 5.08 6.41
N GLY A 11 8.00 5.90 5.54
CA GLY A 11 8.47 7.26 5.36
C GLY A 11 8.84 7.56 3.91
N HIS A 12 10.12 7.41 3.59
CA HIS A 12 10.60 7.67 2.24
C HIS A 12 10.62 6.39 1.43
N MET A 13 9.77 6.32 0.40
CA MET A 13 9.70 5.15 -0.46
C MET A 13 9.14 5.53 -1.83
N SER A 14 9.62 4.85 -2.86
CA SER A 14 9.17 5.11 -4.23
C SER A 14 8.44 3.90 -4.80
N GLY A 15 7.61 4.15 -5.81
CA GLY A 15 6.86 3.06 -6.43
C GLY A 15 7.75 1.89 -6.81
N GLY A 16 8.97 2.19 -7.25
CA GLY A 16 9.88 1.14 -7.64
C GLY A 16 10.49 0.42 -6.44
N GLN A 17 10.71 1.17 -5.37
CA GLN A 17 11.30 0.60 -4.16
C GLN A 17 10.28 -0.30 -3.44
N ALA A 18 9.05 0.18 -3.33
CA ALA A 18 8.00 -0.57 -2.67
C ALA A 18 7.83 -1.95 -3.30
N GLU A 19 7.49 -1.97 -4.58
CA GLU A 19 7.30 -3.22 -5.30
C GLU A 19 8.45 -4.20 -5.01
N THR A 20 9.67 -3.68 -5.02
CA THR A 20 10.85 -4.50 -4.76
C THR A 20 10.84 -5.04 -3.33
N LEU A 21 10.74 -4.13 -2.37
CA LEU A 21 10.73 -4.52 -0.96
C LEU A 21 9.62 -5.53 -0.68
N LEU A 22 8.37 -5.09 -0.85
CA LEU A 22 7.22 -5.97 -0.63
C LEU A 22 7.50 -7.38 -1.15
N GLN A 23 7.84 -7.47 -2.42
CA GLN A 23 8.13 -8.77 -3.05
C GLN A 23 9.36 -9.41 -2.42
N ALA A 24 10.27 -8.57 -1.92
CA ALA A 24 11.49 -9.05 -1.30
C ALA A 24 11.18 -10.02 -0.16
N LYS A 25 10.30 -9.58 0.75
CA LYS A 25 9.92 -10.41 1.89
C LYS A 25 9.28 -11.71 1.43
N GLY A 26 8.33 -11.61 0.50
CA GLY A 26 7.66 -12.78 -0.01
C GLY A 26 6.49 -13.20 0.86
N GLU A 27 5.75 -12.23 1.37
CA GLU A 27 4.60 -12.51 2.22
C GLU A 27 3.32 -11.91 1.64
N PRO A 28 2.32 -12.75 1.40
CA PRO A 28 1.04 -12.33 0.84
C PRO A 28 0.22 -11.49 1.83
N TRP A 29 -0.52 -10.52 1.29
CA TRP A 29 -1.35 -9.66 2.12
C TRP A 29 -0.47 -8.71 2.95
N THR A 30 0.63 -8.26 2.37
CA THR A 30 1.55 -7.36 3.06
C THR A 30 1.36 -5.92 2.59
N PHE A 31 0.92 -5.06 3.48
CA PHE A 31 0.70 -3.66 3.16
C PHE A 31 1.77 -2.78 3.80
N LEU A 32 2.06 -1.65 3.16
CA LEU A 32 3.07 -0.71 3.67
C LEU A 32 2.71 0.72 3.30
N VAL A 33 2.82 1.61 4.27
CA VAL A 33 2.51 3.02 4.05
C VAL A 33 3.78 3.81 3.72
N ARG A 34 3.69 4.65 2.68
CA ARG A 34 4.83 5.45 2.26
C ARG A 34 4.38 6.88 1.92
N GLU A 35 5.36 7.76 1.68
CA GLU A 35 5.07 9.15 1.35
C GLU A 35 5.24 9.39 -0.14
N SER A 36 4.37 10.24 -0.70
CA SER A 36 4.42 10.56 -2.12
C SER A 36 5.76 11.18 -2.49
N LEU A 37 5.99 11.35 -3.79
CA LEU A 37 7.24 11.94 -4.28
C LEU A 37 6.99 13.33 -4.87
N SER A 38 5.86 13.47 -5.55
CA SER A 38 5.51 14.75 -6.17
C SER A 38 4.18 15.27 -5.62
N GLN A 39 3.22 14.37 -5.48
CA GLN A 39 1.89 14.73 -4.98
C GLN A 39 2.01 15.55 -3.69
N PRO A 40 1.16 16.58 -3.59
CA PRO A 40 1.15 17.47 -2.41
C PRO A 40 0.62 16.77 -1.16
N GLY A 41 1.44 16.76 -0.12
CA GLY A 41 1.02 16.12 1.13
C GLY A 41 0.15 14.91 0.89
N ASP A 42 0.65 13.96 0.10
CA ASP A 42 -0.10 12.75 -0.20
C ASP A 42 0.71 11.51 0.18
N PHE A 43 0.10 10.34 0.04
CA PHE A 43 0.76 9.09 0.37
C PHE A 43 0.29 7.96 -0.55
N VAL A 44 1.02 6.85 -0.53
CA VAL A 44 0.68 5.70 -1.36
C VAL A 44 0.56 4.43 -0.53
N LEU A 45 -0.54 3.70 -0.71
CA LEU A 45 -0.78 2.47 0.02
C LEU A 45 -0.46 1.25 -0.84
N SER A 46 0.68 0.62 -0.58
CA SER A 46 1.11 -0.55 -1.33
C SER A 46 0.71 -1.83 -0.61
N VAL A 47 0.27 -2.83 -1.36
CA VAL A 47 -0.13 -4.11 -0.80
C VAL A 47 0.25 -5.26 -1.72
N LEU A 48 0.84 -6.30 -1.14
CA LEU A 48 1.25 -7.48 -1.91
C LEU A 48 0.12 -8.49 -2.01
N SER A 49 -0.29 -8.79 -3.23
CA SER A 49 -1.37 -9.73 -3.47
C SER A 49 -0.85 -11.17 -3.44
N ASP A 50 -1.73 -12.11 -3.11
CA ASP A 50 -1.36 -13.52 -3.03
C ASP A 50 -1.26 -14.12 -4.44
N GLN A 51 -1.41 -13.28 -5.45
CA GLN A 51 -1.34 -13.73 -6.83
C GLN A 51 -0.06 -13.25 -7.51
N PRO A 52 0.71 -14.19 -8.06
CA PRO A 52 1.97 -13.88 -8.75
C PRO A 52 1.75 -13.13 -10.06
N LYS A 53 2.78 -12.42 -10.51
CA LYS A 53 2.70 -11.66 -11.75
C LYS A 53 3.00 -12.55 -12.95
N ALA A 54 3.69 -13.66 -12.70
CA ALA A 54 4.03 -14.59 -13.77
C ALA A 54 3.72 -16.03 -13.36
N GLY A 55 4.10 -16.98 -14.20
CA GLY A 55 3.85 -18.38 -13.90
C GLY A 55 4.44 -18.81 -12.58
N PRO A 56 4.65 -20.13 -12.42
CA PRO A 56 5.21 -20.69 -11.20
C PRO A 56 6.69 -20.33 -11.02
N GLY A 57 6.94 -19.19 -10.39
CA GLY A 57 8.31 -18.75 -10.17
C GLY A 57 8.48 -17.26 -10.35
N SER A 58 7.49 -16.49 -9.90
CA SER A 58 7.53 -15.04 -10.02
C SER A 58 7.08 -14.37 -8.73
N PRO A 59 7.49 -13.11 -8.53
CA PRO A 59 7.14 -12.34 -7.34
C PRO A 59 5.66 -11.97 -7.32
N LEU A 60 5.11 -11.83 -6.11
CA LEU A 60 3.70 -11.47 -5.95
C LEU A 60 3.44 -10.06 -6.46
N ARG A 61 2.34 -9.89 -7.19
CA ARG A 61 1.97 -8.59 -7.74
C ARG A 61 1.63 -7.61 -6.61
N VAL A 62 1.90 -6.33 -6.85
CA VAL A 62 1.62 -5.29 -5.86
C VAL A 62 0.52 -4.36 -6.35
N THR A 63 -0.09 -3.64 -5.41
CA THR A 63 -1.17 -2.71 -5.75
C THR A 63 -0.98 -1.38 -5.02
N HIS A 64 -0.76 -0.31 -5.80
CA HIS A 64 -0.57 1.01 -5.24
C HIS A 64 -1.88 1.79 -5.21
N ILE A 65 -2.44 1.95 -4.02
CA ILE A 65 -3.70 2.68 -3.86
C ILE A 65 -3.46 4.09 -3.33
N LYS A 66 -3.42 5.05 -4.25
CA LYS A 66 -3.20 6.44 -3.89
C LYS A 66 -4.04 6.83 -2.67
N VAL A 67 -3.40 7.44 -1.69
CA VAL A 67 -4.09 7.86 -0.48
C VAL A 67 -4.29 9.38 -0.45
N MET A 68 -5.42 9.82 -0.98
CA MET A 68 -5.73 11.25 -1.02
C MET A 68 -5.85 11.81 0.39
N CYS A 69 -5.15 12.92 0.64
CA CYS A 69 -5.17 13.56 1.95
C CYS A 69 -5.84 14.93 1.87
N GLU A 70 -7.05 15.02 2.44
CA GLU A 70 -7.80 16.27 2.43
C GLU A 70 -7.36 17.18 3.58
N GLY A 71 -6.05 17.30 3.76
CA GLY A 71 -5.53 18.14 4.82
C GLY A 71 -6.04 17.72 6.19
N GLY A 72 -5.60 16.57 6.66
CA GLY A 72 -6.02 16.08 7.95
C GLY A 72 -6.66 14.70 7.88
N ARG A 73 -7.34 14.42 6.77
CA ARG A 73 -7.99 13.14 6.58
C ARG A 73 -7.37 12.38 5.40
N TYR A 74 -7.76 11.12 5.24
CA TYR A 74 -7.24 10.29 4.16
C TYR A 74 -8.36 9.48 3.52
N THR A 75 -8.23 9.24 2.22
CA THR A 75 -9.22 8.48 1.48
C THR A 75 -8.60 7.77 0.28
N VAL A 76 -9.26 6.72 -0.20
CA VAL A 76 -8.77 5.97 -1.34
C VAL A 76 -9.91 5.57 -2.26
N GLY A 77 -9.91 6.11 -3.48
CA GLY A 77 -10.95 5.79 -4.44
C GLY A 77 -12.29 5.55 -3.78
N GLY A 78 -12.70 6.46 -2.91
CA GLY A 78 -13.97 6.32 -2.22
C GLY A 78 -14.29 7.52 -1.34
N LEU A 79 -15.52 7.58 -0.84
CA LEU A 79 -15.95 8.67 0.02
C LEU A 79 -15.47 8.47 1.45
N GLU A 80 -15.04 7.25 1.76
CA GLU A 80 -14.55 6.93 3.09
C GLU A 80 -13.34 7.79 3.45
N THR A 81 -13.57 8.80 4.29
CA THR A 81 -12.50 9.70 4.71
C THR A 81 -12.13 9.47 6.17
N PHE A 82 -10.97 8.84 6.40
CA PHE A 82 -10.50 8.56 7.75
C PHE A 82 -9.71 9.73 8.30
N ASP A 83 -9.73 9.89 9.62
CA ASP A 83 -9.00 10.98 10.28
C ASP A 83 -7.50 10.80 10.10
N SER A 84 -7.03 9.56 10.19
CA SER A 84 -5.61 9.25 10.04
C SER A 84 -5.41 7.92 9.34
N LEU A 85 -4.17 7.64 8.94
CA LEU A 85 -3.84 6.39 8.27
C LEU A 85 -4.07 5.20 9.18
N THR A 86 -3.78 5.39 10.48
CA THR A 86 -3.95 4.33 11.46
C THR A 86 -5.39 3.84 11.50
N ASP A 87 -6.33 4.74 11.22
CA ASP A 87 -7.74 4.40 11.22
C ASP A 87 -8.18 3.89 9.85
N LEU A 88 -7.60 4.46 8.80
CA LEU A 88 -7.93 4.06 7.43
C LEU A 88 -7.46 2.63 7.15
N VAL A 89 -6.28 2.29 7.66
CA VAL A 89 -5.72 0.96 7.47
C VAL A 89 -6.44 -0.07 8.34
N GLU A 90 -6.57 0.25 9.63
CA GLU A 90 -7.23 -0.64 10.57
C GLU A 90 -8.67 -0.93 10.13
N HIS A 91 -9.16 -0.13 9.19
CA HIS A 91 -10.53 -0.30 8.70
C HIS A 91 -10.56 -1.29 7.54
N PHE A 92 -9.53 -1.26 6.70
CA PHE A 92 -9.45 -2.16 5.56
C PHE A 92 -8.83 -3.50 5.96
N LYS A 93 -8.05 -3.47 7.04
CA LYS A 93 -7.40 -4.68 7.53
C LYS A 93 -8.43 -5.74 7.90
N LYS A 94 -9.62 -5.29 8.29
CA LYS A 94 -10.70 -6.21 8.67
C LYS A 94 -11.73 -6.31 7.56
N THR A 95 -12.02 -5.19 6.91
CA THR A 95 -12.99 -5.16 5.83
C THR A 95 -12.34 -5.49 4.49
N GLY A 96 -11.23 -4.82 4.20
CA GLY A 96 -10.52 -5.05 2.96
C GLY A 96 -10.88 -4.04 1.89
N ILE A 97 -9.93 -3.75 1.00
CA ILE A 97 -10.15 -2.79 -0.08
C ILE A 97 -10.64 -3.49 -1.34
N GLU A 98 -11.46 -2.80 -2.12
CA GLU A 98 -11.98 -3.34 -3.36
C GLU A 98 -11.48 -2.56 -4.56
N GLU A 99 -10.69 -3.23 -5.41
CA GLU A 99 -10.14 -2.58 -6.60
C GLU A 99 -11.19 -2.47 -7.70
N ALA A 100 -11.07 -1.43 -8.52
CA ALA A 100 -12.01 -1.21 -9.61
C ALA A 100 -12.53 -2.53 -10.16
N SER A 101 -11.60 -3.37 -10.63
CA SER A 101 -11.96 -4.66 -11.20
C SER A 101 -12.82 -5.47 -10.23
N GLY A 102 -12.41 -5.48 -8.96
CA GLY A 102 -13.16 -6.20 -7.95
C GLY A 102 -12.26 -6.91 -6.96
N ALA A 103 -10.98 -7.05 -7.32
CA ALA A 103 -10.01 -7.71 -6.46
C ALA A 103 -10.06 -7.14 -5.04
N PHE A 104 -10.03 -8.02 -4.05
CA PHE A 104 -10.07 -7.61 -2.66
C PHE A 104 -8.69 -7.67 -2.03
N VAL A 105 -8.13 -6.51 -1.70
CA VAL A 105 -6.81 -6.43 -1.09
C VAL A 105 -6.89 -6.61 0.42
N TYR A 106 -6.27 -7.67 0.92
CA TYR A 106 -6.27 -7.95 2.35
C TYR A 106 -4.94 -7.56 2.99
N LEU A 107 -5.02 -6.73 4.02
CA LEU A 107 -3.82 -6.28 4.72
C LEU A 107 -3.72 -6.90 6.11
N ARG A 108 -2.80 -7.85 6.27
CA ARG A 108 -2.60 -8.52 7.54
C ARG A 108 -1.17 -8.39 8.02
N GLN A 109 -0.25 -8.27 7.07
CA GLN A 109 1.17 -8.14 7.39
C GLN A 109 1.65 -6.71 7.19
N PRO A 110 1.60 -5.90 8.26
CA PRO A 110 2.02 -4.50 8.22
C PRO A 110 3.52 -4.35 8.05
N TYR A 111 3.97 -4.22 6.80
CA TYR A 111 5.39 -4.08 6.51
C TYR A 111 5.99 -2.91 7.28
N TYR A 112 6.81 -3.23 8.27
CA TYR A 112 7.45 -2.21 9.09
C TYR A 112 8.72 -1.68 8.42
N SER A 113 9.21 -0.55 8.91
CA SER A 113 10.42 0.06 8.35
C SER A 113 11.59 -0.91 8.41
N GLY A 114 11.74 -1.58 9.55
CA GLY A 114 12.82 -2.53 9.72
C GLY A 114 13.28 -2.63 11.16
N PRO A 115 13.22 -3.86 11.71
CA PRO A 115 13.62 -4.12 13.10
C PRO A 115 15.14 -4.01 13.29
N SER A 116 15.89 -4.67 12.41
CA SER A 116 17.34 -4.64 12.49
C SER A 116 17.96 -4.55 11.10
N SER A 117 18.65 -3.44 10.85
CA SER A 117 19.29 -3.22 9.55
C SER A 117 18.26 -3.22 8.43
N GLY A 118 17.24 -2.38 8.58
CA GLY A 118 16.20 -2.30 7.58
C GLY A 118 16.66 -1.60 6.31
N ALA B 1 3.58 -5.66 -22.01
CA ALA B 1 3.07 -4.45 -22.62
C ALA B 1 4.04 -3.28 -22.43
N THR B 2 5.34 -3.59 -22.46
CA THR B 2 6.37 -2.57 -22.28
C THR B 2 6.02 -1.63 -21.14
N GLU B 3 5.49 -2.19 -20.06
CA GLU B 3 5.12 -1.39 -18.89
C GLU B 3 5.59 -2.05 -17.60
N GLN B 4 6.72 -1.57 -17.07
CA GLN B 4 7.29 -2.12 -15.85
C GLN B 4 7.45 -1.02 -14.79
N GLU B 5 6.35 -0.36 -14.47
CA GLU B 5 6.36 0.72 -13.48
C GLU B 5 5.01 0.85 -12.80
N ILE B 6 5.03 1.09 -11.49
CA ILE B 6 3.80 1.25 -10.72
C ILE B 6 2.71 1.92 -11.56
N THR B 7 1.50 1.39 -11.47
CA THR B 7 0.37 1.93 -12.21
C THR B 7 -0.78 2.31 -11.28
N PTR B 8 -0.72 1.80 -10.05
CA PTR B 8 -1.76 2.08 -9.06
C PTR B 8 -3.11 1.55 -9.53
O PTR B 8 -3.36 1.43 -10.73
CB PTR B 8 -1.85 3.58 -8.78
CG PTR B 8 -0.62 4.14 -8.09
CD1 PTR B 8 0.58 4.24 -8.78
CD2 PTR B 8 -0.68 4.58 -6.79
CE1 PTR B 8 1.71 4.76 -8.15
CE2 PTR B 8 0.44 5.10 -6.16
CZ PTR B 8 1.63 5.18 -6.85
OH PTR B 8 2.75 5.70 -6.22
P PTR B 8 3.68 6.85 -6.82
O1P PTR B 8 5.10 6.53 -6.55
O2P PTR B 8 3.47 6.96 -8.29
O3P PTR B 8 3.34 8.15 -6.20
H PTR B 8 0.03 1.23 -9.80
HA PTR B 8 -1.49 1.56 -8.15
HB2 PTR B 8 -1.98 4.10 -9.72
HB3 PTR B 8 -2.70 3.77 -8.15
HD1 PTR B 8 0.65 3.91 -9.80
HD2 PTR B 8 -1.62 4.51 -6.25
HE1 PTR B 8 2.64 4.83 -8.69
HE2 PTR B 8 0.38 5.43 -5.13
N ALA B 9 -3.98 1.24 -8.58
CA ALA B 9 -5.31 0.73 -8.89
C ALA B 9 -6.35 1.83 -8.84
N GLU B 10 -7.50 1.60 -9.48
CA GLU B 10 -8.57 2.58 -9.50
C GLU B 10 -9.79 2.07 -8.75
N LEU B 11 -9.67 1.99 -7.42
CA LEU B 11 -10.76 1.53 -6.59
C LEU B 11 -12.10 2.06 -7.08
N ASN B 12 -13.18 1.41 -6.67
CA ASN B 12 -14.53 1.82 -7.07
C ASN B 12 -15.22 2.59 -5.95
N LEU B 13 -16.19 3.41 -6.32
CA LEU B 13 -16.93 4.20 -5.35
C LEU B 13 -18.15 4.86 -5.99
N GLN B 14 -19.17 5.12 -5.19
CA GLN B 14 -20.40 5.75 -5.68
C GLN B 14 -20.69 5.32 -7.12
N LYS B 15 -20.34 4.07 -7.44
CA LYS B 15 -20.57 3.54 -8.77
C LYS B 15 -22.03 3.68 -9.18
N GLY A 1 16.98 -9.68 15.86
CA GLY A 1 17.73 -8.45 15.99
C GLY A 1 16.92 -7.33 16.61
N SER A 2 17.61 -6.34 17.18
CA SER A 2 16.95 -5.21 17.81
C SER A 2 16.50 -4.19 16.78
N SER A 3 15.30 -4.38 16.25
CA SER A 3 14.75 -3.48 15.24
C SER A 3 13.58 -2.68 15.81
N GLY A 4 13.24 -1.59 15.13
CA GLY A 4 12.13 -0.76 15.58
C GLY A 4 10.94 -0.81 14.64
N SER A 5 9.84 -1.39 15.11
CA SER A 5 8.63 -1.50 14.30
C SER A 5 8.12 -0.12 13.90
N SER A 6 8.17 0.82 14.83
CA SER A 6 7.71 2.18 14.57
C SER A 6 6.44 2.17 13.72
N GLY A 7 5.69 1.08 13.80
CA GLY A 7 4.46 0.96 13.04
C GLY A 7 4.72 0.65 11.58
N TRP A 8 3.67 0.26 10.86
CA TRP A 8 3.79 -0.06 9.44
C TRP A 8 4.30 1.13 8.65
N TYR A 9 4.04 2.33 9.16
CA TYR A 9 4.47 3.56 8.49
C TYR A 9 5.98 3.55 8.27
N HIS A 10 6.39 3.89 7.05
CA HIS A 10 7.80 3.93 6.70
C HIS A 10 8.34 5.35 6.76
N GLY A 11 7.89 6.19 5.83
CA GLY A 11 8.33 7.57 5.80
C GLY A 11 8.59 8.06 4.40
N HIS A 12 9.42 7.32 3.65
CA HIS A 12 9.75 7.68 2.28
C HIS A 12 9.99 6.44 1.43
N MET A 13 9.34 6.39 0.26
CA MET A 13 9.48 5.26 -0.64
C MET A 13 8.76 5.52 -1.97
N SER A 14 9.33 5.02 -3.05
CA SER A 14 8.75 5.20 -4.37
C SER A 14 8.08 3.91 -4.86
N GLY A 15 7.04 4.07 -5.68
CA GLY A 15 6.34 2.91 -6.20
C GLY A 15 7.27 1.84 -6.71
N GLY A 16 8.42 2.26 -7.25
CA GLY A 16 9.39 1.32 -7.77
C GLY A 16 10.19 0.63 -6.67
N GLN A 17 10.31 1.31 -5.54
CA GLN A 17 11.06 0.77 -4.41
C GLN A 17 10.21 -0.25 -3.65
N ALA A 18 8.92 0.02 -3.53
CA ALA A 18 8.01 -0.88 -2.83
C ALA A 18 7.96 -2.25 -3.49
N GLU A 19 7.44 -2.29 -4.72
CA GLU A 19 7.34 -3.53 -5.47
C GLU A 19 8.55 -4.43 -5.20
N THR A 20 9.71 -3.81 -5.03
CA THR A 20 10.94 -4.55 -4.77
C THR A 20 10.96 -5.10 -3.34
N LEU A 21 10.79 -4.21 -2.38
CA LEU A 21 10.78 -4.59 -0.97
C LEU A 21 9.70 -5.63 -0.69
N LEU A 22 8.45 -5.26 -0.94
CA LEU A 22 7.32 -6.16 -0.72
C LEU A 22 7.61 -7.55 -1.30
N GLN A 23 8.10 -7.58 -2.53
CA GLN A 23 8.41 -8.84 -3.19
C GLN A 23 9.63 -9.50 -2.56
N ALA A 24 10.48 -8.68 -1.94
CA ALA A 24 11.69 -9.18 -1.29
C ALA A 24 11.35 -10.14 -0.16
N LYS A 25 10.49 -9.69 0.75
CA LYS A 25 10.09 -10.52 1.88
C LYS A 25 9.37 -11.78 1.40
N GLY A 26 8.45 -11.61 0.46
CA GLY A 26 7.72 -12.74 -0.07
C GLY A 26 6.52 -13.11 0.78
N GLU A 27 6.02 -12.13 1.54
CA GLU A 27 4.86 -12.35 2.40
C GLU A 27 3.60 -11.78 1.78
N PRO A 28 2.62 -12.66 1.50
CA PRO A 28 1.35 -12.27 0.91
C PRO A 28 0.48 -11.46 1.86
N TRP A 29 -0.36 -10.60 1.30
CA TRP A 29 -1.25 -9.76 2.11
C TRP A 29 -0.45 -8.78 2.95
N THR A 30 0.69 -8.33 2.41
CA THR A 30 1.54 -7.38 3.11
C THR A 30 1.31 -5.96 2.61
N PHE A 31 0.84 -5.09 3.49
CA PHE A 31 0.59 -3.70 3.13
C PHE A 31 1.63 -2.77 3.75
N LEU A 32 1.87 -1.63 3.11
CA LEU A 32 2.84 -0.67 3.60
C LEU A 32 2.49 0.74 3.15
N VAL A 33 2.54 1.69 4.08
CA VAL A 33 2.23 3.08 3.77
C VAL A 33 3.48 3.87 3.42
N ARG A 34 3.36 4.75 2.45
CA ARG A 34 4.49 5.57 2.01
C ARG A 34 4.01 6.93 1.49
N GLU A 35 4.90 7.92 1.55
CA GLU A 35 4.57 9.26 1.08
C GLU A 35 4.70 9.36 -0.43
N SER A 36 3.74 10.02 -1.07
CA SER A 36 3.75 10.18 -2.52
C SER A 36 4.79 11.21 -2.94
N LEU A 37 5.50 10.92 -4.03
CA LEU A 37 6.52 11.82 -4.54
C LEU A 37 5.91 12.84 -5.49
N SER A 38 5.19 12.35 -6.50
CA SER A 38 4.56 13.22 -7.49
C SER A 38 3.63 14.20 -6.81
N GLN A 39 2.78 13.70 -5.93
CA GLN A 39 1.83 14.53 -5.20
C GLN A 39 2.33 14.86 -3.80
N PRO A 40 2.75 16.12 -3.61
CA PRO A 40 3.27 16.58 -2.32
C PRO A 40 2.18 16.68 -1.25
N GLY A 41 2.24 15.81 -0.24
CA GLY A 41 1.25 15.82 0.81
C GLY A 41 0.42 14.55 0.84
N ASP A 42 0.23 13.96 -0.34
CA ASP A 42 -0.56 12.73 -0.45
C ASP A 42 0.29 11.51 -0.11
N PHE A 43 -0.37 10.36 0.01
CA PHE A 43 0.32 9.11 0.32
C PHE A 43 -0.11 8.00 -0.61
N VAL A 44 0.68 6.93 -0.65
CA VAL A 44 0.38 5.79 -1.52
C VAL A 44 0.32 4.50 -0.71
N LEU A 45 -0.76 3.74 -0.89
CA LEU A 45 -0.94 2.48 -0.17
C LEU A 45 -0.54 1.30 -1.05
N SER A 46 0.48 0.57 -0.61
CA SER A 46 0.98 -0.59 -1.35
C SER A 46 0.65 -1.88 -0.61
N VAL A 47 0.22 -2.89 -1.37
CA VAL A 47 -0.13 -4.18 -0.79
C VAL A 47 0.27 -5.32 -1.71
N LEU A 48 0.93 -6.32 -1.15
CA LEU A 48 1.38 -7.47 -1.92
C LEU A 48 0.28 -8.54 -1.99
N SER A 49 -0.14 -8.87 -3.21
CA SER A 49 -1.18 -9.87 -3.40
C SER A 49 -0.59 -11.28 -3.38
N ASP A 50 -1.37 -12.23 -2.88
CA ASP A 50 -0.94 -13.63 -2.80
C ASP A 50 -0.85 -14.25 -4.19
N GLN A 51 -1.17 -13.46 -5.21
CA GLN A 51 -1.13 -13.93 -6.59
C GLN A 51 0.14 -13.47 -7.28
N PRO A 52 0.88 -14.44 -7.86
CA PRO A 52 2.14 -14.16 -8.57
C PRO A 52 1.90 -13.40 -9.88
N LYS A 53 2.96 -12.75 -10.38
CA LYS A 53 2.87 -12.01 -11.62
C LYS A 53 3.18 -12.89 -12.81
N ALA A 54 3.81 -14.04 -12.55
CA ALA A 54 4.16 -14.98 -13.60
C ALA A 54 3.91 -16.42 -13.17
N GLY A 55 4.30 -17.37 -14.02
CA GLY A 55 4.11 -18.76 -13.70
C GLY A 55 5.30 -19.36 -12.96
N PRO A 56 6.43 -19.51 -13.67
CA PRO A 56 7.66 -20.07 -13.09
C PRO A 56 8.29 -19.13 -12.08
N GLY A 57 8.15 -19.46 -10.80
CA GLY A 57 8.73 -18.63 -9.75
C GLY A 57 8.73 -17.16 -10.11
N SER A 58 7.67 -16.45 -9.72
CA SER A 58 7.55 -15.03 -10.00
C SER A 58 7.17 -14.25 -8.75
N PRO A 59 7.57 -12.97 -8.69
CA PRO A 59 7.28 -12.10 -7.57
C PRO A 59 5.80 -11.74 -7.47
N LEU A 60 5.25 -11.82 -6.27
CA LEU A 60 3.85 -11.49 -6.05
C LEU A 60 3.51 -10.10 -6.58
N ARG A 61 2.34 -9.98 -7.20
CA ARG A 61 1.90 -8.71 -7.77
C ARG A 61 1.60 -7.70 -6.66
N VAL A 62 1.85 -6.43 -6.94
CA VAL A 62 1.60 -5.37 -5.97
C VAL A 62 0.49 -4.44 -6.43
N THR A 63 -0.12 -3.73 -5.50
CA THR A 63 -1.20 -2.80 -5.81
C THR A 63 -1.00 -1.47 -5.12
N HIS A 64 -0.97 -0.39 -5.90
CA HIS A 64 -0.79 0.95 -5.35
C HIS A 64 -2.09 1.73 -5.39
N ILE A 65 -2.63 2.03 -4.20
CA ILE A 65 -3.88 2.77 -4.10
C ILE A 65 -3.63 4.20 -3.64
N LYS A 66 -3.78 5.15 -4.56
CA LYS A 66 -3.57 6.56 -4.24
C LYS A 66 -4.33 6.95 -2.96
N VAL A 67 -3.59 7.39 -1.96
CA VAL A 67 -4.19 7.80 -0.70
C VAL A 67 -4.23 9.32 -0.57
N MET A 68 -5.40 9.89 -0.85
CA MET A 68 -5.58 11.34 -0.77
C MET A 68 -5.62 11.80 0.68
N CYS A 69 -4.79 12.77 1.02
CA CYS A 69 -4.73 13.31 2.38
C CYS A 69 -5.18 14.76 2.41
N GLU A 70 -6.27 15.02 3.12
CA GLU A 70 -6.81 16.37 3.23
C GLU A 70 -6.65 16.91 4.65
N GLY A 71 -5.59 17.68 4.87
CA GLY A 71 -5.36 18.23 6.19
C GLY A 71 -4.83 17.21 7.16
N GLY A 72 -5.74 16.54 7.87
CA GLY A 72 -5.35 15.54 8.84
C GLY A 72 -6.11 14.24 8.67
N ARG A 73 -6.64 14.01 7.46
CA ARG A 73 -7.39 12.80 7.18
C ARG A 73 -6.82 12.08 5.97
N TYR A 74 -7.44 10.94 5.61
CA TYR A 74 -6.99 10.16 4.47
C TYR A 74 -8.17 9.52 3.76
N THR A 75 -8.00 9.26 2.46
CA THR A 75 -9.06 8.65 1.66
C THR A 75 -8.49 7.97 0.43
N VAL A 76 -9.31 7.16 -0.22
CA VAL A 76 -8.88 6.44 -1.42
C VAL A 76 -10.04 6.24 -2.38
N GLY A 77 -9.96 6.89 -3.53
CA GLY A 77 -11.01 6.78 -4.53
C GLY A 77 -12.25 7.56 -4.16
N GLY A 78 -12.75 7.34 -2.94
CA GLY A 78 -13.94 8.03 -2.48
C GLY A 78 -13.61 9.25 -1.65
N LEU A 79 -14.61 9.79 -0.96
CA LEU A 79 -14.43 10.97 -0.13
C LEU A 79 -14.18 10.57 1.32
N GLU A 80 -14.75 9.43 1.72
CA GLU A 80 -14.59 8.95 3.09
C GLU A 80 -13.21 9.29 3.64
N THR A 81 -13.13 10.41 4.35
CA THR A 81 -11.87 10.86 4.94
C THR A 81 -11.72 10.38 6.38
N PHE A 82 -10.93 9.34 6.57
CA PHE A 82 -10.71 8.79 7.90
C PHE A 82 -9.93 9.77 8.77
N ASP A 83 -10.13 9.68 10.09
CA ASP A 83 -9.46 10.56 11.03
C ASP A 83 -7.94 10.46 10.87
N SER A 84 -7.48 9.34 10.34
CA SER A 84 -6.05 9.12 10.14
C SER A 84 -5.81 7.81 9.39
N LEU A 85 -4.58 7.63 8.93
CA LEU A 85 -4.21 6.43 8.19
C LEU A 85 -4.48 5.18 9.02
N THR A 86 -4.28 5.29 10.33
CA THR A 86 -4.51 4.17 11.24
C THR A 86 -5.97 3.73 11.21
N ASP A 87 -6.87 4.69 11.07
CA ASP A 87 -8.29 4.40 11.03
C ASP A 87 -8.72 3.97 9.62
N LEU A 88 -8.02 4.48 8.62
CA LEU A 88 -8.33 4.16 7.23
C LEU A 88 -7.82 2.77 6.87
N VAL A 89 -6.70 2.38 7.48
CA VAL A 89 -6.11 1.07 7.22
C VAL A 89 -6.75 0.00 8.10
N GLU A 90 -6.91 0.31 9.38
CA GLU A 90 -7.52 -0.63 10.32
C GLU A 90 -8.87 -1.12 9.81
N HIS A 91 -9.66 -0.20 9.28
CA HIS A 91 -10.98 -0.54 8.75
C HIS A 91 -10.87 -1.55 7.62
N PHE A 92 -9.84 -1.38 6.79
CA PHE A 92 -9.62 -2.28 5.66
C PHE A 92 -8.95 -3.57 6.12
N LYS A 93 -8.31 -3.53 7.28
CA LYS A 93 -7.63 -4.70 7.82
C LYS A 93 -8.62 -5.78 8.20
N LYS A 94 -9.85 -5.37 8.50
CA LYS A 94 -10.91 -6.31 8.87
C LYS A 94 -11.88 -6.52 7.71
N THR A 95 -12.17 -5.44 6.99
CA THR A 95 -13.09 -5.51 5.86
C THR A 95 -12.35 -5.80 4.57
N GLY A 96 -11.28 -5.04 4.31
CA GLY A 96 -10.50 -5.23 3.10
C GLY A 96 -10.82 -4.20 2.04
N ILE A 97 -9.91 -4.04 1.08
CA ILE A 97 -10.09 -3.08 0.01
C ILE A 97 -10.55 -3.76 -1.27
N GLU A 98 -11.48 -3.13 -1.98
CA GLU A 98 -12.00 -3.68 -3.23
C GLU A 98 -11.51 -2.87 -4.44
N GLU A 99 -10.94 -3.56 -5.41
CA GLU A 99 -10.43 -2.92 -6.61
C GLU A 99 -11.49 -2.89 -7.71
N ALA A 100 -11.53 -1.80 -8.46
CA ALA A 100 -12.50 -1.64 -9.54
C ALA A 100 -12.81 -2.99 -10.19
N SER A 101 -11.77 -3.68 -10.64
CA SER A 101 -11.94 -4.98 -11.29
C SER A 101 -12.66 -5.95 -10.36
N GLY A 102 -12.26 -5.97 -9.10
CA GLY A 102 -12.87 -6.86 -8.13
C GLY A 102 -11.89 -7.37 -7.10
N ALA A 103 -10.61 -7.40 -7.47
CA ALA A 103 -9.58 -7.86 -6.57
C ALA A 103 -9.79 -7.34 -5.15
N PHE A 104 -9.57 -8.20 -4.17
CA PHE A 104 -9.74 -7.81 -2.76
C PHE A 104 -8.40 -7.83 -2.03
N VAL A 105 -7.92 -6.64 -1.68
CA VAL A 105 -6.65 -6.53 -0.97
C VAL A 105 -6.83 -6.71 0.52
N TYR A 106 -6.04 -7.60 1.11
CA TYR A 106 -6.12 -7.89 2.53
C TYR A 106 -4.85 -7.44 3.25
N LEU A 107 -5.01 -6.58 4.24
CA LEU A 107 -3.87 -6.07 5.01
C LEU A 107 -3.75 -6.81 6.35
N ARG A 108 -2.88 -7.81 6.39
CA ARG A 108 -2.67 -8.58 7.61
C ARG A 108 -1.24 -8.42 8.12
N GLN A 109 -0.30 -8.26 7.18
CA GLN A 109 1.11 -8.10 7.53
C GLN A 109 1.56 -6.66 7.34
N PRO A 110 1.54 -5.88 8.43
CA PRO A 110 1.94 -4.47 8.41
C PRO A 110 3.44 -4.30 8.19
N TYR A 111 3.84 -4.22 6.92
CA TYR A 111 5.25 -4.05 6.57
C TYR A 111 5.89 -2.95 7.41
N TYR A 112 6.98 -3.28 8.08
CA TYR A 112 7.70 -2.33 8.92
C TYR A 112 8.80 -1.63 8.13
N SER A 113 9.70 -2.42 7.55
CA SER A 113 10.81 -1.88 6.78
C SER A 113 11.27 -2.88 5.72
N GLY A 114 12.17 -2.44 4.85
CA GLY A 114 12.68 -3.30 3.81
C GLY A 114 14.19 -3.37 3.79
N PRO A 115 14.75 -4.57 4.07
CA PRO A 115 16.19 -4.79 4.09
C PRO A 115 16.81 -4.72 2.70
N SER A 116 17.59 -3.67 2.46
CA SER A 116 18.23 -3.48 1.16
C SER A 116 19.64 -4.07 1.17
N SER A 117 20.39 -3.78 2.23
CA SER A 117 21.76 -4.28 2.36
C SER A 117 21.76 -5.76 2.72
N GLY A 118 22.73 -6.50 2.18
CA GLY A 118 22.83 -7.91 2.45
C GLY A 118 23.88 -8.22 3.51
N ALA B 1 13.47 8.83 -18.77
CA ALA B 1 12.22 8.10 -18.88
C ALA B 1 12.47 6.60 -18.95
N THR B 2 12.98 6.04 -17.86
CA THR B 2 13.28 4.61 -17.80
C THR B 2 12.06 3.82 -17.32
N GLU B 3 10.90 4.12 -17.89
CA GLU B 3 9.67 3.45 -17.52
C GLU B 3 9.49 3.45 -16.01
N GLN B 4 9.58 4.63 -15.40
CA GLN B 4 9.44 4.76 -13.96
C GLN B 4 8.10 5.42 -13.61
N GLU B 5 7.01 4.81 -14.08
CA GLU B 5 5.68 5.34 -13.82
C GLU B 5 4.72 4.22 -13.42
N ILE B 6 3.99 4.43 -12.34
CA ILE B 6 3.04 3.44 -11.84
C ILE B 6 1.61 3.78 -12.28
N THR B 7 0.80 2.76 -12.50
CA THR B 7 -0.58 2.95 -12.92
C THR B 7 -1.52 2.97 -11.72
N PTR B 8 -1.07 2.39 -10.61
CA PTR B 8 -1.88 2.34 -9.40
C PTR B 8 -3.16 1.55 -9.62
O PTR B 8 -3.37 0.98 -10.69
CB PTR B 8 -2.21 3.76 -8.92
CG PTR B 8 -1.05 4.49 -8.31
CD1 PTR B 8 0.02 4.92 -9.09
CD2 PTR B 8 -1.00 4.74 -6.94
CE1 PTR B 8 1.09 5.58 -8.53
CE2 PTR B 8 0.07 5.41 -6.37
CZ PTR B 8 1.11 5.82 -7.17
OH PTR B 8 2.19 6.49 -6.62
P PTR B 8 3.64 5.87 -6.41
O1P PTR B 8 4.30 6.49 -5.24
O2P PTR B 8 3.55 4.40 -6.18
O3P PTR B 8 4.47 6.12 -7.62
H PTR B 8 -0.18 1.99 -10.61
HA PTR B 8 -1.29 1.85 -8.63
HB2 PTR B 8 -2.56 4.34 -9.77
HB3 PTR B 8 -3.00 3.71 -8.18
HD1 PTR B 8 0.00 4.73 -10.16
HD2 PTR B 8 -1.81 4.40 -6.32
HE1 PTR B 8 1.91 5.92 -9.16
HE2 PTR B 8 0.09 5.59 -5.30
N ALA B 9 -4.03 1.54 -8.62
CA ALA B 9 -5.29 0.82 -8.71
C ALA B 9 -6.46 1.79 -8.91
N GLU B 10 -7.64 1.24 -9.18
CA GLU B 10 -8.83 2.06 -9.40
C GLU B 10 -9.99 1.56 -8.53
N LEU B 11 -9.78 1.53 -7.22
CA LEU B 11 -10.80 1.08 -6.29
C LEU B 11 -12.17 1.60 -6.71
N ASN B 12 -13.22 0.97 -6.16
CA ASN B 12 -14.59 1.38 -6.48
C ASN B 12 -15.25 2.04 -5.27
N LEU B 13 -15.09 3.36 -5.16
CA LEU B 13 -15.67 4.11 -4.05
C LEU B 13 -17.19 3.93 -4.01
N GLN B 14 -17.83 4.65 -3.11
CA GLN B 14 -19.28 4.58 -2.97
C GLN B 14 -19.96 4.60 -4.32
N LYS B 15 -19.35 5.29 -5.28
CA LYS B 15 -19.90 5.39 -6.63
C LYS B 15 -19.93 4.02 -7.30
N GLY A 1 15.08 -8.64 18.20
CA GLY A 1 15.90 -7.85 19.10
C GLY A 1 15.68 -6.35 18.89
N SER A 2 16.49 -5.75 18.03
CA SER A 2 16.40 -4.32 17.76
C SER A 2 15.35 -4.04 16.69
N SER A 3 14.65 -2.92 16.83
CA SER A 3 13.61 -2.54 15.87
C SER A 3 13.96 -1.22 15.20
N GLY A 4 14.30 -1.29 13.91
CA GLY A 4 14.65 -0.10 13.17
C GLY A 4 13.45 0.50 12.44
N SER A 5 12.32 0.55 13.12
CA SER A 5 11.10 1.09 12.53
C SER A 5 10.01 1.27 13.58
N SER A 6 9.03 2.11 13.27
CA SER A 6 7.92 2.36 14.20
C SER A 6 6.58 2.21 13.49
N GLY A 7 6.05 0.99 13.50
CA GLY A 7 4.77 0.74 12.86
C GLY A 7 4.93 0.22 11.45
N TRP A 8 3.96 0.53 10.59
CA TRP A 8 4.01 0.09 9.20
C TRP A 8 4.30 1.26 8.26
N TYR A 9 4.71 2.38 8.83
CA TYR A 9 5.01 3.57 8.05
C TYR A 9 6.48 3.56 7.60
N HIS A 10 6.71 3.89 6.34
CA HIS A 10 8.05 3.92 5.78
C HIS A 10 8.50 5.35 5.52
N GLY A 11 7.97 5.96 4.46
CA GLY A 11 8.33 7.32 4.13
C GLY A 11 8.63 7.50 2.65
N HIS A 12 9.48 8.47 2.33
CA HIS A 12 9.85 8.73 0.95
C HIS A 12 10.11 7.44 0.20
N MET A 13 9.19 7.08 -0.69
CA MET A 13 9.32 5.86 -1.48
C MET A 13 8.26 5.81 -2.58
N SER A 14 8.70 5.49 -3.79
CA SER A 14 7.80 5.41 -4.94
C SER A 14 7.38 3.97 -5.19
N GLY A 15 6.22 3.80 -5.82
CA GLY A 15 5.72 2.47 -6.12
C GLY A 15 6.75 1.61 -6.83
N GLY A 16 7.77 2.26 -7.39
CA GLY A 16 8.81 1.53 -8.09
C GLY A 16 9.73 0.77 -7.15
N GLN A 17 9.90 1.30 -5.95
CA GLN A 17 10.76 0.67 -4.95
C GLN A 17 10.00 -0.38 -4.16
N ALA A 18 8.87 0.01 -3.59
CA ALA A 18 8.04 -0.90 -2.80
C ALA A 18 7.99 -2.28 -3.45
N GLU A 19 7.55 -2.33 -4.71
CA GLU A 19 7.44 -3.58 -5.44
C GLU A 19 8.61 -4.51 -5.09
N THR A 20 9.80 -3.92 -4.95
CA THR A 20 10.99 -4.69 -4.62
C THR A 20 10.96 -5.17 -3.17
N LEU A 21 10.81 -4.23 -2.25
CA LEU A 21 10.76 -4.56 -0.83
C LEU A 21 9.64 -5.54 -0.53
N LEU A 22 8.40 -5.08 -0.71
CA LEU A 22 7.23 -5.92 -0.47
C LEU A 22 7.50 -7.36 -0.89
N GLN A 23 7.74 -7.55 -2.18
CA GLN A 23 8.01 -8.88 -2.72
C GLN A 23 9.15 -9.55 -1.96
N ALA A 24 10.13 -8.77 -1.54
CA ALA A 24 11.27 -9.29 -0.81
C ALA A 24 10.82 -9.94 0.51
N LYS A 25 9.77 -9.39 1.10
CA LYS A 25 9.25 -9.91 2.36
C LYS A 25 8.82 -11.37 2.20
N GLY A 26 8.16 -11.68 1.08
CA GLY A 26 7.71 -13.03 0.84
C GLY A 26 6.42 -13.36 1.57
N GLU A 27 5.82 -12.35 2.18
CA GLU A 27 4.58 -12.54 2.92
C GLU A 27 3.40 -11.92 2.17
N PRO A 28 2.40 -12.76 1.85
CA PRO A 28 1.21 -12.32 1.12
C PRO A 28 0.31 -11.44 1.97
N TRP A 29 -0.49 -10.61 1.32
CA TRP A 29 -1.40 -9.70 2.02
C TRP A 29 -0.63 -8.75 2.93
N THR A 30 0.53 -8.31 2.46
CA THR A 30 1.36 -7.40 3.23
C THR A 30 1.25 -5.98 2.70
N PHE A 31 0.74 -5.07 3.52
CA PHE A 31 0.59 -3.67 3.13
C PHE A 31 1.65 -2.80 3.80
N LEU A 32 1.98 -1.70 3.15
CA LEU A 32 2.99 -0.78 3.68
C LEU A 32 2.66 0.67 3.27
N VAL A 33 2.70 1.57 4.24
CA VAL A 33 2.42 2.98 3.99
C VAL A 33 3.71 3.75 3.74
N ARG A 34 3.68 4.62 2.73
CA ARG A 34 4.84 5.44 2.39
C ARG A 34 4.43 6.82 1.90
N GLU A 35 5.41 7.64 1.56
CA GLU A 35 5.14 8.99 1.07
C GLU A 35 5.01 9.02 -0.45
N SER A 36 4.28 10.00 -0.96
CA SER A 36 4.08 10.13 -2.40
C SER A 36 5.18 10.98 -3.02
N LEU A 37 5.24 10.98 -4.35
CA LEU A 37 6.24 11.75 -5.08
C LEU A 37 5.60 12.57 -6.19
N SER A 38 4.60 11.98 -6.85
CA SER A 38 3.90 12.65 -7.94
C SER A 38 2.84 13.61 -7.40
N GLN A 39 2.06 13.12 -6.44
CA GLN A 39 1.00 13.93 -5.83
C GLN A 39 1.54 14.74 -4.66
N PRO A 40 1.09 16.01 -4.57
CA PRO A 40 1.51 16.91 -3.51
C PRO A 40 0.95 16.52 -2.15
N GLY A 41 1.78 16.64 -1.11
CA GLY A 41 1.34 16.28 0.23
C GLY A 41 0.37 15.12 0.23
N ASP A 42 0.79 14.00 -0.34
CA ASP A 42 -0.06 12.81 -0.40
C ASP A 42 0.73 11.56 -0.01
N PHE A 43 0.07 10.42 -0.04
CA PHE A 43 0.70 9.15 0.32
C PHE A 43 0.24 8.04 -0.61
N VAL A 44 1.03 6.96 -0.67
CA VAL A 44 0.70 5.82 -1.51
C VAL A 44 0.62 4.54 -0.70
N LEU A 45 -0.44 3.76 -0.92
CA LEU A 45 -0.64 2.51 -0.22
C LEU A 45 -0.24 1.32 -1.08
N SER A 46 0.74 0.56 -0.60
CA SER A 46 1.23 -0.61 -1.34
C SER A 46 0.87 -1.89 -0.59
N VAL A 47 0.48 -2.92 -1.34
CA VAL A 47 0.11 -4.21 -0.77
C VAL A 47 0.56 -5.36 -1.66
N LEU A 48 1.04 -6.43 -1.05
CA LEU A 48 1.49 -7.60 -1.79
C LEU A 48 0.42 -8.67 -1.83
N SER A 49 0.03 -9.07 -3.04
CA SER A 49 -1.01 -10.08 -3.23
C SER A 49 -0.43 -11.48 -3.01
N ASP A 50 -1.30 -12.47 -3.01
CA ASP A 50 -0.89 -13.87 -2.82
C ASP A 50 -0.85 -14.61 -4.15
N GLN A 51 -0.52 -13.89 -5.22
CA GLN A 51 -0.45 -14.49 -6.55
C GLN A 51 0.74 -13.94 -7.33
N PRO A 52 1.61 -14.84 -7.79
CA PRO A 52 2.81 -14.48 -8.56
C PRO A 52 2.46 -13.95 -9.95
N LYS A 53 3.33 -13.12 -10.50
CA LYS A 53 3.13 -12.55 -11.83
C LYS A 53 3.47 -13.56 -12.91
N ALA A 54 4.24 -14.58 -12.54
CA ALA A 54 4.64 -15.63 -13.49
C ALA A 54 4.31 -17.01 -12.95
N GLY A 55 4.47 -18.03 -13.79
CA GLY A 55 4.19 -19.39 -13.38
C GLY A 55 5.19 -19.90 -12.36
N PRO A 56 6.48 -19.93 -12.75
CA PRO A 56 7.55 -20.40 -11.87
C PRO A 56 7.82 -19.45 -10.71
N GLY A 57 8.96 -19.61 -10.06
CA GLY A 57 9.31 -18.76 -8.94
C GLY A 57 9.33 -17.29 -9.31
N SER A 58 8.23 -16.61 -9.05
CA SER A 58 8.12 -15.18 -9.36
C SER A 58 7.50 -14.41 -8.20
N PRO A 59 7.77 -13.10 -8.15
CA PRO A 59 7.26 -12.22 -7.09
C PRO A 59 5.75 -12.01 -7.20
N LEU A 60 5.11 -11.80 -6.06
CA LEU A 60 3.66 -11.58 -6.02
C LEU A 60 3.32 -10.18 -6.51
N ARG A 61 2.28 -10.11 -7.35
CA ARG A 61 1.85 -8.83 -7.90
C ARG A 61 1.56 -7.83 -6.77
N VAL A 62 1.93 -6.57 -6.99
CA VAL A 62 1.71 -5.52 -6.00
C VAL A 62 0.60 -4.58 -6.44
N THR A 63 0.04 -3.85 -5.49
CA THR A 63 -1.03 -2.90 -5.78
C THR A 63 -0.77 -1.55 -5.12
N HIS A 64 -0.78 -0.50 -5.92
CA HIS A 64 -0.54 0.85 -5.42
C HIS A 64 -1.83 1.68 -5.46
N ILE A 65 -2.33 2.04 -4.29
CA ILE A 65 -3.54 2.84 -4.19
C ILE A 65 -3.24 4.27 -3.75
N LYS A 66 -3.77 5.23 -4.50
CA LYS A 66 -3.55 6.65 -4.19
C LYS A 66 -4.30 7.04 -2.92
N VAL A 67 -3.55 7.50 -1.92
CA VAL A 67 -4.15 7.93 -0.66
C VAL A 67 -4.15 9.45 -0.53
N MET A 68 -5.33 10.01 -0.37
CA MET A 68 -5.48 11.45 -0.23
C MET A 68 -5.59 11.86 1.24
N CYS A 69 -4.75 12.79 1.67
CA CYS A 69 -4.76 13.26 3.05
C CYS A 69 -5.17 14.73 3.12
N GLU A 70 -6.26 15.00 3.83
CA GLU A 70 -6.75 16.37 3.98
C GLU A 70 -6.59 16.86 5.42
N GLY A 71 -5.56 17.65 5.66
CA GLY A 71 -5.32 18.18 6.99
C GLY A 71 -4.92 17.09 7.97
N GLY A 72 -5.90 16.45 8.59
CA GLY A 72 -5.62 15.40 9.55
C GLY A 72 -6.45 14.16 9.30
N ARG A 73 -6.76 13.91 8.03
CA ARG A 73 -7.56 12.74 7.66
C ARG A 73 -6.99 12.06 6.43
N TYR A 74 -7.55 10.91 6.08
CA TYR A 74 -7.08 10.15 4.92
C TYR A 74 -8.26 9.54 4.16
N THR A 75 -8.13 9.47 2.84
CA THR A 75 -9.18 8.91 2.00
C THR A 75 -8.59 8.24 0.77
N VAL A 76 -9.43 7.48 0.05
CA VAL A 76 -8.98 6.78 -1.14
C VAL A 76 -10.14 6.60 -2.12
N GLY A 77 -10.06 7.28 -3.26
CA GLY A 77 -11.10 7.18 -4.27
C GLY A 77 -12.35 7.95 -3.88
N GLY A 78 -12.85 7.72 -2.68
CA GLY A 78 -14.03 8.41 -2.22
C GLY A 78 -13.72 9.51 -1.24
N LEU A 79 -14.76 10.00 -0.56
CA LEU A 79 -14.58 11.08 0.41
C LEU A 79 -14.25 10.51 1.79
N GLU A 80 -14.58 9.25 2.00
CA GLU A 80 -14.33 8.60 3.28
C GLU A 80 -13.02 9.09 3.89
N THR A 81 -13.13 10.09 4.76
CA THR A 81 -11.96 10.66 5.42
C THR A 81 -11.83 10.16 6.85
N PHE A 82 -10.96 9.17 7.06
CA PHE A 82 -10.75 8.60 8.38
C PHE A 82 -9.95 9.56 9.26
N ASP A 83 -10.10 9.41 10.57
CA ASP A 83 -9.40 10.26 11.52
C ASP A 83 -7.89 10.18 11.30
N SER A 84 -7.42 9.03 10.83
CA SER A 84 -5.99 8.83 10.58
C SER A 84 -5.76 7.55 9.79
N LEU A 85 -4.51 7.34 9.38
CA LEU A 85 -4.15 6.15 8.61
C LEU A 85 -4.39 4.88 9.43
N THR A 86 -4.17 4.97 10.74
CA THR A 86 -4.35 3.84 11.63
C THR A 86 -5.79 3.33 11.57
N ASP A 87 -6.73 4.24 11.30
CA ASP A 87 -8.14 3.89 11.22
C ASP A 87 -8.52 3.50 9.80
N LEU A 88 -8.11 4.30 8.83
CA LEU A 88 -8.40 4.04 7.42
C LEU A 88 -7.90 2.66 7.02
N VAL A 89 -6.76 2.26 7.57
CA VAL A 89 -6.17 0.96 7.26
C VAL A 89 -6.81 -0.15 8.09
N GLU A 90 -6.93 0.09 9.40
CA GLU A 90 -7.53 -0.89 10.29
C GLU A 90 -8.87 -1.38 9.75
N HIS A 91 -9.64 -0.46 9.17
CA HIS A 91 -10.94 -0.80 8.60
C HIS A 91 -10.79 -1.76 7.42
N PHE A 92 -9.77 -1.51 6.60
CA PHE A 92 -9.53 -2.35 5.43
C PHE A 92 -8.89 -3.67 5.84
N LYS A 93 -8.21 -3.67 6.98
CA LYS A 93 -7.55 -4.87 7.48
C LYS A 93 -8.57 -5.97 7.76
N LYS A 94 -9.80 -5.56 8.10
CA LYS A 94 -10.87 -6.50 8.39
C LYS A 94 -11.84 -6.60 7.21
N THR A 95 -12.11 -5.47 6.57
CA THR A 95 -13.03 -5.43 5.44
C THR A 95 -12.29 -5.69 4.13
N GLY A 96 -11.16 -5.01 3.95
CA GLY A 96 -10.37 -5.17 2.73
C GLY A 96 -10.73 -4.14 1.68
N ILE A 97 -9.75 -3.81 0.84
CA ILE A 97 -9.96 -2.83 -0.23
C ILE A 97 -10.45 -3.50 -1.51
N GLU A 98 -11.37 -2.85 -2.20
CA GLU A 98 -11.92 -3.39 -3.44
C GLU A 98 -11.59 -2.47 -4.62
N GLU A 99 -10.80 -2.98 -5.56
CA GLU A 99 -10.42 -2.21 -6.74
C GLU A 99 -11.58 -2.10 -7.73
N ALA A 100 -11.70 -0.94 -8.35
CA ALA A 100 -12.77 -0.71 -9.32
C ALA A 100 -12.64 -1.64 -10.52
N SER A 101 -11.52 -2.35 -10.59
CA SER A 101 -11.27 -3.28 -11.69
C SER A 101 -11.88 -4.64 -11.40
N GLY A 102 -12.10 -4.92 -10.11
CA GLY A 102 -12.67 -6.20 -9.72
C GLY A 102 -11.73 -7.02 -8.87
N ALA A 103 -10.79 -6.35 -8.21
CA ALA A 103 -9.83 -7.03 -7.36
C ALA A 103 -10.04 -6.67 -5.89
N PHE A 104 -9.41 -7.45 -5.00
CA PHE A 104 -9.53 -7.22 -3.57
C PHE A 104 -8.17 -7.31 -2.88
N VAL A 105 -7.83 -6.27 -2.13
CA VAL A 105 -6.56 -6.23 -1.42
C VAL A 105 -6.76 -6.33 0.09
N TYR A 106 -6.29 -7.42 0.67
CA TYR A 106 -6.42 -7.63 2.11
C TYR A 106 -5.13 -7.30 2.84
N LEU A 107 -5.24 -6.54 3.91
CA LEU A 107 -4.08 -6.14 4.70
C LEU A 107 -4.06 -6.85 6.05
N ARG A 108 -3.06 -7.70 6.26
CA ARG A 108 -2.93 -8.44 7.49
C ARG A 108 -1.52 -8.31 8.06
N GLN A 109 -0.53 -8.29 7.17
CA GLN A 109 0.86 -8.16 7.59
C GLN A 109 1.38 -6.74 7.35
N PRO A 110 1.40 -5.94 8.43
CA PRO A 110 1.86 -4.55 8.36
C PRO A 110 3.38 -4.45 8.13
N TYR A 111 3.77 -4.32 6.87
CA TYR A 111 5.18 -4.22 6.52
C TYR A 111 5.86 -3.09 7.30
N TYR A 112 6.74 -3.47 8.23
CA TYR A 112 7.45 -2.50 9.04
C TYR A 112 8.63 -1.91 8.27
N SER A 113 9.65 -2.74 8.04
CA SER A 113 10.84 -2.30 7.32
C SER A 113 11.74 -3.47 6.99
N GLY A 114 12.36 -3.42 5.81
CA GLY A 114 13.24 -4.50 5.39
C GLY A 114 14.58 -4.47 6.10
N PRO A 115 15.14 -5.65 6.38
CA PRO A 115 16.42 -5.78 7.06
C PRO A 115 17.59 -5.33 6.19
N SER A 116 17.53 -5.65 4.90
CA SER A 116 18.58 -5.28 3.98
C SER A 116 18.94 -3.81 4.11
N SER A 117 20.19 -3.48 3.81
CA SER A 117 20.66 -2.10 3.90
C SER A 117 20.29 -1.31 2.64
N GLY A 118 20.78 -1.78 1.50
CA GLY A 118 20.50 -1.12 0.24
C GLY A 118 21.53 -0.06 -0.10
N ALA B 1 10.46 -1.73 -16.97
CA ALA B 1 10.54 -0.27 -17.07
C ALA B 1 11.20 0.32 -15.83
N THR B 2 12.47 0.70 -15.95
CA THR B 2 13.22 1.28 -14.84
C THR B 2 12.58 2.58 -14.38
N GLU B 3 12.45 3.54 -15.29
CA GLU B 3 11.87 4.83 -14.98
C GLU B 3 10.52 5.00 -15.68
N GLN B 4 9.44 4.91 -14.91
CA GLN B 4 8.10 5.06 -15.46
C GLN B 4 7.09 5.33 -14.35
N GLU B 5 6.13 6.21 -14.63
CA GLU B 5 5.10 6.57 -13.67
C GLU B 5 4.32 5.33 -13.23
N ILE B 6 4.72 4.74 -12.11
CA ILE B 6 4.06 3.56 -11.59
C ILE B 6 2.56 3.61 -11.84
N THR B 7 1.96 2.44 -12.08
CA THR B 7 0.53 2.35 -12.34
C THR B 7 -0.24 1.94 -11.09
N PTR B 8 -1.10 2.82 -10.61
CA PTR B 8 -1.90 2.55 -9.42
C PTR B 8 -3.10 1.68 -9.75
O PTR B 8 -3.43 1.48 -10.92
CB PTR B 8 -2.35 3.85 -8.76
CG PTR B 8 -1.21 4.67 -8.19
CD1 PTR B 8 -0.26 5.25 -9.02
CD2 PTR B 8 -1.10 4.86 -6.82
CE1 PTR B 8 0.78 6.00 -8.49
CE2 PTR B 8 -0.06 5.61 -6.29
CZ PTR B 8 0.87 6.17 -7.12
OH PTR B 8 1.91 6.91 -6.60
P PTR B 8 3.45 6.53 -6.70
O1P PTR B 8 3.65 5.09 -6.41
O2P PTR B 8 3.96 6.81 -8.07
O3P PTR B 8 4.24 7.32 -5.72
H PTR B 8 -1.21 3.68 -11.07
HA PTR B 8 -1.26 2.01 -8.72
HB2 PTR B 8 -2.85 4.46 -9.51
HB3 PTR B 8 -3.03 3.63 -7.97
HD1 PTR B 8 -0.33 5.11 -10.09
HD2 PTR B 8 -1.83 4.42 -6.17
HE1 PTR B 8 1.51 6.44 -9.15
HE2 PTR B 8 0.01 5.75 -5.22
N ALA B 9 -3.77 1.17 -8.72
CA ALA B 9 -4.94 0.34 -8.90
C ALA B 9 -6.22 1.07 -8.49
N GLU B 10 -6.84 1.76 -9.44
CA GLU B 10 -8.07 2.51 -9.17
C GLU B 10 -8.96 1.74 -8.20
N LEU B 11 -9.81 2.47 -7.49
CA LEU B 11 -10.73 1.86 -6.54
C LEU B 11 -12.18 2.24 -6.85
N ASN B 12 -13.12 1.48 -6.28
CA ASN B 12 -14.53 1.74 -6.50
C ASN B 12 -15.08 2.71 -5.45
N LEU B 13 -16.14 3.43 -5.81
CA LEU B 13 -16.76 4.38 -4.90
C LEU B 13 -18.23 4.07 -4.69
N GLN B 14 -18.89 4.89 -3.89
CA GLN B 14 -20.31 4.69 -3.60
C GLN B 14 -21.09 4.37 -4.88
N LYS B 15 -20.60 4.88 -6.00
CA LYS B 15 -21.25 4.64 -7.29
C LYS B 15 -20.24 4.74 -8.42
N GLY A 1 -1.68 -2.06 25.03
CA GLY A 1 -3.07 -2.02 24.66
C GLY A 1 -3.47 -3.21 23.80
N SER A 2 -4.65 -3.13 23.20
CA SER A 2 -5.15 -4.21 22.35
C SER A 2 -5.39 -3.71 20.93
N SER A 3 -6.04 -2.55 20.80
CA SER A 3 -6.33 -1.97 19.51
C SER A 3 -5.57 -0.66 19.30
N GLY A 4 -5.26 -0.34 18.06
CA GLY A 4 -4.54 0.88 17.75
C GLY A 4 -3.05 0.74 17.97
N SER A 5 -2.27 0.98 16.92
CA SER A 5 -0.82 0.86 17.00
C SER A 5 -0.17 1.31 15.69
N SER A 6 1.04 1.86 15.79
CA SER A 6 1.77 2.32 14.62
C SER A 6 3.13 1.66 14.53
N GLY A 7 3.65 1.54 13.31
CA GLY A 7 4.94 0.92 13.10
C GLY A 7 5.19 0.54 11.66
N TRP A 8 4.12 0.42 10.89
CA TRP A 8 4.22 0.06 9.48
C TRP A 8 4.53 1.29 8.63
N TYR A 9 4.35 2.47 9.21
CA TYR A 9 4.62 3.72 8.51
C TYR A 9 6.05 3.77 8.02
N HIS A 10 6.24 4.12 6.75
CA HIS A 10 7.58 4.21 6.16
C HIS A 10 7.92 5.65 5.84
N GLY A 11 7.25 6.21 4.82
CA GLY A 11 7.50 7.58 4.43
C GLY A 11 8.18 7.68 3.08
N HIS A 12 9.09 8.63 2.94
CA HIS A 12 9.81 8.83 1.69
C HIS A 12 10.12 7.49 1.03
N MET A 13 9.29 7.11 0.06
CA MET A 13 9.48 5.85 -0.65
C MET A 13 8.75 5.88 -1.99
N SER A 14 9.45 5.49 -3.05
CA SER A 14 8.87 5.47 -4.39
C SER A 14 8.30 4.09 -4.72
N GLY A 15 7.34 4.06 -5.62
CA GLY A 15 6.73 2.79 -6.01
C GLY A 15 7.76 1.69 -6.24
N GLY A 16 8.82 2.03 -6.97
CA GLY A 16 9.86 1.05 -7.24
C GLY A 16 10.43 0.45 -5.98
N GLN A 17 10.55 1.25 -4.93
CA GLN A 17 11.09 0.79 -3.67
C GLN A 17 10.11 -0.15 -2.97
N ALA A 18 8.83 0.20 -3.01
CA ALA A 18 7.79 -0.62 -2.39
C ALA A 18 7.72 -2.00 -3.05
N GLU A 19 7.63 -2.01 -4.38
CA GLU A 19 7.55 -3.26 -5.12
C GLU A 19 8.77 -4.13 -4.87
N THR A 20 9.94 -3.49 -4.81
CA THR A 20 11.19 -4.20 -4.59
C THR A 20 11.28 -4.72 -3.15
N LEU A 21 10.70 -3.96 -2.22
CA LEU A 21 10.71 -4.34 -0.81
C LEU A 21 9.66 -5.41 -0.52
N LEU A 22 8.39 -5.05 -0.69
CA LEU A 22 7.30 -5.98 -0.45
C LEU A 22 7.64 -7.37 -0.97
N GLN A 23 8.05 -7.45 -2.24
CA GLN A 23 8.41 -8.71 -2.84
C GLN A 23 9.62 -9.34 -2.15
N ALA A 24 10.61 -8.51 -1.84
CA ALA A 24 11.81 -8.97 -1.17
C ALA A 24 11.47 -9.86 0.02
N LYS A 25 10.47 -9.45 0.79
CA LYS A 25 10.04 -10.21 1.96
C LYS A 25 9.37 -11.52 1.54
N GLY A 26 8.50 -11.45 0.55
CA GLY A 26 7.82 -12.63 0.07
C GLY A 26 6.65 -13.03 0.97
N GLU A 27 5.87 -12.05 1.40
CA GLU A 27 4.73 -12.30 2.25
C GLU A 27 3.44 -11.76 1.63
N PRO A 28 2.47 -12.67 1.40
CA PRO A 28 1.18 -12.32 0.80
C PRO A 28 0.32 -11.48 1.74
N TRP A 29 -0.45 -10.57 1.16
CA TRP A 29 -1.33 -9.70 1.95
C TRP A 29 -0.52 -8.74 2.82
N THR A 30 0.57 -8.22 2.26
CA THR A 30 1.44 -7.30 2.98
C THR A 30 1.23 -5.86 2.49
N PHE A 31 0.72 -5.01 3.37
CA PHE A 31 0.47 -3.62 3.04
C PHE A 31 1.52 -2.71 3.69
N LEU A 32 1.80 -1.58 3.03
CA LEU A 32 2.78 -0.63 3.55
C LEU A 32 2.39 0.80 3.18
N VAL A 33 2.57 1.71 4.13
CA VAL A 33 2.24 3.12 3.90
C VAL A 33 3.49 3.91 3.51
N ARG A 34 3.34 4.75 2.47
CA ARG A 34 4.44 5.56 1.99
C ARG A 34 3.95 6.91 1.48
N GLU A 35 4.86 7.85 1.30
CA GLU A 35 4.51 9.18 0.82
C GLU A 35 4.61 9.25 -0.70
N SER A 36 3.62 9.88 -1.32
CA SER A 36 3.59 10.02 -2.77
C SER A 36 4.79 10.83 -3.27
N LEU A 37 5.19 10.57 -4.51
CA LEU A 37 6.32 11.27 -5.10
C LEU A 37 5.85 12.36 -6.05
N SER A 38 4.72 12.12 -6.71
CA SER A 38 4.17 13.08 -7.65
C SER A 38 3.11 13.96 -6.97
N GLN A 39 2.11 13.31 -6.37
CA GLN A 39 1.04 14.03 -5.69
C GLN A 39 1.56 14.74 -4.45
N PRO A 40 1.39 16.07 -4.40
CA PRO A 40 1.83 16.88 -3.28
C PRO A 40 1.02 16.63 -2.01
N GLY A 41 1.70 16.58 -0.88
CA GLY A 41 1.03 16.34 0.39
C GLY A 41 0.06 15.18 0.32
N ASP A 42 0.54 14.04 -0.14
CA ASP A 42 -0.28 12.84 -0.26
C ASP A 42 0.52 11.59 0.06
N PHE A 43 -0.17 10.46 0.15
CA PHE A 43 0.48 9.18 0.46
C PHE A 43 -0.08 8.07 -0.43
N VAL A 44 0.70 7.00 -0.57
CA VAL A 44 0.29 5.86 -1.38
C VAL A 44 0.26 4.58 -0.56
N LEU A 45 -0.69 3.70 -0.87
CA LEU A 45 -0.83 2.43 -0.17
C LEU A 45 -0.45 1.26 -1.07
N SER A 46 0.64 0.58 -0.73
CA SER A 46 1.10 -0.55 -1.51
C SER A 46 0.82 -1.86 -0.78
N VAL A 47 0.19 -2.80 -1.49
CA VAL A 47 -0.14 -4.09 -0.90
C VAL A 47 0.31 -5.24 -1.81
N LEU A 48 0.84 -6.30 -1.20
CA LEU A 48 1.30 -7.46 -1.96
C LEU A 48 0.23 -8.55 -1.99
N SER A 49 -0.20 -8.90 -3.20
CA SER A 49 -1.22 -9.94 -3.37
C SER A 49 -0.60 -11.33 -3.25
N ASP A 50 -1.44 -12.30 -2.91
CA ASP A 50 -0.98 -13.68 -2.75
C ASP A 50 -0.91 -14.37 -4.11
N GLN A 51 -1.01 -13.59 -5.18
CA GLN A 51 -0.95 -14.14 -6.53
C GLN A 51 0.27 -13.63 -7.28
N PRO A 52 1.02 -14.56 -7.89
CA PRO A 52 2.24 -14.24 -8.65
C PRO A 52 1.94 -13.49 -9.93
N LYS A 53 2.96 -12.90 -10.53
CA LYS A 53 2.80 -12.14 -11.77
C LYS A 53 2.66 -13.09 -12.95
N ALA A 54 3.41 -14.19 -12.93
CA ALA A 54 3.36 -15.17 -14.01
C ALA A 54 2.95 -16.54 -13.48
N GLY A 55 3.86 -17.21 -12.78
CA GLY A 55 3.58 -18.52 -12.23
C GLY A 55 4.44 -18.84 -11.03
N PRO A 56 4.80 -20.13 -10.89
CA PRO A 56 5.63 -20.59 -9.78
C PRO A 56 7.07 -20.10 -9.88
N GLY A 57 7.45 -19.22 -8.96
CA GLY A 57 8.80 -18.68 -8.96
C GLY A 57 8.83 -17.18 -9.13
N SER A 58 7.80 -16.64 -9.78
CA SER A 58 7.71 -15.20 -10.01
C SER A 58 7.23 -14.48 -8.76
N PRO A 59 7.60 -13.20 -8.64
CA PRO A 59 7.22 -12.36 -7.49
C PRO A 59 5.73 -12.04 -7.47
N LEU A 60 5.21 -11.75 -6.28
CA LEU A 60 3.79 -11.43 -6.13
C LEU A 60 3.49 -10.03 -6.68
N ARG A 61 2.37 -9.90 -7.38
CA ARG A 61 1.98 -8.63 -7.95
C ARG A 61 1.60 -7.63 -6.86
N VAL A 62 2.13 -6.42 -6.96
CA VAL A 62 1.84 -5.37 -5.98
C VAL A 62 0.74 -4.46 -6.46
N THR A 63 0.05 -3.82 -5.52
CA THR A 63 -1.03 -2.90 -5.85
C THR A 63 -0.88 -1.57 -5.11
N HIS A 64 -0.81 -0.49 -5.86
CA HIS A 64 -0.67 0.84 -5.28
C HIS A 64 -1.98 1.61 -5.34
N ILE A 65 -2.46 2.05 -4.19
CA ILE A 65 -3.71 2.80 -4.11
C ILE A 65 -3.48 4.21 -3.56
N LYS A 66 -3.55 5.20 -4.45
CA LYS A 66 -3.35 6.59 -4.06
C LYS A 66 -4.22 6.95 -2.86
N VAL A 67 -3.60 7.53 -1.83
CA VAL A 67 -4.32 7.93 -0.63
C VAL A 67 -4.35 9.44 -0.48
N MET A 68 -5.52 10.03 -0.68
CA MET A 68 -5.67 11.48 -0.57
C MET A 68 -5.64 11.91 0.90
N CYS A 69 -4.79 12.87 1.21
CA CYS A 69 -4.67 13.37 2.57
C CYS A 69 -5.02 14.85 2.65
N GLU A 70 -6.00 15.18 3.49
CA GLU A 70 -6.45 16.56 3.65
C GLU A 70 -6.26 17.03 5.08
N GLY A 71 -5.16 17.74 5.33
CA GLY A 71 -4.88 18.24 6.66
C GLY A 71 -4.40 17.15 7.60
N GLY A 72 -5.35 16.46 8.22
CA GLY A 72 -5.00 15.38 9.14
C GLY A 72 -5.86 14.15 8.95
N ARG A 73 -6.32 13.93 7.73
CA ARG A 73 -7.16 12.78 7.42
C ARG A 73 -6.62 12.02 6.21
N TYR A 74 -7.32 10.97 5.82
CA TYR A 74 -6.91 10.15 4.69
C TYR A 74 -8.11 9.47 4.04
N THR A 75 -8.07 9.33 2.71
CA THR A 75 -9.15 8.71 1.98
C THR A 75 -8.63 8.05 0.69
N VAL A 76 -9.51 7.28 0.03
CA VAL A 76 -9.14 6.61 -1.20
C VAL A 76 -10.35 6.42 -2.11
N GLY A 77 -10.35 7.12 -3.24
CA GLY A 77 -11.45 7.02 -4.18
C GLY A 77 -12.69 7.76 -3.70
N GLY A 78 -13.09 7.50 -2.45
CA GLY A 78 -14.25 8.16 -1.91
C GLY A 78 -13.90 9.33 -1.01
N LEU A 79 -14.91 9.91 -0.37
CA LEU A 79 -14.69 11.04 0.52
C LEU A 79 -14.35 10.58 1.92
N GLU A 80 -14.71 9.34 2.24
CA GLU A 80 -14.44 8.77 3.55
C GLU A 80 -13.06 9.19 4.05
N THR A 81 -13.03 10.22 4.89
CA THR A 81 -11.79 10.72 5.45
C THR A 81 -11.57 10.23 6.88
N PHE A 82 -10.75 9.21 7.03
CA PHE A 82 -10.46 8.63 8.33
C PHE A 82 -9.63 9.60 9.17
N ASP A 83 -9.54 9.32 10.47
CA ASP A 83 -8.78 10.16 11.38
C ASP A 83 -7.28 10.05 11.11
N SER A 84 -6.85 8.86 10.67
CA SER A 84 -5.44 8.63 10.37
C SER A 84 -5.27 7.34 9.57
N LEU A 85 -4.02 6.99 9.29
CA LEU A 85 -3.72 5.78 8.52
C LEU A 85 -4.15 4.53 9.29
N THR A 86 -4.00 4.58 10.61
CA THR A 86 -4.37 3.45 11.46
C THR A 86 -5.88 3.23 11.45
N ASP A 87 -6.64 4.30 11.26
CA ASP A 87 -8.09 4.23 11.22
C ASP A 87 -8.58 3.84 9.83
N LEU A 88 -7.87 4.31 8.80
CA LEU A 88 -8.23 4.02 7.42
C LEU A 88 -7.79 2.61 7.03
N VAL A 89 -6.63 2.19 7.55
CA VAL A 89 -6.11 0.86 7.26
C VAL A 89 -6.89 -0.22 8.01
N GLU A 90 -6.90 -0.10 9.34
CA GLU A 90 -7.60 -1.07 10.18
C GLU A 90 -8.94 -1.45 9.55
N HIS A 91 -9.65 -0.45 9.03
CA HIS A 91 -10.96 -0.67 8.41
C HIS A 91 -10.82 -1.63 7.22
N PHE A 92 -9.75 -1.47 6.46
CA PHE A 92 -9.51 -2.32 5.30
C PHE A 92 -8.82 -3.61 5.69
N LYS A 93 -8.17 -3.60 6.86
CA LYS A 93 -7.47 -4.77 7.36
C LYS A 93 -8.45 -5.87 7.74
N LYS A 94 -9.68 -5.49 8.06
CA LYS A 94 -10.71 -6.44 8.43
C LYS A 94 -11.69 -6.67 7.30
N THR A 95 -11.98 -5.61 6.55
CA THR A 95 -12.91 -5.68 5.43
C THR A 95 -12.17 -5.94 4.12
N GLY A 96 -11.13 -5.14 3.87
CA GLY A 96 -10.36 -5.30 2.66
C GLY A 96 -10.71 -4.27 1.60
N ILE A 97 -9.87 -4.15 0.58
CA ILE A 97 -10.10 -3.19 -0.49
C ILE A 97 -10.51 -3.90 -1.77
N GLU A 98 -11.39 -3.25 -2.53
CA GLU A 98 -11.87 -3.83 -3.78
C GLU A 98 -11.54 -2.91 -4.96
N GLU A 99 -10.72 -3.42 -5.88
CA GLU A 99 -10.31 -2.65 -7.05
C GLU A 99 -11.39 -2.70 -8.13
N ALA A 100 -11.68 -1.54 -8.72
CA ALA A 100 -12.69 -1.44 -9.77
C ALA A 100 -12.71 -2.70 -10.63
N SER A 101 -11.54 -3.16 -11.02
CA SER A 101 -11.42 -4.36 -11.85
C SER A 101 -12.13 -5.54 -11.19
N GLY A 102 -11.84 -5.76 -9.92
CA GLY A 102 -12.46 -6.86 -9.19
C GLY A 102 -11.53 -7.47 -8.17
N ALA A 103 -10.23 -7.17 -8.28
CA ALA A 103 -9.24 -7.69 -7.35
C ALA A 103 -9.55 -7.27 -5.92
N PHE A 104 -9.17 -8.11 -4.96
CA PHE A 104 -9.41 -7.83 -3.56
C PHE A 104 -8.10 -7.78 -2.77
N VAL A 105 -7.68 -6.58 -2.41
CA VAL A 105 -6.43 -6.39 -1.67
C VAL A 105 -6.67 -6.54 -0.16
N TYR A 106 -6.04 -7.55 0.42
CA TYR A 106 -6.18 -7.82 1.85
C TYR A 106 -4.92 -7.42 2.61
N LEU A 107 -5.09 -6.64 3.68
CA LEU A 107 -3.96 -6.19 4.48
C LEU A 107 -3.97 -6.87 5.86
N ARG A 108 -2.98 -7.72 6.10
CA ARG A 108 -2.88 -8.43 7.37
C ARG A 108 -1.47 -8.29 7.95
N GLN A 109 -0.48 -8.22 7.07
CA GLN A 109 0.90 -8.09 7.50
C GLN A 109 1.38 -6.65 7.36
N PRO A 110 1.46 -5.94 8.49
CA PRO A 110 1.90 -4.54 8.52
C PRO A 110 3.39 -4.39 8.23
N TYR A 111 3.73 -4.29 6.95
CA TYR A 111 5.12 -4.15 6.54
C TYR A 111 5.87 -3.19 7.46
N TYR A 112 7.03 -3.63 7.96
CA TYR A 112 7.84 -2.81 8.85
C TYR A 112 9.02 -2.22 8.10
N SER A 113 9.81 -3.08 7.46
CA SER A 113 10.98 -2.64 6.72
C SER A 113 11.58 -3.79 5.93
N GLY A 114 12.55 -3.48 5.07
CA GLY A 114 13.19 -4.50 4.26
C GLY A 114 14.63 -4.14 3.91
N PRO A 115 15.53 -4.25 4.91
CA PRO A 115 16.94 -3.94 4.72
C PRO A 115 17.65 -4.96 3.84
N SER A 116 17.23 -6.22 3.96
CA SER A 116 17.83 -7.29 3.18
C SER A 116 16.95 -8.55 3.21
N SER A 117 16.87 -9.24 2.08
CA SER A 117 16.06 -10.45 1.98
C SER A 117 16.84 -11.67 2.45
N GLY A 118 17.85 -12.06 1.67
CA GLY A 118 18.66 -13.22 2.02
C GLY A 118 17.99 -14.52 1.64
N ALA B 1 5.35 3.10 -22.93
CA ALA B 1 6.66 3.51 -22.44
C ALA B 1 6.59 3.94 -20.98
N THR B 2 6.75 2.98 -20.07
CA THR B 2 6.71 3.27 -18.64
C THR B 2 7.91 4.09 -18.21
N GLU B 3 7.66 5.30 -17.73
CA GLU B 3 8.72 6.19 -17.28
C GLU B 3 8.64 6.42 -15.78
N GLN B 4 9.17 5.46 -15.01
CA GLN B 4 9.15 5.56 -13.56
C GLN B 4 7.86 6.20 -13.06
N GLU B 5 6.74 5.78 -13.65
CA GLU B 5 5.44 6.31 -13.27
C GLU B 5 4.43 5.18 -13.05
N ILE B 6 4.47 4.58 -11.87
CA ILE B 6 3.55 3.49 -11.54
C ILE B 6 2.17 3.74 -12.12
N THR B 7 1.41 2.66 -12.29
CA THR B 7 0.06 2.76 -12.85
C THR B 7 -0.98 2.89 -11.74
N PTR B 8 -0.65 2.37 -10.56
CA PTR B 8 -1.56 2.42 -9.42
C PTR B 8 -2.83 1.65 -9.71
O PTR B 8 -2.99 1.04 -10.77
CB PTR B 8 -1.88 3.87 -9.08
CG PTR B 8 -0.74 4.61 -8.41
CD1 PTR B 8 0.38 4.97 -9.13
CD2 PTR B 8 -0.79 4.93 -7.06
CE1 PTR B 8 1.43 5.64 -8.52
CE2 PTR B 8 0.25 5.60 -6.44
CZ PTR B 8 1.37 5.96 -7.18
OH PTR B 8 2.40 6.63 -6.57
P PTR B 8 3.18 7.88 -7.21
O1P PTR B 8 2.22 8.91 -7.65
O2P PTR B 8 4.10 8.46 -6.21
O3P PTR B 8 3.98 7.43 -8.38
H PTR B 8 0.23 1.93 -10.46
HA PTR B 8 -1.06 1.96 -8.58
HB2 PTR B 8 -2.14 4.40 -9.98
HB3 PTR B 8 -2.72 3.89 -8.40
HD1 PTR B 8 0.45 4.73 -10.18
HD2 PTR B 8 -1.66 4.65 -6.48
HE1 PTR B 8 2.30 5.93 -9.10
HE2 PTR B 8 0.20 5.85 -5.39
N ALA B 9 -3.77 1.69 -8.76
CA ALA B 9 -5.04 0.99 -8.91
C ALA B 9 -6.21 1.96 -8.72
N GLU B 10 -7.38 1.57 -9.22
CA GLU B 10 -8.58 2.39 -9.09
C GLU B 10 -9.71 1.62 -8.41
N LEU B 11 -9.94 1.94 -7.14
CA LEU B 11 -10.99 1.29 -6.37
C LEU B 11 -12.37 1.72 -6.84
N ASN B 12 -13.41 1.03 -6.37
CA ASN B 12 -14.77 1.35 -6.75
C ASN B 12 -15.56 1.87 -5.54
N LEU B 13 -16.40 2.88 -5.78
CA LEU B 13 -17.21 3.46 -4.72
C LEU B 13 -18.16 4.51 -5.27
N GLN B 14 -19.24 4.77 -4.53
CA GLN B 14 -20.23 5.75 -4.96
C GLN B 14 -19.56 6.96 -5.62
N LYS B 15 -18.63 7.59 -4.89
CA LYS B 15 -17.92 8.75 -5.40
C LYS B 15 -16.83 9.18 -4.44
N GLY A 1 22.25 -0.15 19.29
CA GLY A 1 21.39 -0.86 18.37
C GLY A 1 20.20 -1.50 19.05
N SER A 2 19.03 -0.91 18.87
CA SER A 2 17.81 -1.42 19.47
C SER A 2 16.79 -1.79 18.41
N SER A 3 16.83 -3.05 17.98
CA SER A 3 15.91 -3.54 16.96
C SER A 3 14.49 -3.70 17.53
N GLY A 4 13.53 -3.03 16.89
CA GLY A 4 12.16 -3.11 17.36
C GLY A 4 11.18 -2.61 16.31
N SER A 5 10.01 -3.24 16.26
CA SER A 5 8.97 -2.86 15.30
C SER A 5 8.66 -1.37 15.41
N SER A 6 8.78 -0.67 14.29
CA SER A 6 8.51 0.77 14.25
C SER A 6 7.25 1.06 13.45
N GLY A 7 6.22 0.25 13.66
CA GLY A 7 4.97 0.45 12.95
C GLY A 7 5.13 0.27 11.44
N TRP A 8 4.01 0.03 10.76
CA TRP A 8 4.03 -0.16 9.32
C TRP A 8 4.60 1.07 8.61
N TYR A 9 4.11 2.24 9.00
CA TYR A 9 4.58 3.48 8.41
C TYR A 9 6.06 3.43 8.08
N HIS A 10 6.37 3.42 6.78
CA HIS A 10 7.76 3.36 6.33
C HIS A 10 8.32 4.76 6.12
N GLY A 11 7.64 5.55 5.29
CA GLY A 11 8.08 6.90 5.02
C GLY A 11 8.33 7.13 3.54
N HIS A 12 9.38 7.89 3.23
CA HIS A 12 9.72 8.19 1.85
C HIS A 12 10.04 6.92 1.08
N MET A 13 9.37 6.74 -0.06
CA MET A 13 9.59 5.56 -0.89
C MET A 13 8.84 5.68 -2.21
N SER A 14 9.44 5.17 -3.28
CA SER A 14 8.83 5.23 -4.61
C SER A 14 8.34 3.86 -5.04
N GLY A 15 7.31 3.83 -5.88
CA GLY A 15 6.77 2.57 -6.36
C GLY A 15 7.86 1.56 -6.67
N GLY A 16 8.92 2.01 -7.31
CA GLY A 16 10.02 1.12 -7.66
C GLY A 16 10.61 0.43 -6.45
N GLN A 17 10.68 1.15 -5.33
CA GLN A 17 11.23 0.59 -4.10
C GLN A 17 10.19 -0.26 -3.37
N ALA A 18 8.92 0.12 -3.52
CA ALA A 18 7.84 -0.61 -2.88
C ALA A 18 7.69 -2.01 -3.46
N GLU A 19 7.36 -2.09 -4.75
CA GLU A 19 7.19 -3.37 -5.42
C GLU A 19 8.35 -4.31 -5.09
N THR A 20 9.55 -3.75 -5.04
CA THR A 20 10.74 -4.54 -4.74
C THR A 20 10.75 -5.01 -3.29
N LEU A 21 10.76 -4.05 -2.37
CA LEU A 21 10.77 -4.37 -0.94
C LEU A 21 9.70 -5.41 -0.61
N LEU A 22 8.45 -5.06 -0.89
CA LEU A 22 7.32 -5.96 -0.62
C LEU A 22 7.63 -7.37 -1.12
N GLN A 23 7.73 -7.51 -2.44
CA GLN A 23 8.02 -8.81 -3.04
C GLN A 23 9.22 -9.47 -2.38
N ALA A 24 10.13 -8.65 -1.88
CA ALA A 24 11.34 -9.15 -1.22
C ALA A 24 10.98 -9.91 0.05
N LYS A 25 10.06 -9.35 0.84
CA LYS A 25 9.63 -9.98 2.08
C LYS A 25 9.19 -11.42 1.84
N GLY A 26 8.31 -11.61 0.86
CA GLY A 26 7.83 -12.94 0.55
C GLY A 26 6.54 -13.28 1.27
N GLU A 27 6.01 -12.31 2.01
CA GLU A 27 4.77 -12.52 2.75
C GLU A 27 3.59 -11.84 2.04
N PRO A 28 2.58 -12.64 1.69
CA PRO A 28 1.38 -12.15 1.00
C PRO A 28 0.52 -11.28 1.90
N TRP A 29 -0.36 -10.49 1.29
CA TRP A 29 -1.25 -9.61 2.03
C TRP A 29 -0.45 -8.64 2.91
N THR A 30 0.72 -8.24 2.41
CA THR A 30 1.57 -7.31 3.15
C THR A 30 1.41 -5.89 2.65
N PHE A 31 0.92 -5.01 3.51
CA PHE A 31 0.70 -3.61 3.15
C PHE A 31 1.78 -2.72 3.78
N LEU A 32 2.08 -1.61 3.12
CA LEU A 32 3.08 -0.67 3.62
C LEU A 32 2.75 0.75 3.21
N VAL A 33 2.78 1.67 4.17
CA VAL A 33 2.48 3.07 3.90
C VAL A 33 3.76 3.86 3.63
N ARG A 34 3.70 4.74 2.64
CA ARG A 34 4.85 5.56 2.29
C ARG A 34 4.41 6.92 1.74
N GLU A 35 5.33 7.88 1.75
CA GLU A 35 5.03 9.22 1.26
C GLU A 35 4.88 9.23 -0.26
N SER A 36 4.05 10.15 -0.77
CA SER A 36 3.82 10.25 -2.20
C SER A 36 5.05 10.79 -2.92
N LEU A 37 4.94 10.95 -4.23
CA LEU A 37 6.05 11.46 -5.03
C LEU A 37 5.58 12.61 -5.93
N SER A 38 4.49 12.40 -6.64
CA SER A 38 3.94 13.42 -7.53
C SER A 38 3.02 14.37 -6.77
N GLN A 39 2.40 13.86 -5.71
CA GLN A 39 1.49 14.66 -4.91
C GLN A 39 2.08 14.94 -3.54
N PRO A 40 2.26 16.23 -3.21
CA PRO A 40 2.83 16.66 -1.93
C PRO A 40 1.88 16.40 -0.77
N GLY A 41 2.38 15.71 0.26
CA GLY A 41 1.57 15.41 1.42
C GLY A 41 0.87 14.07 1.30
N ASP A 42 0.27 13.81 0.14
CA ASP A 42 -0.44 12.56 -0.09
C ASP A 42 0.44 11.36 0.27
N PHE A 43 -0.07 10.16 0.02
CA PHE A 43 0.67 8.93 0.31
C PHE A 43 0.27 7.81 -0.63
N VAL A 44 1.11 6.80 -0.73
CA VAL A 44 0.85 5.66 -1.61
C VAL A 44 0.71 4.37 -0.81
N LEU A 45 -0.41 3.69 -1.00
CA LEU A 45 -0.67 2.43 -0.29
C LEU A 45 -0.26 1.23 -1.13
N SER A 46 0.81 0.56 -0.71
CA SER A 46 1.31 -0.61 -1.43
C SER A 46 1.01 -1.89 -0.65
N VAL A 47 0.41 -2.86 -1.35
CA VAL A 47 0.07 -4.13 -0.73
C VAL A 47 0.49 -5.30 -1.61
N LEU A 48 0.94 -6.38 -0.99
CA LEU A 48 1.37 -7.57 -1.72
C LEU A 48 0.27 -8.61 -1.76
N SER A 49 -0.06 -9.08 -2.95
CA SER A 49 -1.10 -10.08 -3.13
C SER A 49 -0.55 -11.49 -2.88
N ASP A 50 -1.45 -12.46 -2.87
CA ASP A 50 -1.04 -13.85 -2.65
C ASP A 50 -1.02 -14.63 -3.96
N GLN A 51 -0.68 -13.94 -5.05
CA GLN A 51 -0.63 -14.56 -6.36
C GLN A 51 0.53 -14.00 -7.19
N PRO A 52 1.33 -14.90 -7.78
CA PRO A 52 2.48 -14.50 -8.60
C PRO A 52 2.06 -13.85 -9.91
N LYS A 53 2.83 -12.87 -10.36
CA LYS A 53 2.55 -12.16 -11.60
C LYS A 53 2.79 -13.06 -12.81
N ALA A 54 3.78 -13.95 -12.69
CA ALA A 54 4.12 -14.87 -13.77
C ALA A 54 3.81 -16.30 -13.38
N GLY A 55 4.04 -17.24 -14.30
CA GLY A 55 3.77 -18.63 -14.03
C GLY A 55 4.79 -19.25 -13.09
N PRO A 56 6.07 -19.22 -13.50
CA PRO A 56 7.16 -19.77 -12.70
C PRO A 56 7.45 -18.95 -11.45
N GLY A 57 8.56 -19.25 -10.79
CA GLY A 57 8.91 -18.53 -9.58
C GLY A 57 8.96 -17.03 -9.80
N SER A 58 7.85 -16.37 -9.52
CA SER A 58 7.76 -14.91 -9.69
C SER A 58 7.23 -14.25 -8.42
N PRO A 59 7.59 -12.97 -8.23
CA PRO A 59 7.17 -12.19 -7.07
C PRO A 59 5.68 -11.87 -7.10
N LEU A 60 5.02 -12.00 -5.96
CA LEU A 60 3.59 -11.72 -5.86
C LEU A 60 3.27 -10.33 -6.39
N ARG A 61 2.18 -10.24 -7.16
CA ARG A 61 1.77 -8.96 -7.74
C ARG A 61 1.47 -7.94 -6.64
N VAL A 62 1.84 -6.69 -6.90
CA VAL A 62 1.62 -5.62 -5.93
C VAL A 62 0.48 -4.71 -6.38
N THR A 63 -0.07 -3.95 -5.43
CA THR A 63 -1.17 -3.04 -5.73
C THR A 63 -0.95 -1.69 -5.07
N HIS A 64 -0.90 -0.64 -5.88
CA HIS A 64 -0.69 0.71 -5.38
C HIS A 64 -1.99 1.50 -5.40
N ILE A 65 -2.39 1.99 -4.23
CA ILE A 65 -3.62 2.76 -4.11
C ILE A 65 -3.34 4.18 -3.62
N LYS A 66 -3.48 5.14 -4.53
CA LYS A 66 -3.23 6.54 -4.19
C LYS A 66 -4.12 6.98 -3.03
N VAL A 67 -3.49 7.32 -1.90
CA VAL A 67 -4.22 7.75 -0.72
C VAL A 67 -4.35 9.27 -0.70
N MET A 68 -5.58 9.75 -0.90
CA MET A 68 -5.85 11.19 -0.90
C MET A 68 -5.89 11.73 0.54
N CYS A 69 -5.08 12.75 0.80
CA CYS A 69 -5.03 13.36 2.12
C CYS A 69 -5.44 14.83 2.06
N GLU A 70 -6.50 15.18 2.78
CA GLU A 70 -6.99 16.55 2.81
C GLU A 70 -6.90 17.13 4.21
N GLY A 71 -5.85 17.88 4.48
CA GLY A 71 -5.67 18.48 5.79
C GLY A 71 -5.07 17.52 6.80
N GLY A 72 -5.93 16.81 7.52
CA GLY A 72 -5.45 15.86 8.51
C GLY A 72 -6.19 14.54 8.44
N ARG A 73 -6.78 14.24 7.29
CA ARG A 73 -7.51 13.00 7.10
C ARG A 73 -7.00 12.24 5.87
N TYR A 74 -7.60 11.10 5.60
CA TYR A 74 -7.21 10.26 4.46
C TYR A 74 -8.43 9.63 3.80
N THR A 75 -8.33 9.44 2.48
CA THR A 75 -9.43 8.84 1.73
C THR A 75 -8.92 8.12 0.49
N VAL A 76 -9.76 7.28 -0.10
CA VAL A 76 -9.38 6.54 -1.30
C VAL A 76 -10.60 6.25 -2.16
N GLY A 77 -10.65 6.86 -3.34
CA GLY A 77 -11.76 6.65 -4.25
C GLY A 77 -13.01 7.38 -3.81
N GLY A 78 -13.40 7.19 -2.55
CA GLY A 78 -14.58 7.84 -2.03
C GLY A 78 -14.25 9.07 -1.20
N LEU A 79 -15.27 9.66 -0.57
CA LEU A 79 -15.08 10.84 0.25
C LEU A 79 -14.69 10.46 1.67
N GLU A 80 -15.13 9.28 2.10
CA GLU A 80 -14.83 8.80 3.44
C GLU A 80 -13.43 9.23 3.88
N THR A 81 -13.37 10.29 4.68
CA THR A 81 -12.10 10.81 5.16
C THR A 81 -11.82 10.34 6.59
N PHE A 82 -10.96 9.34 6.72
CA PHE A 82 -10.61 8.80 8.03
C PHE A 82 -9.75 9.79 8.82
N ASP A 83 -9.84 9.71 10.14
CA ASP A 83 -9.08 10.60 11.01
C ASP A 83 -7.59 10.50 10.72
N SER A 84 -7.10 9.28 10.55
CA SER A 84 -5.69 9.05 10.27
C SER A 84 -5.49 7.71 9.56
N LEU A 85 -4.34 7.56 8.90
CA LEU A 85 -4.02 6.33 8.19
C LEU A 85 -4.23 5.11 9.07
N THR A 86 -4.01 5.29 10.38
CA THR A 86 -4.18 4.20 11.33
C THR A 86 -5.58 3.63 11.28
N ASP A 87 -6.58 4.51 11.15
CA ASP A 87 -7.97 4.09 11.09
C ASP A 87 -8.32 3.60 9.69
N LEU A 88 -8.02 4.42 8.69
CA LEU A 88 -8.31 4.07 7.31
C LEU A 88 -7.79 2.68 6.97
N VAL A 89 -6.63 2.34 7.52
CA VAL A 89 -6.01 1.03 7.29
C VAL A 89 -6.68 -0.04 8.13
N GLU A 90 -6.95 0.28 9.39
CA GLU A 90 -7.59 -0.66 10.31
C GLU A 90 -8.97 -1.06 9.80
N HIS A 91 -9.59 -0.17 9.04
CA HIS A 91 -10.93 -0.43 8.48
C HIS A 91 -10.85 -1.44 7.34
N PHE A 92 -9.77 -1.36 6.57
CA PHE A 92 -9.57 -2.26 5.44
C PHE A 92 -8.91 -3.56 5.88
N LYS A 93 -8.15 -3.48 6.97
CA LYS A 93 -7.46 -4.65 7.51
C LYS A 93 -8.46 -5.72 7.94
N LYS A 94 -9.69 -5.31 8.17
CA LYS A 94 -10.74 -6.24 8.60
C LYS A 94 -11.68 -6.56 7.43
N THR A 95 -11.99 -5.55 6.63
CA THR A 95 -12.87 -5.72 5.49
C THR A 95 -12.08 -5.96 4.21
N GLY A 96 -11.09 -5.10 3.97
CA GLY A 96 -10.27 -5.23 2.78
C GLY A 96 -10.56 -4.15 1.76
N ILE A 97 -9.67 -4.00 0.78
CA ILE A 97 -9.83 -2.99 -0.26
C ILE A 97 -10.27 -3.64 -1.57
N GLU A 98 -11.37 -3.12 -2.13
CA GLU A 98 -11.89 -3.65 -3.38
C GLU A 98 -11.53 -2.73 -4.55
N GLU A 99 -10.90 -3.31 -5.58
CA GLU A 99 -10.51 -2.54 -6.75
C GLU A 99 -11.66 -2.41 -7.74
N ALA A 100 -11.71 -1.28 -8.43
CA ALA A 100 -12.76 -1.03 -9.42
C ALA A 100 -12.98 -2.24 -10.31
N SER A 101 -11.91 -2.99 -10.55
CA SER A 101 -11.99 -4.18 -11.38
C SER A 101 -12.63 -5.34 -10.63
N GLY A 102 -12.28 -5.48 -9.36
CA GLY A 102 -12.83 -6.56 -8.54
C GLY A 102 -11.83 -7.08 -7.54
N ALA A 103 -10.55 -7.04 -7.89
CA ALA A 103 -9.49 -7.52 -7.01
C ALA A 103 -9.76 -7.11 -5.57
N PHE A 104 -9.46 -8.01 -4.64
CA PHE A 104 -9.66 -7.74 -3.22
C PHE A 104 -8.34 -7.79 -2.45
N VAL A 105 -7.82 -6.62 -2.12
CA VAL A 105 -6.56 -6.52 -1.38
C VAL A 105 -6.79 -6.63 0.13
N TYR A 106 -6.01 -7.50 0.77
CA TYR A 106 -6.13 -7.69 2.21
C TYR A 106 -4.84 -7.30 2.92
N LEU A 107 -4.97 -6.51 3.98
CA LEU A 107 -3.82 -6.07 4.76
C LEU A 107 -3.79 -6.73 6.12
N ARG A 108 -2.83 -7.62 6.33
CA ARG A 108 -2.69 -8.33 7.60
C ARG A 108 -1.27 -8.21 8.13
N GLN A 109 -0.31 -8.12 7.22
CA GLN A 109 1.10 -8.00 7.60
C GLN A 109 1.61 -6.59 7.37
N PRO A 110 1.60 -5.77 8.42
CA PRO A 110 2.07 -4.38 8.36
C PRO A 110 3.58 -4.29 8.18
N TYR A 111 4.01 -4.26 6.92
CA TYR A 111 5.44 -4.17 6.60
C TYR A 111 6.11 -3.06 7.41
N TYR A 112 6.93 -3.46 8.37
CA TYR A 112 7.63 -2.49 9.22
C TYR A 112 8.81 -1.88 8.48
N SER A 113 9.27 -0.73 8.96
CA SER A 113 10.39 -0.03 8.34
C SER A 113 11.42 -1.02 7.79
N GLY A 114 11.82 -1.97 8.65
CA GLY A 114 12.80 -2.97 8.24
C GLY A 114 14.22 -2.58 8.61
N PRO A 115 14.75 -3.22 9.66
CA PRO A 115 16.10 -2.95 10.14
C PRO A 115 17.17 -3.45 9.18
N SER A 116 16.72 -4.02 8.05
CA SER A 116 17.65 -4.53 7.05
C SER A 116 18.20 -3.42 6.18
N SER A 117 17.30 -2.61 5.63
CA SER A 117 17.70 -1.49 4.78
C SER A 117 18.87 -0.73 5.38
N GLY A 118 19.95 -0.59 4.59
CA GLY A 118 21.12 0.12 5.08
C GLY A 118 22.23 -0.82 5.50
N ALA B 1 2.47 8.10 -20.52
CA ALA B 1 3.76 7.50 -20.83
C ALA B 1 3.77 6.01 -20.52
N THR B 2 3.44 5.67 -19.27
CA THR B 2 3.39 4.28 -18.85
C THR B 2 4.66 3.54 -19.29
N GLU B 3 5.80 4.19 -19.16
CA GLU B 3 7.08 3.59 -19.55
C GLU B 3 7.82 3.09 -18.32
N GLN B 4 7.96 1.77 -18.23
CA GLN B 4 8.65 1.15 -17.11
C GLN B 4 8.29 1.83 -15.80
N GLU B 5 7.01 2.16 -15.64
CA GLU B 5 6.54 2.82 -14.43
C GLU B 5 5.36 2.07 -13.83
N ILE B 6 5.35 1.96 -12.50
CA ILE B 6 4.28 1.25 -11.80
C ILE B 6 2.94 1.94 -12.02
N THR B 7 1.87 1.15 -12.05
CA THR B 7 0.52 1.69 -12.25
C THR B 7 -0.34 1.46 -11.02
N PTR B 8 -1.08 2.49 -10.62
CA PTR B 8 -1.95 2.41 -9.46
C PTR B 8 -3.27 1.73 -9.81
O PTR B 8 -3.71 1.77 -10.96
CB PTR B 8 -2.21 3.81 -8.90
CG PTR B 8 -0.99 4.46 -8.30
CD1 PTR B 8 -0.93 4.76 -6.93
CD2 PTR B 8 0.11 4.78 -9.09
CE1 PTR B 8 0.19 5.35 -6.39
CE2 PTR B 8 1.23 5.38 -8.55
CZ PTR B 8 1.26 5.67 -7.20
OH PTR B 8 2.38 6.26 -6.66
P PTR B 8 3.89 5.92 -7.07
O1P PTR B 8 4.21 6.54 -8.39
O2P PTR B 8 4.83 6.47 -6.06
O3P PTR B 8 4.08 4.46 -7.17
H PTR B 8 -1.04 3.33 -11.13
HA PTR B 8 -1.45 1.82 -8.71
HB2 PTR B 8 -2.58 4.44 -9.69
HB3 PTR B 8 -2.97 3.74 -8.12
HD1 PTR B 8 -1.77 4.52 -6.31
HD2 PTR B 8 0.07 4.56 -10.15
HE1 PTR B 8 0.22 5.58 -5.34
HE2 PTR B 8 2.06 5.63 -9.18
N ALA B 9 -3.90 1.13 -8.82
CA ALA B 9 -5.18 0.44 -9.02
C ALA B 9 -6.35 1.31 -8.54
N GLU B 10 -7.46 1.23 -9.25
CA GLU B 10 -8.65 2.00 -8.91
C GLU B 10 -9.52 1.24 -7.90
N LEU B 11 -10.40 1.96 -7.23
CA LEU B 11 -11.30 1.36 -6.25
C LEU B 11 -12.74 1.74 -6.52
N ASN B 12 -13.67 1.02 -5.89
CA ASN B 12 -15.09 1.28 -6.07
C ASN B 12 -15.64 2.09 -4.89
N LEU B 13 -16.27 3.22 -5.19
CA LEU B 13 -16.85 4.07 -4.16
C LEU B 13 -18.10 3.44 -3.55
N GLN B 14 -18.76 4.16 -2.66
CA GLN B 14 -19.97 3.67 -2.01
C GLN B 14 -20.96 3.16 -3.05
N LYS B 15 -21.23 3.98 -4.06
CA LYS B 15 -22.16 3.61 -5.12
C LYS B 15 -21.45 2.84 -6.23
N GLY A 1 14.67 1.81 17.64
CA GLY A 1 16.08 1.45 17.57
C GLY A 1 16.84 2.31 16.59
N SER A 2 17.88 1.73 15.98
CA SER A 2 18.70 2.45 15.02
C SER A 2 17.94 2.70 13.72
N SER A 3 17.44 3.92 13.56
CA SER A 3 16.69 4.29 12.37
C SER A 3 15.61 3.25 12.07
N GLY A 4 14.97 2.74 13.11
CA GLY A 4 13.93 1.74 12.94
C GLY A 4 12.55 2.31 13.20
N SER A 5 11.60 1.99 12.32
CA SER A 5 10.23 2.47 12.45
C SER A 5 9.50 1.71 13.55
N SER A 6 8.46 2.33 14.09
CA SER A 6 7.67 1.72 15.15
C SER A 6 6.46 0.98 14.58
N GLY A 7 5.74 1.65 13.68
CA GLY A 7 4.58 1.04 13.06
C GLY A 7 4.84 0.60 11.64
N TRP A 8 3.82 0.71 10.80
CA TRP A 8 3.93 0.32 9.39
C TRP A 8 4.30 1.52 8.52
N TYR A 9 4.49 2.67 9.16
CA TYR A 9 4.82 3.89 8.44
C TYR A 9 6.30 3.89 8.04
N HIS A 10 6.55 4.16 6.77
CA HIS A 10 7.92 4.20 6.25
C HIS A 10 8.47 5.63 6.28
N GLY A 11 8.02 6.45 5.34
CA GLY A 11 8.49 7.82 5.27
C GLY A 11 8.85 8.24 3.87
N HIS A 12 9.96 7.71 3.36
CA HIS A 12 10.42 8.04 2.02
C HIS A 12 10.76 6.76 1.24
N MET A 13 10.03 6.52 0.15
CA MET A 13 10.26 5.34 -0.68
C MET A 13 9.43 5.42 -1.95
N SER A 14 10.05 5.10 -3.08
CA SER A 14 9.36 5.12 -4.37
C SER A 14 8.81 3.75 -4.71
N GLY A 15 7.70 3.72 -5.44
CA GLY A 15 7.09 2.46 -5.83
C GLY A 15 8.10 1.47 -6.35
N GLY A 16 9.16 1.98 -6.98
CA GLY A 16 10.19 1.12 -7.53
C GLY A 16 10.92 0.33 -6.46
N GLN A 17 11.11 0.94 -5.30
CA GLN A 17 11.79 0.29 -4.19
C GLN A 17 10.82 -0.57 -3.38
N ALA A 18 9.56 -0.18 -3.36
CA ALA A 18 8.54 -0.90 -2.63
C ALA A 18 8.28 -2.27 -3.25
N GLU A 19 7.75 -2.27 -4.47
CA GLU A 19 7.46 -3.51 -5.18
C GLU A 19 8.58 -4.53 -4.98
N THR A 20 9.82 -4.07 -5.08
CA THR A 20 10.98 -4.94 -4.90
C THR A 20 11.08 -5.44 -3.47
N LEU A 21 10.96 -4.52 -2.51
CA LEU A 21 11.03 -4.87 -1.10
C LEU A 21 9.93 -5.85 -0.72
N LEU A 22 8.68 -5.45 -0.95
CA LEU A 22 7.54 -6.29 -0.63
C LEU A 22 7.73 -7.69 -1.19
N GLN A 23 8.06 -7.78 -2.47
CA GLN A 23 8.27 -9.07 -3.12
C GLN A 23 9.48 -9.79 -2.52
N ALA A 24 10.46 -9.02 -2.08
CA ALA A 24 11.67 -9.58 -1.49
C ALA A 24 11.33 -10.48 -0.30
N LYS A 25 10.54 -9.95 0.62
CA LYS A 25 10.14 -10.70 1.81
C LYS A 25 9.32 -11.93 1.41
N GLY A 26 8.40 -11.75 0.47
CA GLY A 26 7.57 -12.85 0.03
C GLY A 26 6.41 -13.12 0.97
N GLU A 27 5.87 -12.05 1.56
CA GLU A 27 4.75 -12.19 2.49
C GLU A 27 3.47 -11.65 1.86
N PRO A 28 2.49 -12.55 1.66
CA PRO A 28 1.20 -12.18 1.07
C PRO A 28 0.36 -11.33 2.01
N TRP A 29 -0.41 -10.40 1.42
CA TRP A 29 -1.26 -9.51 2.20
C TRP A 29 -0.43 -8.54 3.02
N THR A 30 0.74 -8.17 2.49
CA THR A 30 1.63 -7.24 3.17
C THR A 30 1.45 -5.82 2.66
N PHE A 31 0.99 -4.93 3.52
CA PHE A 31 0.76 -3.54 3.15
C PHE A 31 1.83 -2.64 3.77
N LEU A 32 2.08 -1.50 3.12
CA LEU A 32 3.07 -0.55 3.61
C LEU A 32 2.70 0.87 3.20
N VAL A 33 2.70 1.77 4.18
CA VAL A 33 2.36 3.16 3.93
C VAL A 33 3.63 4.00 3.74
N ARG A 34 3.62 4.85 2.70
CA ARG A 34 4.76 5.69 2.40
C ARG A 34 4.30 7.02 1.80
N GLU A 35 5.24 7.97 1.69
CA GLU A 35 4.92 9.28 1.13
C GLU A 35 4.96 9.24 -0.39
N SER A 36 4.21 10.14 -1.02
CA SER A 36 4.14 10.21 -2.47
C SER A 36 5.33 11.00 -3.03
N LEU A 37 5.69 10.71 -4.27
CA LEU A 37 6.80 11.38 -4.92
C LEU A 37 6.33 12.63 -5.67
N SER A 38 5.35 12.44 -6.55
CA SER A 38 4.81 13.55 -7.33
C SER A 38 3.84 14.37 -6.49
N GLN A 39 2.79 13.73 -5.99
CA GLN A 39 1.78 14.39 -5.18
C GLN A 39 2.36 14.79 -3.83
N PRO A 40 2.45 16.10 -3.58
CA PRO A 40 2.98 16.64 -2.32
C PRO A 40 2.06 16.37 -1.14
N GLY A 41 2.60 15.81 -0.07
CA GLY A 41 1.81 15.53 1.11
C GLY A 41 1.02 14.24 0.98
N ASP A 42 0.56 13.94 -0.23
CA ASP A 42 -0.20 12.72 -0.49
C ASP A 42 0.55 11.49 0.03
N PHE A 43 -0.07 10.33 -0.13
CA PHE A 43 0.54 9.08 0.33
C PHE A 43 0.14 7.92 -0.58
N VAL A 44 0.97 6.88 -0.59
CA VAL A 44 0.70 5.71 -1.42
C VAL A 44 0.53 4.46 -0.56
N LEU A 45 -0.54 3.72 -0.81
CA LEU A 45 -0.82 2.50 -0.05
C LEU A 45 -0.46 1.26 -0.87
N SER A 46 0.72 0.71 -0.61
CA SER A 46 1.19 -0.47 -1.32
C SER A 46 0.81 -1.75 -0.57
N VAL A 47 0.40 -2.76 -1.32
CA VAL A 47 0.02 -4.04 -0.73
C VAL A 47 0.41 -5.20 -1.63
N LEU A 48 0.95 -6.26 -1.02
CA LEU A 48 1.36 -7.43 -1.77
C LEU A 48 0.25 -8.48 -1.81
N SER A 49 -0.19 -8.83 -3.01
CA SER A 49 -1.24 -9.81 -3.19
C SER A 49 -0.69 -11.23 -3.14
N ASP A 50 -1.48 -12.15 -2.63
CA ASP A 50 -1.07 -13.55 -2.53
C ASP A 50 -0.98 -14.20 -3.91
N GLN A 51 -1.30 -13.42 -4.94
CA GLN A 51 -1.27 -13.91 -6.32
C GLN A 51 -0.05 -13.37 -7.05
N PRO A 52 0.72 -14.28 -7.66
CA PRO A 52 1.92 -13.92 -8.41
C PRO A 52 1.61 -13.17 -9.71
N LYS A 53 2.62 -12.50 -10.25
CA LYS A 53 2.44 -11.74 -11.49
C LYS A 53 2.57 -12.66 -12.71
N ALA A 54 3.24 -13.79 -12.53
CA ALA A 54 3.43 -14.75 -13.61
C ALA A 54 3.06 -16.16 -13.16
N GLY A 55 2.93 -17.06 -14.13
CA GLY A 55 2.58 -18.44 -13.82
C GLY A 55 3.63 -19.13 -12.97
N PRO A 56 4.85 -19.24 -13.52
CA PRO A 56 5.97 -19.88 -12.82
C PRO A 56 6.46 -19.07 -11.63
N GLY A 57 7.46 -19.60 -10.93
CA GLY A 57 8.00 -18.91 -9.78
C GLY A 57 8.21 -17.42 -10.03
N SER A 58 7.21 -16.62 -9.66
CA SER A 58 7.28 -15.18 -9.86
C SER A 58 6.94 -14.44 -8.57
N PRO A 59 7.39 -13.18 -8.48
CA PRO A 59 7.14 -12.34 -7.30
C PRO A 59 5.68 -11.93 -7.18
N LEU A 60 5.17 -11.94 -5.95
CA LEU A 60 3.78 -11.57 -5.70
C LEU A 60 3.47 -10.20 -6.27
N ARG A 61 2.30 -10.07 -6.90
CA ARG A 61 1.89 -8.81 -7.50
C ARG A 61 1.60 -7.77 -6.42
N VAL A 62 2.02 -6.53 -6.67
CA VAL A 62 1.80 -5.45 -5.71
C VAL A 62 0.65 -4.55 -6.15
N THR A 63 0.10 -3.80 -5.19
CA THR A 63 -1.01 -2.90 -5.48
C THR A 63 -0.78 -1.53 -4.85
N HIS A 64 -0.55 -0.52 -5.69
CA HIS A 64 -0.32 0.83 -5.21
C HIS A 64 -1.60 1.66 -5.27
N ILE A 65 -2.14 2.00 -4.12
CA ILE A 65 -3.37 2.79 -4.04
C ILE A 65 -3.08 4.21 -3.55
N LYS A 66 -3.31 5.19 -4.42
CA LYS A 66 -3.09 6.59 -4.07
C LYS A 66 -4.01 7.03 -2.95
N VAL A 67 -3.45 7.28 -1.77
CA VAL A 67 -4.23 7.71 -0.62
C VAL A 67 -4.41 9.22 -0.61
N MET A 68 -5.67 9.66 -0.63
CA MET A 68 -5.99 11.09 -0.61
C MET A 68 -6.05 11.62 0.80
N CYS A 69 -5.28 12.67 1.08
CA CYS A 69 -5.25 13.27 2.40
C CYS A 69 -5.68 14.74 2.34
N GLU A 70 -6.65 15.10 3.18
CA GLU A 70 -7.16 16.47 3.22
C GLU A 70 -7.21 16.98 4.65
N GLY A 71 -6.44 18.03 4.93
CA GLY A 71 -6.41 18.60 6.26
C GLY A 71 -5.78 17.67 7.28
N GLY A 72 -6.51 16.61 7.63
CA GLY A 72 -6.00 15.66 8.60
C GLY A 72 -6.69 14.30 8.49
N ARG A 73 -7.37 14.07 7.38
CA ARG A 73 -8.07 12.82 7.15
C ARG A 73 -7.51 12.08 5.94
N TYR A 74 -8.04 10.90 5.66
CA TYR A 74 -7.59 10.10 4.53
C TYR A 74 -8.77 9.47 3.81
N THR A 75 -8.65 9.33 2.49
CA THR A 75 -9.71 8.74 1.68
C THR A 75 -9.14 8.07 0.44
N VAL A 76 -9.94 7.23 -0.20
CA VAL A 76 -9.52 6.52 -1.40
C VAL A 76 -10.71 6.23 -2.32
N GLY A 77 -10.72 6.87 -3.48
CA GLY A 77 -11.81 6.67 -4.43
C GLY A 77 -13.08 7.37 -4.00
N GLY A 78 -13.53 7.10 -2.78
CA GLY A 78 -14.74 7.72 -2.27
C GLY A 78 -14.46 8.93 -1.42
N LEU A 79 -15.48 9.40 -0.70
CA LEU A 79 -15.34 10.57 0.16
C LEU A 79 -15.01 10.14 1.58
N GLU A 80 -15.37 8.91 1.94
CA GLU A 80 -15.11 8.39 3.28
C GLU A 80 -13.76 8.91 3.80
N THR A 81 -13.81 9.94 4.62
CA THR A 81 -12.61 10.53 5.19
C THR A 81 -12.39 10.07 6.63
N PHE A 82 -11.50 9.11 6.81
CA PHE A 82 -11.21 8.59 8.14
C PHE A 82 -10.44 9.60 8.98
N ASP A 83 -10.47 9.43 10.29
CA ASP A 83 -9.78 10.33 11.20
C ASP A 83 -8.28 10.33 10.94
N SER A 84 -7.75 9.18 10.53
CA SER A 84 -6.33 9.05 10.24
C SER A 84 -6.04 7.73 9.51
N LEU A 85 -4.83 7.60 8.99
CA LEU A 85 -4.43 6.40 8.26
C LEU A 85 -4.69 5.15 9.09
N THR A 86 -4.38 5.24 10.39
CA THR A 86 -4.58 4.11 11.30
C THR A 86 -6.00 3.56 11.19
N ASP A 87 -6.97 4.46 11.04
CA ASP A 87 -8.36 4.08 10.93
C ASP A 87 -8.69 3.65 9.50
N LEU A 88 -8.35 4.51 8.55
CA LEU A 88 -8.62 4.24 7.14
C LEU A 88 -8.05 2.87 6.74
N VAL A 89 -6.92 2.50 7.32
CA VAL A 89 -6.29 1.23 7.03
C VAL A 89 -6.90 0.11 7.86
N GLU A 90 -7.02 0.34 9.17
CA GLU A 90 -7.60 -0.66 10.06
C GLU A 90 -8.91 -1.20 9.51
N HIS A 91 -9.77 -0.30 9.03
CA HIS A 91 -11.05 -0.71 8.46
C HIS A 91 -10.85 -1.67 7.30
N PHE A 92 -9.77 -1.49 6.55
CA PHE A 92 -9.47 -2.35 5.41
C PHE A 92 -8.73 -3.61 5.86
N LYS A 93 -8.02 -3.50 6.98
CA LYS A 93 -7.27 -4.64 7.50
C LYS A 93 -8.20 -5.80 7.86
N LYS A 94 -9.47 -5.48 8.09
CA LYS A 94 -10.46 -6.49 8.42
C LYS A 94 -11.35 -6.80 7.23
N THR A 95 -11.83 -5.74 6.57
CA THR A 95 -12.71 -5.89 5.41
C THR A 95 -11.89 -6.05 4.14
N GLY A 96 -10.91 -5.17 3.95
CA GLY A 96 -10.07 -5.23 2.77
C GLY A 96 -10.45 -4.18 1.74
N ILE A 97 -9.63 -4.05 0.70
CA ILE A 97 -9.89 -3.08 -0.36
C ILE A 97 -10.32 -3.77 -1.65
N GLU A 98 -11.37 -3.25 -2.27
CA GLU A 98 -11.88 -3.81 -3.51
C GLU A 98 -11.51 -2.94 -4.70
N GLU A 99 -10.75 -3.52 -5.63
CA GLU A 99 -10.32 -2.80 -6.82
C GLU A 99 -11.46 -2.68 -7.83
N ALA A 100 -11.48 -1.57 -8.57
CA ALA A 100 -12.51 -1.35 -9.58
C ALA A 100 -12.77 -2.60 -10.39
N SER A 101 -11.71 -3.37 -10.64
CA SER A 101 -11.83 -4.59 -11.42
C SER A 101 -12.52 -5.70 -10.61
N GLY A 102 -12.21 -5.75 -9.32
CA GLY A 102 -12.81 -6.75 -8.46
C GLY A 102 -11.82 -7.29 -7.43
N ALA A 103 -10.54 -7.27 -7.77
CA ALA A 103 -9.51 -7.75 -6.87
C ALA A 103 -9.77 -7.30 -5.43
N PHE A 104 -9.23 -8.05 -4.48
CA PHE A 104 -9.40 -7.73 -3.07
C PHE A 104 -8.06 -7.70 -2.33
N VAL A 105 -7.63 -6.51 -1.93
CA VAL A 105 -6.36 -6.36 -1.22
C VAL A 105 -6.55 -6.50 0.28
N TYR A 106 -5.73 -7.34 0.90
CA TYR A 106 -5.82 -7.57 2.34
C TYR A 106 -4.53 -7.13 3.03
N LEU A 107 -4.68 -6.37 4.11
CA LEU A 107 -3.54 -5.88 4.88
C LEU A 107 -3.49 -6.51 6.26
N ARG A 108 -2.56 -7.45 6.44
CA ARG A 108 -2.42 -8.13 7.73
C ARG A 108 -0.96 -8.08 8.19
N GLN A 109 -0.04 -8.04 7.24
CA GLN A 109 1.38 -7.99 7.57
C GLN A 109 1.96 -6.60 7.30
N PRO A 110 2.16 -5.83 8.39
CA PRO A 110 2.71 -4.47 8.29
C PRO A 110 4.17 -4.46 7.89
N TYR A 111 4.45 -3.89 6.72
CA TYR A 111 5.82 -3.82 6.21
C TYR A 111 6.51 -2.55 6.71
N TYR A 112 7.50 -2.73 7.58
CA TYR A 112 8.25 -1.60 8.13
C TYR A 112 9.73 -1.71 7.80
N SER A 113 10.03 -2.16 6.58
CA SER A 113 11.41 -2.31 6.14
C SER A 113 11.66 -1.52 4.86
N GLY A 114 12.03 -0.26 5.01
CA GLY A 114 12.31 0.59 3.86
C GLY A 114 13.78 0.84 3.67
N PRO A 115 14.27 1.98 4.19
CA PRO A 115 15.67 2.37 4.09
C PRO A 115 16.58 1.48 4.93
N SER A 116 16.01 0.82 5.91
CA SER A 116 16.78 -0.06 6.79
C SER A 116 17.71 -0.96 5.98
N SER A 117 18.70 -1.54 6.66
CA SER A 117 19.65 -2.42 6.00
C SER A 117 20.40 -3.26 7.02
N GLY A 118 21.19 -4.22 6.54
CA GLY A 118 21.95 -5.08 7.42
C GLY A 118 21.22 -6.37 7.74
N ALA B 1 19.51 6.05 -20.22
CA ALA B 1 19.02 5.53 -18.95
C ALA B 1 17.54 5.15 -19.06
N THR B 2 17.17 4.06 -18.42
CA THR B 2 15.79 3.59 -18.45
C THR B 2 15.08 3.86 -17.12
N GLU B 3 13.81 4.20 -17.20
CA GLU B 3 13.02 4.49 -16.00
C GLU B 3 11.63 3.86 -16.09
N GLN B 4 11.33 2.99 -15.13
CA GLN B 4 10.04 2.31 -15.09
C GLN B 4 9.11 2.95 -14.06
N GLU B 5 8.04 3.58 -14.54
CA GLU B 5 7.08 4.24 -13.67
C GLU B 5 5.96 3.27 -13.28
N ILE B 6 5.98 2.84 -12.02
CA ILE B 6 4.98 1.91 -11.51
C ILE B 6 3.57 2.42 -11.81
N THR B 7 2.60 1.52 -11.80
CA THR B 7 1.21 1.87 -12.06
C THR B 7 0.34 1.62 -10.84
N PTR B 8 -0.54 2.57 -10.54
CA PTR B 8 -1.43 2.45 -9.39
C PTR B 8 -2.70 1.68 -9.76
O PTR B 8 -3.02 1.53 -10.94
CB PTR B 8 -1.81 3.83 -8.86
CG PTR B 8 -0.65 4.59 -8.26
CD1 PTR B 8 -0.62 4.91 -6.91
CD2 PTR B 8 0.43 4.98 -9.04
CE1 PTR B 8 0.43 5.60 -6.35
CE2 PTR B 8 1.49 5.67 -8.49
CZ PTR B 8 1.50 5.98 -7.15
OH PTR B 8 2.55 6.66 -6.61
P PTR B 8 3.02 8.14 -7.03
O1P PTR B 8 2.85 9.07 -5.89
O2P PTR B 8 4.43 8.13 -7.44
O3P PTR B 8 2.19 8.61 -8.16
H PTR B 8 -0.59 3.38 -11.10
HA PTR B 8 -0.90 1.91 -8.62
HB2 PTR B 8 -2.21 4.42 -9.67
HB3 PTR B 8 -2.57 3.73 -8.10
HD1 PTR B 8 -1.46 4.61 -6.29
HD2 PTR B 8 0.43 4.74 -10.09
HE1 PTR B 8 0.44 5.84 -5.30
HE2 PTR B 8 2.33 5.97 -9.11
N ALA B 9 -3.40 1.17 -8.75
CA ALA B 9 -4.62 0.42 -8.97
C ALA B 9 -5.85 1.22 -8.55
N GLU B 10 -6.87 1.22 -9.40
CA GLU B 10 -8.11 1.95 -9.11
C GLU B 10 -9.01 1.14 -8.19
N LEU B 11 -9.79 1.85 -7.38
CA LEU B 11 -10.71 1.20 -6.44
C LEU B 11 -12.13 1.73 -6.62
N ASN B 12 -13.10 1.01 -6.05
CA ASN B 12 -14.49 1.42 -6.13
C ASN B 12 -14.96 2.06 -4.84
N LEU B 13 -15.79 3.08 -4.95
CA LEU B 13 -16.32 3.78 -3.78
C LEU B 13 -17.82 3.57 -3.65
N GLN B 14 -18.42 4.24 -2.67
CA GLN B 14 -19.85 4.13 -2.44
C GLN B 14 -20.63 4.34 -3.74
N LYS B 15 -20.40 5.47 -4.38
CA LYS B 15 -21.08 5.79 -5.63
C LYS B 15 -21.25 4.54 -6.49
N GLY A 1 13.88 -1.97 23.42
CA GLY A 1 12.91 -1.30 22.56
C GLY A 1 12.05 -2.27 21.78
N SER A 2 10.88 -1.81 21.36
CA SER A 2 9.95 -2.65 20.61
C SER A 2 9.15 -1.82 19.61
N SER A 3 9.02 -2.33 18.40
CA SER A 3 8.29 -1.63 17.35
C SER A 3 7.18 -2.51 16.79
N GLY A 4 5.93 -2.06 16.93
CA GLY A 4 4.80 -2.82 16.44
C GLY A 4 3.54 -1.98 16.32
N SER A 5 3.21 -1.28 17.40
CA SER A 5 2.03 -0.43 17.43
C SER A 5 2.05 0.58 16.29
N SER A 6 1.15 0.42 15.33
CA SER A 6 1.08 1.32 14.18
C SER A 6 2.47 1.69 13.69
N GLY A 7 3.35 0.69 13.62
CA GLY A 7 4.70 0.94 13.16
C GLY A 7 4.94 0.45 11.75
N TRP A 8 3.93 0.62 10.89
CA TRP A 8 4.03 0.19 9.50
C TRP A 8 4.45 1.35 8.61
N TYR A 9 4.43 2.56 9.15
CA TYR A 9 4.79 3.75 8.40
C TYR A 9 6.26 3.71 8.00
N HIS A 10 6.54 4.06 6.74
CA HIS A 10 7.90 4.07 6.23
C HIS A 10 8.42 5.49 6.07
N GLY A 11 7.84 6.22 5.12
CA GLY A 11 8.25 7.60 4.89
C GLY A 11 8.56 7.86 3.42
N HIS A 12 9.83 7.79 3.07
CA HIS A 12 10.25 8.03 1.69
C HIS A 12 10.32 6.72 0.91
N MET A 13 9.58 6.66 -0.20
CA MET A 13 9.56 5.47 -1.04
C MET A 13 8.84 5.74 -2.36
N SER A 14 9.19 4.97 -3.39
CA SER A 14 8.59 5.14 -4.70
C SER A 14 7.92 3.84 -5.16
N GLY A 15 7.07 3.94 -6.17
CA GLY A 15 6.39 2.78 -6.69
C GLY A 15 7.35 1.64 -7.00
N GLY A 16 8.52 1.98 -7.53
CA GLY A 16 9.50 0.96 -7.87
C GLY A 16 10.13 0.34 -6.64
N GLN A 17 10.45 1.17 -5.66
CA GLN A 17 11.06 0.69 -4.42
C GLN A 17 10.11 -0.22 -3.65
N ALA A 18 8.84 0.19 -3.59
CA ALA A 18 7.83 -0.60 -2.88
C ALA A 18 7.71 -1.99 -3.48
N GLU A 19 7.59 -2.06 -4.81
CA GLU A 19 7.46 -3.34 -5.49
C GLU A 19 8.65 -4.25 -5.17
N THR A 20 9.85 -3.70 -5.23
CA THR A 20 11.05 -4.47 -4.94
C THR A 20 11.08 -4.94 -3.49
N LEU A 21 10.96 -3.99 -2.57
CA LEU A 21 10.96 -4.31 -1.15
C LEU A 21 9.91 -5.36 -0.82
N LEU A 22 8.64 -4.99 -0.95
CA LEU A 22 7.54 -5.90 -0.68
C LEU A 22 7.86 -7.31 -1.17
N GLN A 23 8.09 -7.43 -2.47
CA GLN A 23 8.42 -8.72 -3.07
C GLN A 23 9.65 -9.33 -2.42
N ALA A 24 10.52 -8.47 -1.89
CA ALA A 24 11.74 -8.93 -1.24
C ALA A 24 11.42 -9.82 -0.04
N LYS A 25 10.49 -9.38 0.78
CA LYS A 25 10.10 -10.13 1.98
C LYS A 25 9.51 -11.49 1.58
N GLY A 26 8.56 -11.47 0.65
CA GLY A 26 7.94 -12.70 0.20
C GLY A 26 6.77 -13.10 1.07
N GLU A 27 6.00 -12.11 1.53
CA GLU A 27 4.85 -12.37 2.37
C GLU A 27 3.58 -11.83 1.74
N PRO A 28 2.61 -12.73 1.50
CA PRO A 28 1.33 -12.37 0.90
C PRO A 28 0.46 -11.53 1.82
N TRP A 29 -0.33 -10.63 1.24
CA TRP A 29 -1.22 -9.77 2.02
C TRP A 29 -0.40 -8.80 2.88
N THR A 30 0.73 -8.35 2.35
CA THR A 30 1.59 -7.42 3.06
C THR A 30 1.39 -5.99 2.57
N PHE A 31 0.89 -5.13 3.45
CA PHE A 31 0.66 -3.73 3.10
C PHE A 31 1.71 -2.83 3.73
N LEU A 32 1.94 -1.67 3.12
CA LEU A 32 2.92 -0.72 3.63
C LEU A 32 2.55 0.70 3.20
N VAL A 33 2.64 1.63 4.15
CA VAL A 33 2.33 3.03 3.86
C VAL A 33 3.59 3.81 3.52
N ARG A 34 3.50 4.64 2.48
CA ARG A 34 4.63 5.45 2.04
C ARG A 34 4.17 6.81 1.53
N GLU A 35 5.10 7.72 1.34
CA GLU A 35 4.79 9.06 0.84
C GLU A 35 4.80 9.10 -0.68
N SER A 36 4.05 10.02 -1.25
CA SER A 36 3.97 10.17 -2.70
C SER A 36 5.29 10.66 -3.28
N LEU A 37 5.34 10.82 -4.59
CA LEU A 37 6.54 11.28 -5.27
C LEU A 37 6.28 12.60 -6.00
N SER A 38 5.06 12.77 -6.49
CA SER A 38 4.69 13.98 -7.21
C SER A 38 3.52 14.69 -6.52
N GLN A 39 2.57 13.91 -6.02
CA GLN A 39 1.41 14.46 -5.33
C GLN A 39 1.81 15.11 -4.02
N PRO A 40 1.68 16.45 -3.96
CA PRO A 40 2.01 17.22 -2.77
C PRO A 40 1.05 16.98 -1.61
N GLY A 41 1.59 16.55 -0.47
CA GLY A 41 0.76 16.28 0.69
C GLY A 41 -0.14 15.08 0.49
N ASP A 42 0.42 14.01 -0.08
CA ASP A 42 -0.34 12.79 -0.33
C ASP A 42 0.49 11.56 0.04
N PHE A 43 -0.10 10.39 -0.16
CA PHE A 43 0.58 9.14 0.15
C PHE A 43 0.09 8.02 -0.76
N VAL A 44 0.87 6.94 -0.82
CA VAL A 44 0.52 5.79 -1.66
C VAL A 44 0.50 4.50 -0.84
N LEU A 45 -0.59 3.74 -0.95
CA LEU A 45 -0.72 2.49 -0.23
C LEU A 45 -0.27 1.31 -1.10
N SER A 46 0.73 0.57 -0.60
CA SER A 46 1.25 -0.57 -1.33
C SER A 46 0.89 -1.88 -0.61
N VAL A 47 0.48 -2.87 -1.39
CA VAL A 47 0.11 -4.17 -0.84
C VAL A 47 0.54 -5.31 -1.75
N LEU A 48 1.11 -6.35 -1.15
CA LEU A 48 1.57 -7.51 -1.91
C LEU A 48 0.51 -8.61 -1.93
N SER A 49 -0.06 -8.86 -3.11
CA SER A 49 -1.08 -9.89 -3.25
C SER A 49 -0.46 -11.28 -3.29
N ASP A 50 -1.25 -12.29 -2.95
CA ASP A 50 -0.77 -13.67 -2.94
C ASP A 50 -0.89 -14.29 -4.34
N GLN A 51 -0.98 -13.43 -5.35
CA GLN A 51 -1.10 -13.89 -6.73
C GLN A 51 0.09 -13.43 -7.56
N PRO A 52 1.03 -14.36 -7.83
CA PRO A 52 2.22 -14.08 -8.61
C PRO A 52 1.91 -13.84 -10.09
N LYS A 53 2.76 -13.05 -10.75
CA LYS A 53 2.57 -12.74 -12.16
C LYS A 53 2.59 -14.02 -13.01
N ALA A 54 3.60 -14.85 -12.79
CA ALA A 54 3.73 -16.11 -13.53
C ALA A 54 3.05 -17.25 -12.78
N GLY A 55 3.67 -17.68 -11.69
CA GLY A 55 3.11 -18.77 -10.91
C GLY A 55 4.18 -19.65 -10.29
N PRO A 56 5.04 -20.24 -11.13
CA PRO A 56 6.12 -21.12 -10.69
C PRO A 56 7.22 -20.35 -9.95
N GLY A 57 7.62 -19.22 -10.52
CA GLY A 57 8.66 -18.40 -9.91
C GLY A 57 8.59 -16.96 -10.35
N SER A 58 7.63 -16.22 -9.80
CA SER A 58 7.47 -14.81 -10.14
C SER A 58 7.10 -14.00 -8.90
N PRO A 59 7.41 -12.69 -8.93
CA PRO A 59 7.12 -11.78 -7.83
C PRO A 59 5.63 -11.52 -7.67
N LEU A 60 5.16 -11.54 -6.43
CA LEU A 60 3.74 -11.30 -6.15
C LEU A 60 3.31 -9.93 -6.66
N ARG A 61 2.26 -9.92 -7.47
CA ARG A 61 1.75 -8.67 -8.03
C ARG A 61 1.46 -7.66 -6.93
N VAL A 62 1.97 -6.44 -7.12
CA VAL A 62 1.76 -5.38 -6.14
C VAL A 62 0.65 -4.44 -6.56
N THR A 63 0.02 -3.78 -5.59
CA THR A 63 -1.06 -2.85 -5.86
C THR A 63 -0.81 -1.51 -5.20
N HIS A 64 -0.76 -0.46 -6.02
CA HIS A 64 -0.53 0.90 -5.51
C HIS A 64 -1.83 1.69 -5.47
N ILE A 65 -2.39 1.83 -4.28
CA ILE A 65 -3.63 2.58 -4.11
C ILE A 65 -3.37 4.00 -3.62
N LYS A 66 -3.72 4.98 -4.45
CA LYS A 66 -3.52 6.38 -4.10
C LYS A 66 -4.17 6.70 -2.76
N VAL A 67 -3.43 7.40 -1.90
CA VAL A 67 -3.94 7.78 -0.58
C VAL A 67 -3.89 9.29 -0.38
N MET A 68 -5.04 9.93 -0.46
CA MET A 68 -5.12 11.38 -0.29
C MET A 68 -5.30 11.75 1.19
N CYS A 69 -4.68 12.85 1.60
CA CYS A 69 -4.76 13.30 2.99
C CYS A 69 -5.26 14.73 3.06
N GLU A 70 -6.23 14.98 3.94
CA GLU A 70 -6.79 16.31 4.11
C GLU A 70 -7.24 16.53 5.54
N GLY A 71 -7.06 17.76 6.04
CA GLY A 71 -7.46 18.08 7.39
C GLY A 71 -7.06 17.01 8.39
N GLY A 72 -5.84 16.49 8.23
CA GLY A 72 -5.36 15.45 9.12
C GLY A 72 -6.09 14.13 8.95
N ARG A 73 -6.65 13.92 7.76
CA ARG A 73 -7.39 12.71 7.46
C ARG A 73 -6.79 11.99 6.26
N TYR A 74 -7.40 10.88 5.88
CA TYR A 74 -6.93 10.09 4.75
C TYR A 74 -8.10 9.42 4.02
N THR A 75 -7.95 9.26 2.70
CA THR A 75 -8.99 8.63 1.90
C THR A 75 -8.40 7.97 0.66
N VAL A 76 -9.21 7.16 -0.02
CA VAL A 76 -8.77 6.47 -1.23
C VAL A 76 -9.89 6.35 -2.24
N GLY A 77 -9.75 7.07 -3.36
CA GLY A 77 -10.76 7.04 -4.39
C GLY A 77 -12.15 7.33 -3.86
N GLY A 78 -12.22 7.81 -2.62
CA GLY A 78 -13.50 8.12 -2.01
C GLY A 78 -13.45 9.39 -1.18
N LEU A 79 -14.60 9.79 -0.66
CA LEU A 79 -14.69 11.00 0.17
C LEU A 79 -14.46 10.67 1.64
N GLU A 80 -14.79 9.44 2.02
CA GLU A 80 -14.62 9.00 3.40
C GLU A 80 -13.21 9.33 3.91
N THR A 81 -13.09 10.45 4.60
CA THR A 81 -11.81 10.89 5.14
C THR A 81 -11.65 10.46 6.60
N PHE A 82 -10.92 9.38 6.81
CA PHE A 82 -10.68 8.86 8.16
C PHE A 82 -9.84 9.84 8.97
N ASP A 83 -10.00 9.80 10.29
CA ASP A 83 -9.26 10.68 11.19
C ASP A 83 -7.76 10.48 11.01
N SER A 84 -7.36 9.26 10.72
CA SER A 84 -5.95 8.94 10.53
C SER A 84 -5.78 7.62 9.78
N LEU A 85 -4.58 7.37 9.28
CA LEU A 85 -4.28 6.14 8.55
C LEU A 85 -4.58 4.91 9.41
N THR A 86 -4.22 4.99 10.68
CA THR A 86 -4.44 3.89 11.60
C THR A 86 -5.89 3.42 11.56
N ASP A 87 -6.81 4.36 11.34
CA ASP A 87 -8.23 4.03 11.25
C ASP A 87 -8.61 3.58 9.85
N LEU A 88 -8.23 4.38 8.86
CA LEU A 88 -8.54 4.05 7.47
C LEU A 88 -8.05 2.65 7.11
N VAL A 89 -6.91 2.26 7.67
CA VAL A 89 -6.34 0.95 7.42
C VAL A 89 -7.02 -0.12 8.26
N GLU A 90 -7.21 0.18 9.54
CA GLU A 90 -7.85 -0.76 10.46
C GLU A 90 -9.20 -1.21 9.91
N HIS A 91 -9.88 -0.32 9.19
CA HIS A 91 -11.18 -0.63 8.62
C HIS A 91 -11.05 -1.60 7.46
N PHE A 92 -10.02 -1.39 6.64
CA PHE A 92 -9.77 -2.26 5.49
C PHE A 92 -9.12 -3.57 5.91
N LYS A 93 -8.45 -3.54 7.06
CA LYS A 93 -7.79 -4.73 7.58
C LYS A 93 -8.80 -5.82 7.91
N LYS A 94 -10.03 -5.41 8.21
CA LYS A 94 -11.10 -6.35 8.53
C LYS A 94 -12.06 -6.52 7.35
N THR A 95 -12.32 -5.43 6.64
CA THR A 95 -13.21 -5.46 5.49
C THR A 95 -12.45 -5.74 4.21
N GLY A 96 -11.35 -5.01 4.01
CA GLY A 96 -10.55 -5.19 2.81
C GLY A 96 -10.78 -4.11 1.77
N ILE A 97 -9.91 -4.04 0.77
CA ILE A 97 -10.02 -3.04 -0.27
C ILE A 97 -10.44 -3.68 -1.60
N GLU A 98 -11.29 -2.98 -2.34
CA GLU A 98 -11.76 -3.48 -3.63
C GLU A 98 -11.14 -2.70 -4.77
N GLU A 99 -10.57 -3.42 -5.73
CA GLU A 99 -9.94 -2.79 -6.89
C GLU A 99 -10.88 -2.79 -8.09
N ALA A 100 -10.89 -1.67 -8.82
CA ALA A 100 -11.75 -1.53 -9.99
C ALA A 100 -11.78 -2.84 -10.80
N SER A 101 -10.60 -3.38 -11.09
CA SER A 101 -10.50 -4.61 -11.85
C SER A 101 -11.45 -5.67 -11.31
N GLY A 102 -11.56 -5.73 -9.98
CA GLY A 102 -12.44 -6.71 -9.35
C GLY A 102 -11.71 -7.59 -8.36
N ALA A 103 -10.56 -7.11 -7.88
CA ALA A 103 -9.77 -7.86 -6.91
C ALA A 103 -10.06 -7.42 -5.48
N PHE A 104 -9.51 -8.14 -4.51
CA PHE A 104 -9.73 -7.82 -3.11
C PHE A 104 -8.41 -7.87 -2.34
N VAL A 105 -7.92 -6.69 -1.95
CA VAL A 105 -6.67 -6.59 -1.20
C VAL A 105 -6.91 -6.72 0.29
N TYR A 106 -6.15 -7.61 0.93
CA TYR A 106 -6.29 -7.83 2.37
C TYR A 106 -5.00 -7.45 3.09
N LEU A 107 -5.13 -6.55 4.07
CA LEU A 107 -3.98 -6.10 4.85
C LEU A 107 -3.87 -6.86 6.16
N ARG A 108 -2.96 -7.83 6.21
CA ARG A 108 -2.75 -8.64 7.40
C ARG A 108 -1.34 -8.46 7.94
N GLN A 109 -0.39 -8.24 7.04
CA GLN A 109 1.00 -8.06 7.42
C GLN A 109 1.43 -6.61 7.23
N PRO A 110 1.44 -5.84 8.33
CA PRO A 110 1.82 -4.42 8.31
C PRO A 110 3.32 -4.23 8.06
N TYR A 111 3.70 -4.19 6.79
CA TYR A 111 5.10 -4.02 6.42
C TYR A 111 5.78 -3.00 7.33
N TYR A 112 6.84 -3.41 7.99
CA TYR A 112 7.58 -2.53 8.89
C TYR A 112 8.79 -1.94 8.19
N SER A 113 9.30 -0.83 8.74
CA SER A 113 10.47 -0.16 8.16
C SER A 113 11.75 -0.90 8.53
N GLY A 114 11.95 -1.11 9.82
CA GLY A 114 13.14 -1.80 10.29
C GLY A 114 13.38 -1.59 11.78
N PRO A 115 14.58 -1.97 12.24
CA PRO A 115 14.96 -1.83 13.65
C PRO A 115 15.14 -0.38 14.07
N SER A 116 15.51 -0.16 15.32
CA SER A 116 15.70 1.18 15.85
C SER A 116 16.88 1.87 15.17
N SER A 117 16.62 2.49 14.04
CA SER A 117 17.66 3.18 13.28
C SER A 117 17.21 4.59 12.89
N GLY A 118 18.11 5.34 12.27
CA GLY A 118 17.78 6.69 11.85
C GLY A 118 18.91 7.33 11.06
N ALA B 1 11.45 14.25 -20.85
CA ALA B 1 10.41 14.41 -21.85
C ALA B 1 9.36 13.30 -21.75
N THR B 2 9.84 12.06 -21.84
CA THR B 2 8.95 10.90 -21.75
C THR B 2 7.98 11.03 -20.59
N GLU B 3 6.86 10.31 -20.66
CA GLU B 3 5.85 10.35 -19.62
C GLU B 3 5.86 9.04 -18.81
N GLN B 4 6.44 9.09 -17.62
CA GLN B 4 6.52 7.91 -16.77
C GLN B 4 5.61 8.06 -15.56
N GLU B 5 4.77 7.06 -15.31
CA GLU B 5 3.84 7.09 -14.19
C GLU B 5 3.29 5.69 -13.91
N ILE B 6 3.65 5.13 -12.77
CA ILE B 6 3.20 3.81 -12.38
C ILE B 6 1.68 3.77 -12.27
N THR B 7 1.09 2.66 -12.74
CA THR B 7 -0.36 2.50 -12.69
C THR B 7 -0.82 2.06 -11.31
N PTR B 8 -1.72 2.84 -10.71
CA PTR B 8 -2.23 2.53 -9.39
C PTR B 8 -3.31 1.45 -9.47
O PTR B 8 -3.56 0.88 -10.53
CB PTR B 8 -2.80 3.80 -8.74
CG PTR B 8 -1.75 4.74 -8.24
CD1 PTR B 8 -0.98 5.49 -9.11
CD2 PTR B 8 -1.51 4.90 -6.87
CE1 PTR B 8 -0.01 6.36 -8.66
CE2 PTR B 8 -0.55 5.77 -6.41
CZ PTR B 8 0.20 6.50 -7.30
OH PTR B 8 1.17 7.37 -6.84
P PTR B 8 2.70 7.33 -7.26
O1P PTR B 8 2.82 7.25 -8.73
O2P PTR B 8 3.39 8.56 -6.79
O3P PTR B 8 3.37 6.16 -6.65
H PTR B 8 -2.03 3.64 -11.18
HA PTR B 8 -1.42 2.17 -8.78
HB2 PTR B 8 -3.41 4.32 -9.46
HB3 PTR B 8 -3.43 3.51 -7.90
HD1 PTR B 8 -1.14 5.38 -10.17
HD2 PTR B 8 -2.11 4.33 -6.17
HE1 PTR B 8 0.58 6.93 -9.35
HE2 PTR B 8 -0.39 5.88 -5.34
N ALA B 9 -3.95 1.18 -8.33
CA ALA B 9 -5.00 0.17 -8.27
C ALA B 9 -6.27 0.66 -8.94
N GLU B 10 -6.68 1.88 -8.60
CA GLU B 10 -7.88 2.47 -9.17
C GLU B 10 -9.14 1.81 -8.59
N LEU B 11 -9.24 1.82 -7.26
CA LEU B 11 -10.38 1.23 -6.58
C LEU B 11 -11.69 1.66 -7.23
N ASN B 12 -12.80 1.07 -6.79
CA ASN B 12 -14.11 1.39 -7.33
C ASN B 12 -15.07 1.82 -6.22
N LEU B 13 -15.13 3.12 -5.97
CA LEU B 13 -16.01 3.65 -4.93
C LEU B 13 -17.24 4.31 -5.55
N GLN B 14 -18.34 4.28 -4.81
CA GLN B 14 -19.60 4.87 -5.29
C GLN B 14 -19.33 6.18 -6.00
N LYS B 15 -18.68 7.12 -5.31
CA LYS B 15 -18.37 8.42 -5.89
C LYS B 15 -17.12 9.01 -5.23
N GLY A 1 16.64 7.55 23.69
CA GLY A 1 15.29 7.75 23.18
C GLY A 1 14.67 6.46 22.67
N SER A 2 14.37 6.42 21.38
CA SER A 2 13.76 5.24 20.78
C SER A 2 14.56 3.99 21.11
N SER A 3 13.88 2.85 21.15
CA SER A 3 14.52 1.58 21.46
C SER A 3 14.44 0.63 20.27
N GLY A 4 13.58 0.96 19.31
CA GLY A 4 13.42 0.13 18.14
C GLY A 4 11.99 -0.36 17.96
N SER A 5 11.11 0.55 17.55
CA SER A 5 9.71 0.22 17.34
C SER A 5 9.10 1.08 16.23
N SER A 6 8.65 0.42 15.16
CA SER A 6 8.05 1.13 14.04
C SER A 6 6.88 0.33 13.47
N GLY A 7 6.06 1.00 12.66
CA GLY A 7 4.92 0.34 12.06
C GLY A 7 4.99 0.31 10.54
N TRP A 8 3.86 0.04 9.90
CA TRP A 8 3.80 -0.01 8.44
C TRP A 8 4.29 1.30 7.84
N TYR A 9 4.40 2.33 8.67
CA TYR A 9 4.85 3.64 8.22
C TYR A 9 6.31 3.59 7.76
N HIS A 10 6.52 3.86 6.47
CA HIS A 10 7.86 3.85 5.90
C HIS A 10 8.27 5.24 5.45
N GLY A 11 7.81 6.26 6.19
CA GLY A 11 8.14 7.63 5.85
C GLY A 11 8.12 7.88 4.35
N HIS A 12 9.29 7.84 3.73
CA HIS A 12 9.40 8.07 2.29
C HIS A 12 9.83 6.79 1.57
N MET A 13 9.27 6.57 0.38
CA MET A 13 9.60 5.39 -0.40
C MET A 13 8.95 5.46 -1.78
N SER A 14 9.72 5.08 -2.80
CA SER A 14 9.23 5.12 -4.18
C SER A 14 8.72 3.74 -4.60
N GLY A 15 7.75 3.73 -5.52
CA GLY A 15 7.20 2.48 -5.99
C GLY A 15 8.25 1.43 -6.26
N GLY A 16 9.39 1.88 -6.80
CA GLY A 16 10.47 0.96 -7.10
C GLY A 16 10.99 0.25 -5.86
N GLN A 17 11.04 0.97 -4.75
CA GLN A 17 11.52 0.39 -3.49
C GLN A 17 10.46 -0.51 -2.87
N ALA A 18 9.20 -0.15 -3.05
CA ALA A 18 8.10 -0.94 -2.51
C ALA A 18 7.95 -2.26 -3.24
N GLU A 19 7.59 -2.20 -4.52
CA GLU A 19 7.42 -3.39 -5.33
C GLU A 19 8.59 -4.35 -5.13
N THR A 20 9.79 -3.80 -5.03
CA THR A 20 10.99 -4.60 -4.84
C THR A 20 11.03 -5.23 -3.45
N LEU A 21 11.00 -4.38 -2.42
CA LEU A 21 11.04 -4.85 -1.04
C LEU A 21 9.93 -5.86 -0.78
N LEU A 22 8.68 -5.46 -1.03
CA LEU A 22 7.54 -6.33 -0.82
C LEU A 22 7.81 -7.73 -1.40
N GLN A 23 8.06 -7.78 -2.71
CA GLN A 23 8.33 -9.05 -3.38
C GLN A 23 9.51 -9.77 -2.72
N ALA A 24 10.43 -8.98 -2.17
CA ALA A 24 11.61 -9.55 -1.52
C ALA A 24 11.22 -10.37 -0.30
N LYS A 25 10.37 -9.80 0.55
CA LYS A 25 9.91 -10.49 1.76
C LYS A 25 9.26 -11.82 1.40
N GLY A 26 8.39 -11.80 0.41
CA GLY A 26 7.70 -13.01 -0.01
C GLY A 26 6.51 -13.33 0.87
N GLU A 27 5.94 -12.31 1.50
CA GLU A 27 4.79 -12.48 2.38
C GLU A 27 3.53 -11.89 1.74
N PRO A 28 2.54 -12.75 1.50
CA PRO A 28 1.26 -12.33 0.89
C PRO A 28 0.43 -11.47 1.83
N TRP A 29 -0.34 -10.56 1.25
CA TRP A 29 -1.18 -9.66 2.03
C TRP A 29 -0.35 -8.71 2.87
N THR A 30 0.80 -8.30 2.32
CA THR A 30 1.70 -7.38 3.02
C THR A 30 1.54 -5.96 2.51
N PHE A 31 1.05 -5.07 3.37
CA PHE A 31 0.85 -3.67 3.01
C PHE A 31 1.90 -2.79 3.68
N LEU A 32 2.19 -1.66 3.04
CA LEU A 32 3.16 -0.72 3.57
C LEU A 32 2.82 0.72 3.18
N VAL A 33 2.85 1.62 4.15
CA VAL A 33 2.54 3.03 3.90
C VAL A 33 3.81 3.82 3.62
N ARG A 34 3.74 4.72 2.65
CA ARG A 34 4.89 5.54 2.28
C ARG A 34 4.43 6.89 1.72
N GLU A 35 5.31 7.87 1.78
CA GLU A 35 5.00 9.22 1.28
C GLU A 35 5.05 9.26 -0.24
N SER A 36 4.14 10.03 -0.83
CA SER A 36 4.07 10.15 -2.28
C SER A 36 5.34 10.81 -2.84
N LEU A 37 5.37 10.98 -4.15
CA LEU A 37 6.53 11.58 -4.80
C LEU A 37 6.11 12.83 -5.58
N SER A 38 5.08 12.70 -6.41
CA SER A 38 4.58 13.80 -7.20
C SER A 38 3.38 14.47 -6.54
N GLN A 39 2.51 13.64 -5.95
CA GLN A 39 1.32 14.15 -5.28
C GLN A 39 1.69 14.88 -4.00
N PRO A 40 1.24 16.14 -3.88
CA PRO A 40 1.51 16.97 -2.70
C PRO A 40 0.76 16.49 -1.46
N GLY A 41 1.40 16.60 -0.30
CA GLY A 41 0.78 16.17 0.93
C GLY A 41 -0.11 14.96 0.74
N ASP A 42 0.48 13.88 0.25
CA ASP A 42 -0.28 12.65 0.02
C ASP A 42 0.58 11.42 0.34
N PHE A 43 -0.02 10.24 0.22
CA PHE A 43 0.68 8.99 0.49
C PHE A 43 0.26 7.90 -0.49
N VAL A 44 1.09 6.87 -0.61
CA VAL A 44 0.81 5.76 -1.51
C VAL A 44 0.76 4.44 -0.76
N LEU A 45 -0.33 3.70 -0.92
CA LEU A 45 -0.50 2.42 -0.26
C LEU A 45 -0.05 1.28 -1.16
N SER A 46 0.92 0.51 -0.71
CA SER A 46 1.44 -0.62 -1.47
C SER A 46 1.17 -1.94 -0.76
N VAL A 47 0.41 -2.82 -1.41
CA VAL A 47 0.08 -4.12 -0.84
C VAL A 47 0.44 -5.25 -1.80
N LEU A 48 1.03 -6.30 -1.26
CA LEU A 48 1.43 -7.46 -2.08
C LEU A 48 0.28 -8.46 -2.17
N SER A 49 -0.11 -8.78 -3.40
CA SER A 49 -1.19 -9.73 -3.63
C SER A 49 -0.69 -11.17 -3.56
N ASP A 50 -1.56 -12.07 -3.13
CA ASP A 50 -1.19 -13.48 -3.01
C ASP A 50 -1.13 -14.14 -4.38
N GLN A 51 -1.31 -13.34 -5.43
CA GLN A 51 -1.27 -13.84 -6.80
C GLN A 51 -0.01 -13.39 -7.52
N PRO A 52 0.67 -14.34 -8.18
CA PRO A 52 1.90 -14.06 -8.91
C PRO A 52 1.66 -13.25 -10.17
N LYS A 53 2.70 -12.60 -10.67
CA LYS A 53 2.60 -11.77 -11.86
C LYS A 53 2.62 -12.64 -13.12
N ALA A 54 3.36 -13.75 -13.06
CA ALA A 54 3.46 -14.66 -14.18
C ALA A 54 2.97 -16.06 -13.81
N GLY A 55 3.53 -16.60 -12.73
CA GLY A 55 3.14 -17.93 -12.28
C GLY A 55 4.00 -18.42 -11.12
N PRO A 56 4.25 -19.73 -11.09
CA PRO A 56 5.06 -20.36 -10.04
C PRO A 56 6.53 -19.97 -10.13
N GLY A 57 6.99 -19.16 -9.19
CA GLY A 57 8.38 -18.73 -9.19
C GLY A 57 8.52 -17.23 -9.42
N SER A 58 7.41 -16.59 -9.76
CA SER A 58 7.42 -15.15 -10.02
C SER A 58 7.05 -14.37 -8.76
N PRO A 59 7.54 -13.12 -8.68
CA PRO A 59 7.27 -12.24 -7.53
C PRO A 59 5.82 -11.77 -7.49
N LEU A 60 5.16 -11.99 -6.35
CA LEU A 60 3.77 -11.60 -6.18
C LEU A 60 3.55 -10.17 -6.68
N ARG A 61 2.42 -9.96 -7.34
CA ARG A 61 2.09 -8.63 -7.86
C ARG A 61 1.75 -7.67 -6.74
N VAL A 62 1.99 -6.38 -6.97
CA VAL A 62 1.72 -5.36 -5.97
C VAL A 62 0.59 -4.44 -6.43
N THR A 63 0.03 -3.69 -5.49
CA THR A 63 -1.06 -2.76 -5.79
C THR A 63 -0.83 -1.40 -5.15
N HIS A 64 -0.74 -0.37 -5.97
CA HIS A 64 -0.51 0.99 -5.48
C HIS A 64 -1.82 1.78 -5.47
N ILE A 65 -2.34 2.05 -4.27
CA ILE A 65 -3.58 2.80 -4.14
C ILE A 65 -3.31 4.22 -3.65
N LYS A 66 -3.37 5.17 -4.56
CA LYS A 66 -3.14 6.58 -4.22
C LYS A 66 -3.94 6.98 -2.99
N VAL A 67 -3.25 7.16 -1.87
CA VAL A 67 -3.91 7.55 -0.63
C VAL A 67 -4.02 9.06 -0.52
N MET A 68 -5.25 9.56 -0.66
CA MET A 68 -5.51 11.00 -0.58
C MET A 68 -5.52 11.46 0.87
N CYS A 69 -4.92 12.62 1.12
CA CYS A 69 -4.86 13.19 2.47
C CYS A 69 -5.52 14.56 2.51
N GLU A 70 -6.81 14.59 2.80
CA GLU A 70 -7.56 15.84 2.87
C GLU A 70 -6.99 16.75 3.95
N GLY A 71 -7.66 17.87 4.19
CA GLY A 71 -7.20 18.81 5.20
C GLY A 71 -6.54 18.11 6.37
N GLY A 72 -7.23 17.15 6.96
CA GLY A 72 -6.68 16.42 8.09
C GLY A 72 -7.17 14.99 8.16
N ARG A 73 -7.54 14.43 7.01
CA ARG A 73 -8.04 13.06 6.94
C ARG A 73 -7.41 12.32 5.77
N TYR A 74 -7.76 11.05 5.62
CA TYR A 74 -7.23 10.23 4.54
C TYR A 74 -8.35 9.45 3.86
N THR A 75 -8.26 9.34 2.54
CA THR A 75 -9.26 8.62 1.76
C THR A 75 -8.64 7.93 0.55
N VAL A 76 -9.27 6.85 0.10
CA VAL A 76 -8.77 6.09 -1.05
C VAL A 76 -9.88 5.83 -2.05
N GLY A 77 -9.77 6.44 -3.23
CA GLY A 77 -10.77 6.25 -4.27
C GLY A 77 -12.16 6.05 -3.70
N GLY A 78 -12.59 6.98 -2.85
CA GLY A 78 -13.91 6.88 -2.25
C GLY A 78 -14.18 8.01 -1.27
N LEU A 79 -15.43 8.12 -0.84
CA LEU A 79 -15.83 9.16 0.10
C LEU A 79 -15.33 8.85 1.50
N GLU A 80 -15.09 7.57 1.76
CA GLU A 80 -14.61 7.13 3.08
C GLU A 80 -13.37 7.94 3.48
N THR A 81 -13.56 8.86 4.43
CA THR A 81 -12.46 9.69 4.91
C THR A 81 -12.14 9.38 6.37
N PHE A 82 -11.03 8.69 6.59
CA PHE A 82 -10.60 8.33 7.93
C PHE A 82 -9.83 9.47 8.58
N ASP A 83 -9.92 9.56 9.90
CA ASP A 83 -9.23 10.61 10.65
C ASP A 83 -7.72 10.54 10.41
N SER A 84 -7.19 9.32 10.44
CA SER A 84 -5.75 9.12 10.25
C SER A 84 -5.48 7.79 9.55
N LEU A 85 -4.26 7.61 9.08
CA LEU A 85 -3.88 6.38 8.39
C LEU A 85 -4.11 5.17 9.28
N THR A 86 -3.89 5.35 10.58
CA THR A 86 -4.08 4.27 11.54
C THR A 86 -5.51 3.74 11.51
N ASP A 87 -6.45 4.63 11.21
CA ASP A 87 -7.86 4.25 11.13
C ASP A 87 -8.23 3.77 9.73
N LEU A 88 -7.60 4.37 8.72
CA LEU A 88 -7.85 4.02 7.34
C LEU A 88 -7.33 2.61 7.04
N VAL A 89 -6.18 2.27 7.62
CA VAL A 89 -5.58 0.96 7.41
C VAL A 89 -6.29 -0.10 8.23
N GLU A 90 -6.51 0.18 9.50
CA GLU A 90 -7.19 -0.77 10.39
C GLU A 90 -8.57 -1.14 9.84
N HIS A 91 -9.27 -0.14 9.31
CA HIS A 91 -10.61 -0.36 8.75
C HIS A 91 -10.55 -1.36 7.59
N PHE A 92 -9.50 -1.25 6.77
CA PHE A 92 -9.33 -2.13 5.63
C PHE A 92 -8.75 -3.48 6.06
N LYS A 93 -7.97 -3.46 7.14
CA LYS A 93 -7.35 -4.67 7.67
C LYS A 93 -8.41 -5.70 8.05
N LYS A 94 -9.63 -5.22 8.28
CA LYS A 94 -10.73 -6.11 8.66
C LYS A 94 -11.67 -6.32 7.48
N THR A 95 -12.06 -5.23 6.82
CA THR A 95 -12.96 -5.31 5.68
C THR A 95 -12.18 -5.57 4.39
N GLY A 96 -11.13 -4.78 4.15
CA GLY A 96 -10.33 -4.94 2.96
C GLY A 96 -10.56 -3.82 1.96
N ILE A 97 -9.82 -3.86 0.86
CA ILE A 97 -9.94 -2.85 -0.18
C ILE A 97 -10.46 -3.44 -1.48
N GLU A 98 -11.39 -2.74 -2.11
CA GLU A 98 -11.97 -3.20 -3.37
C GLU A 98 -11.52 -2.33 -4.54
N GLU A 99 -10.68 -2.90 -5.40
CA GLU A 99 -10.16 -2.17 -6.55
C GLU A 99 -11.29 -1.88 -7.54
N ALA A 100 -11.22 -0.70 -8.16
CA ALA A 100 -12.23 -0.30 -9.14
C ALA A 100 -12.60 -1.46 -10.06
N SER A 101 -11.62 -2.31 -10.36
CA SER A 101 -11.84 -3.45 -11.24
C SER A 101 -12.62 -4.54 -10.50
N GLY A 102 -12.26 -4.77 -9.24
CA GLY A 102 -12.92 -5.79 -8.45
C GLY A 102 -11.98 -6.44 -7.45
N ALA A 103 -10.74 -6.64 -7.85
CA ALA A 103 -9.75 -7.26 -6.97
C ALA A 103 -9.96 -6.85 -5.53
N PHE A 104 -9.60 -7.75 -4.60
CA PHE A 104 -9.77 -7.48 -3.18
C PHE A 104 -8.43 -7.60 -2.45
N VAL A 105 -7.95 -6.48 -1.92
CA VAL A 105 -6.68 -6.46 -1.20
C VAL A 105 -6.91 -6.61 0.31
N TYR A 106 -6.11 -7.47 0.94
CA TYR A 106 -6.23 -7.71 2.37
C TYR A 106 -4.92 -7.37 3.08
N LEU A 107 -4.99 -6.48 4.07
CA LEU A 107 -3.81 -6.08 4.82
C LEU A 107 -3.73 -6.84 6.13
N ARG A 108 -2.74 -7.74 6.23
CA ARG A 108 -2.55 -8.53 7.44
C ARG A 108 -1.12 -8.41 7.95
N GLN A 109 -0.18 -8.29 7.02
CA GLN A 109 1.23 -8.16 7.38
C GLN A 109 1.74 -6.74 7.13
N PRO A 110 1.71 -5.93 8.20
CA PRO A 110 2.17 -4.53 8.13
C PRO A 110 3.67 -4.41 7.94
N TYR A 111 4.09 -4.22 6.70
CA TYR A 111 5.51 -4.09 6.38
C TYR A 111 6.11 -2.84 7.03
N TYR A 112 6.91 -3.05 8.06
CA TYR A 112 7.54 -1.94 8.78
C TYR A 112 9.03 -1.86 8.46
N SER A 113 9.61 -0.69 8.68
CA SER A 113 11.03 -0.49 8.41
C SER A 113 11.87 -1.57 9.08
N GLY A 114 12.61 -2.32 8.27
CA GLY A 114 13.44 -3.39 8.80
C GLY A 114 14.18 -4.15 7.71
N PRO A 115 15.41 -4.58 8.01
CA PRO A 115 16.25 -5.32 7.07
C PRO A 115 15.72 -6.72 6.81
N SER A 116 15.71 -7.13 5.54
CA SER A 116 15.23 -8.45 5.16
C SER A 116 16.38 -9.34 4.71
N SER A 117 17.54 -8.72 4.47
CA SER A 117 18.72 -9.46 4.02
C SER A 117 19.48 -10.03 5.21
N GLY A 118 19.87 -11.29 5.12
CA GLY A 118 20.60 -11.93 6.20
C GLY A 118 20.79 -13.41 5.96
N ALA B 1 15.52 -3.25 -14.78
CA ALA B 1 14.38 -3.36 -13.87
C ALA B 1 13.89 -1.98 -13.44
N THR B 2 13.85 -1.04 -14.39
CA THR B 2 13.40 0.31 -14.10
C THR B 2 11.99 0.54 -14.62
N GLU B 3 11.17 1.21 -13.82
CA GLU B 3 9.79 1.50 -14.20
C GLU B 3 9.36 2.89 -13.73
N GLN B 4 8.84 3.69 -14.65
CA GLN B 4 8.41 5.04 -14.32
C GLN B 4 6.89 5.16 -14.44
N GLU B 5 6.37 6.34 -14.10
CA GLU B 5 4.93 6.58 -14.16
C GLU B 5 4.15 5.36 -13.69
N ILE B 6 4.58 4.79 -12.58
CA ILE B 6 3.92 3.61 -12.01
C ILE B 6 2.41 3.68 -12.22
N THR B 7 1.79 2.52 -12.39
CA THR B 7 0.34 2.45 -12.60
C THR B 7 -0.37 2.07 -11.31
N PTR B 8 -1.12 3.01 -10.75
CA PTR B 8 -1.86 2.77 -9.51
C PTR B 8 -3.18 2.06 -9.80
O PTR B 8 -3.71 2.14 -10.90
CB PTR B 8 -2.11 4.09 -8.79
CG PTR B 8 -0.86 4.72 -8.23
CD1 PTR B 8 -0.76 5.04 -6.88
CD2 PTR B 8 0.22 5.02 -9.05
CE1 PTR B 8 0.38 5.63 -6.36
CE2 PTR B 8 1.36 5.60 -8.54
CZ PTR B 8 1.44 5.90 -7.20
OH PTR B 8 2.58 6.48 -6.69
P PTR B 8 3.20 7.87 -7.18
O1P PTR B 8 4.61 7.98 -6.74
O2P PTR B 8 3.15 7.94 -8.67
O3P PTR B 8 2.43 9.01 -6.63
H PTR B 8 -1.18 3.89 -11.18
HA PTR B 8 -1.25 2.14 -8.89
HB2 PTR B 8 -2.57 4.79 -9.47
HB3 PTR B 8 -2.80 3.91 -7.97
HD1 PTR B 8 -1.60 4.82 -6.23
HD2 PTR B 8 0.16 4.79 -10.10
HE1 PTR B 8 0.43 5.86 -5.31
HE2 PTR B 8 2.19 5.82 -9.19
N ALA B 9 -3.71 1.38 -8.78
CA ALA B 9 -4.97 0.66 -8.92
C ALA B 9 -6.10 1.44 -8.27
N GLU B 10 -6.74 2.31 -9.05
CA GLU B 10 -7.85 3.12 -8.54
C GLU B 10 -8.88 2.24 -7.85
N LEU B 11 -9.69 2.85 -6.99
CA LEU B 11 -10.72 2.13 -6.26
C LEU B 11 -12.11 2.57 -6.70
N ASN B 12 -13.11 1.73 -6.42
CA ASN B 12 -14.48 2.03 -6.79
C ASN B 12 -15.12 3.02 -5.81
N LEU B 13 -15.99 3.88 -6.31
CA LEU B 13 -16.65 4.88 -5.48
C LEU B 13 -17.81 5.54 -6.23
N GLN B 14 -18.84 5.93 -5.49
CA GLN B 14 -20.00 6.57 -6.09
C GLN B 14 -19.58 7.53 -7.20
N LYS B 15 -18.55 8.33 -6.93
CA LYS B 15 -18.05 9.30 -7.90
C LYS B 15 -17.62 8.60 -9.19
N GLY A 1 22.51 2.99 13.37
CA GLY A 1 21.58 2.60 14.41
C GLY A 1 20.52 3.66 14.68
N SER A 2 19.45 3.26 15.35
CA SER A 2 18.36 4.19 15.67
C SER A 2 17.50 3.65 16.80
N SER A 3 17.53 4.35 17.94
CA SER A 3 16.74 3.94 19.10
C SER A 3 15.33 4.52 19.03
N GLY A 4 14.38 3.70 18.58
CA GLY A 4 13.01 4.15 18.48
C GLY A 4 12.16 3.22 17.63
N SER A 5 11.31 2.44 18.28
CA SER A 5 10.44 1.50 17.58
C SER A 5 9.63 2.22 16.49
N SER A 6 9.19 1.47 15.49
CA SER A 6 8.42 2.02 14.40
C SER A 6 7.36 1.04 13.92
N GLY A 7 6.21 1.56 13.51
CA GLY A 7 5.13 0.71 13.04
C GLY A 7 5.29 0.31 11.58
N TRP A 8 4.24 0.47 10.80
CA TRP A 8 4.28 0.13 9.38
C TRP A 8 4.63 1.35 8.54
N TYR A 9 4.72 2.50 9.19
CA TYR A 9 5.06 3.74 8.49
C TYR A 9 6.52 3.76 8.08
N HIS A 10 6.76 3.94 6.78
CA HIS A 10 8.12 3.98 6.25
C HIS A 10 8.66 5.41 6.24
N GLY A 11 8.04 6.25 5.42
CA GLY A 11 8.47 7.64 5.33
C GLY A 11 8.86 8.03 3.91
N HIS A 12 9.88 7.40 3.37
CA HIS A 12 10.35 7.68 2.02
C HIS A 12 10.49 6.40 1.22
N MET A 13 9.72 6.28 0.14
CA MET A 13 9.77 5.12 -0.72
C MET A 13 8.91 5.32 -1.97
N SER A 14 9.42 4.87 -3.12
CA SER A 14 8.70 5.01 -4.38
C SER A 14 8.21 3.66 -4.87
N GLY A 15 7.12 3.67 -5.63
CA GLY A 15 6.57 2.43 -6.16
C GLY A 15 7.64 1.46 -6.57
N GLY A 16 8.64 1.94 -7.30
CA GLY A 16 9.72 1.08 -7.76
C GLY A 16 10.46 0.42 -6.60
N GLN A 17 10.62 1.16 -5.51
CA GLN A 17 11.32 0.62 -4.34
C GLN A 17 10.42 -0.33 -3.56
N ALA A 18 9.12 -0.02 -3.53
CA ALA A 18 8.16 -0.84 -2.82
C ALA A 18 8.06 -2.24 -3.44
N GLU A 19 7.58 -2.29 -4.68
CA GLU A 19 7.43 -3.55 -5.38
C GLU A 19 8.61 -4.48 -5.11
N THR A 20 9.79 -3.89 -4.93
CA THR A 20 10.99 -4.65 -4.65
C THR A 20 11.03 -5.11 -3.20
N LEU A 21 10.77 -4.19 -2.27
CA LEU A 21 10.77 -4.49 -0.86
C LEU A 21 9.72 -5.54 -0.52
N LEU A 22 8.47 -5.24 -0.85
CA LEU A 22 7.37 -6.15 -0.60
C LEU A 22 7.66 -7.54 -1.16
N GLN A 23 8.06 -7.58 -2.44
CA GLN A 23 8.37 -8.85 -3.10
C GLN A 23 9.56 -9.52 -2.43
N ALA A 24 10.50 -8.73 -1.95
CA ALA A 24 11.68 -9.25 -1.28
C ALA A 24 11.30 -10.11 -0.07
N LYS A 25 10.42 -9.58 0.77
CA LYS A 25 9.96 -10.29 1.95
C LYS A 25 9.36 -11.64 1.58
N GLY A 26 8.44 -11.63 0.63
CA GLY A 26 7.80 -12.86 0.20
C GLY A 26 6.63 -13.24 1.07
N GLU A 27 5.85 -12.24 1.49
CA GLU A 27 4.68 -12.48 2.33
C GLU A 27 3.43 -11.89 1.70
N PRO A 28 2.43 -12.75 1.46
CA PRO A 28 1.16 -12.32 0.85
C PRO A 28 0.32 -11.47 1.81
N TRP A 29 -0.45 -10.55 1.25
CA TRP A 29 -1.30 -9.67 2.05
C TRP A 29 -0.45 -8.74 2.91
N THR A 30 0.64 -8.25 2.35
CA THR A 30 1.53 -7.34 3.07
C THR A 30 1.36 -5.91 2.60
N PHE A 31 0.87 -5.05 3.48
CA PHE A 31 0.66 -3.64 3.15
C PHE A 31 1.71 -2.77 3.80
N LEU A 32 2.01 -1.63 3.18
CA LEU A 32 3.00 -0.70 3.70
C LEU A 32 2.65 0.73 3.31
N VAL A 33 2.66 1.62 4.31
CA VAL A 33 2.35 3.03 4.08
C VAL A 33 3.62 3.84 3.85
N ARG A 34 3.55 4.77 2.89
CA ARG A 34 4.69 5.61 2.57
C ARG A 34 4.24 6.97 2.06
N GLU A 35 5.18 7.90 1.93
CA GLU A 35 4.88 9.24 1.45
C GLU A 35 4.90 9.29 -0.08
N SER A 36 4.09 10.18 -0.65
CA SER A 36 4.01 10.33 -2.10
C SER A 36 5.32 10.88 -2.66
N LEU A 37 5.57 10.61 -3.94
CA LEU A 37 6.78 11.07 -4.60
C LEU A 37 6.49 12.26 -5.52
N SER A 38 5.33 12.21 -6.18
CA SER A 38 4.93 13.28 -7.09
C SER A 38 4.01 14.26 -6.39
N GLN A 39 2.96 13.74 -5.76
CA GLN A 39 1.99 14.57 -5.06
C GLN A 39 2.53 14.99 -3.69
N PRO A 40 2.60 16.31 -3.46
CA PRO A 40 3.09 16.87 -2.19
C PRO A 40 2.14 16.62 -1.04
N GLY A 41 2.62 15.92 -0.02
CA GLY A 41 1.78 15.63 1.14
C GLY A 41 1.03 14.33 1.00
N ASP A 42 0.48 14.09 -0.20
CA ASP A 42 -0.28 12.88 -0.46
C ASP A 42 0.51 11.65 -0.04
N PHE A 43 -0.15 10.49 -0.04
CA PHE A 43 0.49 9.24 0.35
C PHE A 43 0.11 8.11 -0.61
N VAL A 44 0.90 7.04 -0.59
CA VAL A 44 0.63 5.90 -1.46
C VAL A 44 0.54 4.61 -0.66
N LEU A 45 -0.48 3.82 -0.93
CA LEU A 45 -0.69 2.55 -0.23
C LEU A 45 -0.28 1.37 -1.12
N SER A 46 0.69 0.59 -0.63
CA SER A 46 1.17 -0.57 -1.38
C SER A 46 0.84 -1.86 -0.64
N VAL A 47 0.35 -2.85 -1.39
CA VAL A 47 0.00 -4.14 -0.81
C VAL A 47 0.41 -5.29 -1.72
N LEU A 48 1.02 -6.31 -1.14
CA LEU A 48 1.46 -7.47 -1.90
C LEU A 48 0.36 -8.52 -2.00
N SER A 49 -0.07 -8.81 -3.23
CA SER A 49 -1.11 -9.79 -3.46
C SER A 49 -0.55 -11.22 -3.47
N ASP A 50 -1.35 -12.18 -3.05
CA ASP A 50 -0.93 -13.57 -3.02
C ASP A 50 -0.88 -14.15 -4.43
N GLN A 51 -1.16 -13.31 -5.43
CA GLN A 51 -1.15 -13.75 -6.82
C GLN A 51 0.16 -13.36 -7.49
N PRO A 52 0.89 -14.38 -7.99
CA PRO A 52 2.17 -14.16 -8.67
C PRO A 52 2.01 -13.49 -10.02
N LYS A 53 3.09 -12.89 -10.52
CA LYS A 53 3.07 -12.21 -11.80
C LYS A 53 2.86 -13.20 -12.95
N ALA A 54 3.58 -14.32 -12.87
CA ALA A 54 3.48 -15.36 -13.90
C ALA A 54 3.11 -16.70 -13.29
N GLY A 55 3.98 -17.22 -12.43
CA GLY A 55 3.73 -18.50 -11.79
C GLY A 55 5.00 -19.29 -11.55
N PRO A 56 5.72 -19.59 -12.63
CA PRO A 56 6.97 -20.35 -12.56
C PRO A 56 8.11 -19.55 -11.91
N GLY A 57 8.11 -19.50 -10.58
CA GLY A 57 9.13 -18.77 -9.87
C GLY A 57 9.02 -17.27 -10.08
N SER A 58 7.80 -16.75 -10.02
CA SER A 58 7.56 -15.33 -10.21
C SER A 58 7.13 -14.67 -8.91
N PRO A 59 7.48 -13.38 -8.75
CA PRO A 59 7.14 -12.61 -7.55
C PRO A 59 5.65 -12.33 -7.45
N LEU A 60 5.23 -11.80 -6.29
CA LEU A 60 3.82 -11.48 -6.06
C LEU A 60 3.50 -10.08 -6.57
N ARG A 61 2.37 -9.94 -7.25
CA ARG A 61 1.94 -8.66 -7.77
C ARG A 61 1.63 -7.69 -6.64
N VAL A 62 1.87 -6.40 -6.89
CA VAL A 62 1.62 -5.37 -5.89
C VAL A 62 0.54 -4.41 -6.36
N THR A 63 -0.06 -3.69 -5.42
CA THR A 63 -1.11 -2.74 -5.74
C THR A 63 -0.87 -1.40 -5.06
N HIS A 64 -0.73 -0.34 -5.87
CA HIS A 64 -0.49 0.99 -5.34
C HIS A 64 -1.75 1.84 -5.42
N ILE A 65 -2.37 2.09 -4.27
CA ILE A 65 -3.59 2.89 -4.21
C ILE A 65 -3.30 4.29 -3.69
N LYS A 66 -3.60 5.29 -4.51
CA LYS A 66 -3.37 6.69 -4.13
C LYS A 66 -4.24 7.08 -2.94
N VAL A 67 -3.60 7.50 -1.86
CA VAL A 67 -4.31 7.91 -0.65
C VAL A 67 -4.48 9.42 -0.60
N MET A 68 -5.70 9.88 -0.89
CA MET A 68 -5.99 11.31 -0.87
C MET A 68 -6.04 11.84 0.56
N CYS A 69 -5.38 12.97 0.78
CA CYS A 69 -5.35 13.58 2.11
C CYS A 69 -5.92 14.99 2.07
N GLU A 70 -7.15 15.14 2.55
CA GLU A 70 -7.81 16.44 2.58
C GLU A 70 -7.69 17.10 3.95
N GLY A 71 -6.71 17.98 4.09
CA GLY A 71 -6.51 18.66 5.36
C GLY A 71 -5.86 17.77 6.40
N GLY A 72 -6.68 17.05 7.15
CA GLY A 72 -6.15 16.16 8.17
C GLY A 72 -6.83 14.80 8.15
N ARG A 73 -7.31 14.40 6.99
CA ARG A 73 -7.98 13.11 6.84
C ARG A 73 -7.44 12.34 5.64
N TYR A 74 -7.87 11.09 5.50
CA TYR A 74 -7.41 10.25 4.40
C TYR A 74 -8.59 9.51 3.76
N THR A 75 -8.59 9.44 2.43
CA THR A 75 -9.65 8.77 1.70
C THR A 75 -9.10 7.99 0.50
N VAL A 76 -9.82 6.96 0.09
CA VAL A 76 -9.40 6.14 -1.04
C VAL A 76 -10.57 5.88 -1.99
N GLY A 77 -10.46 6.40 -3.21
CA GLY A 77 -11.51 6.21 -4.19
C GLY A 77 -12.88 6.16 -3.56
N GLY A 78 -13.21 7.18 -2.78
CA GLY A 78 -14.51 7.24 -2.13
C GLY A 78 -14.61 8.35 -1.11
N LEU A 79 -15.75 8.44 -0.44
CA LEU A 79 -15.96 9.46 0.57
C LEU A 79 -15.29 9.08 1.89
N GLU A 80 -15.19 7.78 2.13
CA GLU A 80 -14.57 7.28 3.36
C GLU A 80 -13.34 8.13 3.73
N THR A 81 -13.54 9.10 4.61
CA THR A 81 -12.46 9.97 5.04
C THR A 81 -12.09 9.70 6.49
N PHE A 82 -11.01 8.95 6.70
CA PHE A 82 -10.54 8.62 8.03
C PHE A 82 -9.70 9.75 8.62
N ASP A 83 -9.56 9.75 9.94
CA ASP A 83 -8.78 10.78 10.61
C ASP A 83 -7.29 10.58 10.37
N SER A 84 -6.86 9.32 10.37
CA SER A 84 -5.46 9.00 10.16
C SER A 84 -5.30 7.62 9.51
N LEU A 85 -4.10 7.31 9.05
CA LEU A 85 -3.82 6.04 8.40
C LEU A 85 -4.15 4.88 9.35
N THR A 86 -3.92 5.09 10.64
CA THR A 86 -4.19 4.07 11.64
C THR A 86 -5.63 3.57 11.56
N ASP A 87 -6.54 4.48 11.23
CA ASP A 87 -7.96 4.15 11.10
C ASP A 87 -8.29 3.72 9.68
N LEU A 88 -7.77 4.46 8.71
CA LEU A 88 -8.01 4.16 7.31
C LEU A 88 -7.55 2.75 6.96
N VAL A 89 -6.45 2.32 7.57
CA VAL A 89 -5.91 0.99 7.33
C VAL A 89 -6.61 -0.05 8.18
N GLU A 90 -6.70 0.21 9.49
CA GLU A 90 -7.35 -0.70 10.41
C GLU A 90 -8.75 -1.07 9.92
N HIS A 91 -9.38 -0.14 9.20
CA HIS A 91 -10.71 -0.37 8.68
C HIS A 91 -10.68 -1.33 7.50
N PHE A 92 -9.61 -1.27 6.72
CA PHE A 92 -9.46 -2.14 5.55
C PHE A 92 -8.86 -3.48 5.95
N LYS A 93 -8.13 -3.49 7.07
CA LYS A 93 -7.51 -4.71 7.56
C LYS A 93 -8.56 -5.76 7.93
N LYS A 94 -9.77 -5.29 8.22
CA LYS A 94 -10.87 -6.18 8.57
C LYS A 94 -11.83 -6.36 7.41
N THR A 95 -12.11 -5.26 6.70
CA THR A 95 -13.02 -5.29 5.56
C THR A 95 -12.27 -5.55 4.26
N GLY A 96 -11.19 -4.79 4.05
CA GLY A 96 -10.40 -4.95 2.85
C GLY A 96 -10.69 -3.87 1.81
N ILE A 97 -9.79 -3.71 0.86
CA ILE A 97 -9.95 -2.70 -0.19
C ILE A 97 -10.41 -3.34 -1.49
N GLU A 98 -11.50 -2.83 -2.04
CA GLU A 98 -12.05 -3.35 -3.29
C GLU A 98 -11.67 -2.45 -4.47
N GLU A 99 -10.86 -2.97 -5.37
CA GLU A 99 -10.42 -2.22 -6.54
C GLU A 99 -11.57 -2.05 -7.54
N ALA A 100 -11.59 -0.91 -8.21
CA ALA A 100 -12.63 -0.62 -9.19
C ALA A 100 -12.93 -1.84 -10.06
N SER A 101 -11.88 -2.57 -10.41
CA SER A 101 -12.02 -3.76 -11.24
C SER A 101 -12.75 -4.87 -10.48
N GLY A 102 -12.42 -5.03 -9.21
CA GLY A 102 -13.05 -6.05 -8.39
C GLY A 102 -12.09 -6.67 -7.40
N ALA A 103 -10.82 -6.74 -7.76
CA ALA A 103 -9.80 -7.32 -6.90
C ALA A 103 -10.07 -6.98 -5.43
N PHE A 104 -9.60 -7.83 -4.54
CA PHE A 104 -9.78 -7.61 -3.11
C PHE A 104 -8.43 -7.65 -2.37
N VAL A 105 -7.95 -6.46 -2.00
CA VAL A 105 -6.69 -6.35 -1.29
C VAL A 105 -6.87 -6.54 0.21
N TYR A 106 -6.15 -7.52 0.76
CA TYR A 106 -6.24 -7.81 2.19
C TYR A 106 -4.96 -7.41 2.90
N LEU A 107 -5.10 -6.62 3.97
CA LEU A 107 -3.95 -6.17 4.74
C LEU A 107 -3.89 -6.89 6.09
N ARG A 108 -2.90 -7.78 6.23
CA ARG A 108 -2.72 -8.53 7.46
C ARG A 108 -1.30 -8.39 7.99
N GLN A 109 -0.34 -8.29 7.07
CA GLN A 109 1.06 -8.16 7.44
C GLN A 109 1.54 -6.72 7.24
N PRO A 110 1.51 -5.93 8.32
CA PRO A 110 1.95 -4.53 8.29
C PRO A 110 3.45 -4.39 8.10
N TYR A 111 3.87 -4.20 6.85
CA TYR A 111 5.28 -4.05 6.53
C TYR A 111 5.92 -2.93 7.35
N TYR A 112 6.91 -3.27 8.16
CA TYR A 112 7.59 -2.29 8.99
C TYR A 112 8.73 -1.63 8.22
N SER A 113 9.16 -0.46 8.70
CA SER A 113 10.24 0.28 8.07
C SER A 113 11.53 -0.54 8.06
N GLY A 114 12.37 -0.30 7.05
CA GLY A 114 13.63 -1.03 6.95
C GLY A 114 14.42 -0.62 5.73
N PRO A 115 15.75 -0.50 5.89
CA PRO A 115 16.65 -0.11 4.80
C PRO A 115 16.79 -1.21 3.75
N SER A 116 16.95 -0.80 2.50
CA SER A 116 17.09 -1.75 1.40
C SER A 116 18.41 -2.49 1.49
N SER A 117 18.47 -3.67 0.88
CA SER A 117 19.67 -4.49 0.91
C SER A 117 20.22 -4.71 -0.52
N GLY A 118 21.47 -5.14 -0.61
CA GLY A 118 22.07 -5.36 -1.91
C GLY A 118 22.89 -4.19 -2.38
N ALA B 1 14.37 1.06 -13.06
CA ALA B 1 15.29 1.29 -11.96
C ALA B 1 15.54 2.77 -11.75
N THR B 2 14.50 3.59 -11.94
CA THR B 2 14.61 5.03 -11.77
C THR B 2 13.29 5.63 -11.31
N GLU B 3 13.37 6.54 -10.34
CA GLU B 3 12.18 7.19 -9.81
C GLU B 3 11.26 7.65 -10.93
N GLN B 4 10.18 6.91 -11.15
CA GLN B 4 9.22 7.23 -12.19
C GLN B 4 7.79 7.20 -11.65
N GLU B 5 6.83 7.53 -12.51
CA GLU B 5 5.43 7.54 -12.11
C GLU B 5 4.81 6.15 -12.26
N ILE B 6 3.99 5.77 -11.29
CA ILE B 6 3.33 4.47 -11.32
C ILE B 6 1.91 4.57 -11.86
N THR B 7 1.34 3.43 -12.21
CA THR B 7 -0.02 3.39 -12.76
C THR B 7 -1.05 3.38 -11.64
N PTR B 8 -0.68 2.82 -10.50
CA PTR B 8 -1.58 2.75 -9.35
C PTR B 8 -2.81 1.91 -9.69
O PTR B 8 -2.98 1.45 -10.82
CB PTR B 8 -2.01 4.14 -8.92
CG PTR B 8 -0.88 4.94 -8.29
CD1 PTR B 8 -0.77 5.05 -6.91
CD2 PTR B 8 0.05 5.61 -9.07
CE1 PTR B 8 0.25 5.77 -6.32
CE2 PTR B 8 1.07 6.33 -8.50
CZ PTR B 8 1.17 6.42 -7.13
OH PTR B 8 2.19 7.15 -6.56
P PTR B 8 3.73 7.06 -6.97
O1P PTR B 8 3.88 7.44 -8.40
O2P PTR B 8 4.54 7.99 -6.14
O3P PTR B 8 4.23 5.68 -6.78
H PTR B 8 0.22 2.45 -10.42
HA PTR B 8 -1.04 2.27 -8.54
HB2 PTR B 8 -2.35 4.70 -9.78
HB3 PTR B 8 -2.80 4.06 -8.19
HD1 PTR B 8 -1.49 4.54 -6.29
HD2 PTR B 8 -0.03 5.53 -10.15
HE1 PTR B 8 0.32 5.84 -5.25
HE2 PTR B 8 1.79 6.84 -9.13
N ALA B 9 -3.67 1.72 -8.70
CA ALA B 9 -4.90 0.94 -8.89
C ALA B 9 -6.13 1.74 -8.44
N GLU B 10 -6.99 2.06 -9.40
CA GLU B 10 -8.20 2.81 -9.11
C GLU B 10 -9.19 1.97 -8.30
N LEU B 11 -9.77 2.59 -7.28
CA LEU B 11 -10.73 1.90 -6.42
C LEU B 11 -12.17 2.15 -6.90
N ASN B 12 -13.13 1.60 -6.17
CA ASN B 12 -14.53 1.75 -6.52
C ASN B 12 -15.22 2.73 -5.56
N LEU B 13 -15.82 3.78 -6.12
CA LEU B 13 -16.51 4.78 -5.32
C LEU B 13 -17.97 4.42 -5.14
N GLN B 14 -18.55 4.83 -4.01
CA GLN B 14 -19.95 4.54 -3.72
C GLN B 14 -20.79 4.57 -4.99
N LYS B 15 -20.51 5.54 -5.85
CA LYS B 15 -21.23 5.68 -7.11
C LYS B 15 -20.63 6.80 -7.96
N GLY A 1 -6.16 0.89 25.31
CA GLY A 1 -5.67 1.96 26.16
C GLY A 1 -5.02 3.07 25.36
N SER A 2 -3.78 3.42 25.73
CA SER A 2 -3.06 4.48 25.05
C SER A 2 -2.65 4.04 23.64
N SER A 3 -3.11 4.80 22.64
CA SER A 3 -2.80 4.48 21.25
C SER A 3 -1.32 4.13 21.09
N GLY A 4 -0.98 3.60 19.93
CA GLY A 4 0.40 3.22 19.66
C GLY A 4 1.07 4.14 18.65
N SER A 5 2.36 3.93 18.43
CA SER A 5 3.12 4.76 17.49
C SER A 5 3.20 4.09 16.12
N SER A 6 3.66 4.84 15.13
CA SER A 6 3.79 4.32 13.78
C SER A 6 4.49 2.96 13.77
N GLY A 7 4.06 2.08 12.87
CA GLY A 7 4.65 0.77 12.79
C GLY A 7 4.80 0.29 11.35
N TRP A 8 3.82 0.64 10.52
CA TRP A 8 3.83 0.23 9.11
C TRP A 8 4.13 1.42 8.21
N TYR A 9 4.81 2.42 8.77
CA TYR A 9 5.16 3.62 8.01
C TYR A 9 6.59 3.54 7.49
N HIS A 10 6.82 4.11 6.32
CA HIS A 10 8.15 4.11 5.71
C HIS A 10 8.53 5.51 5.24
N GLY A 11 8.22 6.51 6.06
CA GLY A 11 8.54 7.88 5.70
C GLY A 11 8.42 8.15 4.22
N HIS A 12 9.53 8.00 3.50
CA HIS A 12 9.54 8.23 2.07
C HIS A 12 9.90 6.94 1.31
N MET A 13 9.26 6.74 0.17
CA MET A 13 9.51 5.55 -0.65
C MET A 13 8.77 5.63 -1.97
N SER A 14 9.39 5.12 -3.02
CA SER A 14 8.79 5.14 -4.36
C SER A 14 8.24 3.76 -4.72
N GLY A 15 7.26 3.75 -5.63
CA GLY A 15 6.66 2.50 -6.04
C GLY A 15 7.68 1.47 -6.47
N GLY A 16 8.85 1.95 -6.91
CA GLY A 16 9.90 1.05 -7.34
C GLY A 16 10.59 0.36 -6.18
N GLN A 17 10.59 1.02 -5.02
CA GLN A 17 11.23 0.46 -3.83
C GLN A 17 10.29 -0.53 -3.13
N ALA A 18 9.00 -0.21 -3.13
CA ALA A 18 8.02 -1.07 -2.49
C ALA A 18 7.89 -2.40 -3.24
N GLU A 19 7.38 -2.34 -4.46
CA GLU A 19 7.20 -3.54 -5.28
C GLU A 19 8.39 -4.48 -5.11
N THR A 20 9.57 -3.91 -4.91
CA THR A 20 10.77 -4.71 -4.75
C THR A 20 10.92 -5.20 -3.31
N LEU A 21 10.65 -4.32 -2.36
CA LEU A 21 10.75 -4.65 -0.94
C LEU A 21 9.76 -5.75 -0.58
N LEU A 22 8.46 -5.42 -0.63
CA LEU A 22 7.42 -6.38 -0.31
C LEU A 22 7.70 -7.74 -0.94
N GLN A 23 8.00 -7.73 -2.24
CA GLN A 23 8.30 -8.95 -2.97
C GLN A 23 9.50 -9.67 -2.36
N ALA A 24 10.42 -8.89 -1.78
CA ALA A 24 11.61 -9.45 -1.18
C ALA A 24 11.26 -10.32 0.02
N LYS A 25 10.40 -9.81 0.89
CA LYS A 25 9.97 -10.54 2.08
C LYS A 25 9.27 -11.84 1.69
N GLY A 26 8.34 -11.74 0.75
CA GLY A 26 7.60 -12.91 0.30
C GLY A 26 6.38 -13.18 1.16
N GLU A 27 5.89 -12.15 1.83
CA GLU A 27 4.72 -12.29 2.70
C GLU A 27 3.47 -11.73 2.00
N PRO A 28 2.48 -12.61 1.78
CA PRO A 28 1.23 -12.23 1.14
C PRO A 28 0.37 -11.32 2.02
N TRP A 29 -0.41 -10.46 1.39
CA TRP A 29 -1.28 -9.54 2.12
C TRP A 29 -0.47 -8.58 2.98
N THR A 30 0.67 -8.15 2.44
CA THR A 30 1.54 -7.23 3.16
C THR A 30 1.36 -5.79 2.66
N PHE A 31 0.83 -4.93 3.52
CA PHE A 31 0.61 -3.54 3.17
C PHE A 31 1.65 -2.63 3.83
N LEU A 32 1.97 -1.53 3.17
CA LEU A 32 2.94 -0.58 3.70
C LEU A 32 2.57 0.86 3.32
N VAL A 33 2.67 1.76 4.29
CA VAL A 33 2.34 3.16 4.06
C VAL A 33 3.61 3.98 3.80
N ARG A 34 3.58 4.77 2.74
CA ARG A 34 4.72 5.61 2.38
C ARG A 34 4.26 6.93 1.79
N GLU A 35 5.21 7.75 1.35
CA GLU A 35 4.90 9.05 0.78
C GLU A 35 4.79 8.95 -0.75
N SER A 36 4.12 9.93 -1.35
CA SER A 36 3.93 9.95 -2.79
C SER A 36 5.00 10.82 -3.47
N LEU A 37 5.11 10.67 -4.79
CA LEU A 37 6.10 11.43 -5.55
C LEU A 37 5.40 12.42 -6.48
N SER A 38 4.69 11.90 -7.47
CA SER A 38 3.98 12.74 -8.43
C SER A 38 3.06 13.74 -7.71
N GLN A 39 2.40 13.27 -6.66
CA GLN A 39 1.50 14.12 -5.89
C GLN A 39 2.12 14.51 -4.56
N PRO A 40 2.62 15.76 -4.49
CA PRO A 40 3.25 16.28 -3.27
C PRO A 40 2.26 16.51 -2.14
N GLY A 41 2.46 15.81 -1.03
CA GLY A 41 1.57 15.95 0.11
C GLY A 41 0.75 14.70 0.35
N ASP A 42 0.33 14.05 -0.72
CA ASP A 42 -0.47 12.84 -0.62
C ASP A 42 0.41 11.64 -0.26
N PHE A 43 -0.22 10.48 -0.13
CA PHE A 43 0.51 9.25 0.21
C PHE A 43 0.11 8.11 -0.72
N VAL A 44 0.78 6.96 -0.57
CA VAL A 44 0.51 5.80 -1.39
C VAL A 44 0.37 4.54 -0.54
N LEU A 45 -0.65 3.73 -0.83
CA LEU A 45 -0.89 2.50 -0.10
C LEU A 45 -0.51 1.28 -0.92
N SER A 46 0.64 0.70 -0.62
CA SER A 46 1.13 -0.47 -1.34
C SER A 46 0.80 -1.76 -0.58
N VAL A 47 0.35 -2.77 -1.31
CA VAL A 47 0.00 -4.05 -0.70
C VAL A 47 0.38 -5.21 -1.61
N LEU A 48 0.86 -6.29 -1.01
CA LEU A 48 1.26 -7.48 -1.76
C LEU A 48 0.12 -8.48 -1.84
N SER A 49 -0.13 -8.98 -3.04
CA SER A 49 -1.20 -9.96 -3.25
C SER A 49 -0.69 -11.38 -3.04
N ASP A 50 -1.61 -12.35 -3.03
CA ASP A 50 -1.25 -13.74 -2.84
C ASP A 50 -1.19 -14.48 -4.18
N GLN A 51 -0.86 -13.73 -5.23
CA GLN A 51 -0.77 -14.32 -6.57
C GLN A 51 0.43 -13.74 -7.33
N PRO A 52 1.19 -14.63 -7.99
CA PRO A 52 2.37 -14.24 -8.77
C PRO A 52 2.01 -13.47 -10.03
N LYS A 53 2.85 -12.51 -10.39
CA LYS A 53 2.62 -11.70 -11.58
C LYS A 53 2.74 -12.55 -12.85
N ALA A 54 3.56 -13.58 -12.78
CA ALA A 54 3.76 -14.47 -13.92
C ALA A 54 3.40 -15.91 -13.56
N GLY A 55 4.04 -16.43 -12.52
CA GLY A 55 3.78 -17.80 -12.09
C GLY A 55 5.06 -18.59 -11.87
N PRO A 56 5.87 -18.72 -12.94
CA PRO A 56 7.13 -19.45 -12.88
C PRO A 56 8.18 -18.74 -12.04
N GLY A 57 8.08 -18.89 -10.73
CA GLY A 57 9.04 -18.26 -9.83
C GLY A 57 9.03 -16.74 -9.96
N SER A 58 7.85 -16.14 -9.85
CA SER A 58 7.72 -14.70 -9.97
C SER A 58 7.13 -14.10 -8.68
N PRO A 59 7.47 -12.84 -8.41
CA PRO A 59 6.99 -12.12 -7.22
C PRO A 59 5.50 -11.81 -7.30
N LEU A 60 4.83 -11.86 -6.16
CA LEU A 60 3.41 -11.58 -6.09
C LEU A 60 3.10 -10.16 -6.56
N ARG A 61 2.05 -10.02 -7.35
CA ARG A 61 1.66 -8.70 -7.86
C ARG A 61 1.37 -7.74 -6.72
N VAL A 62 1.70 -6.47 -6.93
CA VAL A 62 1.48 -5.44 -5.91
C VAL A 62 0.39 -4.48 -6.34
N THR A 63 -0.23 -3.82 -5.36
CA THR A 63 -1.29 -2.86 -5.63
C THR A 63 -1.00 -1.51 -5.00
N HIS A 64 -0.91 -0.47 -5.83
CA HIS A 64 -0.65 0.88 -5.34
C HIS A 64 -1.90 1.73 -5.36
N ILE A 65 -2.49 1.95 -4.20
CA ILE A 65 -3.70 2.75 -4.09
C ILE A 65 -3.39 4.16 -3.59
N LYS A 66 -3.49 5.14 -4.48
CA LYS A 66 -3.23 6.52 -4.12
C LYS A 66 -4.05 6.95 -2.91
N VAL A 67 -3.35 7.41 -1.87
CA VAL A 67 -4.02 7.84 -0.64
C VAL A 67 -4.11 9.36 -0.58
N MET A 68 -5.32 9.88 -0.51
CA MET A 68 -5.55 11.32 -0.44
C MET A 68 -5.79 11.76 0.99
N CYS A 69 -4.98 12.72 1.45
CA CYS A 69 -5.11 13.23 2.82
C CYS A 69 -5.73 14.63 2.82
N GLU A 70 -6.84 14.78 3.53
CA GLU A 70 -7.52 16.07 3.61
C GLU A 70 -7.06 16.86 4.83
N GLY A 71 -5.74 16.99 4.98
CA GLY A 71 -5.19 17.73 6.09
C GLY A 71 -5.74 17.25 7.42
N GLY A 72 -5.28 16.09 7.88
CA GLY A 72 -5.74 15.55 9.14
C GLY A 72 -6.44 14.21 8.98
N ARG A 73 -6.95 13.96 7.78
CA ARG A 73 -7.65 12.71 7.49
C ARG A 73 -7.07 12.04 6.25
N TYR A 74 -7.57 10.85 5.95
CA TYR A 74 -7.11 10.10 4.78
C TYR A 74 -8.27 9.45 4.05
N THR A 75 -8.15 9.33 2.73
CA THR A 75 -9.19 8.73 1.91
C THR A 75 -8.61 8.06 0.67
N VAL A 76 -9.41 7.26 -0.01
CA VAL A 76 -8.97 6.57 -1.22
C VAL A 76 -10.14 6.33 -2.17
N GLY A 77 -10.10 7.00 -3.32
CA GLY A 77 -11.17 6.85 -4.30
C GLY A 77 -12.43 7.57 -3.90
N GLY A 78 -12.90 7.32 -2.69
CA GLY A 78 -14.11 7.96 -2.20
C GLY A 78 -13.82 9.17 -1.35
N LEU A 79 -14.84 9.68 -0.67
CA LEU A 79 -14.70 10.84 0.20
C LEU A 79 -14.42 10.43 1.64
N GLU A 80 -14.82 9.20 1.98
CA GLU A 80 -14.62 8.68 3.32
C GLU A 80 -13.25 9.08 3.86
N THR A 81 -13.21 10.15 4.63
CA THR A 81 -11.96 10.64 5.20
C THR A 81 -11.81 10.19 6.66
N PHE A 82 -10.98 9.17 6.87
CA PHE A 82 -10.73 8.65 8.21
C PHE A 82 -9.92 9.62 9.05
N ASP A 83 -10.16 9.64 10.35
CA ASP A 83 -9.45 10.52 11.26
C ASP A 83 -7.94 10.43 11.03
N SER A 84 -7.47 9.24 10.68
CA SER A 84 -6.05 9.02 10.43
C SER A 84 -5.82 7.72 9.67
N LEU A 85 -4.57 7.47 9.31
CA LEU A 85 -4.22 6.26 8.57
C LEU A 85 -4.48 5.02 9.41
N THR A 86 -4.26 5.12 10.71
CA THR A 86 -4.48 4.01 11.63
C THR A 86 -5.92 3.50 11.54
N ASP A 87 -6.84 4.40 11.24
CA ASP A 87 -8.25 4.04 11.11
C ASP A 87 -8.58 3.60 9.70
N LEU A 88 -8.15 4.40 8.72
CA LEU A 88 -8.40 4.09 7.31
C LEU A 88 -7.87 2.70 6.95
N VAL A 89 -6.72 2.35 7.52
CA VAL A 89 -6.11 1.06 7.26
C VAL A 89 -6.78 -0.04 8.08
N GLU A 90 -6.91 0.19 9.38
CA GLU A 90 -7.53 -0.79 10.27
C GLU A 90 -8.90 -1.19 9.75
N HIS A 91 -9.56 -0.26 9.06
CA HIS A 91 -10.90 -0.51 8.51
C HIS A 91 -10.82 -1.51 7.37
N PHE A 92 -9.78 -1.40 6.56
CA PHE A 92 -9.58 -2.30 5.42
C PHE A 92 -8.90 -3.59 5.85
N LYS A 93 -8.14 -3.52 6.94
CA LYS A 93 -7.43 -4.68 7.45
C LYS A 93 -8.40 -5.80 7.82
N LYS A 94 -9.64 -5.43 8.14
CA LYS A 94 -10.66 -6.40 8.50
C LYS A 94 -11.64 -6.61 7.36
N THR A 95 -11.99 -5.52 6.67
CA THR A 95 -12.92 -5.59 5.56
C THR A 95 -12.18 -5.85 4.24
N GLY A 96 -11.15 -5.06 3.99
CA GLY A 96 -10.37 -5.22 2.77
C GLY A 96 -10.67 -4.15 1.75
N ILE A 97 -9.78 -3.99 0.78
CA ILE A 97 -9.96 -2.98 -0.26
C ILE A 97 -10.30 -3.63 -1.61
N GLU A 98 -11.38 -3.18 -2.22
CA GLU A 98 -11.82 -3.72 -3.50
C GLU A 98 -11.39 -2.81 -4.64
N GLU A 99 -10.78 -3.39 -5.67
CA GLU A 99 -10.31 -2.63 -6.82
C GLU A 99 -11.40 -2.55 -7.89
N ALA A 100 -11.50 -1.39 -8.53
CA ALA A 100 -12.49 -1.18 -9.58
C ALA A 100 -12.75 -2.46 -10.36
N SER A 101 -11.67 -3.13 -10.76
CA SER A 101 -11.78 -4.36 -11.53
C SER A 101 -12.48 -5.44 -10.71
N GLY A 102 -12.09 -5.58 -9.44
CA GLY A 102 -12.69 -6.58 -8.58
C GLY A 102 -11.71 -7.13 -7.57
N ALA A 103 -10.44 -7.16 -7.94
CA ALA A 103 -9.40 -7.66 -7.04
C ALA A 103 -9.64 -7.24 -5.60
N PHE A 104 -9.42 -8.16 -4.67
CA PHE A 104 -9.62 -7.88 -3.26
C PHE A 104 -8.29 -7.86 -2.51
N VAL A 105 -7.84 -6.67 -2.14
CA VAL A 105 -6.58 -6.51 -1.42
C VAL A 105 -6.79 -6.63 0.08
N TYR A 106 -6.09 -7.56 0.71
CA TYR A 106 -6.20 -7.77 2.14
C TYR A 106 -4.91 -7.38 2.86
N LEU A 107 -5.03 -6.55 3.89
CA LEU A 107 -3.87 -6.10 4.65
C LEU A 107 -3.85 -6.75 6.04
N ARG A 108 -2.85 -7.59 6.28
CA ARG A 108 -2.72 -8.26 7.57
C ARG A 108 -1.30 -8.12 8.12
N GLN A 109 -0.33 -8.08 7.22
CA GLN A 109 1.07 -7.94 7.61
C GLN A 109 1.56 -6.51 7.39
N PRO A 110 1.57 -5.71 8.46
CA PRO A 110 2.01 -4.32 8.40
C PRO A 110 3.51 -4.19 8.18
N TYR A 111 3.93 -4.29 6.93
CA TYR A 111 5.34 -4.18 6.58
C TYR A 111 6.06 -3.20 7.50
N TYR A 112 6.95 -3.72 8.33
CA TYR A 112 7.70 -2.89 9.27
C TYR A 112 9.06 -2.50 8.67
N SER A 113 9.05 -2.08 7.41
CA SER A 113 10.28 -1.68 6.73
C SER A 113 11.46 -2.53 7.20
N GLY A 114 11.23 -3.83 7.30
CA GLY A 114 12.28 -4.73 7.74
C GLY A 114 12.57 -5.82 6.73
N PRO A 115 13.86 -6.18 6.59
CA PRO A 115 14.29 -7.23 5.66
C PRO A 115 13.85 -8.62 6.09
N SER A 116 14.26 -9.63 5.34
CA SER A 116 13.91 -11.01 5.64
C SER A 116 15.04 -11.72 6.38
N SER A 117 16.23 -11.70 5.78
CA SER A 117 17.39 -12.35 6.37
C SER A 117 17.08 -13.79 6.76
N GLY A 118 16.34 -14.48 5.90
CA GLY A 118 15.99 -15.87 6.18
C GLY A 118 14.86 -16.36 5.29
N ALA B 1 9.20 -3.53 -25.46
CA ALA B 1 9.69 -2.61 -24.44
C ALA B 1 8.53 -1.88 -23.76
N THR B 2 8.77 -1.38 -22.55
CA THR B 2 7.75 -0.67 -21.80
C THR B 2 8.34 0.52 -21.06
N GLU B 3 7.53 1.55 -20.86
CA GLU B 3 7.99 2.76 -20.17
C GLU B 3 8.10 2.51 -18.67
N GLN B 4 8.66 3.48 -17.95
CA GLN B 4 8.82 3.36 -16.51
C GLN B 4 7.75 4.14 -15.76
N GLU B 5 6.62 3.49 -15.50
CA GLU B 5 5.51 4.13 -14.79
C GLU B 5 4.61 3.09 -14.14
N ILE B 6 4.53 3.14 -12.81
CA ILE B 6 3.70 2.20 -12.07
C ILE B 6 2.22 2.55 -12.20
N THR B 7 1.38 1.52 -12.24
CA THR B 7 -0.06 1.72 -12.35
C THR B 7 -0.76 1.47 -11.03
N PTR B 8 -1.37 2.51 -10.48
CA PTR B 8 -2.08 2.40 -9.21
C PTR B 8 -3.40 1.67 -9.38
O PTR B 8 -3.75 1.25 -10.48
CB PTR B 8 -2.33 3.79 -8.62
CG PTR B 8 -1.10 4.42 -8.01
CD1 PTR B 8 0.06 4.61 -8.76
CD2 PTR B 8 -1.08 4.82 -6.69
CE1 PTR B 8 1.19 5.19 -8.21
CE2 PTR B 8 0.04 5.40 -6.12
CZ PTR B 8 1.17 5.58 -6.90
OH PTR B 8 2.29 6.15 -6.33
P PTR B 8 3.18 7.29 -7.03
O1P PTR B 8 4.08 7.90 -6.03
O2P PTR B 8 3.98 6.72 -8.12
O3P PTR B 8 2.30 8.35 -7.58
H PTR B 8 -1.35 3.37 -10.94
HA PTR B 8 -1.46 1.84 -8.53
HB2 PTR B 8 -2.69 4.45 -9.39
HB3 PTR B 8 -3.08 3.71 -7.85
HD1 PTR B 8 0.06 4.30 -9.80
HD2 PTR B 8 -1.97 4.68 -6.08
HE1 PTR B 8 2.07 5.33 -8.82
HE2 PTR B 8 0.03 5.71 -5.08
N ALA B 9 -4.14 1.52 -8.29
CA ALA B 9 -5.42 0.83 -8.31
C ALA B 9 -6.57 1.82 -8.13
N GLU B 10 -7.54 1.77 -9.06
CA GLU B 10 -8.68 2.67 -9.00
C GLU B 10 -9.85 2.00 -8.28
N LEU B 11 -9.76 1.92 -6.96
CA LEU B 11 -10.80 1.31 -6.15
C LEU B 11 -12.19 1.78 -6.60
N ASN B 12 -13.23 1.13 -6.10
CA ASN B 12 -14.60 1.48 -6.44
C ASN B 12 -15.34 2.05 -5.23
N LEU B 13 -15.09 3.33 -4.95
CA LEU B 13 -15.74 3.99 -3.82
C LEU B 13 -17.24 3.72 -3.82
N GLN B 14 -17.91 4.17 -2.77
CA GLN B 14 -19.36 4.00 -2.65
C GLN B 14 -20.06 4.30 -3.97
N LYS B 15 -19.44 5.16 -4.77
CA LYS B 15 -20.00 5.54 -6.07
C LYS B 15 -18.96 5.38 -7.17
N GLY A 1 20.62 -7.00 19.44
CA GLY A 1 21.27 -5.97 18.64
C GLY A 1 20.32 -5.24 17.73
N SER A 2 19.56 -5.98 16.93
CA SER A 2 18.60 -5.39 16.02
C SER A 2 17.41 -4.82 16.77
N SER A 3 16.90 -3.69 16.29
CA SER A 3 15.76 -3.03 16.92
C SER A 3 14.99 -2.18 15.91
N GLY A 4 13.73 -1.89 16.22
CA GLY A 4 12.92 -1.08 15.34
C GLY A 4 11.96 -0.17 16.09
N SER A 5 10.88 -0.76 16.60
CA SER A 5 9.88 0.00 17.35
C SER A 5 9.11 0.94 16.42
N SER A 6 8.84 0.47 15.21
CA SER A 6 8.11 1.26 14.23
C SER A 6 6.90 0.51 13.70
N GLY A 7 5.79 1.23 13.53
CA GLY A 7 4.57 0.61 13.03
C GLY A 7 4.72 0.11 11.60
N TRP A 8 3.75 0.46 10.76
CA TRP A 8 3.77 0.05 9.36
C TRP A 8 4.21 1.20 8.46
N TYR A 9 4.29 2.40 9.03
CA TYR A 9 4.70 3.57 8.28
C TYR A 9 6.17 3.50 7.88
N HIS A 10 6.48 3.96 6.68
CA HIS A 10 7.85 3.93 6.18
C HIS A 10 8.33 5.34 5.84
N GLY A 11 7.79 5.89 4.76
CA GLY A 11 8.18 7.24 4.34
C GLY A 11 8.13 7.42 2.84
N HIS A 12 9.03 8.24 2.31
CA HIS A 12 9.09 8.49 0.87
C HIS A 12 9.63 7.28 0.13
N MET A 13 8.81 6.25 0.00
CA MET A 13 9.22 5.03 -0.69
C MET A 13 8.73 5.04 -2.14
N SER A 14 9.67 5.16 -3.08
CA SER A 14 9.33 5.18 -4.50
C SER A 14 8.81 3.83 -4.95
N GLY A 15 7.89 3.86 -5.92
CA GLY A 15 7.32 2.63 -6.44
C GLY A 15 8.37 1.56 -6.69
N GLY A 16 9.54 1.98 -7.17
CA GLY A 16 10.61 1.04 -7.45
C GLY A 16 11.14 0.37 -6.19
N GLN A 17 11.12 1.10 -5.09
CA GLN A 17 11.60 0.57 -3.81
C GLN A 17 10.54 -0.28 -3.14
N ALA A 18 9.28 0.17 -3.21
CA ALA A 18 8.17 -0.56 -2.61
C ALA A 18 8.03 -1.95 -3.23
N GLU A 19 7.68 -2.00 -4.50
CA GLU A 19 7.51 -3.26 -5.21
C GLU A 19 8.67 -4.20 -4.92
N THR A 20 9.88 -3.63 -4.83
CA THR A 20 11.07 -4.42 -4.55
C THR A 20 11.08 -4.94 -3.12
N LEU A 21 10.82 -4.06 -2.17
CA LEU A 21 10.79 -4.42 -0.76
C LEU A 21 9.74 -5.51 -0.51
N LEU A 22 8.48 -5.12 -0.58
CA LEU A 22 7.37 -6.05 -0.36
C LEU A 22 7.67 -7.40 -1.00
N GLN A 23 8.22 -7.38 -2.21
CA GLN A 23 8.55 -8.61 -2.92
C GLN A 23 9.75 -9.30 -2.27
N ALA A 24 10.71 -8.51 -1.82
CA ALA A 24 11.91 -9.04 -1.18
C ALA A 24 11.55 -9.96 -0.02
N LYS A 25 10.65 -9.49 0.84
CA LYS A 25 10.22 -10.26 2.00
C LYS A 25 9.55 -11.56 1.56
N GLY A 26 8.65 -11.47 0.59
CA GLY A 26 7.96 -12.64 0.10
C GLY A 26 6.80 -13.05 0.98
N GLU A 27 6.05 -12.07 1.47
CA GLU A 27 4.91 -12.33 2.33
C GLU A 27 3.61 -11.80 1.72
N PRO A 28 2.65 -12.70 1.49
CA PRO A 28 1.36 -12.35 0.91
C PRO A 28 0.50 -11.52 1.86
N TRP A 29 -0.27 -10.59 1.30
CA TRP A 29 -1.14 -9.75 2.10
C TRP A 29 -0.32 -8.79 2.97
N THR A 30 0.78 -8.30 2.42
CA THR A 30 1.64 -7.38 3.14
C THR A 30 1.45 -5.94 2.66
N PHE A 31 0.91 -5.10 3.54
CA PHE A 31 0.67 -3.71 3.21
C PHE A 31 1.67 -2.80 3.90
N LEU A 32 1.95 -1.65 3.28
CA LEU A 32 2.90 -0.70 3.83
C LEU A 32 2.54 0.73 3.42
N VAL A 33 2.70 1.67 4.35
CA VAL A 33 2.39 3.06 4.09
C VAL A 33 3.64 3.83 3.64
N ARG A 34 3.52 4.56 2.54
CA ARG A 34 4.63 5.32 1.99
C ARG A 34 4.19 6.75 1.67
N GLU A 35 5.11 7.53 1.12
CA GLU A 35 4.83 8.92 0.76
C GLU A 35 5.08 9.16 -0.72
N SER A 36 4.03 9.44 -1.47
CA SER A 36 4.14 9.69 -2.91
C SER A 36 5.43 10.43 -3.22
N LEU A 37 6.00 10.15 -4.40
CA LEU A 37 7.23 10.80 -4.82
C LEU A 37 6.95 12.01 -5.69
N SER A 38 6.00 11.85 -6.62
CA SER A 38 5.64 12.93 -7.53
C SER A 38 4.80 13.98 -6.80
N GLN A 39 3.59 13.60 -6.39
CA GLN A 39 2.70 14.50 -5.69
C GLN A 39 3.11 14.65 -4.23
N PRO A 40 3.57 15.85 -3.86
CA PRO A 40 3.99 16.15 -2.49
C PRO A 40 2.83 16.19 -1.50
N GLY A 41 2.96 15.47 -0.40
CA GLY A 41 1.90 15.43 0.60
C GLY A 41 1.02 14.21 0.47
N ASP A 42 0.78 13.78 -0.76
CA ASP A 42 -0.05 12.61 -1.01
C ASP A 42 0.67 11.34 -0.61
N PHE A 43 -0.07 10.39 -0.04
CA PHE A 43 0.49 9.13 0.39
C PHE A 43 0.11 8.00 -0.56
N VAL A 44 0.83 6.89 -0.49
CA VAL A 44 0.56 5.74 -1.34
C VAL A 44 0.50 4.45 -0.53
N LEU A 45 -0.52 3.64 -0.80
CA LEU A 45 -0.69 2.38 -0.09
C LEU A 45 -0.26 1.20 -0.96
N SER A 46 0.79 0.51 -0.54
CA SER A 46 1.31 -0.63 -1.28
C SER A 46 0.99 -1.94 -0.55
N VAL A 47 0.37 -2.87 -1.27
CA VAL A 47 0.02 -4.16 -0.70
C VAL A 47 0.40 -5.31 -1.64
N LEU A 48 1.03 -6.33 -1.09
CA LEU A 48 1.45 -7.49 -1.87
C LEU A 48 0.36 -8.56 -1.90
N SER A 49 -0.08 -8.91 -3.10
CA SER A 49 -1.12 -9.93 -3.26
C SER A 49 -0.53 -11.33 -3.20
N ASP A 50 -1.40 -12.33 -3.20
CA ASP A 50 -0.97 -13.73 -3.14
C ASP A 50 -0.91 -14.33 -4.54
N GLN A 51 -1.07 -13.48 -5.55
CA GLN A 51 -1.02 -13.93 -6.94
C GLN A 51 0.21 -13.40 -7.65
N PRO A 52 0.97 -14.31 -8.27
CA PRO A 52 2.19 -13.96 -9.01
C PRO A 52 1.90 -13.17 -10.29
N LYS A 53 2.85 -12.36 -10.71
CA LYS A 53 2.69 -11.56 -11.93
C LYS A 53 2.95 -12.41 -13.17
N ALA A 54 3.83 -13.38 -13.05
CA ALA A 54 4.17 -14.27 -14.16
C ALA A 54 4.20 -15.72 -13.72
N GLY A 55 3.03 -16.30 -13.49
CA GLY A 55 2.95 -17.68 -13.06
C GLY A 55 3.90 -17.99 -11.92
N PRO A 56 4.20 -19.29 -11.73
CA PRO A 56 5.10 -19.73 -10.66
C PRO A 56 6.55 -19.33 -10.92
N GLY A 57 7.20 -18.79 -9.89
CA GLY A 57 8.58 -18.37 -10.01
C GLY A 57 8.73 -16.86 -9.99
N SER A 58 7.66 -16.16 -10.33
CA SER A 58 7.67 -14.70 -10.35
C SER A 58 7.16 -14.13 -9.04
N PRO A 59 7.59 -12.90 -8.72
CA PRO A 59 7.19 -12.21 -7.48
C PRO A 59 5.72 -11.81 -7.50
N LEU A 60 5.08 -11.86 -6.34
CA LEU A 60 3.67 -11.49 -6.22
C LEU A 60 3.43 -10.08 -6.75
N ARG A 61 2.26 -9.86 -7.31
CA ARG A 61 1.90 -8.56 -7.87
C ARG A 61 1.56 -7.58 -6.74
N VAL A 62 2.02 -6.33 -6.90
CA VAL A 62 1.76 -5.30 -5.91
C VAL A 62 0.70 -4.32 -6.39
N THR A 63 0.01 -3.69 -5.44
CA THR A 63 -1.04 -2.73 -5.78
C THR A 63 -0.77 -1.37 -5.14
N HIS A 64 -0.60 -0.35 -5.97
CA HIS A 64 -0.33 1.00 -5.48
C HIS A 64 -1.62 1.81 -5.41
N ILE A 65 -2.19 1.92 -4.21
CA ILE A 65 -3.42 2.67 -4.01
C ILE A 65 -3.14 4.01 -3.35
N LYS A 66 -3.03 5.05 -4.17
CA LYS A 66 -2.77 6.39 -3.66
C LYS A 66 -3.87 6.85 -2.72
N VAL A 67 -3.47 7.43 -1.58
CA VAL A 67 -4.43 7.91 -0.59
C VAL A 67 -4.54 9.43 -0.61
N MET A 68 -5.74 9.93 -0.83
CA MET A 68 -5.97 11.37 -0.88
C MET A 68 -6.21 11.92 0.52
N CYS A 69 -5.38 12.89 0.91
CA CYS A 69 -5.50 13.51 2.23
C CYS A 69 -6.45 14.68 2.19
N GLU A 70 -7.45 14.66 3.09
CA GLU A 70 -8.43 15.74 3.16
C GLU A 70 -8.35 16.47 4.49
N GLY A 71 -7.28 17.25 4.66
CA GLY A 71 -7.10 18.00 5.89
C GLY A 71 -7.03 17.10 7.11
N GLY A 72 -5.83 16.62 7.42
CA GLY A 72 -5.65 15.74 8.56
C GLY A 72 -6.42 14.45 8.43
N ARG A 73 -6.98 14.21 7.25
CA ARG A 73 -7.75 12.99 7.00
C ARG A 73 -7.20 12.25 5.78
N TYR A 74 -7.78 11.09 5.50
CA TYR A 74 -7.35 10.27 4.38
C TYR A 74 -8.52 9.55 3.74
N THR A 75 -8.54 9.51 2.41
CA THR A 75 -9.62 8.85 1.67
C THR A 75 -9.09 8.21 0.40
N VAL A 76 -9.90 7.33 -0.19
CA VAL A 76 -9.52 6.65 -1.42
C VAL A 76 -10.74 6.31 -2.27
N GLY A 77 -10.85 6.97 -3.42
CA GLY A 77 -11.98 6.72 -4.30
C GLY A 77 -13.26 7.36 -3.80
N GLY A 78 -13.61 7.07 -2.55
CA GLY A 78 -14.82 7.62 -1.96
C GLY A 78 -14.54 8.83 -1.09
N LEU A 79 -15.56 9.29 -0.38
CA LEU A 79 -15.43 10.45 0.50
C LEU A 79 -14.96 10.02 1.89
N GLU A 80 -15.27 8.79 2.26
CA GLU A 80 -14.88 8.26 3.56
C GLU A 80 -13.52 8.82 4.00
N THR A 81 -13.57 9.86 4.82
CA THR A 81 -12.36 10.50 5.31
C THR A 81 -12.02 10.03 6.72
N PHE A 82 -11.07 9.11 6.83
CA PHE A 82 -10.66 8.58 8.13
C PHE A 82 -9.80 9.59 8.88
N ASP A 83 -9.83 9.50 10.21
CA ASP A 83 -9.06 10.41 11.05
C ASP A 83 -7.57 10.32 10.72
N SER A 84 -7.10 9.12 10.45
CA SER A 84 -5.70 8.89 10.13
C SER A 84 -5.51 7.55 9.42
N LEU A 85 -4.27 7.28 9.03
CA LEU A 85 -3.95 6.03 8.34
C LEU A 85 -4.30 4.82 9.21
N THR A 86 -4.13 4.97 10.52
CA THR A 86 -4.43 3.90 11.46
C THR A 86 -5.91 3.54 11.42
N ASP A 87 -6.75 4.54 11.17
CA ASP A 87 -8.19 4.34 11.11
C ASP A 87 -8.60 3.82 9.74
N LEU A 88 -8.05 4.42 8.69
CA LEU A 88 -8.37 4.01 7.33
C LEU A 88 -7.88 2.59 7.04
N VAL A 89 -6.69 2.28 7.55
CA VAL A 89 -6.10 0.96 7.36
C VAL A 89 -6.82 -0.09 8.22
N GLU A 90 -6.90 0.18 9.51
CA GLU A 90 -7.55 -0.74 10.44
C GLU A 90 -8.93 -1.15 9.92
N HIS A 91 -9.60 -0.22 9.25
CA HIS A 91 -10.93 -0.48 8.70
C HIS A 91 -10.85 -1.47 7.54
N PHE A 92 -9.75 -1.42 6.80
CA PHE A 92 -9.55 -2.32 5.67
C PHE A 92 -8.92 -3.63 6.12
N LYS A 93 -8.22 -3.60 7.24
CA LYS A 93 -7.58 -4.79 7.78
C LYS A 93 -8.60 -5.85 8.14
N LYS A 94 -9.84 -5.42 8.40
CA LYS A 94 -10.91 -6.34 8.75
C LYS A 94 -11.84 -6.57 7.55
N THR A 95 -12.11 -5.50 6.81
CA THR A 95 -12.99 -5.59 5.64
C THR A 95 -12.18 -5.83 4.37
N GLY A 96 -11.14 -5.02 4.18
CA GLY A 96 -10.30 -5.17 3.00
C GLY A 96 -10.69 -4.19 1.91
N ILE A 97 -9.73 -3.87 1.05
CA ILE A 97 -9.97 -2.94 -0.05
C ILE A 97 -10.44 -3.68 -1.30
N GLU A 98 -11.40 -3.09 -2.01
CA GLU A 98 -11.95 -3.69 -3.22
C GLU A 98 -11.60 -2.85 -4.44
N GLU A 99 -10.77 -3.39 -5.32
CA GLU A 99 -10.36 -2.69 -6.53
C GLU A 99 -11.53 -2.53 -7.49
N ALA A 100 -11.57 -1.40 -8.18
CA ALA A 100 -12.64 -1.14 -9.13
C ALA A 100 -12.91 -2.35 -10.02
N SER A 101 -11.85 -3.03 -10.40
CA SER A 101 -11.96 -4.22 -11.26
C SER A 101 -12.64 -5.35 -10.51
N GLY A 102 -12.26 -5.55 -9.25
CA GLY A 102 -12.84 -6.62 -8.45
C GLY A 102 -11.86 -7.16 -7.43
N ALA A 103 -10.57 -7.11 -7.74
CA ALA A 103 -9.54 -7.61 -6.84
C ALA A 103 -9.80 -7.16 -5.40
N PHE A 104 -9.36 -7.97 -4.44
CA PHE A 104 -9.54 -7.65 -3.04
C PHE A 104 -8.22 -7.67 -2.30
N VAL A 105 -7.79 -6.50 -1.84
CA VAL A 105 -6.53 -6.38 -1.10
C VAL A 105 -6.74 -6.53 0.40
N TYR A 106 -6.02 -7.47 1.01
CA TYR A 106 -6.13 -7.72 2.43
C TYR A 106 -4.85 -7.30 3.16
N LEU A 107 -5.01 -6.45 4.18
CA LEU A 107 -3.87 -5.98 4.96
C LEU A 107 -3.76 -6.73 6.28
N ARG A 108 -2.88 -7.72 6.32
CA ARG A 108 -2.68 -8.51 7.53
C ARG A 108 -1.26 -8.35 8.05
N GLN A 109 -0.31 -8.17 7.14
CA GLN A 109 1.09 -8.01 7.52
C GLN A 109 1.53 -6.56 7.35
N PRO A 110 1.48 -5.79 8.46
CA PRO A 110 1.88 -4.38 8.46
C PRO A 110 3.38 -4.19 8.28
N TYR A 111 3.83 -4.27 7.03
CA TYR A 111 5.24 -4.10 6.72
C TYR A 111 5.89 -3.06 7.63
N TYR A 112 6.72 -3.53 8.55
CA TYR A 112 7.40 -2.64 9.49
C TYR A 112 8.56 -1.93 8.81
N SER A 113 9.61 -2.68 8.50
CA SER A 113 10.79 -2.11 7.85
C SER A 113 11.12 -2.87 6.57
N GLY A 114 12.23 -2.50 5.94
CA GLY A 114 12.64 -3.16 4.71
C GLY A 114 14.10 -2.91 4.38
N PRO A 115 14.96 -3.86 4.78
CA PRO A 115 16.40 -3.77 4.54
C PRO A 115 16.76 -3.93 3.06
N SER A 116 16.79 -2.82 2.34
CA SER A 116 17.12 -2.84 0.93
C SER A 116 18.28 -3.79 0.64
N SER A 117 18.37 -4.26 -0.60
CA SER A 117 19.44 -5.17 -0.99
C SER A 117 20.21 -4.61 -2.19
N GLY A 118 21.46 -4.23 -1.96
CA GLY A 118 22.28 -3.68 -3.02
C GLY A 118 23.25 -4.70 -3.57
N ALA B 1 12.53 -0.25 -20.88
CA ALA B 1 11.31 0.52 -21.04
C ALA B 1 11.44 1.91 -20.40
N THR B 2 10.41 2.73 -20.59
CA THR B 2 10.41 4.08 -20.04
C THR B 2 9.67 4.12 -18.70
N GLU B 3 8.46 3.57 -18.68
CA GLU B 3 7.66 3.54 -17.46
C GLU B 3 7.83 4.84 -16.67
N GLN B 4 7.68 5.97 -17.35
CA GLN B 4 7.82 7.27 -16.71
C GLN B 4 7.27 7.25 -15.29
N GLU B 5 6.04 6.77 -15.15
CA GLU B 5 5.39 6.70 -13.85
C GLU B 5 4.71 5.35 -13.66
N ILE B 6 4.53 4.95 -12.40
CA ILE B 6 3.89 3.68 -12.08
C ILE B 6 2.37 3.80 -12.13
N THR B 7 1.71 2.79 -12.66
CA THR B 7 0.26 2.79 -12.75
C THR B 7 -0.38 2.27 -11.47
N PTR B 8 -1.05 3.17 -10.75
CA PTR B 8 -1.71 2.82 -9.51
C PTR B 8 -2.90 1.91 -9.76
O PTR B 8 -3.22 1.57 -10.89
CB PTR B 8 -2.15 4.07 -8.76
CG PTR B 8 -1.01 4.86 -8.15
CD1 PTR B 8 -0.88 4.99 -6.78
CD2 PTR B 8 -0.06 5.47 -8.97
CE1 PTR B 8 0.17 5.71 -6.23
CE2 PTR B 8 0.99 6.19 -8.42
CZ PTR B 8 1.10 6.30 -7.05
OH PTR B 8 2.14 7.02 -6.50
P PTR B 8 2.81 8.31 -7.16
O1P PTR B 8 3.38 7.97 -8.48
O2P PTR B 8 1.79 9.38 -7.33
O3P PTR B 8 3.89 8.82 -6.29
H PTR B 8 -1.12 4.10 -11.08
HA PTR B 8 -0.99 2.29 -8.90
HB2 PTR B 8 -2.67 4.73 -9.45
HB3 PTR B 8 -2.82 3.79 -7.96
HD1 PTR B 8 -1.61 4.52 -6.13
HD2 PTR B 8 -0.14 5.38 -10.04
HE1 PTR B 8 0.25 5.80 -5.15
HE2 PTR B 8 1.72 6.65 -9.07
N ALA B 9 -3.58 1.51 -8.67
CA ALA B 9 -4.74 0.65 -8.77
C ALA B 9 -6.02 1.41 -8.44
N GLU B 10 -7.06 1.20 -9.24
CA GLU B 10 -8.33 1.86 -9.03
C GLU B 10 -9.20 1.09 -8.03
N LEU B 11 -10.03 1.82 -7.29
CA LEU B 11 -10.91 1.21 -6.30
C LEU B 11 -12.37 1.55 -6.58
N ASN B 12 -13.27 0.94 -5.82
CA ASN B 12 -14.69 1.18 -5.98
C ASN B 12 -15.25 1.95 -4.79
N LEU B 13 -16.17 2.88 -5.08
CA LEU B 13 -16.78 3.69 -4.03
C LEU B 13 -17.98 2.98 -3.42
N GLN B 14 -18.61 3.62 -2.45
CA GLN B 14 -19.78 3.05 -1.78
C GLN B 14 -20.99 3.02 -2.73
N LYS B 15 -21.25 4.15 -3.38
CA LYS B 15 -22.36 4.26 -4.30
C LYS B 15 -22.40 3.05 -5.24
N GLY A 1 7.28 -12.21 26.88
CA GLY A 1 6.60 -12.80 25.74
C GLY A 1 6.96 -12.11 24.44
N SER A 2 6.35 -10.95 24.20
CA SER A 2 6.60 -10.19 22.98
C SER A 2 6.14 -8.75 23.12
N SER A 3 6.90 -7.82 22.54
CA SER A 3 6.58 -6.41 22.62
C SER A 3 6.78 -5.73 21.27
N GLY A 4 6.23 -4.53 21.11
CA GLY A 4 6.36 -3.80 19.87
C GLY A 4 5.30 -2.73 19.70
N SER A 5 5.31 -2.06 18.55
CA SER A 5 4.35 -1.01 18.28
C SER A 5 4.01 -0.95 16.78
N SER A 6 2.73 -0.83 16.47
CA SER A 6 2.29 -0.77 15.09
C SER A 6 3.01 0.35 14.33
N GLY A 7 4.14 0.00 13.72
CA GLY A 7 4.91 0.98 12.98
C GLY A 7 5.09 0.59 11.52
N TRP A 8 3.98 0.35 10.84
CA TRP A 8 4.01 -0.03 9.43
C TRP A 8 4.42 1.14 8.55
N TYR A 9 4.47 2.33 9.16
CA TYR A 9 4.84 3.54 8.43
C TYR A 9 6.34 3.53 8.09
N HIS A 10 6.65 3.87 6.84
CA HIS A 10 8.04 3.91 6.38
C HIS A 10 8.51 5.35 6.19
N GLY A 11 7.99 5.99 5.15
CA GLY A 11 8.36 7.36 4.86
C GLY A 11 8.63 7.59 3.39
N HIS A 12 9.87 7.97 3.07
CA HIS A 12 10.26 8.23 1.69
C HIS A 12 10.49 6.92 0.94
N MET A 13 9.69 6.69 -0.09
CA MET A 13 9.81 5.48 -0.89
C MET A 13 9.14 5.64 -2.25
N SER A 14 9.72 5.04 -3.29
CA SER A 14 9.17 5.14 -4.63
C SER A 14 8.70 3.78 -5.12
N GLY A 15 7.58 3.77 -5.86
CA GLY A 15 7.04 2.53 -6.37
C GLY A 15 8.13 1.56 -6.82
N GLY A 16 9.19 2.11 -7.40
CA GLY A 16 10.29 1.28 -7.87
C GLY A 16 10.99 0.55 -6.75
N GLN A 17 11.19 1.23 -5.63
CA GLN A 17 11.86 0.64 -4.48
C GLN A 17 10.89 -0.23 -3.68
N ALA A 18 9.62 0.17 -3.65
CA ALA A 18 8.59 -0.56 -2.93
C ALA A 18 8.38 -1.95 -3.54
N GLU A 19 7.90 -1.98 -4.77
CA GLU A 19 7.65 -3.23 -5.47
C GLU A 19 8.79 -4.22 -5.24
N THR A 20 10.01 -3.70 -5.21
CA THR A 20 11.19 -4.53 -5.01
C THR A 20 11.26 -5.03 -3.57
N LEU A 21 10.88 -4.19 -2.62
CA LEU A 21 10.89 -4.55 -1.21
C LEU A 21 9.79 -5.55 -0.89
N LEU A 22 8.55 -5.17 -1.20
CA LEU A 22 7.40 -6.04 -0.95
C LEU A 22 7.62 -7.43 -1.54
N GLN A 23 8.09 -7.47 -2.78
CA GLN A 23 8.36 -8.74 -3.46
C GLN A 23 9.58 -9.42 -2.89
N ALA A 24 10.46 -8.62 -2.28
CA ALA A 24 11.69 -9.15 -1.69
C ALA A 24 11.37 -10.07 -0.52
N LYS A 25 10.47 -9.64 0.35
CA LYS A 25 10.08 -10.43 1.52
C LYS A 25 9.38 -11.71 1.09
N GLY A 26 8.42 -11.59 0.17
CA GLY A 26 7.70 -12.75 -0.31
C GLY A 26 6.48 -13.06 0.54
N GLU A 27 5.98 -12.06 1.25
CA GLU A 27 4.82 -12.24 2.11
C GLU A 27 3.56 -11.65 1.46
N PRO A 28 2.60 -12.52 1.15
CA PRO A 28 1.34 -12.11 0.53
C PRO A 28 0.45 -11.32 1.48
N TRP A 29 -0.36 -10.43 0.92
CA TRP A 29 -1.27 -9.62 1.72
C TRP A 29 -0.48 -8.66 2.61
N THR A 30 0.68 -8.24 2.15
CA THR A 30 1.53 -7.33 2.91
C THR A 30 1.35 -5.89 2.45
N PHE A 31 0.88 -5.03 3.35
CA PHE A 31 0.67 -3.62 3.03
C PHE A 31 1.74 -2.75 3.66
N LEU A 32 2.02 -1.61 3.03
CA LEU A 32 3.02 -0.68 3.53
C LEU A 32 2.66 0.76 3.19
N VAL A 33 2.78 1.65 4.17
CA VAL A 33 2.46 3.06 3.97
C VAL A 33 3.72 3.85 3.62
N ARG A 34 3.63 4.62 2.53
CA ARG A 34 4.76 5.43 2.09
C ARG A 34 4.28 6.79 1.58
N GLU A 35 5.22 7.70 1.36
CA GLU A 35 4.90 9.04 0.88
C GLU A 35 4.97 9.09 -0.65
N SER A 36 4.14 9.95 -1.23
CA SER A 36 4.09 10.09 -2.69
C SER A 36 5.29 10.89 -3.19
N LEU A 37 5.55 10.80 -4.49
CA LEU A 37 6.67 11.50 -5.10
C LEU A 37 6.18 12.67 -5.95
N SER A 38 5.27 12.39 -6.88
CA SER A 38 4.72 13.41 -7.76
C SER A 38 3.65 14.22 -7.03
N GLN A 39 2.63 13.53 -6.53
CA GLN A 39 1.54 14.18 -5.82
C GLN A 39 2.03 14.80 -4.52
N PRO A 40 1.83 16.11 -4.36
CA PRO A 40 2.23 16.85 -3.16
C PRO A 40 1.40 16.48 -1.94
N GLY A 41 1.99 16.64 -0.75
CA GLY A 41 1.28 16.31 0.47
C GLY A 41 0.34 15.14 0.31
N ASP A 42 0.83 14.08 -0.35
CA ASP A 42 0.02 12.89 -0.57
C ASP A 42 0.78 11.64 -0.14
N PHE A 43 0.07 10.51 -0.08
CA PHE A 43 0.68 9.25 0.32
C PHE A 43 0.29 8.13 -0.65
N VAL A 44 0.94 6.98 -0.51
CA VAL A 44 0.67 5.84 -1.37
C VAL A 44 0.58 4.55 -0.57
N LEU A 45 -0.52 3.84 -0.72
CA LEU A 45 -0.73 2.58 -0.02
C LEU A 45 -0.39 1.38 -0.90
N SER A 46 0.73 0.73 -0.60
CA SER A 46 1.17 -0.42 -1.37
C SER A 46 0.81 -1.72 -0.67
N VAL A 47 0.34 -2.71 -1.44
CA VAL A 47 -0.04 -3.99 -0.89
C VAL A 47 0.28 -5.12 -1.85
N LEU A 48 0.86 -6.20 -1.32
CA LEU A 48 1.23 -7.35 -2.15
C LEU A 48 0.05 -8.32 -2.28
N SER A 49 -0.32 -8.61 -3.53
CA SER A 49 -1.43 -9.53 -3.79
C SER A 49 -0.96 -10.97 -3.72
N ASP A 50 -1.89 -11.86 -3.35
CA ASP A 50 -1.57 -13.28 -3.26
C ASP A 50 -1.47 -13.92 -4.64
N GLN A 51 -1.58 -13.08 -5.67
CA GLN A 51 -1.49 -13.56 -7.04
C GLN A 51 -0.13 -13.26 -7.65
N PRO A 52 0.63 -14.33 -7.97
CA PRO A 52 1.96 -14.21 -8.55
C PRO A 52 1.92 -13.69 -9.98
N LYS A 53 3.03 -13.08 -10.42
CA LYS A 53 3.12 -12.54 -11.76
C LYS A 53 3.16 -13.66 -12.80
N ALA A 54 3.85 -14.75 -12.47
CA ALA A 54 3.95 -15.88 -13.37
C ALA A 54 3.44 -17.16 -12.71
N GLY A 55 3.93 -17.45 -11.51
CA GLY A 55 3.51 -18.63 -10.80
C GLY A 55 4.38 -18.93 -9.59
N PRO A 56 4.65 -20.23 -9.37
CA PRO A 56 5.48 -20.67 -8.23
C PRO A 56 6.95 -20.29 -8.41
N GLY A 57 7.37 -19.27 -7.68
CA GLY A 57 8.76 -18.82 -7.77
C GLY A 57 8.87 -17.38 -8.21
N SER A 58 7.76 -16.81 -8.67
CA SER A 58 7.74 -15.43 -9.13
C SER A 58 7.24 -14.50 -8.05
N PRO A 59 7.68 -13.24 -8.09
CA PRO A 59 7.29 -12.21 -7.11
C PRO A 59 5.83 -11.80 -7.26
N LEU A 60 5.11 -11.75 -6.14
CA LEU A 60 3.71 -11.37 -6.15
C LEU A 60 3.53 -9.95 -6.69
N ARG A 61 2.39 -9.72 -7.34
CA ARG A 61 2.10 -8.40 -7.90
C ARG A 61 1.79 -7.40 -6.79
N VAL A 62 2.16 -6.14 -7.02
CA VAL A 62 1.91 -5.09 -6.04
C VAL A 62 0.80 -4.15 -6.51
N THR A 63 0.14 -3.51 -5.54
CA THR A 63 -0.94 -2.59 -5.86
C THR A 63 -0.76 -1.25 -5.14
N HIS A 64 -0.49 -0.21 -5.91
CA HIS A 64 -0.28 1.12 -5.36
C HIS A 64 -1.58 1.92 -5.36
N ILE A 65 -2.21 2.04 -4.20
CA ILE A 65 -3.47 2.76 -4.08
C ILE A 65 -3.23 4.15 -3.51
N LYS A 66 -3.34 5.16 -4.36
CA LYS A 66 -3.15 6.55 -3.94
C LYS A 66 -3.94 6.85 -2.67
N VAL A 67 -3.29 7.53 -1.73
CA VAL A 67 -3.94 7.88 -0.47
C VAL A 67 -4.11 9.39 -0.35
N MET A 68 -5.35 9.85 -0.45
CA MET A 68 -5.65 11.28 -0.37
C MET A 68 -5.67 11.73 1.10
N CYS A 69 -5.04 12.87 1.37
CA CYS A 69 -4.97 13.41 2.72
C CYS A 69 -5.55 14.82 2.76
N GLU A 70 -6.62 14.98 3.54
CA GLU A 70 -7.27 16.28 3.67
C GLU A 70 -7.81 16.49 5.09
N GLY A 71 -7.75 17.72 5.56
CA GLY A 71 -8.24 18.02 6.90
C GLY A 71 -7.81 16.99 7.92
N GLY A 72 -6.50 16.83 8.07
CA GLY A 72 -5.98 15.85 9.02
C GLY A 72 -6.69 14.52 8.95
N ARG A 73 -6.95 14.05 7.73
CA ARG A 73 -7.64 12.78 7.52
C ARG A 73 -7.09 12.06 6.31
N TYR A 74 -7.62 10.87 6.04
CA TYR A 74 -7.18 10.06 4.90
C TYR A 74 -8.38 9.47 4.16
N THR A 75 -8.23 9.34 2.84
CA THR A 75 -9.29 8.79 2.02
C THR A 75 -8.74 8.20 0.73
N VAL A 76 -9.54 7.35 0.07
CA VAL A 76 -9.12 6.73 -1.17
C VAL A 76 -10.31 6.48 -2.09
N GLY A 77 -10.34 7.19 -3.21
CA GLY A 77 -11.43 7.04 -4.15
C GLY A 77 -12.70 7.71 -3.68
N GLY A 78 -13.15 7.37 -2.47
CA GLY A 78 -14.36 7.95 -1.93
C GLY A 78 -14.07 9.15 -1.04
N LEU A 79 -15.12 9.66 -0.41
CA LEU A 79 -14.98 10.82 0.48
C LEU A 79 -14.70 10.38 1.91
N GLU A 80 -15.04 9.13 2.22
CA GLU A 80 -14.82 8.59 3.56
C GLU A 80 -13.45 9.01 4.10
N THR A 81 -13.44 10.03 4.95
CA THR A 81 -12.20 10.52 5.52
C THR A 81 -12.00 9.98 6.94
N PHE A 82 -11.14 8.97 7.06
CA PHE A 82 -10.86 8.37 8.36
C PHE A 82 -10.08 9.32 9.25
N ASP A 83 -10.14 9.08 10.56
CA ASP A 83 -9.44 9.92 11.53
C ASP A 83 -7.93 9.91 11.27
N SER A 84 -7.42 8.75 10.88
CA SER A 84 -6.00 8.61 10.61
C SER A 84 -5.72 7.34 9.79
N LEU A 85 -4.50 7.23 9.29
CA LEU A 85 -4.11 6.07 8.49
C LEU A 85 -4.37 4.77 9.24
N THR A 86 -4.13 4.80 10.54
CA THR A 86 -4.34 3.62 11.39
C THR A 86 -5.78 3.13 11.30
N ASP A 87 -6.70 4.07 11.11
CA ASP A 87 -8.13 3.74 11.01
C ASP A 87 -8.50 3.37 9.58
N LEU A 88 -8.08 4.20 8.63
CA LEU A 88 -8.37 3.97 7.22
C LEU A 88 -7.83 2.61 6.78
N VAL A 89 -6.70 2.21 7.35
CA VAL A 89 -6.09 0.93 7.02
C VAL A 89 -6.73 -0.22 7.79
N GLU A 90 -6.81 -0.05 9.11
CA GLU A 90 -7.41 -1.07 9.97
C GLU A 90 -8.75 -1.55 9.40
N HIS A 91 -9.62 -0.60 9.09
CA HIS A 91 -10.93 -0.92 8.54
C HIS A 91 -10.81 -1.86 7.34
N PHE A 92 -9.76 -1.65 6.54
CA PHE A 92 -9.52 -2.48 5.37
C PHE A 92 -8.86 -3.80 5.75
N LYS A 93 -8.08 -3.77 6.84
CA LYS A 93 -7.39 -4.96 7.32
C LYS A 93 -8.38 -6.09 7.61
N LYS A 94 -9.61 -5.72 7.92
CA LYS A 94 -10.65 -6.70 8.22
C LYS A 94 -11.57 -6.90 7.02
N THR A 95 -12.03 -5.79 6.43
CA THR A 95 -12.91 -5.85 5.27
C THR A 95 -12.13 -6.01 3.98
N GLY A 96 -11.10 -5.17 3.82
CA GLY A 96 -10.28 -5.23 2.62
C GLY A 96 -10.59 -4.11 1.65
N ILE A 97 -9.77 -3.98 0.62
CA ILE A 97 -9.96 -2.93 -0.38
C ILE A 97 -10.37 -3.53 -1.73
N GLU A 98 -11.52 -3.08 -2.23
CA GLU A 98 -12.03 -3.58 -3.50
C GLU A 98 -11.63 -2.64 -4.65
N GLU A 99 -10.90 -3.17 -5.62
CA GLU A 99 -10.46 -2.39 -6.76
C GLU A 99 -11.61 -2.15 -7.74
N ALA A 100 -11.65 -0.96 -8.32
CA ALA A 100 -12.70 -0.61 -9.27
C ALA A 100 -12.97 -1.75 -10.24
N SER A 101 -11.92 -2.51 -10.56
CA SER A 101 -12.04 -3.65 -11.47
C SER A 101 -12.80 -4.79 -10.82
N GLY A 102 -12.47 -5.08 -9.56
CA GLY A 102 -13.13 -6.15 -8.85
C GLY A 102 -12.21 -6.84 -7.85
N ALA A 103 -10.91 -6.74 -8.09
CA ALA A 103 -9.92 -7.35 -7.20
C ALA A 103 -10.19 -6.99 -5.75
N PHE A 104 -9.65 -7.78 -4.83
CA PHE A 104 -9.84 -7.54 -3.40
C PHE A 104 -8.52 -7.65 -2.65
N VAL A 105 -7.96 -6.51 -2.28
CA VAL A 105 -6.69 -6.48 -1.56
C VAL A 105 -6.90 -6.68 -0.06
N TYR A 106 -6.02 -7.46 0.55
CA TYR A 106 -6.12 -7.74 1.98
C TYR A 106 -4.83 -7.37 2.69
N LEU A 107 -4.94 -6.60 3.77
CA LEU A 107 -3.78 -6.18 4.54
C LEU A 107 -3.74 -6.87 5.90
N ARG A 108 -2.79 -7.80 6.06
CA ARG A 108 -2.64 -8.54 7.31
C ARG A 108 -1.22 -8.43 7.84
N GLN A 109 -0.27 -8.28 6.93
CA GLN A 109 1.14 -8.16 7.31
C GLN A 109 1.63 -6.73 7.18
N PRO A 110 1.70 -6.03 8.33
CA PRO A 110 2.15 -4.63 8.37
C PRO A 110 3.64 -4.49 8.06
N TYR A 111 3.96 -4.29 6.78
CA TYR A 111 5.35 -4.15 6.37
C TYR A 111 6.07 -3.09 7.20
N TYR A 112 7.11 -3.52 7.91
CA TYR A 112 7.88 -2.61 8.76
C TYR A 112 9.12 -2.12 8.03
N SER A 113 9.69 -1.03 8.52
CA SER A 113 10.89 -0.45 7.93
C SER A 113 12.11 -1.35 8.16
N GLY A 114 13.20 -1.04 7.46
CA GLY A 114 14.41 -1.83 7.61
C GLY A 114 15.48 -1.10 8.38
N PRO A 115 16.44 -1.86 8.93
CA PRO A 115 17.55 -1.31 9.70
C PRO A 115 18.53 -0.52 8.84
N SER A 116 18.65 -0.92 7.58
CA SER A 116 19.55 -0.26 6.65
C SER A 116 19.19 -0.58 5.20
N SER A 117 19.50 0.34 4.30
CA SER A 117 19.20 0.15 2.88
C SER A 117 20.16 -0.85 2.26
N GLY A 118 19.68 -1.57 1.25
CA GLY A 118 20.51 -2.56 0.57
C GLY A 118 20.77 -3.78 1.44
N ALA B 1 9.96 1.49 -22.98
CA ALA B 1 8.82 1.48 -22.07
C ALA B 1 9.12 2.29 -20.81
N THR B 2 8.87 3.60 -20.88
CA THR B 2 9.11 4.49 -19.76
C THR B 2 7.81 5.11 -19.27
N GLU B 3 7.49 4.89 -18.00
CA GLU B 3 6.27 5.43 -17.40
C GLU B 3 6.58 6.67 -16.57
N GLN B 4 5.86 7.75 -16.84
CA GLN B 4 6.05 9.00 -16.11
C GLN B 4 6.00 8.77 -14.60
N GLU B 5 4.96 8.07 -14.16
CA GLU B 5 4.78 7.78 -12.74
C GLU B 5 4.33 6.33 -12.53
N ILE B 6 4.26 5.93 -11.27
CA ILE B 6 3.84 4.57 -10.93
C ILE B 6 2.37 4.34 -11.29
N THR B 7 2.04 3.12 -11.66
CA THR B 7 0.67 2.77 -12.03
C THR B 7 -0.14 2.37 -10.80
N PTR B 8 -1.16 3.17 -10.48
CA PTR B 8 -2.01 2.90 -9.33
C PTR B 8 -3.30 2.21 -9.76
O PTR B 8 -3.70 2.28 -10.93
CB PTR B 8 -2.34 4.20 -8.60
CG PTR B 8 -1.12 4.89 -8.02
CD1 PTR B 8 -0.13 5.40 -8.85
CD2 PTR B 8 -0.96 5.03 -6.65
CE1 PTR B 8 0.99 6.03 -8.33
CE2 PTR B 8 0.15 5.66 -6.11
CZ PTR B 8 1.12 6.16 -6.96
OH PTR B 8 2.22 6.78 -6.44
P PTR B 8 2.86 8.14 -6.98
O1P PTR B 8 3.89 7.85 -8.00
O2P PTR B 8 1.80 8.98 -7.60
O3P PTR B 8 3.48 8.90 -5.88
H PTR B 8 -1.34 3.96 -11.03
HA PTR B 8 -1.46 2.24 -8.67
HB2 PTR B 8 -2.81 4.89 -9.29
HB3 PTR B 8 -3.01 3.99 -7.78
HD1 PTR B 8 -0.23 5.29 -9.92
HD2 PTR B 8 -1.73 4.64 -5.98
HE1 PTR B 8 1.75 6.41 -8.99
HE2 PTR B 8 0.25 5.76 -5.05
N ALA B 9 -3.95 1.54 -8.81
CA ALA B 9 -5.19 0.84 -9.09
C ALA B 9 -6.38 1.58 -8.51
N GLU B 10 -7.27 2.06 -9.38
CA GLU B 10 -8.46 2.79 -8.95
C GLU B 10 -9.35 1.92 -8.07
N LEU B 11 -10.00 2.55 -7.09
CA LEU B 11 -10.88 1.84 -6.17
C LEU B 11 -12.33 2.26 -6.38
N ASN B 12 -13.24 1.56 -5.70
CA ASN B 12 -14.66 1.86 -5.81
C ASN B 12 -15.14 2.68 -4.60
N LEU B 13 -15.79 3.80 -4.88
CA LEU B 13 -16.30 4.68 -3.83
C LEU B 13 -17.82 4.71 -3.83
N GLN B 14 -18.39 5.54 -2.96
CA GLN B 14 -19.84 5.67 -2.87
C GLN B 14 -20.37 6.57 -3.99
N LYS B 15 -20.46 6.01 -5.20
CA LYS B 15 -20.96 6.76 -6.34
C LYS B 15 -22.28 6.18 -6.83
N GLY A 1 8.56 -11.34 25.23
CA GLY A 1 7.46 -11.58 26.15
C GLY A 1 6.15 -11.05 25.63
N SER A 2 5.62 -10.04 26.31
CA SER A 2 4.34 -9.43 25.93
C SER A 2 4.54 -7.97 25.50
N SER A 3 4.16 -7.67 24.27
CA SER A 3 4.30 -6.32 23.74
C SER A 3 3.60 -6.18 22.39
N GLY A 4 2.63 -5.27 22.32
CA GLY A 4 1.90 -5.07 21.08
C GLY A 4 2.12 -3.68 20.50
N SER A 5 3.28 -3.48 19.89
CA SER A 5 3.62 -2.18 19.31
C SER A 5 3.41 -2.21 17.79
N SER A 6 3.08 -1.06 17.22
CA SER A 6 2.85 -0.94 15.80
C SER A 6 3.89 -0.04 15.14
N GLY A 7 3.87 0.02 13.82
CA GLY A 7 4.81 0.85 13.09
C GLY A 7 5.04 0.37 11.67
N TRP A 8 4.03 0.56 10.82
CA TRP A 8 4.11 0.13 9.43
C TRP A 8 4.60 1.28 8.55
N TYR A 9 4.34 2.50 8.98
CA TYR A 9 4.74 3.69 8.24
C TYR A 9 6.23 3.65 7.91
N HIS A 10 6.57 3.93 6.66
CA HIS A 10 7.96 3.93 6.22
C HIS A 10 8.53 5.35 6.21
N GLY A 11 8.09 6.14 5.22
CA GLY A 11 8.57 7.50 5.11
C GLY A 11 8.93 7.87 3.69
N HIS A 12 10.21 7.77 3.35
CA HIS A 12 10.68 8.09 2.01
C HIS A 12 10.86 6.83 1.17
N MET A 13 10.01 6.67 0.16
CA MET A 13 10.08 5.51 -0.72
C MET A 13 9.33 5.77 -2.02
N SER A 14 9.72 5.07 -3.08
CA SER A 14 9.09 5.22 -4.38
C SER A 14 8.53 3.89 -4.87
N GLY A 15 7.37 3.96 -5.52
CA GLY A 15 6.74 2.75 -6.04
C GLY A 15 7.74 1.78 -6.63
N GLY A 16 8.86 2.31 -7.10
CA GLY A 16 9.89 1.47 -7.70
C GLY A 16 10.64 0.64 -6.67
N GLN A 17 10.91 1.25 -5.51
CA GLN A 17 11.62 0.57 -4.45
C GLN A 17 10.69 -0.35 -3.67
N ALA A 18 9.44 0.06 -3.54
CA ALA A 18 8.44 -0.72 -2.82
C ALA A 18 8.26 -2.10 -3.45
N GLU A 19 7.77 -2.11 -4.68
CA GLU A 19 7.54 -3.37 -5.40
C GLU A 19 8.70 -4.35 -5.16
N THR A 20 9.91 -3.83 -5.19
CA THR A 20 11.10 -4.64 -4.97
C THR A 20 11.21 -5.10 -3.52
N LEU A 21 10.94 -4.17 -2.61
CA LEU A 21 11.00 -4.47 -1.17
C LEU A 21 9.96 -5.52 -0.80
N LEU A 22 8.69 -5.16 -0.91
CA LEU A 22 7.61 -6.07 -0.57
C LEU A 22 7.90 -7.49 -1.08
N GLN A 23 8.06 -7.61 -2.39
CA GLN A 23 8.35 -8.90 -3.00
C GLN A 23 9.56 -9.56 -2.33
N ALA A 24 10.48 -8.75 -1.83
CA ALA A 24 11.67 -9.25 -1.16
C ALA A 24 11.31 -10.13 0.02
N LYS A 25 10.40 -9.65 0.86
CA LYS A 25 9.97 -10.40 2.04
C LYS A 25 9.27 -11.70 1.62
N GLY A 26 8.38 -11.60 0.64
CA GLY A 26 7.66 -12.77 0.17
C GLY A 26 6.45 -13.08 1.03
N GLU A 27 5.91 -12.07 1.69
CA GLU A 27 4.75 -12.24 2.55
C GLU A 27 3.49 -11.71 1.88
N PRO A 28 2.51 -12.59 1.65
CA PRO A 28 1.24 -12.23 1.02
C PRO A 28 0.37 -11.36 1.92
N TRP A 29 -0.39 -10.46 1.30
CA TRP A 29 -1.27 -9.56 2.05
C TRP A 29 -0.45 -8.59 2.89
N THR A 30 0.68 -8.14 2.36
CA THR A 30 1.55 -7.21 3.07
C THR A 30 1.38 -5.79 2.53
N PHE A 31 0.90 -4.89 3.40
CA PHE A 31 0.70 -3.50 3.02
C PHE A 31 1.77 -2.60 3.63
N LEU A 32 2.05 -1.49 2.96
CA LEU A 32 3.06 -0.55 3.45
C LEU A 32 2.70 0.88 3.05
N VAL A 33 2.71 1.78 4.02
CA VAL A 33 2.39 3.18 3.78
C VAL A 33 3.65 4.00 3.54
N ARG A 34 3.61 4.87 2.54
CA ARG A 34 4.75 5.71 2.21
C ARG A 34 4.28 7.09 1.74
N GLU A 35 5.25 7.95 1.43
CA GLU A 35 4.94 9.31 0.97
C GLU A 35 5.06 9.41 -0.55
N SER A 36 4.04 9.97 -1.18
CA SER A 36 4.02 10.13 -2.63
C SER A 36 5.10 11.11 -3.08
N LEU A 37 5.74 10.79 -4.20
CA LEU A 37 6.80 11.64 -4.73
C LEU A 37 6.23 12.64 -5.74
N SER A 38 5.08 12.30 -6.32
CA SER A 38 4.43 13.16 -7.30
C SER A 38 3.42 14.08 -6.63
N GLN A 39 2.31 13.50 -6.19
CA GLN A 39 1.26 14.28 -5.53
C GLN A 39 1.73 14.80 -4.18
N PRO A 40 1.42 16.07 -3.89
CA PRO A 40 1.80 16.72 -2.63
C PRO A 40 1.04 16.16 -1.44
N GLY A 41 1.65 16.23 -0.26
CA GLY A 41 1.02 15.73 0.94
C GLY A 41 0.15 14.51 0.67
N ASP A 42 0.59 13.67 -0.25
CA ASP A 42 -0.15 12.46 -0.60
C ASP A 42 0.61 11.21 -0.19
N PHE A 43 -0.09 10.10 -0.05
CA PHE A 43 0.52 8.84 0.35
C PHE A 43 0.16 7.73 -0.64
N VAL A 44 0.98 6.68 -0.67
CA VAL A 44 0.75 5.56 -1.56
C VAL A 44 0.64 4.25 -0.78
N LEU A 45 -0.51 3.59 -0.90
CA LEU A 45 -0.74 2.33 -0.20
C LEU A 45 -0.37 1.14 -1.09
N SER A 46 0.78 0.53 -0.79
CA SER A 46 1.25 -0.61 -1.56
C SER A 46 1.00 -1.91 -0.80
N VAL A 47 0.25 -2.82 -1.43
CA VAL A 47 -0.07 -4.11 -0.84
C VAL A 47 0.34 -5.25 -1.74
N LEU A 48 0.94 -6.28 -1.14
CA LEU A 48 1.38 -7.45 -1.90
C LEU A 48 0.28 -8.50 -1.97
N SER A 49 -0.08 -8.90 -3.19
CA SER A 49 -1.11 -9.90 -3.40
C SER A 49 -0.52 -11.30 -3.40
N ASP A 50 -1.29 -12.26 -2.88
CA ASP A 50 -0.84 -13.64 -2.83
C ASP A 50 -0.79 -14.26 -4.22
N GLN A 51 -1.15 -13.46 -5.23
CA GLN A 51 -1.14 -13.93 -6.61
C GLN A 51 0.11 -13.44 -7.34
N PRO A 52 0.87 -14.38 -7.91
CA PRO A 52 2.11 -14.06 -8.65
C PRO A 52 1.82 -13.35 -9.97
N LYS A 53 2.82 -12.65 -10.48
CA LYS A 53 2.69 -11.93 -11.74
C LYS A 53 2.91 -12.86 -12.93
N ALA A 54 3.81 -13.82 -12.77
CA ALA A 54 4.12 -14.77 -13.82
C ALA A 54 4.18 -16.19 -13.28
N GLY A 55 3.02 -16.83 -13.17
CA GLY A 55 2.97 -18.19 -12.65
C GLY A 55 3.90 -18.41 -11.47
N PRO A 56 4.29 -19.67 -11.24
CA PRO A 56 5.18 -20.04 -10.15
C PRO A 56 6.61 -19.55 -10.38
N GLY A 57 7.28 -19.15 -9.29
CA GLY A 57 8.65 -18.67 -9.40
C GLY A 57 8.72 -17.16 -9.50
N SER A 58 7.61 -16.54 -9.93
CA SER A 58 7.56 -15.09 -10.07
C SER A 58 7.15 -14.44 -8.76
N PRO A 59 7.61 -13.19 -8.55
CA PRO A 59 7.31 -12.43 -7.33
C PRO A 59 5.83 -12.00 -7.27
N LEU A 60 5.28 -12.00 -6.06
CA LEU A 60 3.89 -11.62 -5.87
C LEU A 60 3.63 -10.22 -6.43
N ARG A 61 2.48 -10.05 -7.09
CA ARG A 61 2.11 -8.77 -7.67
C ARG A 61 1.77 -7.76 -6.59
N VAL A 62 2.08 -6.50 -6.83
CA VAL A 62 1.81 -5.43 -5.87
C VAL A 62 0.71 -4.51 -6.39
N THR A 63 0.06 -3.80 -5.47
CA THR A 63 -1.01 -2.88 -5.84
C THR A 63 -0.80 -1.51 -5.18
N HIS A 64 -0.63 -0.48 -6.00
CA HIS A 64 -0.44 0.87 -5.51
C HIS A 64 -1.74 1.65 -5.48
N ILE A 65 -2.31 1.82 -4.29
CA ILE A 65 -3.56 2.55 -4.14
C ILE A 65 -3.32 3.95 -3.60
N LYS A 66 -3.51 4.94 -4.46
CA LYS A 66 -3.31 6.34 -4.08
C LYS A 66 -4.12 6.68 -2.83
N VAL A 67 -3.45 7.23 -1.83
CA VAL A 67 -4.11 7.61 -0.58
C VAL A 67 -4.19 9.12 -0.43
N MET A 68 -5.39 9.66 -0.62
CA MET A 68 -5.60 11.10 -0.50
C MET A 68 -5.58 11.54 0.96
N CYS A 69 -4.71 12.48 1.27
CA CYS A 69 -4.58 12.99 2.64
C CYS A 69 -4.82 14.50 2.68
N GLU A 70 -6.04 14.89 3.08
CA GLU A 70 -6.39 16.30 3.16
C GLU A 70 -6.48 16.75 4.61
N GLY A 71 -6.18 18.02 4.84
CA GLY A 71 -6.23 18.56 6.19
C GLY A 71 -5.64 17.62 7.22
N GLY A 72 -6.50 16.76 7.79
CA GLY A 72 -6.04 15.81 8.78
C GLY A 72 -6.77 14.49 8.70
N ARG A 73 -7.14 14.09 7.49
CA ARG A 73 -7.85 12.84 7.28
C ARG A 73 -7.27 12.07 6.08
N TYR A 74 -7.85 10.92 5.78
CA TYR A 74 -7.39 10.10 4.67
C TYR A 74 -8.57 9.47 3.93
N THR A 75 -8.43 9.31 2.62
CA THR A 75 -9.48 8.73 1.80
C THR A 75 -8.89 8.04 0.57
N VAL A 76 -9.68 7.16 -0.05
CA VAL A 76 -9.24 6.44 -1.24
C VAL A 76 -10.40 6.18 -2.18
N GLY A 77 -10.37 6.84 -3.34
CA GLY A 77 -11.42 6.68 -4.32
C GLY A 77 -12.69 7.40 -3.93
N GLY A 78 -13.20 7.10 -2.74
CA GLY A 78 -14.43 7.74 -2.28
C GLY A 78 -14.15 8.93 -1.38
N LEU A 79 -15.18 9.40 -0.68
CA LEU A 79 -15.04 10.55 0.20
C LEU A 79 -14.72 10.09 1.63
N GLU A 80 -15.01 8.83 1.93
CA GLU A 80 -14.76 8.27 3.24
C GLU A 80 -13.45 8.82 3.83
N THR A 81 -13.56 9.84 4.66
CA THR A 81 -12.40 10.45 5.29
C THR A 81 -12.19 9.94 6.70
N PHE A 82 -11.23 9.02 6.86
CA PHE A 82 -10.93 8.45 8.18
C PHE A 82 -10.14 9.43 9.03
N ASP A 83 -10.31 9.34 10.35
CA ASP A 83 -9.61 10.21 11.28
C ASP A 83 -8.11 10.24 10.97
N SER A 84 -7.54 9.06 10.75
CA SER A 84 -6.11 8.95 10.46
C SER A 84 -5.82 7.68 9.66
N LEU A 85 -4.59 7.57 9.17
CA LEU A 85 -4.18 6.40 8.39
C LEU A 85 -4.42 5.11 9.18
N THR A 86 -4.09 5.15 10.47
CA THR A 86 -4.27 3.99 11.33
C THR A 86 -5.70 3.47 11.28
N ASP A 87 -6.65 4.39 11.07
CA ASP A 87 -8.06 4.04 11.01
C ASP A 87 -8.44 3.60 9.60
N LEU A 88 -8.06 4.40 8.61
CA LEU A 88 -8.36 4.09 7.21
C LEU A 88 -7.80 2.73 6.82
N VAL A 89 -6.62 2.41 7.32
CA VAL A 89 -5.98 1.13 7.03
C VAL A 89 -6.60 0.01 7.85
N GLU A 90 -6.78 0.25 9.15
CA GLU A 90 -7.36 -0.74 10.04
C GLU A 90 -8.73 -1.18 9.54
N HIS A 91 -9.46 -0.26 8.91
CA HIS A 91 -10.78 -0.55 8.39
C HIS A 91 -10.71 -1.62 7.29
N PHE A 92 -9.68 -1.52 6.46
CA PHE A 92 -9.50 -2.49 5.37
C PHE A 92 -8.81 -3.74 5.87
N LYS A 93 -8.06 -3.62 6.96
CA LYS A 93 -7.35 -4.75 7.53
C LYS A 93 -8.32 -5.83 8.00
N LYS A 94 -9.53 -5.41 8.36
CA LYS A 94 -10.56 -6.35 8.81
C LYS A 94 -11.56 -6.64 7.70
N THR A 95 -11.91 -5.61 6.95
CA THR A 95 -12.86 -5.75 5.85
C THR A 95 -12.16 -6.10 4.54
N GLY A 96 -11.11 -5.33 4.22
CA GLY A 96 -10.36 -5.57 3.00
C GLY A 96 -10.72 -4.59 1.91
N ILE A 97 -9.73 -4.22 1.10
CA ILE A 97 -9.94 -3.28 0.00
C ILE A 97 -10.48 -4.00 -1.23
N GLU A 98 -11.00 -3.23 -2.17
CA GLU A 98 -11.56 -3.78 -3.40
C GLU A 98 -11.33 -2.82 -4.58
N GLU A 99 -10.46 -3.23 -5.50
CA GLU A 99 -10.17 -2.41 -6.67
C GLU A 99 -11.37 -2.32 -7.59
N ALA A 100 -11.59 -1.14 -8.17
CA ALA A 100 -12.71 -0.92 -9.07
C ALA A 100 -12.83 -2.07 -10.08
N SER A 101 -11.69 -2.55 -10.57
CA SER A 101 -11.67 -3.64 -11.53
C SER A 101 -12.50 -4.83 -11.03
N GLY A 102 -12.44 -5.07 -9.72
CA GLY A 102 -13.17 -6.17 -9.14
C GLY A 102 -12.31 -7.06 -8.26
N ALA A 103 -11.07 -6.61 -8.03
CA ALA A 103 -10.14 -7.37 -7.21
C ALA A 103 -10.27 -7.01 -5.74
N PHE A 104 -9.71 -7.84 -4.86
CA PHE A 104 -9.78 -7.59 -3.43
C PHE A 104 -8.39 -7.66 -2.80
N VAL A 105 -8.02 -6.60 -2.09
CA VAL A 105 -6.71 -6.53 -1.45
C VAL A 105 -6.85 -6.57 0.07
N TYR A 106 -6.32 -7.63 0.67
CA TYR A 106 -6.39 -7.79 2.12
C TYR A 106 -5.06 -7.43 2.77
N LEU A 107 -5.13 -6.66 3.86
CA LEU A 107 -3.93 -6.23 4.57
C LEU A 107 -3.89 -6.85 5.97
N ARG A 108 -2.90 -7.71 6.20
CA ARG A 108 -2.74 -8.37 7.49
C ARG A 108 -1.32 -8.19 8.02
N GLN A 109 -0.36 -8.16 7.11
CA GLN A 109 1.05 -8.00 7.49
C GLN A 109 1.50 -6.57 7.28
N PRO A 110 1.52 -5.78 8.37
CA PRO A 110 1.93 -4.37 8.33
C PRO A 110 3.43 -4.22 8.08
N TYR A 111 3.80 -4.11 6.81
CA TYR A 111 5.20 -3.96 6.44
C TYR A 111 5.89 -2.90 7.30
N TYR A 112 6.85 -3.34 8.10
CA TYR A 112 7.58 -2.44 8.99
C TYR A 112 8.73 -1.78 8.24
N SER A 113 9.36 -0.79 8.89
CA SER A 113 10.48 -0.08 8.29
C SER A 113 11.81 -0.68 8.72
N GLY A 114 12.70 -0.89 7.76
CA GLY A 114 14.00 -1.47 8.06
C GLY A 114 14.99 -1.28 6.93
N PRO A 115 16.26 -1.05 7.28
CA PRO A 115 17.33 -0.85 6.30
C PRO A 115 17.67 -2.12 5.54
N SER A 116 18.71 -2.06 4.72
CA SER A 116 19.14 -3.22 3.93
C SER A 116 20.60 -3.55 4.20
N SER A 117 20.98 -4.79 3.92
CA SER A 117 22.36 -5.23 4.14
C SER A 117 23.31 -4.52 3.18
N GLY A 118 23.77 -3.34 3.58
CA GLY A 118 24.69 -2.58 2.75
C GLY A 118 25.74 -3.45 2.10
N ALA B 1 6.15 17.19 -15.02
CA ALA B 1 6.33 16.39 -16.22
C ALA B 1 6.19 14.91 -15.91
N THR B 2 5.69 14.14 -16.88
CA THR B 2 5.50 12.71 -16.70
C THR B 2 6.82 11.97 -16.75
N GLU B 3 7.16 11.29 -15.66
CA GLU B 3 8.41 10.54 -15.57
C GLU B 3 8.42 9.65 -14.33
N GLN B 4 8.74 8.37 -14.53
CA GLN B 4 8.78 7.42 -13.44
C GLN B 4 7.51 7.47 -12.61
N GLU B 5 6.37 7.51 -13.30
CA GLU B 5 5.08 7.56 -12.64
C GLU B 5 4.43 6.17 -12.58
N ILE B 6 3.69 5.90 -11.52
CA ILE B 6 3.03 4.62 -11.35
C ILE B 6 1.62 4.65 -11.95
N THR B 7 1.06 3.46 -12.19
CA THR B 7 -0.27 3.35 -12.75
C THR B 7 -1.33 3.35 -11.66
N PTR B 8 -0.96 2.88 -10.47
CA PTR B 8 -1.88 2.83 -9.34
C PTR B 8 -3.14 2.06 -9.71
O PTR B 8 -3.35 1.71 -10.87
CB PTR B 8 -2.24 4.24 -8.87
CG PTR B 8 -1.07 5.00 -8.27
CD1 PTR B 8 -0.82 4.95 -6.91
CD2 PTR B 8 -0.23 5.75 -9.08
CE1 PTR B 8 0.25 5.63 -6.36
CE2 PTR B 8 0.84 6.45 -8.53
CZ PTR B 8 1.07 6.38 -7.17
OH PTR B 8 2.13 7.06 -6.62
P PTR B 8 2.61 8.53 -7.07
O1P PTR B 8 1.51 9.50 -6.89
O2P PTR B 8 3.77 8.95 -6.26
O3P PTR B 8 3.01 8.51 -8.51
H PTR B 8 -0.03 2.58 -10.35
HA PTR B 8 -1.38 2.30 -8.53
HB2 PTR B 8 -2.60 4.80 -9.72
HB3 PTR B 8 -3.01 4.17 -8.13
HD1 PTR B 8 -1.47 4.36 -6.27
HD2 PTR B 8 -0.40 5.79 -10.14
HE1 PTR B 8 0.42 5.59 -5.29
HE2 PTR B 8 1.49 7.02 -9.17
N ALA B 9 -3.99 1.82 -8.71
CA ALA B 9 -5.24 1.10 -8.93
C ALA B 9 -6.42 1.86 -8.35
N GLU B 10 -7.38 2.20 -9.20
CA GLU B 10 -8.57 2.93 -8.76
C GLU B 10 -9.52 2.01 -7.99
N LEU B 11 -10.08 2.51 -6.90
CA LEU B 11 -11.01 1.75 -6.08
C LEU B 11 -12.45 2.00 -6.52
N ASN B 12 -13.39 1.35 -5.83
CA ASN B 12 -14.81 1.51 -6.14
C ASN B 12 -15.51 2.36 -5.09
N LEU B 13 -15.97 3.54 -5.49
CA LEU B 13 -16.67 4.45 -4.59
C LEU B 13 -18.13 4.58 -4.96
N GLN B 14 -18.40 5.35 -6.02
CA GLN B 14 -19.77 5.55 -6.49
C GLN B 14 -19.88 5.31 -7.99
N LYS B 15 -18.83 4.73 -8.57
CA LYS B 15 -18.81 4.45 -9.99
C LYS B 15 -19.60 5.48 -10.78
N GLY A 1 20.68 -5.34 20.63
CA GLY A 1 19.54 -4.89 19.86
C GLY A 1 19.01 -3.55 20.34
N SER A 2 19.17 -2.53 19.52
CA SER A 2 18.71 -1.18 19.86
C SER A 2 17.39 -0.88 19.17
N SER A 3 16.29 -0.91 19.94
CA SER A 3 14.97 -0.63 19.40
C SER A 3 14.66 0.85 19.48
N GLY A 4 14.06 1.39 18.41
CA GLY A 4 13.71 2.79 18.38
C GLY A 4 12.38 3.04 17.70
N SER A 5 12.41 3.21 16.37
CA SER A 5 11.21 3.46 15.60
C SER A 5 10.37 2.20 15.46
N SER A 6 9.10 2.37 15.14
CA SER A 6 8.18 1.24 14.98
C SER A 6 6.90 1.67 14.28
N GLY A 7 6.46 0.85 13.32
CA GLY A 7 5.25 1.16 12.59
C GLY A 7 5.35 0.75 11.12
N TRP A 8 4.20 0.67 10.46
CA TRP A 8 4.16 0.27 9.05
C TRP A 8 4.25 1.50 8.15
N TYR A 9 4.62 2.64 8.74
CA TYR A 9 4.75 3.88 7.99
C TYR A 9 6.12 3.99 7.34
N HIS A 10 6.13 4.15 6.02
CA HIS A 10 7.38 4.27 5.27
C HIS A 10 7.59 5.70 4.79
N GLY A 11 8.24 6.52 5.61
CA GLY A 11 8.50 7.89 5.25
C GLY A 11 8.74 8.08 3.76
N HIS A 12 10.00 7.99 3.36
CA HIS A 12 10.37 8.13 1.96
C HIS A 12 10.43 6.77 1.27
N MET A 13 9.68 6.64 0.18
CA MET A 13 9.66 5.39 -0.58
C MET A 13 8.90 5.56 -1.89
N SER A 14 9.56 5.28 -3.00
CA SER A 14 8.96 5.41 -4.32
C SER A 14 8.33 4.09 -4.76
N GLY A 15 7.32 4.18 -5.62
CA GLY A 15 6.65 2.98 -6.11
C GLY A 15 7.63 1.94 -6.62
N GLY A 16 8.76 2.40 -7.15
CA GLY A 16 9.76 1.49 -7.67
C GLY A 16 10.45 0.69 -6.58
N GLN A 17 10.57 1.30 -5.40
CA GLN A 17 11.23 0.65 -4.27
C GLN A 17 10.27 -0.33 -3.58
N ALA A 18 9.06 0.14 -3.31
CA ALA A 18 8.05 -0.69 -2.65
C ALA A 18 7.92 -2.05 -3.34
N GLU A 19 7.63 -2.02 -4.64
CA GLU A 19 7.48 -3.24 -5.41
C GLU A 19 8.67 -4.17 -5.21
N THR A 20 9.84 -3.58 -4.98
CA THR A 20 11.06 -4.36 -4.77
C THR A 20 11.13 -4.89 -3.34
N LEU A 21 10.79 -4.04 -2.38
CA LEU A 21 10.81 -4.43 -0.97
C LEU A 21 9.73 -5.47 -0.68
N LEU A 22 8.48 -5.08 -0.89
CA LEU A 22 7.35 -5.97 -0.66
C LEU A 22 7.67 -7.39 -1.13
N GLN A 23 8.08 -7.51 -2.39
CA GLN A 23 8.42 -8.81 -2.96
C GLN A 23 9.56 -9.46 -2.19
N ALA A 24 10.51 -8.65 -1.73
CA ALA A 24 11.65 -9.15 -0.97
C ALA A 24 11.20 -10.12 0.12
N LYS A 25 10.22 -9.72 0.91
CA LYS A 25 9.69 -10.55 1.97
C LYS A 25 8.96 -11.76 1.41
N GLY A 26 8.18 -11.54 0.36
CA GLY A 26 7.44 -12.63 -0.26
C GLY A 26 6.16 -12.96 0.50
N GLU A 27 5.92 -12.23 1.59
CA GLU A 27 4.73 -12.46 2.40
C GLU A 27 3.48 -11.90 1.73
N PRO A 28 2.51 -12.77 1.44
CA PRO A 28 1.26 -12.39 0.78
C PRO A 28 0.37 -11.55 1.71
N TRP A 29 -0.41 -10.66 1.11
CA TRP A 29 -1.32 -9.80 1.86
C TRP A 29 -0.54 -8.82 2.72
N THR A 30 0.65 -8.44 2.25
CA THR A 30 1.49 -7.50 2.98
C THR A 30 1.29 -6.08 2.47
N PHE A 31 0.75 -5.23 3.32
CA PHE A 31 0.50 -3.83 2.96
C PHE A 31 1.52 -2.91 3.63
N LEU A 32 1.68 -1.72 3.07
CA LEU A 32 2.63 -0.75 3.61
C LEU A 32 2.29 0.67 3.13
N VAL A 33 2.31 1.62 4.05
CA VAL A 33 2.01 3.01 3.73
C VAL A 33 3.29 3.81 3.49
N ARG A 34 3.23 4.76 2.56
CA ARG A 34 4.38 5.59 2.24
C ARG A 34 3.94 7.00 1.89
N GLU A 35 4.91 7.83 1.48
CA GLU A 35 4.61 9.21 1.12
C GLU A 35 4.98 9.48 -0.34
N SER A 36 4.13 10.24 -1.02
CA SER A 36 4.36 10.57 -2.43
C SER A 36 5.54 11.54 -2.57
N LEU A 37 6.24 11.43 -3.69
CA LEU A 37 7.39 12.29 -3.96
C LEU A 37 7.10 13.25 -5.11
N SER A 38 6.12 12.89 -5.93
CA SER A 38 5.74 13.72 -7.07
C SER A 38 4.41 14.44 -6.80
N GLN A 39 3.58 13.83 -5.97
CA GLN A 39 2.29 14.42 -5.62
C GLN A 39 2.33 15.08 -4.25
N PRO A 40 2.33 16.42 -4.23
CA PRO A 40 2.38 17.19 -2.99
C PRO A 40 1.08 17.09 -2.20
N GLY A 41 1.17 16.54 -0.99
CA GLY A 41 -0.01 16.39 -0.15
C GLY A 41 -0.79 15.13 -0.47
N ASP A 42 -0.08 14.08 -0.88
CA ASP A 42 -0.71 12.81 -1.23
C ASP A 42 0.14 11.65 -0.76
N PHE A 43 -0.50 10.50 -0.56
CA PHE A 43 0.20 9.30 -0.11
C PHE A 43 -0.13 8.11 -1.02
N VAL A 44 0.66 7.05 -0.89
CA VAL A 44 0.46 5.84 -1.69
C VAL A 44 0.39 4.60 -0.81
N LEU A 45 -0.42 3.64 -1.23
CA LEU A 45 -0.57 2.39 -0.47
C LEU A 45 -0.09 1.20 -1.29
N SER A 46 0.87 0.46 -0.73
CA SER A 46 1.42 -0.70 -1.41
C SER A 46 0.99 -2.00 -0.71
N VAL A 47 0.52 -2.96 -1.49
CA VAL A 47 0.09 -4.24 -0.95
C VAL A 47 0.48 -5.40 -1.87
N LEU A 48 1.12 -6.41 -1.30
CA LEU A 48 1.56 -7.57 -2.07
C LEU A 48 0.45 -8.61 -2.14
N SER A 49 -0.01 -8.89 -3.36
CA SER A 49 -1.07 -9.87 -3.57
C SER A 49 -0.52 -11.29 -3.54
N ASP A 50 -1.39 -12.26 -3.30
CA ASP A 50 -0.98 -13.66 -3.24
C ASP A 50 -0.93 -14.26 -4.64
N GLN A 51 -1.08 -13.41 -5.65
CA GLN A 51 -1.05 -13.86 -7.04
C GLN A 51 0.27 -13.50 -7.70
N PRO A 52 1.04 -14.54 -8.11
CA PRO A 52 2.34 -14.35 -8.75
C PRO A 52 2.21 -13.76 -10.16
N LYS A 53 3.20 -12.98 -10.57
CA LYS A 53 3.19 -12.38 -11.89
C LYS A 53 3.05 -13.43 -12.98
N ALA A 54 3.79 -14.52 -12.84
CA ALA A 54 3.73 -15.61 -13.81
C ALA A 54 3.29 -16.91 -13.16
N GLY A 55 4.18 -17.51 -12.37
CA GLY A 55 3.86 -18.76 -11.70
C GLY A 55 4.71 -19.00 -10.49
N PRO A 56 5.06 -20.28 -10.25
CA PRO A 56 5.89 -20.67 -9.10
C PRO A 56 7.34 -20.20 -9.24
N GLY A 57 7.63 -19.03 -8.68
CA GLY A 57 8.98 -18.49 -8.76
C GLY A 57 8.98 -16.99 -9.02
N SER A 58 7.93 -16.50 -9.67
CA SER A 58 7.83 -15.08 -9.98
C SER A 58 7.41 -14.29 -8.75
N PRO A 59 7.80 -13.00 -8.72
CA PRO A 59 7.47 -12.10 -7.61
C PRO A 59 5.99 -11.76 -7.55
N LEU A 60 5.44 -11.74 -6.34
CA LEU A 60 4.03 -11.43 -6.15
C LEU A 60 3.70 -10.05 -6.69
N ARG A 61 2.52 -9.92 -7.30
CA ARG A 61 2.08 -8.66 -7.86
C ARG A 61 1.77 -7.65 -6.76
N VAL A 62 2.13 -6.39 -6.99
CA VAL A 62 1.89 -5.34 -6.01
C VAL A 62 0.74 -4.43 -6.46
N THR A 63 0.18 -3.69 -5.51
CA THR A 63 -0.93 -2.79 -5.80
C THR A 63 -0.71 -1.42 -5.19
N HIS A 64 -0.74 -0.39 -6.02
CA HIS A 64 -0.54 0.99 -5.55
C HIS A 64 -1.86 1.75 -5.53
N ILE A 65 -2.41 1.93 -4.33
CA ILE A 65 -3.67 2.65 -4.17
C ILE A 65 -3.43 4.08 -3.71
N LYS A 66 -3.72 5.04 -4.58
CA LYS A 66 -3.53 6.45 -4.25
C LYS A 66 -4.34 6.83 -3.01
N VAL A 67 -3.64 7.22 -1.95
CA VAL A 67 -4.28 7.61 -0.71
C VAL A 67 -4.41 9.11 -0.60
N MET A 68 -5.64 9.60 -0.61
CA MET A 68 -5.91 11.03 -0.52
C MET A 68 -5.81 11.51 0.93
N CYS A 69 -5.35 12.74 1.11
CA CYS A 69 -5.20 13.31 2.45
C CYS A 69 -5.58 14.80 2.44
N GLU A 70 -6.54 15.17 3.28
CA GLU A 70 -6.99 16.55 3.36
C GLU A 70 -6.85 17.08 4.79
N GLY A 71 -5.92 18.03 4.97
CA GLY A 71 -5.70 18.59 6.29
C GLY A 71 -5.01 17.62 7.23
N GLY A 72 -5.77 16.65 7.72
CA GLY A 72 -5.21 15.67 8.64
C GLY A 72 -5.91 14.33 8.56
N ARG A 73 -6.74 14.15 7.53
CA ARG A 73 -7.48 12.92 7.35
C ARG A 73 -6.96 12.14 6.13
N TYR A 74 -7.58 11.01 5.85
CA TYR A 74 -7.18 10.18 4.71
C TYR A 74 -8.39 9.47 4.10
N THR A 75 -8.36 9.29 2.79
CA THR A 75 -9.45 8.62 2.09
C THR A 75 -8.95 7.99 0.78
N VAL A 76 -9.83 7.23 0.14
CA VAL A 76 -9.49 6.56 -1.12
C VAL A 76 -10.65 6.59 -2.09
N GLY A 77 -10.48 7.33 -3.18
CA GLY A 77 -11.53 7.44 -4.18
C GLY A 77 -12.91 7.58 -3.57
N GLY A 78 -12.95 8.04 -2.32
CA GLY A 78 -14.22 8.21 -1.63
C GLY A 78 -14.23 9.42 -0.71
N LEU A 79 -15.34 9.62 -0.01
CA LEU A 79 -15.47 10.75 0.89
C LEU A 79 -15.05 10.36 2.31
N GLU A 80 -15.18 9.07 2.63
CA GLU A 80 -14.81 8.57 3.94
C GLU A 80 -13.40 9.02 4.33
N THR A 81 -13.32 10.10 5.10
CA THR A 81 -12.04 10.64 5.53
C THR A 81 -11.70 10.19 6.95
N PHE A 82 -10.83 9.19 7.06
CA PHE A 82 -10.42 8.66 8.36
C PHE A 82 -9.51 9.65 9.08
N ASP A 83 -9.41 9.51 10.40
CA ASP A 83 -8.58 10.39 11.21
C ASP A 83 -7.10 10.16 10.89
N SER A 84 -6.72 8.90 10.72
CA SER A 84 -5.35 8.54 10.41
C SER A 84 -5.27 7.20 9.70
N LEU A 85 -4.10 6.90 9.12
CA LEU A 85 -3.90 5.65 8.41
C LEU A 85 -4.24 4.46 9.30
N THR A 86 -3.96 4.59 10.59
CA THR A 86 -4.24 3.51 11.54
C THR A 86 -5.72 3.17 11.56
N ASP A 87 -6.56 4.16 11.25
CA ASP A 87 -8.00 3.95 11.24
C ASP A 87 -8.47 3.49 9.86
N LEU A 88 -8.04 4.21 8.82
CA LEU A 88 -8.42 3.87 7.46
C LEU A 88 -7.95 2.46 7.09
N VAL A 89 -6.74 2.12 7.53
CA VAL A 89 -6.17 0.80 7.25
C VAL A 89 -6.88 -0.28 8.07
N GLU A 90 -6.99 -0.05 9.37
CA GLU A 90 -7.64 -1.01 10.26
C GLU A 90 -9.01 -1.41 9.73
N HIS A 91 -9.68 -0.46 9.07
CA HIS A 91 -11.01 -0.72 8.51
C HIS A 91 -10.91 -1.68 7.33
N PHE A 92 -9.87 -1.54 6.53
CA PHE A 92 -9.66 -2.40 5.37
C PHE A 92 -9.03 -3.72 5.77
N LYS A 93 -8.29 -3.70 6.88
CA LYS A 93 -7.62 -4.90 7.38
C LYS A 93 -8.64 -5.98 7.71
N LYS A 94 -9.87 -5.57 8.00
CA LYS A 94 -10.92 -6.51 8.33
C LYS A 94 -11.87 -6.70 7.15
N THR A 95 -12.22 -5.61 6.49
CA THR A 95 -13.11 -5.66 5.34
C THR A 95 -12.34 -5.90 4.05
N GLY A 96 -11.26 -5.15 3.86
CA GLY A 96 -10.45 -5.30 2.66
C GLY A 96 -10.73 -4.21 1.64
N ILE A 97 -9.75 -3.95 0.78
CA ILE A 97 -9.88 -2.93 -0.24
C ILE A 97 -10.34 -3.54 -1.56
N GLU A 98 -11.38 -2.94 -2.14
CA GLU A 98 -11.92 -3.43 -3.41
C GLU A 98 -11.38 -2.61 -4.58
N GLU A 99 -10.84 -3.31 -5.59
CA GLU A 99 -10.29 -2.66 -6.76
C GLU A 99 -11.35 -2.48 -7.84
N ALA A 100 -11.27 -1.36 -8.57
CA ALA A 100 -12.23 -1.08 -9.63
C ALA A 100 -12.61 -2.35 -10.39
N SER A 101 -11.60 -3.15 -10.73
CA SER A 101 -11.84 -4.39 -11.46
C SER A 101 -12.69 -5.35 -10.64
N GLY A 102 -12.45 -5.37 -9.33
CA GLY A 102 -13.20 -6.26 -8.46
C GLY A 102 -12.32 -6.96 -7.45
N ALA A 103 -11.03 -7.03 -7.73
CA ALA A 103 -10.08 -7.68 -6.84
C ALA A 103 -10.27 -7.21 -5.40
N PHE A 104 -9.81 -8.03 -4.46
CA PHE A 104 -9.93 -7.70 -3.03
C PHE A 104 -8.58 -7.81 -2.33
N VAL A 105 -7.97 -6.67 -2.06
CA VAL A 105 -6.69 -6.64 -1.37
C VAL A 105 -6.84 -6.76 0.14
N TYR A 106 -6.27 -7.81 0.69
CA TYR A 106 -6.35 -8.06 2.13
C TYR A 106 -5.05 -7.67 2.83
N LEU A 107 -5.15 -6.83 3.85
CA LEU A 107 -3.98 -6.38 4.59
C LEU A 107 -3.94 -7.03 5.97
N ARG A 108 -2.99 -7.94 6.16
CA ARG A 108 -2.85 -8.63 7.44
C ARG A 108 -1.43 -8.48 7.98
N GLN A 109 -0.46 -8.44 7.07
CA GLN A 109 0.94 -8.30 7.45
C GLN A 109 1.41 -6.86 7.28
N PRO A 110 1.45 -6.11 8.38
CA PRO A 110 1.88 -4.71 8.37
C PRO A 110 3.37 -4.56 8.12
N TYR A 111 3.75 -4.46 6.85
CA TYR A 111 5.15 -4.32 6.48
C TYR A 111 5.86 -3.33 7.40
N TYR A 112 7.10 -3.66 7.75
CA TYR A 112 7.89 -2.80 8.63
C TYR A 112 9.26 -2.52 8.01
N SER A 113 9.36 -1.41 7.27
CA SER A 113 10.61 -1.03 6.62
C SER A 113 11.39 -2.27 6.18
N GLY A 114 10.70 -3.17 5.48
CA GLY A 114 11.35 -4.38 5.01
C GLY A 114 12.78 -4.14 4.57
N PRO A 115 13.73 -4.48 5.45
CA PRO A 115 15.17 -4.31 5.17
C PRO A 115 15.66 -5.27 4.09
N SER A 116 14.78 -6.13 3.62
CA SER A 116 15.13 -7.10 2.59
C SER A 116 16.10 -8.14 3.14
N SER A 117 15.72 -8.78 4.23
CA SER A 117 16.55 -9.79 4.86
C SER A 117 15.85 -11.15 4.90
N GLY A 118 14.84 -11.30 4.04
CA GLY A 118 14.10 -12.54 3.99
C GLY A 118 14.80 -13.62 3.18
N ALA B 1 17.90 3.01 -18.01
CA ALA B 1 17.60 4.43 -18.09
C ALA B 1 16.20 4.66 -18.67
N THR B 2 15.28 3.76 -18.35
CA THR B 2 13.91 3.85 -18.84
C THR B 2 13.04 4.68 -17.89
N GLU B 3 12.18 5.51 -18.45
CA GLU B 3 11.30 6.36 -17.65
C GLU B 3 10.00 5.63 -17.34
N GLN B 4 10.10 4.44 -16.76
CA GLN B 4 8.94 3.65 -16.41
C GLN B 4 8.31 4.14 -15.10
N GLU B 5 7.01 4.44 -15.16
CA GLU B 5 6.30 4.92 -13.98
C GLU B 5 5.28 3.90 -13.50
N ILE B 6 5.36 3.55 -12.21
CA ILE B 6 4.44 2.57 -11.64
C ILE B 6 2.99 2.93 -11.96
N THR B 7 2.12 1.93 -11.85
CA THR B 7 0.69 2.13 -12.13
C THR B 7 -0.16 1.78 -10.92
N PTR B 8 -1.13 2.62 -10.63
CA PTR B 8 -2.02 2.40 -9.49
C PTR B 8 -3.24 1.58 -9.90
O PTR B 8 -3.51 1.40 -11.09
CB PTR B 8 -2.48 3.74 -8.90
CG PTR B 8 -1.36 4.53 -8.27
CD1 PTR B 8 -0.30 5.01 -9.03
CD2 PTR B 8 -1.37 4.81 -6.90
CE1 PTR B 8 0.73 5.73 -8.45
CE2 PTR B 8 -0.35 5.53 -6.32
CZ PTR B 8 0.70 6.00 -7.09
OH PTR B 8 1.72 6.72 -6.51
P PTR B 8 2.03 8.26 -6.81
O1P PTR B 8 2.16 8.48 -8.26
O2P PTR B 8 0.93 9.11 -6.29
O3P PTR B 8 3.28 8.65 -6.14
H PTR B 8 -1.26 3.42 -11.18
HA PTR B 8 -1.47 1.86 -8.74
HB2 PTR B 8 -2.91 4.35 -9.69
HB3 PTR B 8 -3.23 3.56 -8.15
HD1 PTR B 8 -0.28 4.80 -10.09
HD2 PTR B 8 -2.18 4.44 -6.30
HE1 PTR B 8 1.54 6.09 -9.06
HE2 PTR B 8 -0.37 5.74 -5.26
N ALA B 9 -3.97 1.07 -8.91
CA ALA B 9 -5.16 0.27 -9.17
C ALA B 9 -6.41 0.94 -8.60
N GLU B 10 -7.14 1.64 -9.46
CA GLU B 10 -8.36 2.32 -9.05
C GLU B 10 -9.18 1.44 -8.11
N LEU B 11 -10.03 2.08 -7.31
CA LEU B 11 -10.88 1.36 -6.37
C LEU B 11 -12.35 1.72 -6.57
N ASN B 12 -13.23 0.95 -5.93
CA ASN B 12 -14.67 1.20 -6.04
C ASN B 12 -15.32 1.26 -4.66
N LEU B 13 -15.70 2.47 -4.25
CA LEU B 13 -16.32 2.67 -2.95
C LEU B 13 -17.78 3.11 -3.11
N GLN B 14 -18.43 3.41 -1.99
CA GLN B 14 -19.83 3.83 -2.01
C GLN B 14 -20.07 4.86 -3.11
N LYS B 15 -19.12 5.78 -3.28
CA LYS B 15 -19.22 6.82 -4.28
C LYS B 15 -18.08 6.71 -5.29
N GLY A 1 -8.54 6.18 24.29
CA GLY A 1 -8.52 6.02 22.85
C GLY A 1 -7.45 5.05 22.39
N SER A 2 -7.35 4.84 21.08
CA SER A 2 -6.35 3.94 20.52
C SER A 2 -4.98 4.20 21.13
N SER A 3 -4.18 3.14 21.25
CA SER A 3 -2.85 3.25 21.81
C SER A 3 -1.86 3.81 20.79
N GLY A 4 -1.97 3.33 19.55
CA GLY A 4 -1.09 3.80 18.50
C GLY A 4 -1.13 2.90 17.28
N SER A 5 -0.90 1.61 17.49
CA SER A 5 -0.91 0.65 16.40
C SER A 5 -0.11 1.17 15.20
N SER A 6 1.03 1.80 15.48
CA SER A 6 1.88 2.36 14.44
C SER A 6 3.10 1.47 14.21
N GLY A 7 3.67 1.56 13.02
CA GLY A 7 4.85 0.78 12.70
C GLY A 7 5.01 0.57 11.20
N TRP A 8 3.96 0.06 10.56
CA TRP A 8 4.00 -0.18 9.12
C TRP A 8 4.61 1.02 8.38
N TYR A 9 4.25 2.21 8.81
CA TYR A 9 4.76 3.43 8.18
C TYR A 9 6.22 3.26 7.77
N HIS A 10 6.49 3.45 6.48
CA HIS A 10 7.84 3.33 5.96
C HIS A 10 8.45 4.69 5.67
N GLY A 11 7.97 5.71 6.38
CA GLY A 11 8.47 7.05 6.18
C GLY A 11 8.41 7.48 4.73
N HIS A 12 9.52 7.36 4.02
CA HIS A 12 9.59 7.74 2.62
C HIS A 12 9.87 6.53 1.73
N MET A 13 9.29 6.52 0.54
CA MET A 13 9.48 5.42 -0.40
C MET A 13 8.81 5.73 -1.74
N SER A 14 9.30 5.09 -2.80
CA SER A 14 8.76 5.30 -4.13
C SER A 14 8.12 4.02 -4.67
N GLY A 15 6.98 4.17 -5.33
CA GLY A 15 6.29 3.02 -5.88
C GLY A 15 7.25 1.98 -6.44
N GLY A 16 8.42 2.42 -6.88
CA GLY A 16 9.40 1.51 -7.43
C GLY A 16 10.12 0.72 -6.35
N GLN A 17 10.44 1.38 -5.25
CA GLN A 17 11.13 0.73 -4.14
C GLN A 17 10.21 -0.23 -3.40
N ALA A 18 8.92 0.12 -3.35
CA ALA A 18 7.94 -0.70 -2.67
C ALA A 18 7.82 -2.07 -3.33
N GLU A 19 7.54 -2.07 -4.63
CA GLU A 19 7.39 -3.32 -5.38
C GLU A 19 8.55 -4.26 -5.09
N THR A 20 9.77 -3.74 -5.22
CA THR A 20 10.97 -4.53 -4.97
C THR A 20 11.05 -4.98 -3.52
N LEU A 21 10.84 -4.04 -2.60
CA LEU A 21 10.89 -4.33 -1.17
C LEU A 21 9.90 -5.43 -0.82
N LEU A 22 8.61 -5.12 -0.93
CA LEU A 22 7.56 -6.09 -0.62
C LEU A 22 7.96 -7.50 -1.08
N GLN A 23 8.26 -7.63 -2.36
CA GLN A 23 8.65 -8.93 -2.92
C GLN A 23 9.88 -9.47 -2.20
N ALA A 24 10.74 -8.58 -1.73
CA ALA A 24 11.94 -8.97 -1.01
C ALA A 24 11.62 -9.92 0.14
N LYS A 25 10.65 -9.53 0.96
CA LYS A 25 10.24 -10.34 2.10
C LYS A 25 9.54 -11.62 1.63
N GLY A 26 8.65 -11.47 0.66
CA GLY A 26 7.93 -12.63 0.15
C GLY A 26 6.74 -13.00 1.01
N GLU A 27 6.10 -12.00 1.62
CA GLU A 27 4.95 -12.24 2.47
C GLU A 27 3.67 -11.73 1.81
N PRO A 28 2.72 -12.65 1.58
CA PRO A 28 1.44 -12.33 0.95
C PRO A 28 0.55 -11.48 1.86
N TRP A 29 -0.25 -10.61 1.25
CA TRP A 29 -1.16 -9.75 2.01
C TRP A 29 -0.37 -8.76 2.86
N THR A 30 0.75 -8.29 2.32
CA THR A 30 1.58 -7.32 3.04
C THR A 30 1.37 -5.91 2.51
N PHE A 31 0.90 -5.03 3.38
CA PHE A 31 0.65 -3.64 2.99
C PHE A 31 1.72 -2.72 3.58
N LEU A 32 1.95 -1.59 2.92
CA LEU A 32 2.94 -0.63 3.37
C LEU A 32 2.57 0.78 2.94
N VAL A 33 2.63 1.73 3.88
CA VAL A 33 2.29 3.11 3.59
C VAL A 33 3.55 3.94 3.32
N ARG A 34 3.51 4.73 2.25
CA ARG A 34 4.64 5.56 1.89
C ARG A 34 4.18 6.95 1.47
N GLU A 35 5.10 7.92 1.50
CA GLU A 35 4.79 9.29 1.13
C GLU A 35 4.89 9.48 -0.38
N SER A 36 3.97 10.26 -0.94
CA SER A 36 3.96 10.52 -2.38
C SER A 36 5.29 11.08 -2.84
N LEU A 37 5.39 11.38 -4.13
CA LEU A 37 6.61 11.92 -4.71
C LEU A 37 6.33 13.21 -5.46
N SER A 38 5.17 13.28 -6.11
CA SER A 38 4.78 14.46 -6.87
C SER A 38 3.53 15.09 -6.29
N GLN A 39 2.65 14.26 -5.75
CA GLN A 39 1.41 14.74 -5.16
C GLN A 39 1.67 15.53 -3.88
N PRO A 40 0.94 16.64 -3.70
CA PRO A 40 1.08 17.50 -2.53
C PRO A 40 0.59 16.83 -1.25
N GLY A 41 1.43 16.80 -0.23
CA GLY A 41 1.06 16.19 1.03
C GLY A 41 0.12 15.02 0.85
N ASP A 42 0.56 14.03 0.08
CA ASP A 42 -0.25 12.84 -0.17
C ASP A 42 0.51 11.58 0.21
N PHE A 43 -0.12 10.43 0.00
CA PHE A 43 0.49 9.14 0.32
C PHE A 43 -0.06 8.03 -0.57
N VAL A 44 0.62 6.89 -0.57
CA VAL A 44 0.19 5.76 -1.38
C VAL A 44 0.07 4.50 -0.53
N LEU A 45 -0.84 3.61 -0.91
CA LEU A 45 -1.05 2.37 -0.19
C LEU A 45 -0.67 1.17 -1.04
N SER A 46 0.52 0.61 -0.77
CA SER A 46 1.01 -0.54 -1.52
C SER A 46 0.72 -1.84 -0.76
N VAL A 47 0.34 -2.86 -1.51
CA VAL A 47 0.03 -4.16 -0.91
C VAL A 47 0.49 -5.30 -1.81
N LEU A 48 1.00 -6.36 -1.20
CA LEU A 48 1.46 -7.52 -1.96
C LEU A 48 0.41 -8.62 -1.98
N SER A 49 0.00 -9.01 -3.19
CA SER A 49 -1.01 -10.04 -3.35
C SER A 49 -0.39 -11.44 -3.29
N ASP A 50 -1.18 -12.43 -2.91
CA ASP A 50 -0.70 -13.80 -2.81
C ASP A 50 -0.74 -14.48 -4.17
N GLN A 51 -0.90 -13.69 -5.23
CA GLN A 51 -0.95 -14.22 -6.58
C GLN A 51 0.24 -13.74 -7.40
N PRO A 52 1.00 -14.70 -7.95
CA PRO A 52 2.18 -14.41 -8.77
C PRO A 52 1.81 -13.79 -10.12
N LYS A 53 2.75 -13.03 -10.69
CA LYS A 53 2.52 -12.38 -11.97
C LYS A 53 2.49 -13.40 -13.10
N ALA A 54 3.42 -14.34 -13.07
CA ALA A 54 3.51 -15.38 -14.09
C ALA A 54 3.71 -16.75 -13.47
N GLY A 55 2.61 -17.38 -13.06
CA GLY A 55 2.69 -18.69 -12.45
C GLY A 55 3.71 -18.75 -11.33
N PRO A 56 4.14 -19.98 -10.97
CA PRO A 56 5.12 -20.19 -9.91
C PRO A 56 6.51 -19.71 -10.31
N GLY A 57 7.25 -19.15 -9.34
CA GLY A 57 8.58 -18.67 -9.61
C GLY A 57 8.64 -17.16 -9.70
N SER A 58 7.61 -16.56 -10.29
CA SER A 58 7.55 -15.11 -10.44
C SER A 58 7.16 -14.44 -9.13
N PRO A 59 7.59 -13.17 -8.97
CA PRO A 59 7.31 -12.39 -7.76
C PRO A 59 5.84 -12.02 -7.64
N LEU A 60 5.34 -11.94 -6.41
CA LEU A 60 3.95 -11.59 -6.16
C LEU A 60 3.63 -10.21 -6.70
N ARG A 61 2.47 -10.08 -7.34
CA ARG A 61 2.04 -8.81 -7.91
C ARG A 61 1.69 -7.82 -6.82
N VAL A 62 2.13 -6.58 -6.99
CA VAL A 62 1.86 -5.52 -6.02
C VAL A 62 0.70 -4.64 -6.45
N THR A 63 0.08 -3.98 -5.50
CA THR A 63 -1.06 -3.10 -5.78
C THR A 63 -0.88 -1.74 -5.12
N HIS A 64 -0.74 -0.70 -5.94
CA HIS A 64 -0.56 0.66 -5.44
C HIS A 64 -1.89 1.41 -5.44
N ILE A 65 -2.34 1.81 -4.26
CA ILE A 65 -3.59 2.54 -4.13
C ILE A 65 -3.36 3.93 -3.55
N LYS A 66 -3.47 4.95 -4.41
CA LYS A 66 -3.27 6.33 -3.97
C LYS A 66 -4.07 6.63 -2.70
N VAL A 67 -3.51 7.49 -1.86
CA VAL A 67 -4.16 7.85 -0.61
C VAL A 67 -4.19 9.36 -0.42
N MET A 68 -5.33 9.97 -0.72
CA MET A 68 -5.49 11.41 -0.60
C MET A 68 -5.63 11.82 0.86
N CYS A 69 -4.94 12.88 1.26
CA CYS A 69 -4.99 13.37 2.63
C CYS A 69 -5.32 14.86 2.67
N GLU A 70 -6.51 15.18 3.17
CA GLU A 70 -6.95 16.57 3.25
C GLU A 70 -6.93 17.05 4.70
N GLY A 71 -6.08 18.04 4.98
CA GLY A 71 -5.98 18.58 6.32
C GLY A 71 -5.36 17.60 7.29
N GLY A 72 -6.15 16.63 7.74
CA GLY A 72 -5.66 15.63 8.67
C GLY A 72 -6.32 14.28 8.49
N ARG A 73 -7.06 14.12 7.40
CA ARG A 73 -7.75 12.87 7.11
C ARG A 73 -7.10 12.14 5.95
N TYR A 74 -7.67 11.00 5.58
CA TYR A 74 -7.14 10.19 4.49
C TYR A 74 -8.26 9.44 3.77
N THR A 75 -8.14 9.34 2.45
CA THR A 75 -9.14 8.64 1.65
C THR A 75 -8.52 8.01 0.42
N VAL A 76 -9.32 7.24 -0.32
CA VAL A 76 -8.84 6.58 -1.53
C VAL A 76 -9.84 6.71 -2.66
N GLY A 77 -9.46 7.44 -3.70
CA GLY A 77 -10.34 7.64 -4.84
C GLY A 77 -11.79 7.79 -4.43
N GLY A 78 -12.01 8.25 -3.21
CA GLY A 78 -13.37 8.44 -2.72
C GLY A 78 -13.47 9.55 -1.70
N LEU A 79 -14.63 9.67 -1.07
CA LEU A 79 -14.86 10.71 -0.08
C LEU A 79 -14.48 10.21 1.32
N GLU A 80 -14.67 8.91 1.55
CA GLU A 80 -14.35 8.31 2.85
C GLU A 80 -13.03 8.86 3.39
N THR A 81 -13.13 9.85 4.26
CA THR A 81 -11.95 10.47 4.85
C THR A 81 -11.81 10.08 6.33
N PHE A 82 -10.92 9.12 6.60
CA PHE A 82 -10.69 8.66 7.96
C PHE A 82 -9.93 9.70 8.77
N ASP A 83 -10.01 9.60 10.08
CA ASP A 83 -9.32 10.54 10.97
C ASP A 83 -7.81 10.45 10.78
N SER A 84 -7.32 9.23 10.54
CA SER A 84 -5.90 9.01 10.34
C SER A 84 -5.64 7.68 9.63
N LEU A 85 -4.47 7.56 9.02
CA LEU A 85 -4.10 6.34 8.30
C LEU A 85 -4.34 5.11 9.15
N THR A 86 -4.03 5.22 10.44
CA THR A 86 -4.21 4.11 11.38
C THR A 86 -5.65 3.58 11.33
N ASP A 87 -6.58 4.49 11.09
CA ASP A 87 -7.99 4.12 11.01
C ASP A 87 -8.37 3.65 9.61
N LEU A 88 -7.96 4.43 8.60
CA LEU A 88 -8.26 4.10 7.21
C LEU A 88 -7.72 2.72 6.87
N VAL A 89 -6.58 2.37 7.43
CA VAL A 89 -5.96 1.07 7.17
C VAL A 89 -6.59 -0.02 8.04
N GLU A 90 -6.70 0.26 9.34
CA GLU A 90 -7.29 -0.69 10.27
C GLU A 90 -8.69 -1.08 9.84
N HIS A 91 -9.30 -0.27 8.98
CA HIS A 91 -10.65 -0.53 8.49
C HIS A 91 -10.62 -1.56 7.36
N PHE A 92 -9.58 -1.49 6.53
CA PHE A 92 -9.44 -2.41 5.41
C PHE A 92 -8.77 -3.71 5.85
N LYS A 93 -8.05 -3.64 6.97
CA LYS A 93 -7.36 -4.81 7.50
C LYS A 93 -8.35 -5.89 7.91
N LYS A 94 -9.57 -5.48 8.21
CA LYS A 94 -10.62 -6.42 8.62
C LYS A 94 -11.59 -6.68 7.48
N THR A 95 -11.95 -5.61 6.75
CA THR A 95 -12.87 -5.73 5.64
C THR A 95 -12.14 -6.01 4.33
N GLY A 96 -11.10 -5.23 4.06
CA GLY A 96 -10.33 -5.43 2.85
C GLY A 96 -10.63 -4.38 1.80
N ILE A 97 -9.69 -4.18 0.88
CA ILE A 97 -9.86 -3.20 -0.19
C ILE A 97 -10.32 -3.86 -1.48
N GLU A 98 -11.41 -3.35 -2.05
CA GLU A 98 -11.95 -3.90 -3.28
C GLU A 98 -11.56 -3.04 -4.48
N GLU A 99 -10.92 -3.66 -5.47
CA GLU A 99 -10.49 -2.95 -6.67
C GLU A 99 -11.67 -2.72 -7.62
N ALA A 100 -11.70 -1.54 -8.24
CA ALA A 100 -12.77 -1.21 -9.17
C ALA A 100 -13.08 -2.37 -10.10
N SER A 101 -12.07 -3.19 -10.38
CA SER A 101 -12.23 -4.34 -11.27
C SER A 101 -12.90 -5.49 -10.53
N GLY A 102 -12.48 -5.72 -9.28
CA GLY A 102 -13.05 -6.79 -8.50
C GLY A 102 -12.06 -7.37 -7.50
N ALA A 103 -10.78 -7.34 -7.86
CA ALA A 103 -9.73 -7.86 -7.00
C ALA A 103 -9.98 -7.48 -5.54
N PHE A 104 -9.45 -8.28 -4.62
CA PHE A 104 -9.62 -8.04 -3.20
C PHE A 104 -8.28 -8.03 -2.48
N VAL A 105 -7.84 -6.84 -2.07
CA VAL A 105 -6.57 -6.69 -1.36
C VAL A 105 -6.75 -6.82 0.15
N TYR A 106 -6.01 -7.75 0.74
CA TYR A 106 -6.09 -7.98 2.18
C TYR A 106 -4.80 -7.57 2.87
N LEU A 107 -4.92 -6.70 3.87
CA LEU A 107 -3.76 -6.23 4.61
C LEU A 107 -3.69 -6.86 6.00
N ARG A 108 -2.76 -7.79 6.18
CA ARG A 108 -2.60 -8.46 7.46
C ARG A 108 -1.18 -8.31 7.99
N GLN A 109 -0.22 -8.17 7.06
CA GLN A 109 1.18 -8.02 7.43
C GLN A 109 1.65 -6.59 7.21
N PRO A 110 1.64 -5.78 8.29
CA PRO A 110 2.06 -4.38 8.22
C PRO A 110 3.56 -4.23 8.00
N TYR A 111 3.96 -4.19 6.74
CA TYR A 111 5.37 -4.06 6.39
C TYR A 111 6.03 -2.96 7.21
N TYR A 112 6.82 -3.36 8.20
CA TYR A 112 7.50 -2.40 9.06
C TYR A 112 8.74 -1.82 8.37
N SER A 113 9.19 -0.67 8.84
CA SER A 113 10.34 -0.01 8.27
C SER A 113 11.64 -0.66 8.74
N GLY A 114 12.18 -1.55 7.92
CA GLY A 114 13.41 -2.24 8.28
C GLY A 114 14.64 -1.56 7.69
N PRO A 115 15.48 -1.02 8.58
CA PRO A 115 16.72 -0.33 8.17
C PRO A 115 17.76 -1.30 7.62
N SER A 116 17.83 -2.49 8.18
CA SER A 116 18.78 -3.50 7.75
C SER A 116 18.33 -4.14 6.43
N SER A 117 18.73 -3.52 5.32
CA SER A 117 18.38 -4.03 4.00
C SER A 117 19.23 -5.23 3.62
N GLY A 118 18.67 -6.13 2.83
CA GLY A 118 19.40 -7.31 2.41
C GLY A 118 18.49 -8.47 2.08
N ALA B 1 19.16 -5.69 -14.48
CA ALA B 1 19.36 -4.37 -15.05
C ALA B 1 18.16 -3.97 -15.93
N THR B 2 17.07 -3.56 -15.30
CA THR B 2 15.88 -3.16 -16.02
C THR B 2 14.86 -2.50 -15.08
N GLU B 3 13.93 -1.75 -15.66
CA GLU B 3 12.91 -1.07 -14.89
C GLU B 3 11.51 -1.45 -15.37
N GLN B 4 10.49 -1.01 -14.64
CA GLN B 4 9.11 -1.30 -15.00
C GLN B 4 8.20 -0.15 -14.60
N GLU B 5 7.46 0.39 -15.57
CA GLU B 5 6.54 1.49 -15.32
C GLU B 5 5.39 1.04 -14.43
N ILE B 6 5.59 1.15 -13.11
CA ILE B 6 4.57 0.76 -12.15
C ILE B 6 3.33 1.64 -12.28
N THR B 7 2.16 1.02 -12.21
CA THR B 7 0.90 1.75 -12.31
C THR B 7 0.05 1.57 -11.06
N PTR B 8 -0.83 2.53 -10.79
CA PTR B 8 -1.70 2.47 -9.63
C PTR B 8 -3.02 1.79 -9.96
O PTR B 8 -3.48 1.83 -11.10
CB PTR B 8 -1.95 3.89 -9.09
CG PTR B 8 -0.77 4.49 -8.39
CD1 PTR B 8 0.40 4.77 -9.07
CD2 PTR B 8 -0.81 4.79 -7.02
CE1 PTR B 8 1.50 5.32 -8.44
CE2 PTR B 8 0.27 5.34 -6.38
CZ PTR B 8 1.43 5.61 -7.09
OH PTR B 8 2.51 6.17 -6.45
P PTR B 8 2.99 7.68 -6.61
O1P PTR B 8 1.83 8.59 -6.58
O2P PTR B 8 3.91 8.04 -5.50
O3P PTR B 8 3.71 7.85 -7.89
H PTR B 8 -0.90 3.29 -11.41
HA PTR B 8 -1.20 1.90 -8.87
HB2 PTR B 8 -2.22 4.53 -9.91
HB3 PTR B 8 -2.78 3.85 -8.38
HD1 PTR B 8 0.46 4.55 -10.13
HD2 PTR B 8 -1.72 4.58 -6.48
HE1 PTR B 8 2.40 5.54 -8.98
HE2 PTR B 8 0.22 5.57 -5.32
N ALA B 9 -3.63 1.17 -8.96
CA ALA B 9 -4.90 0.48 -9.14
C ALA B 9 -6.07 1.34 -8.68
N GLU B 10 -7.28 0.94 -9.02
CA GLU B 10 -8.48 1.67 -8.64
C GLU B 10 -9.34 0.85 -7.68
N LEU B 11 -10.32 1.50 -7.07
CA LEU B 11 -11.22 0.83 -6.14
C LEU B 11 -12.67 1.25 -6.38
N ASN B 12 -13.59 0.58 -5.70
CA ASN B 12 -15.01 0.89 -5.85
C ASN B 12 -15.55 1.59 -4.59
N LEU B 13 -15.58 2.91 -4.65
CA LEU B 13 -16.07 3.70 -3.52
C LEU B 13 -17.56 3.45 -3.29
N GLN B 14 -18.39 3.95 -4.20
CA GLN B 14 -19.83 3.79 -4.09
C GLN B 14 -20.26 2.41 -4.60
N LYS B 15 -19.63 1.96 -5.68
CA LYS B 15 -19.95 0.66 -6.26
C LYS B 15 -19.63 -0.47 -5.28
N GLY A 1 11.74 13.02 22.65
CA GLY A 1 10.31 13.28 22.56
C GLY A 1 9.51 12.01 22.36
N SER A 2 9.03 11.80 21.14
CA SER A 2 8.24 10.62 20.82
C SER A 2 9.13 9.48 20.32
N SER A 3 9.63 8.68 21.25
CA SER A 3 10.49 7.56 20.91
C SER A 3 9.70 6.26 20.83
N GLY A 4 8.50 6.34 20.27
CA GLY A 4 7.66 5.17 20.14
C GLY A 4 8.12 4.24 19.04
N SER A 5 7.17 3.69 18.29
CA SER A 5 7.48 2.78 17.19
C SER A 5 6.77 3.19 15.92
N SER A 6 7.53 3.66 14.94
CA SER A 6 6.97 4.09 13.66
C SER A 6 5.78 3.22 13.27
N GLY A 7 6.00 1.90 13.26
CA GLY A 7 4.94 0.98 12.89
C GLY A 7 5.07 0.48 11.47
N TRP A 8 4.01 0.68 10.69
CA TRP A 8 4.00 0.25 9.29
C TRP A 8 4.39 1.40 8.36
N TYR A 9 4.85 2.50 8.95
CA TYR A 9 5.25 3.67 8.19
C TYR A 9 6.72 3.58 7.79
N HIS A 10 6.99 3.75 6.50
CA HIS A 10 8.36 3.68 5.99
C HIS A 10 8.96 5.08 5.89
N GLY A 11 8.54 5.83 4.88
CA GLY A 11 9.06 7.18 4.69
C GLY A 11 9.03 7.61 3.24
N HIS A 12 10.19 8.02 2.73
CA HIS A 12 10.30 8.46 1.35
C HIS A 12 10.69 7.30 0.44
N MET A 13 9.78 6.90 -0.43
CA MET A 13 10.02 5.80 -1.36
C MET A 13 8.95 5.74 -2.44
N SER A 14 9.35 5.33 -3.63
CA SER A 14 8.42 5.24 -4.76
C SER A 14 8.05 3.78 -5.04
N GLY A 15 6.83 3.57 -5.52
CA GLY A 15 6.36 2.23 -5.82
C GLY A 15 7.44 1.38 -6.47
N GLY A 16 8.30 2.03 -7.25
CA GLY A 16 9.38 1.31 -7.92
C GLY A 16 10.26 0.56 -6.96
N GLN A 17 10.57 1.18 -5.83
CA GLN A 17 11.42 0.56 -4.82
C GLN A 17 10.59 -0.33 -3.88
N ALA A 18 9.35 0.07 -3.65
CA ALA A 18 8.46 -0.68 -2.77
C ALA A 18 8.26 -2.10 -3.29
N GLU A 19 7.91 -2.21 -4.57
CA GLU A 19 7.68 -3.51 -5.20
C GLU A 19 8.85 -4.46 -4.91
N THR A 20 10.07 -3.96 -5.11
CA THR A 20 11.27 -4.75 -4.89
C THR A 20 11.34 -5.25 -3.45
N LEU A 21 10.94 -4.39 -2.51
CA LEU A 21 10.95 -4.74 -1.10
C LEU A 21 9.82 -5.71 -0.76
N LEU A 22 8.58 -5.22 -0.86
CA LEU A 22 7.41 -6.04 -0.56
C LEU A 22 7.59 -7.46 -1.11
N GLN A 23 8.05 -7.56 -2.34
CA GLN A 23 8.27 -8.85 -2.98
C GLN A 23 9.48 -9.55 -2.38
N ALA A 24 10.47 -8.77 -1.95
CA ALA A 24 11.68 -9.31 -1.36
C ALA A 24 11.35 -10.21 -0.17
N LYS A 25 10.49 -9.72 0.71
CA LYS A 25 10.09 -10.47 1.90
C LYS A 25 9.38 -11.76 1.51
N GLY A 26 8.47 -11.65 0.54
CA GLY A 26 7.73 -12.82 0.10
C GLY A 26 6.53 -13.11 0.97
N GLU A 27 6.00 -12.08 1.61
CA GLU A 27 4.84 -12.23 2.49
C GLU A 27 3.57 -11.68 1.82
N PRO A 28 2.61 -12.58 1.56
CA PRO A 28 1.34 -12.21 0.93
C PRO A 28 0.46 -11.38 1.84
N TRP A 29 -0.32 -10.49 1.25
CA TRP A 29 -1.23 -9.62 2.02
C TRP A 29 -0.43 -8.65 2.88
N THR A 30 0.74 -8.25 2.39
CA THR A 30 1.59 -7.31 3.11
C THR A 30 1.32 -5.87 2.68
N PHE A 31 0.85 -5.06 3.61
CA PHE A 31 0.55 -3.66 3.32
C PHE A 31 1.61 -2.74 3.92
N LEU A 32 1.78 -1.57 3.32
CA LEU A 32 2.76 -0.60 3.80
C LEU A 32 2.37 0.82 3.40
N VAL A 33 2.59 1.77 4.31
CA VAL A 33 2.26 3.17 4.05
C VAL A 33 3.52 4.01 3.92
N ARG A 34 3.55 4.87 2.92
CA ARG A 34 4.69 5.74 2.68
C ARG A 34 4.25 7.09 2.10
N GLU A 35 5.21 7.99 1.93
CA GLU A 35 4.92 9.31 1.38
C GLU A 35 4.87 9.27 -0.15
N SER A 36 4.10 10.17 -0.73
CA SER A 36 3.96 10.23 -2.18
C SER A 36 5.07 11.07 -2.80
N LEU A 37 5.10 11.14 -4.12
CA LEU A 37 6.11 11.90 -4.83
C LEU A 37 5.48 12.99 -5.69
N SER A 38 4.67 12.57 -6.67
CA SER A 38 4.01 13.50 -7.56
C SER A 38 3.24 14.57 -6.76
N GLN A 39 2.54 14.12 -5.72
CA GLN A 39 1.77 15.03 -4.88
C GLN A 39 2.40 15.15 -3.49
N PRO A 40 2.81 16.37 -3.14
CA PRO A 40 3.44 16.66 -1.84
C PRO A 40 2.45 16.55 -0.68
N GLY A 41 2.73 15.65 0.24
CA GLY A 41 1.85 15.47 1.39
C GLY A 41 1.06 14.18 1.31
N ASP A 42 0.47 13.92 0.15
CA ASP A 42 -0.32 12.72 -0.05
C ASP A 42 0.44 11.48 0.42
N PHE A 43 -0.20 10.32 0.31
CA PHE A 43 0.41 9.06 0.72
C PHE A 43 0.12 7.96 -0.29
N VAL A 44 0.90 6.88 -0.21
CA VAL A 44 0.73 5.76 -1.12
C VAL A 44 0.56 4.45 -0.36
N LEU A 45 -0.57 3.79 -0.57
CA LEU A 45 -0.86 2.53 0.11
C LEU A 45 -0.48 1.35 -0.78
N SER A 46 0.65 0.71 -0.45
CA SER A 46 1.13 -0.43 -1.21
C SER A 46 0.80 -1.74 -0.50
N VAL A 47 0.27 -2.71 -1.24
CA VAL A 47 -0.09 -3.99 -0.67
C VAL A 47 0.32 -5.14 -1.60
N LEU A 48 0.88 -6.19 -1.02
CA LEU A 48 1.32 -7.35 -1.80
C LEU A 48 0.24 -8.43 -1.82
N SER A 49 -0.18 -8.81 -3.02
CA SER A 49 -1.21 -9.82 -3.18
C SER A 49 -0.60 -11.22 -3.07
N ASP A 50 -1.46 -12.22 -2.83
CA ASP A 50 -1.01 -13.60 -2.69
C ASP A 50 -0.99 -14.30 -4.05
N GLN A 51 -1.04 -13.50 -5.12
CA GLN A 51 -1.02 -14.04 -6.47
C GLN A 51 0.20 -13.56 -7.24
N PRO A 52 0.95 -14.51 -7.82
CA PRO A 52 2.16 -14.20 -8.59
C PRO A 52 1.84 -13.51 -9.91
N LYS A 53 2.77 -12.67 -10.37
CA LYS A 53 2.59 -11.94 -11.62
C LYS A 53 2.74 -12.87 -12.82
N ALA A 54 3.66 -13.82 -12.72
CA ALA A 54 3.90 -14.78 -13.79
C ALA A 54 4.00 -16.20 -13.25
N GLY A 55 2.86 -16.87 -13.13
CA GLY A 55 2.84 -18.22 -12.63
C GLY A 55 3.75 -18.41 -11.43
N PRO A 56 4.06 -19.67 -11.10
CA PRO A 56 4.92 -20.02 -9.97
C PRO A 56 6.37 -19.63 -10.22
N GLY A 57 7.02 -19.05 -9.21
CA GLY A 57 8.41 -18.65 -9.34
C GLY A 57 8.56 -17.14 -9.37
N SER A 58 7.56 -16.45 -9.89
CA SER A 58 7.59 -15.00 -9.98
C SER A 58 7.14 -14.36 -8.68
N PRO A 59 7.60 -13.12 -8.42
CA PRO A 59 7.25 -12.38 -7.21
C PRO A 59 5.80 -11.94 -7.20
N LEU A 60 5.20 -11.90 -6.01
CA LEU A 60 3.81 -11.50 -5.87
C LEU A 60 3.58 -10.10 -6.40
N ARG A 61 2.45 -9.90 -7.07
CA ARG A 61 2.11 -8.60 -7.64
C ARG A 61 1.75 -7.60 -6.55
N VAL A 62 2.12 -6.35 -6.75
CA VAL A 62 1.82 -5.30 -5.79
C VAL A 62 0.78 -4.33 -6.32
N THR A 63 0.10 -3.63 -5.41
CA THR A 63 -0.92 -2.67 -5.79
C THR A 63 -0.77 -1.36 -5.03
N HIS A 64 -0.63 -0.26 -5.77
CA HIS A 64 -0.47 1.05 -5.15
C HIS A 64 -1.78 1.84 -5.21
N ILE A 65 -2.35 2.11 -4.04
CA ILE A 65 -3.60 2.86 -3.96
C ILE A 65 -3.36 4.29 -3.49
N LYS A 66 -3.31 5.22 -4.43
CA LYS A 66 -3.08 6.62 -4.12
C LYS A 66 -3.99 7.07 -2.98
N VAL A 67 -3.38 7.43 -1.85
CA VAL A 67 -4.13 7.89 -0.69
C VAL A 67 -4.22 9.40 -0.64
N MET A 68 -5.44 9.92 -0.75
CA MET A 68 -5.65 11.36 -0.73
C MET A 68 -5.87 11.85 0.70
N CYS A 69 -5.13 12.90 1.08
CA CYS A 69 -5.24 13.46 2.42
C CYS A 69 -5.80 14.88 2.37
N GLU A 70 -6.98 15.07 2.96
CA GLU A 70 -7.62 16.37 2.98
C GLU A 70 -7.16 17.19 4.18
N GLY A 71 -5.84 17.25 4.38
CA GLY A 71 -5.29 18.00 5.50
C GLY A 71 -5.91 17.59 6.82
N GLY A 72 -5.60 16.38 7.26
CA GLY A 72 -6.13 15.89 8.53
C GLY A 72 -6.82 14.55 8.38
N ARG A 73 -7.41 14.31 7.22
CA ARG A 73 -8.11 13.05 6.96
C ARG A 73 -7.48 12.32 5.78
N TYR A 74 -7.89 11.07 5.60
CA TYR A 74 -7.37 10.25 4.51
C TYR A 74 -8.49 9.50 3.80
N THR A 75 -8.41 9.43 2.47
CA THR A 75 -9.42 8.74 1.68
C THR A 75 -8.79 8.04 0.48
N VAL A 76 -9.44 6.97 0.01
CA VAL A 76 -8.94 6.23 -1.13
C VAL A 76 -10.06 5.96 -2.13
N GLY A 77 -9.93 6.56 -3.32
CA GLY A 77 -10.94 6.37 -4.35
C GLY A 77 -12.33 6.17 -3.78
N GLY A 78 -12.76 7.09 -2.92
CA GLY A 78 -14.08 6.98 -2.33
C GLY A 78 -14.36 8.09 -1.33
N LEU A 79 -15.59 8.17 -0.87
CA LEU A 79 -15.99 9.20 0.09
C LEU A 79 -15.46 8.87 1.49
N GLU A 80 -15.10 7.61 1.69
CA GLU A 80 -14.57 7.16 2.98
C GLU A 80 -13.38 8.01 3.41
N THR A 81 -13.59 8.84 4.43
CA THR A 81 -12.53 9.71 4.94
C THR A 81 -12.21 9.39 6.39
N PHE A 82 -11.10 8.67 6.60
CA PHE A 82 -10.68 8.30 7.94
C PHE A 82 -9.88 9.42 8.59
N ASP A 83 -9.87 9.43 9.92
CA ASP A 83 -9.15 10.45 10.67
C ASP A 83 -7.64 10.33 10.42
N SER A 84 -7.15 9.10 10.42
CA SER A 84 -5.72 8.85 10.21
C SER A 84 -5.51 7.52 9.47
N LEU A 85 -4.28 7.29 9.04
CA LEU A 85 -3.94 6.07 8.32
C LEU A 85 -4.28 4.84 9.15
N THR A 86 -4.15 4.96 10.47
CA THR A 86 -4.45 3.87 11.37
C THR A 86 -5.89 3.41 11.23
N ASP A 87 -6.80 4.36 11.05
CA ASP A 87 -8.22 4.05 10.90
C ASP A 87 -8.53 3.63 9.47
N LEU A 88 -7.85 4.25 8.52
CA LEU A 88 -8.06 3.95 7.10
C LEU A 88 -7.50 2.56 6.76
N VAL A 89 -6.43 2.18 7.44
CA VAL A 89 -5.80 0.89 7.21
C VAL A 89 -6.48 -0.21 8.02
N GLU A 90 -6.75 0.08 9.29
CA GLU A 90 -7.40 -0.88 10.17
C GLU A 90 -8.76 -1.30 9.61
N HIS A 91 -9.51 -0.33 9.09
CA HIS A 91 -10.82 -0.59 8.52
C HIS A 91 -10.72 -1.59 7.37
N PHE A 92 -9.72 -1.40 6.52
CA PHE A 92 -9.51 -2.28 5.37
C PHE A 92 -8.92 -3.62 5.81
N LYS A 93 -8.16 -3.60 6.90
CA LYS A 93 -7.53 -4.80 7.42
C LYS A 93 -8.59 -5.85 7.79
N LYS A 94 -9.81 -5.38 8.04
CA LYS A 94 -10.90 -6.27 8.40
C LYS A 94 -11.85 -6.47 7.22
N THR A 95 -12.22 -5.37 6.57
CA THR A 95 -13.12 -5.43 5.43
C THR A 95 -12.35 -5.70 4.13
N GLY A 96 -11.26 -4.97 3.95
CA GLY A 96 -10.44 -5.13 2.75
C GLY A 96 -10.74 -4.09 1.70
N ILE A 97 -9.79 -3.89 0.79
CA ILE A 97 -9.95 -2.90 -0.27
C ILE A 97 -10.40 -3.56 -1.57
N GLU A 98 -11.31 -2.90 -2.28
CA GLU A 98 -11.82 -3.42 -3.54
C GLU A 98 -11.45 -2.50 -4.71
N GLU A 99 -10.66 -3.02 -5.64
CA GLU A 99 -10.23 -2.24 -6.79
C GLU A 99 -11.39 -2.06 -7.78
N ALA A 100 -11.42 -0.90 -8.43
CA ALA A 100 -12.46 -0.60 -9.40
C ALA A 100 -12.77 -1.81 -10.27
N SER A 101 -11.74 -2.61 -10.55
CA SER A 101 -11.89 -3.80 -11.38
C SER A 101 -12.62 -4.90 -10.62
N GLY A 102 -12.27 -5.07 -9.35
CA GLY A 102 -12.90 -6.09 -8.53
C GLY A 102 -11.93 -6.72 -7.54
N ALA A 103 -10.65 -6.73 -7.89
CA ALA A 103 -9.63 -7.30 -7.03
C ALA A 103 -9.84 -6.88 -5.58
N PHE A 104 -9.58 -7.80 -4.65
CA PHE A 104 -9.74 -7.53 -3.23
C PHE A 104 -8.40 -7.64 -2.50
N VAL A 105 -7.87 -6.50 -2.09
CA VAL A 105 -6.59 -6.47 -1.38
C VAL A 105 -6.80 -6.66 0.12
N TYR A 106 -6.06 -7.62 0.70
CA TYR A 106 -6.16 -7.90 2.12
C TYR A 106 -4.88 -7.51 2.85
N LEU A 107 -5.03 -6.67 3.86
CA LEU A 107 -3.89 -6.21 4.65
C LEU A 107 -3.83 -6.91 6.00
N ARG A 108 -2.82 -7.76 6.19
CA ARG A 108 -2.66 -8.49 7.44
C ARG A 108 -1.24 -8.34 7.98
N GLN A 109 -0.28 -8.19 7.06
CA GLN A 109 1.12 -8.05 7.45
C GLN A 109 1.58 -6.60 7.24
N PRO A 110 1.60 -5.83 8.34
CA PRO A 110 2.02 -4.42 8.31
C PRO A 110 3.52 -4.28 8.06
N TYR A 111 3.91 -4.16 6.81
CA TYR A 111 5.32 -4.02 6.45
C TYR A 111 5.98 -2.94 7.29
N TYR A 112 7.03 -3.32 8.00
CA TYR A 112 7.76 -2.38 8.85
C TYR A 112 8.88 -1.70 8.07
N SER A 113 9.34 -0.57 8.59
CA SER A 113 10.40 0.20 7.95
C SER A 113 11.70 -0.60 7.93
N GLY A 114 12.03 -1.17 6.77
CA GLY A 114 13.25 -1.95 6.64
C GLY A 114 14.40 -1.36 7.43
N PRO A 115 14.77 -2.01 8.54
CA PRO A 115 15.86 -1.56 9.40
C PRO A 115 17.23 -1.73 8.75
N SER A 116 17.24 -2.36 7.58
CA SER A 116 18.48 -2.59 6.85
C SER A 116 19.31 -3.68 7.52
N SER A 117 18.67 -4.80 7.83
CA SER A 117 19.35 -5.91 8.49
C SER A 117 19.65 -7.02 7.49
N GLY A 118 20.82 -6.96 6.87
CA GLY A 118 21.22 -7.96 5.89
C GLY A 118 22.25 -7.45 4.92
N ALA B 1 15.76 -3.91 -22.25
CA ALA B 1 14.95 -2.76 -21.89
C ALA B 1 14.34 -2.92 -20.50
N THR B 2 14.25 -1.81 -19.77
CA THR B 2 13.70 -1.83 -18.43
C THR B 2 12.53 -0.85 -18.30
N GLU B 3 12.77 0.40 -18.68
CA GLU B 3 11.74 1.43 -18.61
C GLU B 3 10.89 1.26 -17.35
N GLN B 4 11.55 0.95 -16.23
CA GLN B 4 10.85 0.76 -14.97
C GLN B 4 9.81 1.86 -14.75
N GLU B 5 8.61 1.45 -14.35
CA GLU B 5 7.53 2.39 -14.11
C GLU B 5 6.32 1.69 -13.48
N ILE B 6 5.96 2.10 -12.27
CA ILE B 6 4.83 1.52 -11.57
C ILE B 6 3.52 2.15 -12.00
N THR B 7 2.41 1.52 -11.63
CA THR B 7 1.09 2.03 -11.98
C THR B 7 0.11 1.86 -10.83
N PTR B 8 -0.40 2.98 -10.32
CA PTR B 8 -1.34 2.96 -9.21
C PTR B 8 -2.69 2.37 -9.65
O PTR B 8 -3.10 2.52 -10.80
CB PTR B 8 -1.55 4.36 -8.66
CG PTR B 8 -0.33 4.93 -7.96
CD1 PTR B 8 0.78 5.34 -8.68
CD2 PTR B 8 -0.29 5.04 -6.58
CE1 PTR B 8 1.90 5.85 -8.05
CE2 PTR B 8 0.82 5.55 -5.93
CZ PTR B 8 1.91 5.95 -6.67
OH PTR B 8 3.02 6.47 -6.05
P PTR B 8 3.66 7.90 -6.33
O1P PTR B 8 4.44 7.86 -7.59
O2P PTR B 8 2.60 8.92 -6.45
O3P PTR B 8 4.57 8.29 -5.22
H PTR B 8 -0.13 3.84 -10.70
HA PTR B 8 -0.93 2.33 -8.43
HB2 PTR B 8 -1.81 5.03 -9.47
HB3 PTR B 8 -2.37 4.35 -7.95
HD1 PTR B 8 0.76 5.25 -9.76
HD2 PTR B 8 -1.15 4.72 -6.00
HE1 PTR B 8 2.74 6.17 -8.63
HE2 PTR B 8 0.84 5.64 -4.86
N ALA B 9 -3.36 1.69 -8.73
CA ALA B 9 -4.65 1.09 -9.02
C ALA B 9 -5.79 2.03 -8.66
N GLU B 10 -6.98 1.74 -9.19
CA GLU B 10 -8.15 2.56 -8.92
C GLU B 10 -9.15 1.83 -8.02
N LEU B 11 -10.00 2.59 -7.35
CA LEU B 11 -11.00 2.02 -6.45
C LEU B 11 -12.40 2.44 -6.86
N ASN B 12 -13.40 1.73 -6.35
CA ASN B 12 -14.79 2.04 -6.66
C ASN B 12 -15.35 3.10 -5.71
N LEU B 13 -16.29 3.89 -6.19
CA LEU B 13 -16.89 4.94 -5.39
C LEU B 13 -18.04 5.62 -6.15
N GLN B 14 -18.62 6.65 -5.53
CA GLN B 14 -19.72 7.38 -6.15
C GLN B 14 -19.39 7.73 -7.60
N LYS B 15 -18.16 8.17 -7.82
CA LYS B 15 -17.72 8.54 -9.16
C LYS B 15 -17.62 7.32 -10.07
#